data_7U1Z
#
_entry.id   7U1Z
#
_cell.length_a   379.507
_cell.length_b   187.641
_cell.length_c   95.324
_cell.angle_alpha   90.000
_cell.angle_beta   101.297
_cell.angle_gamma   90.000
#
_symmetry.space_group_name_H-M   'C 1 2 1'
#
loop_
_entity.id
_entity.type
_entity.pdbx_description
1 polymer 'Toxin A'
2 non-polymer 'SULFATE ION'
#
_entity_poly.entity_id   1
_entity_poly.type   'polypeptide(L)'
_entity_poly.pdbx_seq_one_letter_code
;SLEPVKNIIHNSIDDLIDEFNLLENVSDELYELKKLNNLDEKYLISFEDISKNNSTYSVRFINKSNGESVYVETEKEIFS
KYSEHITKEISTIKNSIITDVNGNLLDNIQLDHTSQVNTLNAAFFIQSLIDYSSNKDVLNDLSTSVKVQLYAQLFSTGLN
TIYDSIQLVNLISNAVNDTINVLPTITEGIPIVSTILDGINLGAAIKELLDEHDPLLKKELEAKVGVLAINMSLSIAATV
ASIVGIGAEVTIFLLPIAGISAGIPSLVNNELILHDKATSVVNYFNHLSESKKYGPLKTEDDKILVPIDDLVISEIDFNN
NSIKLGTCNILAMEGGSGHTVTGNIDHFFSSPSISSHIPSLSIYSAIGIETENLDFSKKIMMLPNAPSRVFWWETGAVPG
LRSLENDGTRLLDSIRDLYPGKFYWRFYAFFDYAITTLKPVYEDTNIKIKLDKDTRNFIMPTITTNEIRNKLSYSFDGAG
GTYSLLLSSYPISTNINLSKDDLWIFNIDNEVREISIENGTIKKGKLIKDVLSKIDINKNKLIIGNQTIDFSGDIDNKDR
YIFLTCELDDKISLIIEINLVAKSYSLLLSGDKNYLISNLSNTIEKINTLGLDSKNIAYNYTDESNNKYFGAISKTSQKS
IIHYKKDSKNILEFYNDSTLEFNSKDFIAEDINVFMKDDINTITGKYYVDNNTDKSIDFSISLVSKNQVKVNGLYLNESV
YSSYLDFVKNSDGHHNTSNFMNLFLDNISFWKLFGFENINFVIDKYFTLVGKTNLGYVEFICDNNKNIDIYFGEWKTSSS
KSTIFSGNGRNVVVEPIYNPDTGEDISTSLDFSYEPLYGIDRYINKVLIAPDLYTSLININTNYYSNEYYPEIIVLNPNT
FHKKVNINLDSSSFEYKWSTEGSDFILVRYLEESNKKILQKIRIKGILSNTQSFNKMSIDFKDIKKLSLGYIMSNFKSFN
SENELDRDHLGFKIIDNKTYYYDEDSKLVKGLININNSLFYFDPIEFNLVTGWQTINGKKYYFDINTGAALTSYKIINGK
HFYFNNDGVMQLGVFKGPDGFEYFAPANTQNNNIEGQAIVYQSKFLTLNGKKYYFDNNSKAVTGWRIINNEKYYFNPNNA
IAAVGLQVIDNNKYYFNPDTAIISKGWQTVNGSRYYFDTDTAIAFNGYKTIDGKHFYFDSDCVVKIGVFSTSNGFEYFAP
ANTYNNNIEGQAIVYQSKFLTLNGKKYYFDNNSKAVTGLQTIDSKKYYFNTNTAEAATGWQTIDGKKYYFNTNTAEAATG
WQTIDGKKYYFNTNTAIASTGYTIINGKHFYFNTDGIMQIGVFKGPNGFEYFAPANTDANNIEGQAILYQNEFLTLNGKK
YYFGSDSKAVTGWRIINNKKYYFNPNNAIAAIHLCTINNDKYYFSYDGILQNGYITIERNNFYFDANNESKMVTGVFKGP
NGFEYFAPANTHNNNIEGQAIVYQNKFLTLNGKKYYFDNDSKAVTGWQTIDGKKYYFNLNTAEAATGWQTIDGKKYYFNL
NTAEAATGWQTIDGKKYYFNTNTFIASTGYTSINGKHFYFNTDGIMQIGVFKGPNGFEYFAPANTDANNIEGQAILYQNK
FLTLNGKKYYFGSDSKAVTGLRTIDGKKYYFNTNTAVAVT
;
_entity_poly.pdbx_strand_id   B,A
#
# COMPACT_ATOMS: atom_id res chain seq x y z
N LEU A 16 -1.99 -2.80 51.78
CA LEU A 16 -2.73 -1.72 51.13
C LEU A 16 -2.52 -0.40 51.86
N ILE A 17 -2.43 -0.48 53.19
CA ILE A 17 -2.02 0.68 53.98
C ILE A 17 -0.54 0.97 53.75
N ASP A 18 0.23 -0.05 53.36
CA ASP A 18 1.65 0.14 53.04
C ASP A 18 1.82 1.16 51.92
N GLU A 19 1.01 1.05 50.86
CA GLU A 19 0.98 2.12 49.86
C GLU A 19 0.24 3.36 50.35
N PHE A 20 -0.78 3.22 51.20
CA PHE A 20 -1.48 4.41 51.69
C PHE A 20 -0.53 5.38 52.39
N ASN A 21 0.52 4.84 53.03
CA ASN A 21 1.57 5.68 53.62
C ASN A 21 2.59 6.14 52.57
N LEU A 22 3.04 5.23 51.68
CA LEU A 22 4.01 5.58 50.63
C LEU A 22 3.53 6.72 49.74
N LEU A 23 2.26 6.69 49.34
CA LEU A 23 1.67 7.75 48.54
C LEU A 23 1.81 9.11 49.20
N GLU A 24 1.38 9.22 50.47
CA GLU A 24 1.49 10.48 51.20
C GLU A 24 2.94 10.82 51.50
N ASN A 25 3.81 9.80 51.61
CA ASN A 25 5.23 10.05 51.66
C ASN A 25 5.71 10.74 50.36
N VAL A 26 5.38 10.16 49.21
CA VAL A 26 5.98 10.70 48.00
C VAL A 26 5.26 11.95 47.51
N SER A 27 3.98 12.17 47.85
CA SER A 27 3.31 13.40 47.42
C SER A 27 3.68 14.59 48.30
N ASP A 28 4.07 14.34 49.54
CA ASP A 28 4.60 15.39 50.38
C ASP A 28 5.90 15.94 49.79
N GLU A 29 6.85 15.04 49.51
CA GLU A 29 8.13 15.48 48.97
C GLU A 29 7.94 16.10 47.60
N LEU A 30 7.02 15.54 46.81
CA LEU A 30 6.68 16.18 45.54
C LEU A 30 6.13 17.57 45.80
N TYR A 31 5.30 17.72 46.84
CA TYR A 31 4.76 19.04 47.13
C TYR A 31 5.86 20.03 47.45
N GLU A 32 6.83 19.62 48.28
CA GLU A 32 7.88 20.55 48.64
C GLU A 32 8.77 20.86 47.46
N LEU A 33 9.12 19.83 46.68
CA LEU A 33 9.95 20.02 45.50
C LEU A 33 9.33 21.03 44.54
N LYS A 34 8.01 21.13 44.54
CA LYS A 34 7.33 22.11 43.69
C LYS A 34 7.52 23.53 44.21
N LYS A 35 7.16 23.76 45.48
CA LYS A 35 7.32 25.10 46.07
C LYS A 35 8.77 25.56 46.01
N LEU A 36 9.71 24.63 46.13
CA LEU A 36 11.10 24.99 46.24
C LEU A 36 11.66 25.49 44.92
N ASN A 37 11.16 24.96 43.80
CA ASN A 37 11.39 25.53 42.48
C ASN A 37 10.20 26.32 42.00
N ASN A 38 9.33 26.74 42.92
CA ASN A 38 8.28 27.74 42.67
C ASN A 38 7.40 27.32 41.51
N LEU A 39 7.00 26.06 41.53
CA LEU A 39 6.20 25.49 40.48
C LEU A 39 4.72 25.50 40.85
N ASP A 40 3.91 25.93 39.90
CA ASP A 40 2.48 26.11 40.02
C ASP A 40 1.73 24.76 40.08
N GLU A 41 0.44 24.87 40.34
CA GLU A 41 -0.49 23.76 40.16
C GLU A 41 -0.73 23.45 38.70
N LYS A 42 -0.16 24.24 37.78
CA LYS A 42 -0.29 23.92 36.38
C LYS A 42 0.87 23.06 35.88
N TYR A 43 1.80 22.68 36.72
CA TYR A 43 2.93 21.88 36.29
C TYR A 43 2.79 20.44 36.76
N LEU A 44 3.06 19.50 35.87
CA LEU A 44 2.87 18.07 36.11
C LEU A 44 4.22 17.36 36.18
N ILE A 45 4.49 16.67 37.28
CA ILE A 45 5.71 15.87 37.30
C ILE A 45 5.60 14.76 36.26
N SER A 46 6.74 14.33 35.73
CA SER A 46 6.76 13.30 34.69
C SER A 46 7.68 12.19 35.15
N PHE A 47 7.12 11.25 35.92
CA PHE A 47 7.94 10.26 36.62
C PHE A 47 8.79 9.43 35.68
N GLU A 48 8.29 9.14 34.46
CA GLU A 48 9.02 8.24 33.58
C GLU A 48 10.38 8.80 33.20
N ASP A 49 10.48 10.08 32.92
CA ASP A 49 11.78 10.62 32.56
C ASP A 49 12.36 11.37 33.76
N ILE A 50 13.16 10.65 34.53
CA ILE A 50 14.02 11.18 35.58
C ILE A 50 15.38 10.57 35.32
N SER A 51 16.38 11.41 35.10
CA SER A 51 17.74 10.95 34.94
C SER A 51 18.54 11.26 36.19
N LYS A 52 19.52 10.42 36.48
CA LYS A 52 20.47 10.69 37.55
C LYS A 52 21.83 10.77 36.91
N ASN A 53 22.62 11.76 37.29
CA ASN A 53 23.96 11.90 36.76
C ASN A 53 24.84 12.47 37.86
N ASN A 54 25.62 11.60 38.51
CA ASN A 54 26.55 11.99 39.57
C ASN A 54 25.80 12.65 40.73
N SER A 55 24.93 11.88 41.38
CA SER A 55 24.25 12.19 42.64
C SER A 55 23.08 13.19 42.53
N THR A 56 22.88 13.83 41.39
CA THR A 56 21.81 14.80 41.21
C THR A 56 20.77 14.21 40.26
N TYR A 57 19.52 14.16 40.70
CA TYR A 57 18.46 13.73 39.82
C TYR A 57 17.92 14.93 39.06
N SER A 58 17.61 14.72 37.80
CA SER A 58 16.98 15.73 36.97
C SER A 58 15.59 15.23 36.62
N VAL A 59 14.58 16.03 36.94
CA VAL A 59 13.18 15.62 36.92
C VAL A 59 12.42 16.54 35.99
N ARG A 60 11.78 15.94 35.00
CA ARG A 60 11.00 16.69 34.02
C ARG A 60 9.65 17.08 34.60
N PHE A 61 9.23 18.31 34.33
CA PHE A 61 7.92 18.82 34.68
C PHE A 61 7.31 19.41 33.42
N ILE A 62 6.08 19.03 33.11
CA ILE A 62 5.39 19.53 31.92
C ILE A 62 4.38 20.58 32.33
N ASN A 63 4.36 21.69 31.59
CA ASN A 63 3.41 22.75 31.84
C ASN A 63 2.09 22.38 31.16
N LYS A 64 1.07 22.05 31.97
CA LYS A 64 -0.19 21.51 31.44
C LYS A 64 -0.83 22.44 30.42
N SER A 65 -0.59 23.74 30.56
CA SER A 65 -1.29 24.72 29.74
C SER A 65 -0.76 24.76 28.31
N ASN A 66 0.56 24.93 28.16
CA ASN A 66 1.18 25.01 26.84
C ASN A 66 2.02 23.80 26.48
N GLY A 67 2.11 22.81 27.35
CA GLY A 67 2.87 21.63 27.00
C GLY A 67 4.36 21.85 26.86
N GLU A 68 4.89 22.84 27.55
CA GLU A 68 6.31 23.12 27.56
C GLU A 68 6.96 22.45 28.77
N SER A 69 8.22 22.02 28.62
CA SER A 69 8.87 21.25 29.68
C SER A 69 9.94 22.07 30.39
N VAL A 70 10.13 21.73 31.67
CA VAL A 70 11.07 22.36 32.58
C VAL A 70 11.72 21.24 33.38
N TYR A 71 13.02 21.32 33.61
CA TYR A 71 13.70 20.29 34.39
C TYR A 71 14.26 20.86 35.69
N VAL A 72 14.00 20.19 36.82
CA VAL A 72 14.36 20.71 38.14
C VAL A 72 15.30 19.71 38.80
N GLU A 73 16.38 20.20 39.39
CA GLU A 73 17.34 19.29 40.02
C GLU A 73 16.96 19.05 41.47
N THR A 74 17.17 17.81 41.89
CA THR A 74 16.98 17.36 43.27
C THR A 74 18.02 16.33 43.64
N GLU A 75 18.29 16.25 44.94
CA GLU A 75 19.16 15.24 45.50
C GLU A 75 18.39 14.06 46.04
N LYS A 76 17.13 14.30 46.42
CA LYS A 76 16.30 13.33 47.12
C LYS A 76 15.84 12.29 46.13
N GLU A 77 16.07 11.03 46.45
CA GLU A 77 15.91 9.96 45.49
C GLU A 77 14.54 9.32 45.52
N ILE A 78 13.60 9.87 46.30
CA ILE A 78 12.28 9.25 46.44
C ILE A 78 11.54 9.22 45.11
N PHE A 79 11.73 10.23 44.28
CA PHE A 79 11.04 10.31 43.00
C PHE A 79 11.50 9.21 42.06
N SER A 80 12.82 9.07 41.88
CA SER A 80 13.28 8.00 41.01
C SER A 80 12.92 6.65 41.57
N LYS A 81 12.88 6.53 42.89
CA LYS A 81 12.53 5.27 43.54
C LYS A 81 11.07 4.94 43.31
N TYR A 82 10.20 5.90 43.54
CA TYR A 82 8.78 5.69 43.32
C TYR A 82 8.43 5.62 41.85
N SER A 83 9.30 6.08 40.94
CA SER A 83 8.97 5.96 39.53
C SER A 83 9.08 4.53 39.04
N GLU A 84 10.14 3.82 39.41
CA GLU A 84 10.22 2.42 39.01
C GLU A 84 9.18 1.57 39.73
N HIS A 85 8.67 2.04 40.85
CA HIS A 85 7.53 1.37 41.47
C HIS A 85 6.33 1.40 40.53
N ILE A 86 5.97 2.58 40.07
CA ILE A 86 4.70 2.80 39.38
C ILE A 86 4.79 2.47 37.90
N THR A 87 5.90 2.78 37.23
CA THR A 87 6.00 2.38 35.83
C THR A 87 6.06 0.87 35.68
N LYS A 88 6.52 0.16 36.70
CA LYS A 88 6.48 -1.28 36.60
C LYS A 88 5.04 -1.77 36.60
N GLU A 89 4.14 -1.08 37.30
CA GLU A 89 2.77 -1.58 37.39
C GLU A 89 1.91 -1.12 36.21
N ILE A 90 2.27 0.00 35.59
CA ILE A 90 1.56 0.46 34.40
C ILE A 90 1.89 -0.44 33.22
N SER A 91 3.14 -0.92 33.14
CA SER A 91 3.47 -1.85 32.07
C SER A 91 2.63 -3.09 32.16
N THR A 92 2.42 -3.59 33.38
CA THR A 92 1.58 -4.77 33.54
C THR A 92 0.19 -4.51 32.97
N ILE A 93 -0.34 -3.31 33.22
CA ILE A 93 -1.64 -2.93 32.70
C ILE A 93 -1.61 -2.76 31.19
N LYS A 94 -0.59 -2.07 30.66
CA LYS A 94 -0.48 -1.86 29.21
C LYS A 94 -0.42 -3.19 28.47
N ASN A 95 0.01 -4.25 29.13
CA ASN A 95 0.04 -5.54 28.47
C ASN A 95 -1.27 -6.29 28.58
N SER A 96 -2.26 -5.72 29.25
CA SER A 96 -3.58 -6.33 29.35
C SER A 96 -4.54 -5.75 28.31
N ILE A 97 -4.06 -4.83 27.48
CA ILE A 97 -4.88 -4.05 26.56
C ILE A 97 -4.26 -4.10 25.18
N ILE A 98 -5.05 -4.42 24.16
CA ILE A 98 -4.51 -4.50 22.80
C ILE A 98 -4.24 -3.11 22.23
N THR A 99 -5.24 -2.24 22.24
CA THR A 99 -5.11 -0.87 21.74
C THR A 99 -6.34 -0.08 22.15
N ASP A 100 -6.49 1.10 21.58
CA ASP A 100 -7.75 1.83 21.60
C ASP A 100 -8.22 2.05 20.17
N VAL A 101 -9.52 1.99 19.95
CA VAL A 101 -10.08 2.38 18.67
C VAL A 101 -11.01 3.54 18.99
N ASN A 102 -10.54 4.75 18.70
CA ASN A 102 -11.26 6.00 18.97
C ASN A 102 -11.67 6.09 20.45
N GLY A 103 -10.68 5.90 21.33
CA GLY A 103 -10.90 6.00 22.74
C GLY A 103 -11.54 4.80 23.38
N ASN A 104 -11.94 3.80 22.60
CA ASN A 104 -12.45 2.56 23.15
C ASN A 104 -11.26 1.65 23.36
N LEU A 105 -10.98 1.29 24.62
CA LEU A 105 -9.84 0.43 24.91
C LEU A 105 -10.23 -1.02 24.66
N LEU A 106 -9.39 -1.73 23.93
CA LEU A 106 -9.67 -3.12 23.59
C LEU A 106 -8.80 -4.03 24.46
N ASP A 107 -9.46 -4.82 25.33
CA ASP A 107 -8.75 -5.64 26.29
C ASP A 107 -8.08 -6.81 25.57
N ASN A 108 -6.90 -7.20 26.05
CA ASN A 108 -6.28 -8.44 25.63
C ASN A 108 -6.60 -9.47 26.70
N ILE A 109 -7.49 -10.41 26.39
CA ILE A 109 -7.90 -11.37 27.40
C ILE A 109 -6.80 -12.39 27.61
N GLN A 110 -6.41 -12.57 28.86
CA GLN A 110 -5.36 -13.48 29.24
C GLN A 110 -5.99 -14.64 29.98
N LEU A 111 -5.71 -15.85 29.57
CA LEU A 111 -6.27 -16.93 30.36
C LEU A 111 -5.27 -17.53 31.35
N ASP A 112 -3.97 -17.26 31.19
CA ASP A 112 -2.96 -17.73 32.14
C ASP A 112 -3.24 -17.21 33.54
N HIS A 113 -3.35 -18.11 34.51
CA HIS A 113 -3.80 -17.67 35.82
C HIS A 113 -2.82 -16.68 36.46
N THR A 114 -1.51 -16.82 36.20
CA THR A 114 -0.59 -15.84 36.76
C THR A 114 -0.61 -14.52 36.01
N SER A 115 -0.94 -14.53 34.71
CA SER A 115 -1.20 -13.28 34.02
C SER A 115 -2.39 -12.58 34.66
N GLN A 116 -3.45 -13.37 34.88
CA GLN A 116 -4.69 -12.87 35.45
C GLN A 116 -4.43 -12.27 36.82
N VAL A 117 -3.70 -13.00 37.66
CA VAL A 117 -3.45 -12.53 39.01
C VAL A 117 -2.46 -11.37 38.99
N ASN A 118 -1.64 -11.24 37.95
CA ASN A 118 -0.71 -10.11 37.99
C ASN A 118 -1.35 -8.83 37.52
N THR A 119 -2.15 -8.90 36.46
CA THR A 119 -2.76 -7.68 35.98
C THR A 119 -3.82 -7.18 36.94
N LEU A 120 -4.40 -8.06 37.75
CA LEU A 120 -5.38 -7.58 38.72
C LEU A 120 -4.70 -6.76 39.80
N ASN A 121 -3.58 -7.24 40.36
CA ASN A 121 -2.93 -6.46 41.40
C ASN A 121 -2.53 -5.11 40.87
N ALA A 122 -1.87 -5.08 39.71
CA ALA A 122 -1.49 -3.81 39.08
C ALA A 122 -2.72 -2.94 38.87
N ALA A 123 -3.79 -3.52 38.33
CA ALA A 123 -5.01 -2.76 38.12
C ALA A 123 -5.54 -2.22 39.43
N PHE A 124 -5.61 -3.08 40.44
CA PHE A 124 -6.24 -2.69 41.70
C PHE A 124 -5.47 -1.57 42.38
N PHE A 125 -4.14 -1.63 42.32
CA PHE A 125 -3.21 -0.57 42.72
C PHE A 125 -3.41 0.76 42.00
N ILE A 126 -3.15 0.77 40.69
CA ILE A 126 -3.19 2.03 39.97
C ILE A 126 -4.60 2.60 39.97
N GLN A 127 -5.63 1.74 39.93
CA GLN A 127 -6.99 2.26 39.87
C GLN A 127 -7.36 3.02 41.12
N SER A 128 -6.66 2.77 42.22
CA SER A 128 -6.94 3.46 43.48
C SER A 128 -6.31 4.84 43.50
N LEU A 129 -5.08 4.97 43.01
CA LEU A 129 -4.43 6.28 42.97
C LEU A 129 -5.23 7.25 42.11
N ILE A 130 -5.66 6.80 40.92
CA ILE A 130 -6.45 7.68 40.07
C ILE A 130 -7.64 8.21 40.84
N ASP A 131 -8.26 7.33 41.62
CA ASP A 131 -9.53 7.56 42.29
C ASP A 131 -9.31 8.37 43.57
N TYR A 132 -8.91 9.64 43.40
CA TYR A 132 -8.73 10.47 44.60
C TYR A 132 -9.29 11.88 44.48
N SER A 133 -9.88 12.33 45.60
CA SER A 133 -10.75 13.50 45.70
C SER A 133 -11.75 13.48 44.55
N LEU A 139 -2.46 13.37 48.02
CA LEU A 139 -3.26 14.47 47.48
C LEU A 139 -3.34 14.33 45.96
N ASN A 140 -4.21 15.12 45.31
CA ASN A 140 -4.59 14.82 43.93
C ASN A 140 -3.48 15.08 42.92
N ASP A 141 -2.51 15.96 43.23
CA ASP A 141 -1.49 16.31 42.26
C ASP A 141 -0.62 15.09 41.89
N LEU A 142 -0.24 14.30 42.88
CA LEU A 142 0.44 13.05 42.54
C LEU A 142 -0.52 12.04 41.93
N SER A 143 -1.81 12.12 42.25
CA SER A 143 -2.76 11.22 41.62
C SER A 143 -2.94 11.54 40.14
N THR A 144 -3.22 12.81 39.80
CA THR A 144 -3.46 13.08 38.38
C THR A 144 -2.19 12.94 37.56
N SER A 145 -1.02 12.95 38.18
CA SER A 145 0.16 12.61 37.41
C SER A 145 0.20 11.12 37.08
N VAL A 146 -0.26 10.27 38.00
CA VAL A 146 -0.31 8.84 37.70
C VAL A 146 -1.36 8.54 36.63
N LYS A 147 -2.55 9.16 36.75
CA LYS A 147 -3.60 9.00 35.74
C LYS A 147 -3.13 9.44 34.35
N VAL A 148 -2.50 10.62 34.28
CA VAL A 148 -1.97 11.13 33.01
C VAL A 148 -0.89 10.21 32.45
N GLN A 149 0.01 9.74 33.33
CA GLN A 149 1.05 8.82 32.91
C GLN A 149 0.45 7.58 32.28
N LEU A 150 -0.52 6.96 32.99
CA LEU A 150 -1.24 5.79 32.48
C LEU A 150 -1.96 6.08 31.19
N TYR A 151 -2.64 7.22 31.12
CA TYR A 151 -3.36 7.56 29.90
C TYR A 151 -2.38 7.69 28.75
N ALA A 152 -1.36 8.51 28.91
CA ALA A 152 -0.38 8.71 27.86
C ALA A 152 0.26 7.39 27.45
N GLN A 153 0.12 6.35 28.26
CA GLN A 153 0.67 5.06 27.89
C GLN A 153 -0.34 4.18 27.17
N LEU A 154 -1.61 4.12 27.63
CA LEU A 154 -2.59 3.28 26.96
C LEU A 154 -2.99 3.86 25.60
N PHE A 155 -3.15 5.17 25.52
CA PHE A 155 -3.61 5.77 24.28
C PHE A 155 -2.50 6.36 23.42
N SER A 156 -1.27 6.45 23.91
CA SER A 156 -0.17 7.01 23.12
C SER A 156 1.11 6.24 23.41
N THR A 157 2.22 6.83 22.98
CA THR A 157 3.54 6.20 23.01
C THR A 157 4.28 6.44 24.31
N GLY A 158 3.61 6.99 25.30
CA GLY A 158 4.20 7.08 26.62
C GLY A 158 4.54 8.53 26.89
N LEU A 159 4.26 8.97 28.13
CA LEU A 159 4.56 10.35 28.45
C LEU A 159 6.00 10.66 28.18
N ASN A 160 6.89 9.68 28.35
CA ASN A 160 8.32 9.95 28.28
C ASN A 160 8.79 10.22 26.87
N THR A 161 7.98 9.92 25.86
CA THR A 161 8.39 10.14 24.49
C THR A 161 7.68 11.29 23.81
N ILE A 162 6.60 11.82 24.39
CA ILE A 162 5.87 12.93 23.78
C ILE A 162 6.58 14.23 24.15
N TYR A 163 7.03 14.98 23.14
CA TYR A 163 7.66 16.26 23.39
C TYR A 163 7.08 17.34 22.48
N ASP A 164 6.13 16.98 21.64
CA ASP A 164 5.32 17.97 20.93
C ASP A 164 4.52 18.78 21.95
N SER A 165 4.61 20.10 21.86
CA SER A 165 3.88 21.01 22.74
C SER A 165 2.36 20.76 22.69
N ILE A 166 1.78 20.89 21.50
CA ILE A 166 0.35 20.71 21.32
C ILE A 166 -0.09 19.29 21.68
N GLN A 167 0.59 18.28 21.11
CA GLN A 167 0.17 16.92 21.37
C GLN A 167 0.05 16.67 22.88
N LEU A 168 0.98 17.23 23.66
CA LEU A 168 0.95 17.03 25.10
C LEU A 168 -0.24 17.75 25.73
N VAL A 169 -0.49 18.99 25.33
CA VAL A 169 -1.61 19.72 25.94
C VAL A 169 -2.90 18.94 25.74
N ASN A 170 -3.04 18.29 24.58
CA ASN A 170 -4.26 17.59 24.24
C ASN A 170 -4.34 16.22 24.91
N LEU A 171 -3.26 15.46 24.87
CA LEU A 171 -3.15 14.28 25.72
C LEU A 171 -3.60 14.62 27.14
N ILE A 172 -2.89 15.54 27.78
CA ILE A 172 -3.13 15.79 29.19
C ILE A 172 -4.56 16.24 29.43
N SER A 173 -5.11 17.03 28.51
CA SER A 173 -6.52 17.37 28.56
C SER A 173 -7.39 16.13 28.57
N ASN A 174 -7.18 15.24 27.62
CA ASN A 174 -8.00 14.04 27.55
C ASN A 174 -7.86 13.21 28.82
N ALA A 175 -6.63 13.11 29.33
CA ALA A 175 -6.37 12.23 30.47
C ALA A 175 -7.19 12.67 31.67
N VAL A 176 -7.18 13.96 31.97
CA VAL A 176 -7.92 14.43 33.13
C VAL A 176 -9.42 14.33 32.90
N ASN A 177 -9.90 14.80 31.76
CA ASN A 177 -11.33 15.05 31.55
C ASN A 177 -12.10 13.84 31.11
N ASP A 178 -11.56 12.63 31.22
CA ASP A 178 -12.42 11.48 31.07
C ASP A 178 -11.93 10.44 32.06
N THR A 179 -12.40 9.22 31.88
CA THR A 179 -12.34 8.26 32.97
C THR A 179 -12.22 6.87 32.36
N ILE A 180 -11.28 6.08 32.88
CA ILE A 180 -10.86 4.85 32.22
C ILE A 180 -10.97 3.66 33.19
N ASN A 181 -11.71 2.62 32.78
CA ASN A 181 -11.74 1.39 33.56
C ASN A 181 -10.53 0.56 33.21
N VAL A 182 -9.81 0.13 34.23
CA VAL A 182 -8.62 -0.64 33.95
C VAL A 182 -8.62 -1.89 34.83
N LEU A 183 -9.77 -2.17 35.44
CA LEU A 183 -9.90 -3.42 36.18
C LEU A 183 -10.43 -4.51 35.27
N PRO A 184 -10.00 -5.76 35.44
CA PRO A 184 -10.48 -6.83 34.55
C PRO A 184 -11.99 -7.02 34.69
N THR A 185 -12.64 -7.21 33.54
CA THR A 185 -14.04 -7.57 33.31
C THR A 185 -14.22 -7.64 31.79
N ILE A 186 -15.34 -8.22 31.37
CA ILE A 186 -15.58 -8.48 29.95
C ILE A 186 -16.74 -7.66 29.45
N THR A 187 -17.92 -7.83 30.07
CA THR A 187 -19.08 -7.04 29.70
C THR A 187 -18.98 -5.66 30.30
N GLU A 188 -18.34 -5.57 31.46
CA GLU A 188 -18.22 -4.31 32.19
C GLU A 188 -19.60 -3.70 32.40
N GLY A 189 -20.53 -4.55 32.80
CA GLY A 189 -21.90 -4.11 33.06
C GLY A 189 -22.88 -4.08 31.89
N ILE A 190 -22.40 -3.70 30.70
CA ILE A 190 -23.24 -3.65 29.51
C ILE A 190 -23.94 -4.97 29.24
N PRO A 191 -25.23 -4.94 29.08
CA PRO A 191 -26.00 -6.19 28.94
C PRO A 191 -25.96 -6.80 27.54
N ILE A 192 -24.75 -7.12 27.03
CA ILE A 192 -24.61 -7.59 25.65
C ILE A 192 -23.81 -8.89 25.60
N VAL A 193 -23.83 -9.48 24.41
CA VAL A 193 -23.12 -10.73 24.15
C VAL A 193 -21.70 -10.41 23.70
N SER A 194 -20.73 -11.04 24.38
CA SER A 194 -19.33 -10.66 24.28
C SER A 194 -18.65 -11.51 23.22
N THR A 195 -17.87 -10.88 22.35
CA THR A 195 -17.13 -11.58 21.30
C THR A 195 -15.65 -11.38 21.56
N ILE A 196 -14.94 -12.46 21.84
CA ILE A 196 -13.50 -12.39 22.07
C ILE A 196 -12.86 -13.21 20.95
N LEU A 197 -12.24 -12.53 20.00
CA LEU A 197 -11.69 -13.17 18.83
C LEU A 197 -10.18 -12.97 18.86
N ASP A 198 -9.41 -14.07 18.79
CA ASP A 198 -7.96 -13.98 18.82
C ASP A 198 -7.48 -13.39 20.12
N GLY A 199 -8.28 -13.53 21.18
CA GLY A 199 -7.96 -12.91 22.45
C GLY A 199 -8.25 -11.42 22.57
N ILE A 200 -8.98 -10.82 21.65
CA ILE A 200 -9.31 -9.40 21.72
C ILE A 200 -10.79 -9.26 22.06
N ASN A 201 -11.12 -8.26 22.88
CA ASN A 201 -12.48 -8.02 23.36
C ASN A 201 -13.16 -6.99 22.46
N LEU A 202 -13.64 -7.48 21.30
CA LEU A 202 -14.26 -6.62 20.28
C LEU A 202 -15.74 -6.33 20.50
N GLY A 203 -16.43 -7.10 21.36
CA GLY A 203 -17.88 -7.08 21.38
C GLY A 203 -18.47 -5.74 21.71
N ALA A 204 -18.04 -5.14 22.82
CA ALA A 204 -18.55 -3.82 23.17
C ALA A 204 -18.28 -2.80 22.07
N ALA A 205 -17.06 -2.81 21.50
CA ALA A 205 -16.70 -1.82 20.50
C ALA A 205 -17.64 -1.87 19.30
N ILE A 206 -17.81 -3.07 18.72
CA ILE A 206 -18.64 -3.21 17.51
C ILE A 206 -20.08 -2.78 17.76
N LYS A 207 -20.60 -2.98 18.98
CA LYS A 207 -21.93 -2.48 19.27
C LYS A 207 -22.03 -0.98 19.07
N GLU A 208 -21.07 -0.22 19.60
CA GLU A 208 -21.13 1.23 19.44
C GLU A 208 -21.03 1.64 17.98
N LEU A 209 -20.13 1.00 17.22
CA LEU A 209 -20.02 1.38 15.83
C LEU A 209 -21.35 1.19 15.12
N LEU A 210 -22.02 0.06 15.38
CA LEU A 210 -23.34 -0.19 14.80
C LEU A 210 -24.44 0.68 15.43
N ASP A 211 -24.22 1.22 16.63
CA ASP A 211 -25.22 2.07 17.30
C ASP A 211 -25.17 3.52 16.85
N GLU A 212 -23.99 4.14 16.86
CA GLU A 212 -23.97 5.56 16.56
C GLU A 212 -23.08 5.96 15.37
N HIS A 213 -22.38 5.01 14.73
CA HIS A 213 -21.73 5.23 13.44
C HIS A 213 -20.67 6.33 13.49
N ASP A 214 -19.64 6.11 14.29
CA ASP A 214 -18.58 7.10 14.32
C ASP A 214 -17.63 6.87 13.14
N PRO A 215 -17.43 7.85 12.28
CA PRO A 215 -16.39 7.67 11.26
C PRO A 215 -15.06 7.26 11.84
N LEU A 216 -14.66 7.86 12.97
CA LEU A 216 -13.34 7.57 13.51
C LEU A 216 -13.27 6.18 14.10
N LEU A 217 -14.31 5.76 14.82
CA LEU A 217 -14.39 4.36 15.24
C LEU A 217 -14.23 3.42 14.06
N LYS A 218 -15.02 3.65 13.00
CA LYS A 218 -15.09 2.69 11.90
C LYS A 218 -13.71 2.50 11.27
N LYS A 219 -12.99 3.61 11.13
CA LYS A 219 -11.70 3.60 10.47
C LYS A 219 -10.68 2.84 11.28
N GLU A 220 -10.65 3.06 12.59
CA GLU A 220 -9.61 2.45 13.41
C GLU A 220 -9.91 0.99 13.69
N LEU A 221 -11.20 0.62 13.77
CA LEU A 221 -11.54 -0.78 13.91
C LEU A 221 -11.10 -1.58 12.69
N GLU A 222 -11.29 -1.03 11.49
CA GLU A 222 -10.76 -1.68 10.29
C GLU A 222 -9.23 -1.71 10.31
N ALA A 223 -8.61 -0.57 10.59
CA ALA A 223 -7.16 -0.46 10.47
C ALA A 223 -6.43 -1.18 11.60
N LYS A 224 -6.83 -0.94 12.86
CA LYS A 224 -6.02 -1.42 13.97
C LYS A 224 -6.23 -2.89 14.28
N VAL A 225 -7.45 -3.40 14.16
CA VAL A 225 -7.74 -4.79 14.49
C VAL A 225 -8.35 -5.58 13.36
N GLY A 226 -8.66 -4.96 12.22
CA GLY A 226 -9.14 -5.71 11.07
C GLY A 226 -10.62 -6.00 11.02
N VAL A 227 -11.44 -5.14 11.61
CA VAL A 227 -12.87 -5.41 11.83
C VAL A 227 -13.69 -4.64 10.80
N LEU A 228 -14.47 -5.35 10.02
CA LEU A 228 -15.45 -4.72 9.17
C LEU A 228 -16.83 -5.15 9.67
N ALA A 229 -17.53 -4.21 10.31
CA ALA A 229 -18.96 -4.35 10.57
C ALA A 229 -19.71 -3.90 9.32
N ILE A 230 -20.81 -4.57 9.02
CA ILE A 230 -21.57 -4.21 7.85
C ILE A 230 -22.89 -3.61 8.30
N ASN A 231 -23.38 -2.64 7.53
CA ASN A 231 -24.47 -1.78 7.96
C ASN A 231 -25.70 -2.04 7.09
N MET A 232 -26.78 -2.57 7.68
CA MET A 232 -27.99 -2.80 6.92
C MET A 232 -28.99 -1.67 7.08
N SER A 233 -28.52 -0.52 7.52
CA SER A 233 -29.25 0.73 7.42
C SER A 233 -29.88 0.86 6.05
N LEU A 234 -31.20 1.04 6.03
CA LEU A 234 -31.94 1.26 4.80
C LEU A 234 -31.50 2.51 4.08
N SER A 235 -30.95 3.50 4.79
CA SER A 235 -30.41 4.70 4.15
C SER A 235 -29.21 4.36 3.27
N ILE A 236 -28.15 3.84 3.90
CA ILE A 236 -26.99 3.33 3.20
C ILE A 236 -27.39 2.40 2.06
N ALA A 237 -28.36 1.52 2.31
CA ALA A 237 -28.89 0.67 1.24
C ALA A 237 -29.30 1.51 0.05
N ALA A 238 -30.13 2.52 0.29
CA ALA A 238 -30.61 3.40 -0.77
C ALA A 238 -29.46 4.10 -1.45
N THR A 239 -28.55 4.70 -0.68
CA THR A 239 -27.43 5.41 -1.26
C THR A 239 -26.67 4.52 -2.24
N VAL A 240 -26.14 3.39 -1.76
CA VAL A 240 -25.43 2.49 -2.67
C VAL A 240 -26.26 2.25 -3.93
N ALA A 241 -27.58 2.12 -3.77
CA ALA A 241 -28.42 1.92 -4.94
C ALA A 241 -28.31 3.09 -5.89
N SER A 242 -28.43 4.31 -5.36
CA SER A 242 -28.45 5.44 -6.26
C SER A 242 -27.08 5.69 -6.89
N ILE A 243 -26.01 5.35 -6.18
CA ILE A 243 -24.66 5.46 -6.73
C ILE A 243 -24.48 4.49 -7.90
N VAL A 244 -24.79 3.20 -7.68
CA VAL A 244 -24.60 2.22 -8.75
C VAL A 244 -25.54 2.54 -9.88
N GLY A 245 -26.69 3.14 -9.56
CA GLY A 245 -27.61 3.56 -10.59
C GLY A 245 -27.01 4.63 -11.47
N ILE A 246 -26.34 5.60 -10.86
CA ILE A 246 -25.67 6.67 -11.59
C ILE A 246 -24.54 6.11 -12.45
N GLY A 247 -23.71 5.25 -11.88
CA GLY A 247 -22.65 4.65 -12.67
C GLY A 247 -23.18 3.83 -13.83
N ALA A 248 -24.37 3.27 -13.69
CA ALA A 248 -24.84 2.48 -14.82
C ALA A 248 -25.32 3.37 -15.95
N GLU A 249 -25.64 4.63 -15.67
CA GLU A 249 -26.13 5.54 -16.69
C GLU A 249 -25.01 6.29 -17.40
N VAL A 250 -24.14 6.92 -16.63
CA VAL A 250 -23.16 7.86 -17.16
C VAL A 250 -22.06 7.17 -17.98
N THR A 251 -21.65 5.96 -17.59
CA THR A 251 -20.53 5.30 -18.23
C THR A 251 -20.86 4.69 -19.59
N ILE A 252 -22.12 4.70 -19.97
CA ILE A 252 -22.47 3.95 -21.16
C ILE A 252 -22.35 4.79 -22.43
N PHE A 253 -21.90 6.04 -22.32
CA PHE A 253 -22.00 6.98 -23.42
C PHE A 253 -20.76 6.92 -24.30
N LEU A 254 -20.94 7.08 -25.62
CA LEU A 254 -19.83 7.24 -26.57
C LEU A 254 -19.81 8.70 -27.03
N LEU A 255 -19.11 9.53 -26.26
CA LEU A 255 -18.94 10.94 -26.54
C LEU A 255 -17.60 11.21 -27.22
N PRO A 256 -17.47 12.32 -27.93
CA PRO A 256 -16.21 12.62 -28.59
C PRO A 256 -15.32 13.47 -27.69
N ILE A 257 -14.03 13.52 -28.06
CA ILE A 257 -13.12 14.36 -27.29
C ILE A 257 -13.41 15.80 -27.66
N ALA A 258 -12.83 16.71 -26.88
CA ALA A 258 -13.04 18.13 -27.09
C ALA A 258 -12.49 18.57 -28.44
N GLY A 259 -13.31 19.31 -29.17
CA GLY A 259 -12.82 19.98 -30.36
C GLY A 259 -12.91 19.24 -31.67
N ILE A 260 -13.67 18.14 -31.76
CA ILE A 260 -13.77 17.51 -33.07
C ILE A 260 -14.81 18.21 -33.93
N SER A 261 -15.47 19.25 -33.41
CA SER A 261 -16.42 20.07 -34.16
C SER A 261 -15.94 21.50 -34.34
N ALA A 262 -15.36 22.07 -33.29
CA ALA A 262 -14.73 23.37 -33.43
C ALA A 262 -13.42 23.25 -34.18
N GLY A 263 -12.64 22.22 -33.91
CA GLY A 263 -11.25 22.17 -34.31
C GLY A 263 -10.29 22.09 -33.14
N ILE A 264 -9.08 21.60 -33.42
CA ILE A 264 -8.02 21.45 -32.44
C ILE A 264 -6.80 22.26 -32.93
N PRO A 265 -6.27 23.17 -32.13
CA PRO A 265 -5.16 24.02 -32.60
C PRO A 265 -3.97 23.21 -33.06
N SER A 266 -3.34 23.66 -34.13
CA SER A 266 -2.00 23.22 -34.47
C SER A 266 -0.98 24.18 -33.90
N LEU A 267 0.18 23.64 -33.52
CA LEU A 267 1.26 24.43 -32.96
C LEU A 267 2.35 24.59 -34.02
N VAL A 268 2.18 25.56 -34.93
CA VAL A 268 3.24 25.95 -35.85
C VAL A 268 3.96 27.16 -35.28
N ASN A 269 5.30 27.11 -35.30
CA ASN A 269 6.11 28.26 -34.94
C ASN A 269 5.82 28.78 -33.54
N ASN A 270 5.54 27.87 -32.61
CA ASN A 270 5.47 28.14 -31.18
C ASN A 270 4.19 28.86 -30.76
N GLU A 271 3.33 29.26 -31.70
CA GLU A 271 2.02 29.80 -31.37
C GLU A 271 0.95 28.86 -31.93
N LEU A 272 -0.19 28.78 -31.25
CA LEU A 272 -1.25 27.85 -31.64
C LEU A 272 -2.18 28.46 -32.67
N ILE A 273 -2.59 27.63 -33.63
CA ILE A 273 -3.38 28.05 -34.78
C ILE A 273 -4.60 27.14 -34.92
N LEU A 274 -5.78 27.68 -34.59
CA LEU A 274 -7.05 26.94 -34.64
C LEU A 274 -7.44 26.56 -36.07
N HIS A 275 -7.46 27.54 -36.97
CA HIS A 275 -7.73 27.29 -38.38
C HIS A 275 -6.82 28.16 -39.23
N ASP A 276 -6.45 27.66 -40.42
CA ASP A 276 -5.35 28.26 -41.17
C ASP A 276 -5.68 28.67 -42.59
N LYS A 277 -6.88 28.41 -43.07
CA LYS A 277 -7.29 28.79 -44.41
C LYS A 277 -8.67 29.45 -44.34
N ALA A 278 -9.01 30.24 -45.36
CA ALA A 278 -10.24 31.04 -45.28
C ALA A 278 -11.48 30.17 -45.05
N THR A 279 -11.71 29.19 -45.95
CA THR A 279 -12.88 28.33 -45.84
C THR A 279 -13.02 27.71 -44.44
N SER A 280 -11.92 27.23 -43.87
CA SER A 280 -12.02 26.67 -42.53
C SER A 280 -12.45 27.72 -41.52
N VAL A 281 -11.90 28.93 -41.62
CA VAL A 281 -12.25 29.95 -40.63
C VAL A 281 -13.73 30.30 -40.74
N VAL A 282 -14.19 30.63 -41.95
CA VAL A 282 -15.61 30.91 -42.17
C VAL A 282 -16.45 29.83 -41.55
N ASN A 283 -16.01 28.58 -41.68
CA ASN A 283 -16.78 27.42 -41.24
C ASN A 283 -16.77 27.28 -39.72
N TYR A 284 -15.70 27.72 -39.05
CA TYR A 284 -15.69 27.76 -37.60
C TYR A 284 -16.76 28.71 -37.07
N PHE A 285 -16.88 29.88 -37.69
CA PHE A 285 -17.96 30.80 -37.36
C PHE A 285 -19.31 30.20 -37.69
N ASN A 286 -19.40 29.50 -38.82
CA ASN A 286 -20.59 28.71 -39.12
C ASN A 286 -20.95 27.82 -37.95
N HIS A 287 -19.96 27.07 -37.45
CA HIS A 287 -20.18 26.20 -36.31
C HIS A 287 -20.71 26.98 -35.12
N LEU A 288 -20.08 28.12 -34.81
CA LEU A 288 -20.52 28.92 -33.66
C LEU A 288 -21.95 29.45 -33.82
N SER A 289 -22.37 29.73 -35.05
CA SER A 289 -23.75 30.19 -35.21
C SER A 289 -24.79 29.14 -34.80
N GLU A 290 -24.39 27.94 -34.40
CA GLU A 290 -25.38 27.00 -33.90
C GLU A 290 -25.92 27.43 -32.53
N SER A 291 -25.16 28.24 -31.80
CA SER A 291 -25.72 28.85 -30.60
C SER A 291 -26.99 29.63 -30.91
N LYS A 292 -27.03 30.27 -32.10
CA LYS A 292 -28.24 30.93 -32.55
C LYS A 292 -29.39 29.93 -32.57
N LYS A 293 -29.18 28.75 -33.18
CA LYS A 293 -30.31 27.85 -33.39
C LYS A 293 -30.61 27.03 -32.15
N TYR A 294 -29.59 26.37 -31.59
CA TYR A 294 -29.81 25.38 -30.55
C TYR A 294 -29.54 25.92 -29.14
N GLY A 295 -29.37 27.23 -28.97
CA GLY A 295 -28.98 27.78 -27.69
C GLY A 295 -27.60 27.30 -27.31
N PRO A 296 -27.21 27.52 -26.06
CA PRO A 296 -25.88 27.05 -25.64
C PRO A 296 -25.77 25.53 -25.55
N LEU A 297 -26.87 24.77 -25.50
CA LEU A 297 -26.79 23.35 -25.17
C LEU A 297 -27.67 22.53 -26.11
N LYS A 298 -27.02 21.73 -26.96
CA LYS A 298 -27.68 20.69 -27.72
C LYS A 298 -27.98 19.52 -26.77
N THR A 299 -29.05 18.78 -27.04
CA THR A 299 -29.45 17.59 -26.27
C THR A 299 -29.17 16.33 -27.10
N GLU A 300 -27.93 15.86 -27.10
CA GLU A 300 -27.63 14.63 -27.84
C GLU A 300 -28.00 13.41 -27.00
N ASP A 301 -28.58 12.39 -27.65
CA ASP A 301 -29.01 11.09 -27.10
C ASP A 301 -30.32 11.14 -26.32
N ASP A 302 -31.06 12.25 -26.38
CA ASP A 302 -32.25 12.50 -25.54
C ASP A 302 -31.98 12.22 -24.06
N LYS A 303 -30.72 12.14 -23.68
CA LYS A 303 -30.36 11.81 -22.32
C LYS A 303 -29.45 12.84 -21.66
N ILE A 304 -28.65 13.60 -22.42
CA ILE A 304 -27.58 14.44 -21.88
C ILE A 304 -27.46 15.75 -22.65
N LEU A 305 -27.46 16.86 -21.93
CA LEU A 305 -27.19 18.16 -22.53
C LEU A 305 -25.68 18.34 -22.73
N VAL A 306 -25.29 18.79 -23.91
CA VAL A 306 -23.89 18.94 -24.31
C VAL A 306 -23.64 20.36 -24.82
N PRO A 307 -22.68 21.10 -24.27
CA PRO A 307 -22.44 22.47 -24.74
C PRO A 307 -21.86 22.51 -26.14
N ILE A 308 -22.32 23.49 -26.94
CA ILE A 308 -21.75 23.79 -28.26
C ILE A 308 -20.24 23.78 -28.13
N ASP A 309 -19.57 22.97 -28.96
CA ASP A 309 -18.15 22.73 -28.81
C ASP A 309 -17.40 24.04 -28.98
N ASP A 310 -16.61 24.38 -27.97
CA ASP A 310 -15.76 25.55 -27.88
C ASP A 310 -16.58 26.78 -27.53
N LEU A 311 -17.85 26.64 -27.15
CA LEU A 311 -18.60 27.80 -26.67
C LEU A 311 -18.18 28.09 -25.23
N VAL A 312 -17.82 29.33 -24.94
CA VAL A 312 -17.18 29.64 -23.68
C VAL A 312 -18.29 29.89 -22.66
N ILE A 313 -18.57 28.92 -21.83
CA ILE A 313 -19.57 29.05 -20.77
C ILE A 313 -18.78 29.25 -19.49
N SER A 314 -19.10 30.29 -18.74
CA SER A 314 -18.32 30.68 -17.57
C SER A 314 -19.10 30.60 -16.27
N GLU A 315 -20.39 30.31 -16.33
CA GLU A 315 -21.18 30.01 -15.15
C GLU A 315 -22.41 29.25 -15.60
N ILE A 316 -22.80 28.23 -14.84
CA ILE A 316 -24.06 27.54 -15.08
C ILE A 316 -24.86 27.65 -13.80
N ASP A 317 -26.03 28.32 -13.86
CA ASP A 317 -26.80 28.63 -12.66
C ASP A 317 -28.09 27.82 -12.67
N PHE A 318 -28.11 26.78 -11.83
CA PHE A 318 -29.25 25.87 -11.83
C PHE A 318 -30.46 26.43 -11.11
N ASN A 319 -30.27 27.30 -10.12
CA ASN A 319 -31.43 27.98 -9.54
C ASN A 319 -32.10 28.87 -10.56
N ASN A 320 -31.34 29.76 -11.20
CA ASN A 320 -31.90 30.73 -12.12
C ASN A 320 -32.29 30.16 -13.46
N ASN A 321 -31.90 28.92 -13.77
CA ASN A 321 -32.01 28.37 -15.12
C ASN A 321 -31.38 29.31 -16.15
N SER A 322 -30.10 29.59 -15.95
CA SER A 322 -29.38 30.58 -16.74
C SER A 322 -27.92 30.16 -16.90
N ILE A 323 -27.29 30.78 -17.89
CA ILE A 323 -25.87 30.62 -18.21
C ILE A 323 -25.20 31.97 -18.20
N LYS A 324 -23.90 31.97 -17.94
CA LYS A 324 -23.05 33.12 -18.18
C LYS A 324 -22.02 32.72 -19.24
N LEU A 325 -21.76 33.61 -20.18
CA LEU A 325 -20.77 33.39 -21.22
C LEU A 325 -19.46 34.09 -20.85
N GLY A 326 -18.34 33.45 -21.16
CA GLY A 326 -17.03 34.05 -20.98
C GLY A 326 -16.73 34.96 -22.14
N THR A 327 -15.46 35.32 -22.27
CA THR A 327 -15.06 36.30 -23.30
C THR A 327 -14.47 35.58 -24.52
N CYS A 328 -15.02 35.89 -25.68
CA CYS A 328 -14.56 35.30 -26.95
C CYS A 328 -14.61 36.43 -27.99
N ASN A 329 -13.46 37.11 -28.15
CA ASN A 329 -13.33 38.29 -28.98
C ASN A 329 -12.31 38.07 -30.09
N ILE A 330 -12.34 38.96 -31.06
CA ILE A 330 -11.39 38.95 -32.17
C ILE A 330 -10.82 40.37 -32.34
N LEU A 331 -9.61 40.45 -32.87
CA LEU A 331 -8.91 41.73 -32.89
C LEU A 331 -9.63 42.71 -33.80
N ALA A 332 -9.46 44.00 -33.51
CA ALA A 332 -10.11 45.10 -34.22
C ALA A 332 -9.38 45.50 -35.50
N MET A 333 -10.04 46.34 -36.29
CA MET A 333 -9.41 46.98 -37.44
C MET A 333 -9.49 48.49 -37.31
N GLU A 334 -8.55 49.17 -37.96
CA GLU A 334 -8.48 50.62 -37.89
C GLU A 334 -7.98 51.15 -39.23
N GLY A 335 -8.42 52.35 -39.57
CA GLY A 335 -7.98 52.98 -40.80
C GLY A 335 -8.71 52.48 -42.04
N GLY A 336 -8.15 52.86 -43.18
CA GLY A 336 -8.75 52.51 -44.44
C GLY A 336 -9.41 53.70 -45.12
N SER A 337 -9.65 53.56 -46.42
CA SER A 337 -10.16 54.68 -47.17
C SER A 337 -11.02 54.20 -48.33
N GLY A 338 -12.07 54.96 -48.61
CA GLY A 338 -12.89 54.69 -49.78
C GLY A 338 -13.72 53.44 -49.64
N HIS A 339 -14.32 53.25 -48.46
CA HIS A 339 -15.14 52.06 -48.24
C HIS A 339 -16.43 52.16 -49.06
N THR A 340 -16.53 51.36 -50.13
CA THR A 340 -17.80 51.14 -50.80
C THR A 340 -18.23 49.69 -50.56
N VAL A 341 -19.54 49.44 -50.61
CA VAL A 341 -20.08 48.09 -50.38
C VAL A 341 -21.10 47.78 -51.47
N THR A 342 -20.67 47.05 -52.49
CA THR A 342 -21.53 46.73 -53.62
C THR A 342 -21.75 45.21 -53.69
N GLY A 343 -23.01 44.80 -53.60
CA GLY A 343 -23.28 43.36 -53.58
C GLY A 343 -22.69 42.68 -52.37
N ASN A 344 -22.78 43.32 -51.21
CA ASN A 344 -22.29 42.78 -49.92
C ASN A 344 -20.81 42.37 -49.98
N ILE A 345 -20.02 43.02 -50.81
CA ILE A 345 -18.59 42.76 -50.92
C ILE A 345 -17.90 44.05 -50.56
N ASP A 346 -17.34 44.15 -49.36
CA ASP A 346 -16.64 45.38 -49.03
C ASP A 346 -15.49 45.60 -50.01
N HIS A 347 -15.42 46.83 -50.54
CA HIS A 347 -14.42 47.30 -51.48
C HIS A 347 -13.69 48.47 -50.83
N PHE A 348 -12.40 48.60 -51.11
CA PHE A 348 -11.62 49.67 -50.50
C PHE A 348 -10.74 50.37 -51.53
N PHE A 349 -10.28 51.57 -51.15
CA PHE A 349 -9.12 52.14 -51.80
C PHE A 349 -7.88 51.91 -50.93
N SER A 350 -7.90 52.42 -49.70
CA SER A 350 -6.90 52.07 -48.69
C SER A 350 -7.53 50.99 -47.81
N SER A 351 -6.95 49.77 -47.85
CA SER A 351 -7.45 48.64 -47.06
C SER A 351 -7.15 48.83 -45.57
N PRO A 352 -8.08 48.47 -44.68
CA PRO A 352 -7.84 48.60 -43.24
C PRO A 352 -6.77 47.62 -42.80
N SER A 353 -6.26 47.83 -41.60
CA SER A 353 -5.27 46.90 -41.07
C SER A 353 -5.59 46.56 -39.62
N ILE A 354 -5.37 45.28 -39.28
CA ILE A 354 -5.68 44.77 -37.96
C ILE A 354 -4.72 45.35 -36.95
N SER A 355 -5.22 45.65 -35.75
CA SER A 355 -4.41 46.18 -34.67
C SER A 355 -4.72 45.45 -33.36
N SER A 356 -3.67 45.09 -32.64
CA SER A 356 -3.81 44.51 -31.32
C SER A 356 -3.79 45.58 -30.23
N HIS A 357 -3.76 46.86 -30.61
CA HIS A 357 -3.65 47.96 -29.68
C HIS A 357 -4.93 48.76 -29.57
N ILE A 358 -5.99 48.33 -30.24
CA ILE A 358 -7.32 48.91 -30.11
C ILE A 358 -8.18 47.85 -29.44
N PRO A 359 -9.27 48.21 -28.75
CA PRO A 359 -10.13 47.20 -28.11
C PRO A 359 -10.63 46.19 -29.11
N SER A 360 -10.66 44.92 -28.67
CA SER A 360 -11.03 43.82 -29.53
C SER A 360 -12.55 43.65 -29.52
N LEU A 361 -13.02 42.74 -30.35
CA LEU A 361 -14.39 42.77 -30.84
C LEU A 361 -15.08 41.52 -30.31
N SER A 362 -16.20 41.68 -29.58
CA SER A 362 -16.86 40.50 -29.02
C SER A 362 -17.63 39.75 -30.10
N ILE A 363 -17.27 38.48 -30.33
CA ILE A 363 -17.93 37.72 -31.38
C ILE A 363 -19.36 37.38 -30.98
N TYR A 364 -19.55 37.01 -29.72
CA TYR A 364 -20.85 36.55 -29.25
C TYR A 364 -21.89 37.66 -29.27
N SER A 365 -21.48 38.92 -29.19
CA SER A 365 -22.43 40.01 -29.19
C SER A 365 -23.19 40.09 -30.51
N ALA A 366 -22.57 39.64 -31.61
CA ALA A 366 -23.26 39.54 -32.91
C ALA A 366 -24.25 38.39 -32.97
N ILE A 367 -24.12 37.42 -32.08
CA ILE A 367 -24.93 36.22 -32.10
C ILE A 367 -26.03 36.41 -31.06
N GLY A 368 -27.26 36.14 -31.44
CA GLY A 368 -28.26 36.31 -30.40
C GLY A 368 -28.36 35.21 -29.35
N ILE A 369 -27.25 34.77 -28.73
CA ILE A 369 -27.30 33.56 -27.91
C ILE A 369 -28.25 33.78 -26.76
N GLU A 370 -29.34 33.02 -26.72
CA GLU A 370 -30.26 33.16 -25.60
C GLU A 370 -29.71 32.35 -24.45
N THR A 371 -29.43 33.04 -23.35
CA THR A 371 -28.68 32.47 -22.26
C THR A 371 -29.51 32.46 -20.98
N GLU A 372 -30.84 32.46 -21.12
CA GLU A 372 -31.66 32.55 -19.93
C GLU A 372 -33.02 31.93 -20.19
N ASN A 373 -33.62 31.42 -19.10
CA ASN A 373 -34.83 30.59 -19.14
C ASN A 373 -34.54 29.28 -19.88
N LEU A 374 -33.58 28.54 -19.36
CA LEU A 374 -33.10 27.33 -20.00
C LEU A 374 -33.75 26.09 -19.38
N ASP A 375 -33.95 25.06 -20.21
CA ASP A 375 -34.64 23.84 -19.81
C ASP A 375 -33.62 22.88 -19.22
N PHE A 376 -33.40 22.98 -17.91
CA PHE A 376 -32.44 22.10 -17.24
C PHE A 376 -33.08 20.82 -16.72
N SER A 377 -34.07 20.31 -17.47
CA SER A 377 -34.83 19.16 -17.00
C SER A 377 -34.03 17.88 -17.07
N LYS A 378 -33.10 17.76 -18.02
CA LYS A 378 -32.25 16.56 -18.05
C LYS A 378 -31.22 16.60 -16.92
N LYS A 379 -30.89 15.43 -16.42
CA LYS A 379 -30.05 15.33 -15.25
C LYS A 379 -28.57 15.19 -15.56
N ILE A 380 -28.20 14.79 -16.78
CA ILE A 380 -26.80 14.56 -17.13
C ILE A 380 -26.33 15.72 -17.99
N MET A 381 -25.18 16.28 -17.64
CA MET A 381 -24.64 17.41 -18.38
C MET A 381 -23.15 17.23 -18.55
N MET A 382 -22.67 17.49 -19.78
CA MET A 382 -21.24 17.62 -20.05
C MET A 382 -20.80 19.04 -19.74
N LEU A 383 -19.65 19.18 -19.08
CA LEU A 383 -19.16 20.49 -18.71
C LEU A 383 -18.65 21.23 -19.94
N PRO A 384 -18.56 22.56 -19.88
CA PRO A 384 -17.97 23.30 -20.99
C PRO A 384 -16.51 22.90 -21.18
N ASN A 385 -16.01 23.02 -22.41
CA ASN A 385 -14.59 22.76 -22.65
C ASN A 385 -13.81 23.97 -23.15
N ALA A 386 -14.38 25.16 -23.10
CA ALA A 386 -13.80 26.32 -23.78
C ALA A 386 -13.37 27.43 -22.82
N PRO A 387 -12.07 27.63 -22.63
CA PRO A 387 -11.61 28.84 -21.96
C PRO A 387 -11.76 30.05 -22.87
N SER A 388 -11.80 31.23 -22.23
CA SER A 388 -11.82 32.48 -22.96
C SER A 388 -10.53 32.69 -23.74
N ARG A 389 -10.58 33.69 -24.59
CA ARG A 389 -9.78 33.69 -25.79
C ARG A 389 -9.97 35.03 -26.48
N VAL A 390 -8.90 35.57 -27.04
CA VAL A 390 -8.99 36.67 -27.97
C VAL A 390 -8.38 36.16 -29.27
N PHE A 391 -9.12 36.28 -30.37
CA PHE A 391 -8.67 35.66 -31.59
C PHE A 391 -7.81 36.67 -32.32
N TRP A 392 -6.54 36.35 -32.49
CA TRP A 392 -5.71 37.09 -33.41
C TRP A 392 -5.97 36.53 -34.80
N TRP A 393 -5.93 37.40 -35.80
CA TRP A 393 -6.12 36.89 -37.14
C TRP A 393 -5.18 37.57 -38.11
N GLU A 394 -5.29 37.16 -39.36
CA GLU A 394 -4.45 37.62 -40.44
C GLU A 394 -5.33 37.76 -41.67
N THR A 395 -5.02 38.74 -42.53
CA THR A 395 -5.62 38.81 -43.85
C THR A 395 -4.69 38.16 -44.86
N GLY A 396 -5.27 37.75 -45.99
CA GLY A 396 -4.49 37.17 -47.06
C GLY A 396 -5.21 37.29 -48.40
N ALA A 397 -4.44 37.16 -49.47
CA ALA A 397 -5.01 37.26 -50.80
C ALA A 397 -5.54 35.89 -51.19
N VAL A 398 -6.85 35.72 -51.17
CA VAL A 398 -7.44 34.48 -51.67
C VAL A 398 -8.55 34.76 -52.66
N PRO A 399 -8.48 34.19 -53.87
CA PRO A 399 -9.48 34.45 -54.90
C PRO A 399 -10.64 33.47 -54.85
N GLY A 400 -11.76 33.89 -55.40
CA GLY A 400 -12.91 33.05 -55.55
C GLY A 400 -13.98 33.23 -54.48
N LEU A 401 -13.59 33.79 -53.33
CA LEU A 401 -14.43 33.77 -52.14
C LEU A 401 -15.65 34.67 -52.24
N ARG A 402 -15.74 35.51 -53.29
CA ARG A 402 -16.78 36.53 -53.32
C ARG A 402 -18.20 35.94 -53.36
N SER A 403 -18.34 34.68 -53.77
CA SER A 403 -19.65 34.07 -53.86
C SER A 403 -19.92 33.12 -52.71
N LEU A 404 -19.37 33.37 -51.53
CA LEU A 404 -19.50 32.41 -50.45
C LEU A 404 -20.62 32.83 -49.51
N GLU A 405 -21.54 31.91 -49.22
CA GLU A 405 -22.68 32.19 -48.35
C GLU A 405 -22.87 31.05 -47.36
N ASN A 406 -22.53 31.29 -46.10
CA ASN A 406 -22.82 30.38 -45.02
C ASN A 406 -23.64 31.11 -43.96
N ASP A 407 -24.17 30.33 -43.00
CA ASP A 407 -24.39 30.91 -41.69
C ASP A 407 -23.08 31.40 -41.08
N GLY A 408 -21.95 30.84 -41.52
CA GLY A 408 -20.66 31.41 -41.23
C GLY A 408 -20.45 32.79 -41.81
N THR A 409 -20.56 32.93 -43.14
CA THR A 409 -20.38 34.25 -43.72
C THR A 409 -21.44 35.20 -43.21
N ARG A 410 -22.63 34.69 -42.88
CA ARG A 410 -23.67 35.55 -42.33
C ARG A 410 -23.31 36.05 -40.93
N LEU A 411 -22.67 35.22 -40.10
CA LEU A 411 -22.22 35.72 -38.80
C LEU A 411 -21.11 36.75 -38.97
N LEU A 412 -20.08 36.42 -39.73
CA LEU A 412 -18.96 37.35 -39.88
C LEU A 412 -19.44 38.71 -40.35
N ASP A 413 -20.36 38.73 -41.33
CA ASP A 413 -21.01 39.96 -41.75
C ASP A 413 -21.60 40.71 -40.54
N SER A 414 -22.30 39.99 -39.66
CA SER A 414 -22.91 40.63 -38.49
C SER A 414 -21.85 41.26 -37.59
N ILE A 415 -20.69 40.62 -37.46
CA ILE A 415 -19.62 41.24 -36.69
C ILE A 415 -19.16 42.52 -37.37
N ARG A 416 -18.98 42.46 -38.70
CA ARG A 416 -18.66 43.63 -39.50
C ARG A 416 -19.69 44.73 -39.28
N ASP A 417 -20.96 44.35 -39.23
CA ASP A 417 -22.04 45.31 -39.18
C ASP A 417 -22.33 45.78 -37.76
N LEU A 418 -22.15 44.93 -36.75
CA LEU A 418 -22.24 45.39 -35.37
C LEU A 418 -21.16 46.39 -35.04
N TYR A 419 -20.01 46.28 -35.69
CA TYR A 419 -18.83 47.04 -35.30
C TYR A 419 -18.23 47.74 -36.51
N PRO A 420 -18.99 48.62 -37.14
CA PRO A 420 -18.65 49.07 -38.50
C PRO A 420 -17.31 49.78 -38.53
N GLY A 421 -16.55 49.50 -39.60
CA GLY A 421 -15.23 50.06 -39.73
C GLY A 421 -14.18 49.50 -38.80
N LYS A 422 -14.52 48.52 -37.97
CA LYS A 422 -13.52 47.92 -37.13
C LYS A 422 -13.30 46.45 -37.40
N PHE A 423 -14.00 45.88 -38.38
CA PHE A 423 -13.84 44.47 -38.71
C PHE A 423 -14.39 44.21 -40.10
N TYR A 424 -13.52 43.82 -41.02
CA TYR A 424 -13.89 43.44 -42.38
C TYR A 424 -13.17 42.14 -42.73
N TRP A 425 -13.95 41.06 -42.99
CA TRP A 425 -13.39 39.72 -43.13
C TRP A 425 -13.13 39.28 -44.55
N ARG A 426 -13.71 39.96 -45.53
CA ARG A 426 -13.44 39.70 -46.94
C ARG A 426 -13.74 40.97 -47.70
N PHE A 427 -12.67 41.65 -48.14
CA PHE A 427 -12.79 42.94 -48.80
C PHE A 427 -12.04 42.96 -50.12
N TYR A 428 -11.94 44.13 -50.76
CA TYR A 428 -11.18 44.30 -52.02
C TYR A 428 -10.41 45.60 -51.96
N ALA A 429 -9.08 45.53 -52.15
CA ALA A 429 -8.26 46.73 -52.31
C ALA A 429 -7.70 46.87 -53.71
N PHE A 430 -6.81 45.97 -54.15
CA PHE A 430 -6.44 45.90 -55.56
C PHE A 430 -6.27 44.43 -55.92
N PHE A 431 -6.89 43.57 -55.14
CA PHE A 431 -6.91 42.13 -55.14
C PHE A 431 -7.88 41.82 -54.04
N ASP A 432 -8.66 40.76 -54.18
CA ASP A 432 -9.59 40.45 -53.10
C ASP A 432 -8.93 39.64 -51.97
N TYR A 433 -9.04 40.17 -50.75
CA TYR A 433 -8.50 39.61 -49.53
C TYR A 433 -9.60 38.99 -48.67
N ALA A 434 -9.18 38.32 -47.60
CA ALA A 434 -10.11 37.62 -46.71
C ALA A 434 -9.38 37.25 -45.43
N ILE A 435 -10.18 36.86 -44.43
CA ILE A 435 -9.63 36.29 -43.21
C ILE A 435 -8.99 34.95 -43.49
N THR A 436 -7.78 34.74 -42.98
CA THR A 436 -6.96 33.65 -43.46
C THR A 436 -6.52 32.75 -42.32
N THR A 437 -6.36 33.29 -41.12
CA THR A 437 -5.72 32.52 -40.08
C THR A 437 -6.29 32.93 -38.75
N LEU A 438 -6.56 31.95 -37.91
CA LEU A 438 -7.24 32.16 -36.65
C LEU A 438 -6.29 31.69 -35.55
N LYS A 439 -5.64 32.63 -34.87
CA LYS A 439 -4.71 32.30 -33.79
C LYS A 439 -5.31 32.69 -32.46
N PRO A 440 -5.78 31.74 -31.64
CA PRO A 440 -6.34 32.11 -30.34
C PRO A 440 -5.26 32.28 -29.29
N VAL A 441 -5.54 33.12 -28.31
CA VAL A 441 -4.66 33.31 -27.16
C VAL A 441 -5.52 33.21 -25.89
N TYR A 442 -5.36 32.10 -25.17
CA TYR A 442 -6.32 31.70 -24.16
C TYR A 442 -5.98 32.32 -22.80
N GLU A 443 -7.01 32.61 -22.04
CA GLU A 443 -6.83 33.07 -20.68
C GLU A 443 -7.55 32.14 -19.71
N ASP A 444 -7.00 32.05 -18.49
CA ASP A 444 -7.57 31.17 -17.50
C ASP A 444 -9.05 31.45 -17.37
N THR A 445 -9.85 30.40 -17.46
CA THR A 445 -11.27 30.53 -17.20
C THR A 445 -11.62 29.68 -15.99
N ASN A 446 -12.37 30.27 -15.08
CA ASN A 446 -12.97 29.59 -13.94
C ASN A 446 -14.46 29.50 -14.20
N ILE A 447 -14.99 28.28 -14.15
CA ILE A 447 -16.38 28.05 -14.50
C ILE A 447 -17.12 27.68 -13.21
N LYS A 448 -17.94 28.61 -12.71
CA LYS A 448 -18.71 28.37 -11.51
C LYS A 448 -19.98 27.61 -11.87
N ILE A 449 -20.30 26.60 -11.08
CA ILE A 449 -21.49 25.79 -11.33
C ILE A 449 -22.37 25.83 -10.09
N LYS A 450 -23.46 26.54 -10.19
CA LYS A 450 -24.29 26.85 -9.04
C LYS A 450 -25.44 25.86 -9.03
N LEU A 451 -25.44 24.99 -8.03
CA LEU A 451 -26.31 23.84 -7.96
C LEU A 451 -27.63 24.18 -7.25
N ASP A 452 -28.65 23.36 -7.54
CA ASP A 452 -29.91 23.40 -6.82
C ASP A 452 -29.98 22.18 -5.89
N LYS A 453 -31.06 22.11 -5.10
CA LYS A 453 -31.31 20.97 -4.23
C LYS A 453 -31.60 19.72 -5.04
N ASP A 454 -31.82 19.88 -6.33
CA ASP A 454 -32.06 18.79 -7.26
C ASP A 454 -30.79 17.96 -7.44
N THR A 455 -30.89 16.92 -8.25
CA THR A 455 -29.82 15.94 -8.43
C THR A 455 -29.24 16.00 -9.85
N ARG A 456 -27.92 16.16 -9.94
CA ARG A 456 -27.24 16.53 -11.18
C ARG A 456 -26.04 15.66 -11.46
N ASN A 457 -25.84 15.30 -12.73
CA ASN A 457 -24.83 14.33 -13.16
C ASN A 457 -23.89 14.96 -14.18
N PHE A 458 -22.60 15.10 -13.83
CA PHE A 458 -21.67 15.90 -14.62
C PHE A 458 -20.57 15.05 -15.24
N ILE A 459 -20.26 15.32 -16.51
CA ILE A 459 -19.24 14.60 -17.27
C ILE A 459 -18.13 15.59 -17.64
N MET A 460 -16.93 15.37 -17.14
CA MET A 460 -15.79 16.21 -17.48
C MET A 460 -15.34 15.93 -18.91
N PRO A 461 -15.02 16.96 -19.69
CA PRO A 461 -14.60 16.73 -21.07
C PRO A 461 -13.14 16.30 -21.17
N THR A 462 -12.86 15.52 -22.19
CA THR A 462 -11.49 15.11 -22.46
C THR A 462 -10.84 16.12 -23.41
N ILE A 463 -9.93 16.93 -22.88
CA ILE A 463 -9.35 18.07 -23.61
C ILE A 463 -7.88 17.77 -23.93
N THR A 464 -7.59 17.62 -25.22
CA THR A 464 -6.31 17.06 -25.67
C THR A 464 -5.16 18.05 -25.75
N THR A 465 -5.34 19.26 -26.28
CA THR A 465 -4.22 20.19 -26.20
C THR A 465 -4.07 20.68 -24.77
N ASN A 466 -2.93 20.33 -24.16
CA ASN A 466 -2.61 20.74 -22.79
C ASN A 466 -2.79 22.23 -22.58
N GLU A 467 -2.38 23.03 -23.57
CA GLU A 467 -2.43 24.48 -23.43
C GLU A 467 -3.85 24.98 -23.14
N ILE A 468 -4.86 24.32 -23.69
CA ILE A 468 -6.23 24.69 -23.37
C ILE A 468 -6.60 24.20 -21.97
N ARG A 469 -6.34 22.91 -21.71
CA ARG A 469 -6.79 22.27 -20.48
C ARG A 469 -6.27 22.97 -19.23
N ASN A 470 -5.06 23.49 -19.28
CA ASN A 470 -4.54 24.05 -18.05
C ASN A 470 -5.03 25.47 -17.81
N LYS A 471 -5.94 25.98 -18.64
CA LYS A 471 -6.60 27.23 -18.34
C LYS A 471 -7.99 27.01 -17.79
N LEU A 472 -8.52 25.78 -17.90
CA LEU A 472 -9.85 25.53 -17.39
C LEU A 472 -9.82 25.12 -15.91
N SER A 473 -10.94 25.38 -15.25
CA SER A 473 -11.06 25.30 -13.79
C SER A 473 -12.55 25.21 -13.45
N TYR A 474 -12.95 24.18 -12.71
CA TYR A 474 -14.35 24.08 -12.30
C TYR A 474 -14.50 24.39 -10.82
N SER A 475 -15.62 25.02 -10.48
CA SER A 475 -15.91 25.42 -9.10
C SER A 475 -17.39 25.15 -8.85
N PHE A 476 -17.67 24.14 -8.02
CA PHE A 476 -19.03 23.72 -7.71
C PHE A 476 -19.48 24.33 -6.38
N ASP A 477 -20.74 24.74 -6.32
CA ASP A 477 -21.35 25.23 -5.10
C ASP A 477 -22.39 24.22 -4.66
N GLY A 478 -22.08 23.47 -3.60
CA GLY A 478 -22.99 22.43 -3.15
C GLY A 478 -24.29 22.99 -2.58
N ALA A 479 -25.35 22.22 -2.74
CA ALA A 479 -26.64 22.75 -2.29
C ALA A 479 -27.54 21.69 -1.69
N GLY A 480 -27.00 20.54 -1.29
CA GLY A 480 -27.79 19.52 -0.65
C GLY A 480 -28.21 18.36 -1.53
N GLY A 481 -28.05 18.45 -2.84
CA GLY A 481 -28.50 17.39 -3.71
C GLY A 481 -27.52 16.26 -3.83
N THR A 482 -27.77 15.38 -4.80
CA THR A 482 -26.83 14.35 -5.16
C THR A 482 -26.15 14.79 -6.46
N TYR A 483 -24.82 14.76 -6.47
CA TYR A 483 -24.04 15.27 -7.60
C TYR A 483 -23.03 14.22 -8.01
N SER A 484 -22.99 13.90 -9.29
CA SER A 484 -21.96 13.00 -9.77
C SER A 484 -21.02 13.75 -10.71
N LEU A 485 -19.79 13.26 -10.80
CA LEU A 485 -18.81 13.85 -11.71
C LEU A 485 -18.01 12.71 -12.31
N LEU A 486 -18.02 12.64 -13.64
CA LEU A 486 -17.31 11.61 -14.36
C LEU A 486 -15.93 12.15 -14.73
N LEU A 487 -14.91 11.68 -14.01
CA LEU A 487 -13.55 12.12 -14.24
C LEU A 487 -13.07 11.72 -15.63
N SER A 488 -12.34 12.63 -16.24
CA SER A 488 -11.73 12.36 -17.53
C SER A 488 -10.30 11.88 -17.35
N SER A 489 -9.80 11.24 -18.41
CA SER A 489 -8.44 10.73 -18.37
C SER A 489 -7.42 11.87 -18.26
N TYR A 490 -7.71 13.02 -18.87
CA TYR A 490 -6.85 14.19 -18.79
C TYR A 490 -7.46 15.20 -17.84
N PRO A 491 -6.80 15.52 -16.74
CA PRO A 491 -7.47 16.22 -15.64
C PRO A 491 -7.68 17.70 -15.92
N ILE A 492 -8.73 18.23 -15.29
CA ILE A 492 -9.01 19.65 -15.23
C ILE A 492 -9.13 20.01 -13.75
N SER A 493 -8.47 21.08 -13.32
CA SER A 493 -8.55 21.48 -11.93
C SER A 493 -10.00 21.72 -11.57
N THR A 494 -10.58 20.88 -10.70
CA THR A 494 -11.94 21.12 -10.22
C THR A 494 -11.91 21.34 -8.71
N ASN A 495 -12.81 22.20 -8.24
CA ASN A 495 -12.97 22.47 -6.83
C ASN A 495 -14.45 22.36 -6.44
N ILE A 496 -14.70 21.70 -5.31
CA ILE A 496 -16.05 21.50 -4.82
C ILE A 496 -16.18 22.23 -3.49
N ASN A 497 -17.14 23.15 -3.43
CA ASN A 497 -17.53 23.75 -2.16
C ASN A 497 -18.64 22.92 -1.54
N LEU A 498 -18.33 22.25 -0.43
CA LEU A 498 -19.28 21.34 0.18
C LEU A 498 -20.35 22.09 0.96
N SER A 499 -21.60 21.69 0.74
CA SER A 499 -22.72 22.12 1.55
C SER A 499 -22.89 21.17 2.72
N LYS A 500 -24.00 21.24 3.45
CA LYS A 500 -24.09 20.36 4.60
C LYS A 500 -24.53 18.97 4.18
N ASP A 501 -25.79 18.81 3.78
CA ASP A 501 -26.24 17.46 3.50
C ASP A 501 -26.21 17.14 2.01
N ASP A 502 -25.09 17.35 1.34
CA ASP A 502 -25.04 16.97 -0.05
C ASP A 502 -24.12 15.75 -0.22
N LEU A 503 -24.40 14.98 -1.26
CA LEU A 503 -23.79 13.69 -1.51
C LEU A 503 -22.98 13.78 -2.78
N TRP A 504 -21.67 13.61 -2.70
CA TRP A 504 -20.84 13.70 -3.88
C TRP A 504 -20.39 12.31 -4.33
N ILE A 505 -20.65 11.98 -5.59
CA ILE A 505 -20.25 10.73 -6.22
C ILE A 505 -19.22 11.03 -7.29
N PHE A 506 -18.14 10.28 -7.28
CA PHE A 506 -17.09 10.42 -8.28
C PHE A 506 -16.92 9.08 -8.97
N ASN A 507 -17.49 8.94 -10.15
CA ASN A 507 -17.23 7.75 -10.93
C ASN A 507 -15.94 7.94 -11.72
N ILE A 508 -15.04 6.99 -11.53
CA ILE A 508 -13.64 7.14 -11.88
C ILE A 508 -13.34 6.19 -13.02
N ASP A 509 -14.38 5.84 -13.80
CA ASP A 509 -14.22 4.78 -14.80
C ASP A 509 -13.13 5.12 -15.80
N ASN A 510 -12.98 6.40 -16.14
CA ASN A 510 -11.95 6.74 -17.11
C ASN A 510 -10.59 6.90 -16.44
N GLU A 511 -10.57 7.25 -15.15
CA GLU A 511 -9.28 7.41 -14.49
C GLU A 511 -8.65 6.07 -14.13
N VAL A 512 -9.40 4.98 -14.24
CA VAL A 512 -8.94 3.71 -13.69
C VAL A 512 -9.05 2.64 -14.78
N ARG A 513 -9.28 3.07 -16.01
CA ARG A 513 -9.25 2.18 -17.17
C ARG A 513 -8.43 2.79 -18.30
N GLU A 514 -7.61 1.93 -18.92
CA GLU A 514 -6.85 2.36 -20.10
C GLU A 514 -7.80 2.96 -21.11
N ILE A 515 -7.46 4.17 -21.56
CA ILE A 515 -8.35 4.93 -22.42
C ILE A 515 -7.83 4.87 -23.85
N SER A 516 -8.73 5.16 -24.78
CA SER A 516 -8.39 5.08 -26.19
C SER A 516 -9.35 5.95 -26.98
N ILE A 517 -8.83 6.59 -28.02
CA ILE A 517 -9.57 7.60 -28.76
C ILE A 517 -9.53 7.19 -30.23
N GLU A 518 -10.62 6.58 -30.69
CA GLU A 518 -10.68 5.91 -31.98
C GLU A 518 -11.64 6.71 -32.84
N ASN A 519 -11.11 7.41 -33.87
CA ASN A 519 -11.89 8.38 -34.62
C ASN A 519 -12.39 9.49 -33.69
N GLY A 520 -11.60 9.75 -32.63
CA GLY A 520 -11.86 10.87 -31.78
C GLY A 520 -12.94 10.69 -30.74
N THR A 521 -13.45 9.47 -30.57
CA THR A 521 -14.49 9.17 -29.59
C THR A 521 -13.96 8.27 -28.50
N ILE A 522 -14.47 8.47 -27.28
CA ILE A 522 -13.84 7.95 -26.07
C ILE A 522 -14.43 6.59 -25.71
N LYS A 523 -13.64 5.55 -25.89
CA LYS A 523 -13.99 4.19 -25.49
C LYS A 523 -13.05 3.80 -24.36
N LYS A 524 -13.61 3.15 -23.33
CA LYS A 524 -12.86 2.65 -22.17
C LYS A 524 -12.31 1.26 -22.48
N GLY A 525 -11.26 0.88 -21.78
CA GLY A 525 -10.64 -0.39 -22.10
C GLY A 525 -10.25 -1.24 -20.91
N LYS A 526 -9.00 -1.69 -20.90
CA LYS A 526 -8.46 -2.53 -19.83
C LYS A 526 -8.53 -1.81 -18.49
N LEU A 527 -8.36 -2.59 -17.43
CA LEU A 527 -8.25 -2.04 -16.09
C LEU A 527 -6.77 -1.88 -15.81
N ILE A 528 -6.39 -0.73 -15.34
CA ILE A 528 -4.99 -0.32 -15.27
C ILE A 528 -4.35 -0.68 -13.93
N LYS A 529 -3.21 -1.38 -13.99
CA LYS A 529 -2.59 -1.95 -12.80
C LYS A 529 -2.14 -0.85 -11.82
N ASP A 530 -2.52 -1.00 -10.56
CA ASP A 530 -2.00 -0.19 -9.45
C ASP A 530 -2.30 1.32 -9.57
N VAL A 531 -3.51 1.70 -10.00
CA VAL A 531 -3.87 3.12 -10.04
C VAL A 531 -4.24 3.62 -8.66
N LEU A 532 -5.04 2.83 -7.96
CA LEU A 532 -5.50 3.12 -6.62
C LEU A 532 -4.51 2.64 -5.58
N SER A 533 -3.23 2.58 -5.94
CA SER A 533 -2.20 2.27 -4.98
C SER A 533 -2.10 3.34 -3.91
N LYS A 534 -1.95 4.60 -4.31
CA LYS A 534 -1.98 5.71 -3.38
C LYS A 534 -3.25 6.52 -3.63
N ILE A 535 -4.05 6.68 -2.59
CA ILE A 535 -5.17 7.60 -2.60
C ILE A 535 -4.87 8.60 -1.50
N ASP A 536 -4.49 9.83 -1.86
CA ASP A 536 -4.24 10.85 -0.84
C ASP A 536 -5.57 11.44 -0.39
N ILE A 537 -5.96 11.17 0.84
CA ILE A 537 -7.23 11.66 1.39
C ILE A 537 -6.91 12.69 2.46
N ASN A 538 -7.48 13.88 2.30
CA ASN A 538 -7.16 15.01 3.15
C ASN A 538 -8.41 15.84 3.37
N LYS A 539 -8.44 16.56 4.48
CA LYS A 539 -9.64 17.26 4.92
C LYS A 539 -10.28 18.05 3.78
N ASN A 540 -9.44 18.52 2.83
CA ASN A 540 -9.92 19.35 1.72
C ASN A 540 -9.30 19.01 0.36
N LYS A 541 -8.73 17.81 0.19
CA LYS A 541 -8.06 17.46 -1.07
C LYS A 541 -8.04 15.95 -1.25
N LEU A 542 -8.62 15.47 -2.34
CA LEU A 542 -8.55 14.07 -2.72
C LEU A 542 -7.71 13.94 -3.98
N ILE A 543 -6.90 12.90 -4.04
CA ILE A 543 -6.04 12.63 -5.18
C ILE A 543 -6.33 11.21 -5.66
N ILE A 544 -7.02 11.09 -6.80
CA ILE A 544 -7.36 9.81 -7.40
C ILE A 544 -6.55 9.72 -8.67
N GLY A 545 -5.52 8.91 -8.67
CA GLY A 545 -4.74 8.82 -9.89
C GLY A 545 -4.13 10.17 -10.25
N ASN A 546 -4.47 10.67 -11.45
CA ASN A 546 -3.96 11.96 -11.93
C ASN A 546 -4.88 13.11 -11.58
N GLN A 547 -6.13 12.83 -11.21
CA GLN A 547 -7.09 13.87 -10.88
C GLN A 547 -6.93 14.34 -9.43
N THR A 548 -7.05 15.64 -9.21
CA THR A 548 -7.04 16.21 -7.87
C THR A 548 -8.32 17.00 -7.67
N ILE A 549 -9.14 16.57 -6.72
CA ILE A 549 -10.29 17.35 -6.31
C ILE A 549 -9.90 18.17 -5.09
N ASP A 550 -10.17 19.47 -5.14
CA ASP A 550 -10.05 20.36 -3.99
C ASP A 550 -11.43 20.65 -3.41
N PHE A 551 -11.50 20.70 -2.07
CA PHE A 551 -12.74 20.93 -1.34
C PHE A 551 -12.65 22.19 -0.50
N SER A 552 -13.77 22.89 -0.42
CA SER A 552 -13.94 24.06 0.43
C SER A 552 -15.34 24.01 1.00
N GLY A 553 -15.68 24.99 1.82
CA GLY A 553 -17.00 24.97 2.42
C GLY A 553 -16.98 24.16 3.67
N ASP A 554 -17.99 23.32 3.87
CA ASP A 554 -18.22 22.65 5.14
C ASP A 554 -17.24 21.48 5.34
N ILE A 555 -15.94 21.80 5.37
CA ILE A 555 -14.94 20.75 5.21
C ILE A 555 -14.57 20.07 6.51
N ASP A 556 -15.11 20.50 7.63
CA ASP A 556 -14.86 19.78 8.88
C ASP A 556 -15.99 18.84 9.27
N ASN A 557 -17.03 18.75 8.46
CA ASN A 557 -18.13 17.87 8.78
C ASN A 557 -17.59 16.44 8.95
N LYS A 558 -17.53 15.98 10.20
CA LYS A 558 -16.94 14.69 10.52
C LYS A 558 -17.79 13.53 9.98
N ASP A 559 -19.07 13.79 9.72
CA ASP A 559 -20.04 12.78 9.33
C ASP A 559 -20.08 12.50 7.83
N ARG A 560 -19.65 13.43 6.97
CA ARG A 560 -19.83 13.25 5.54
C ARG A 560 -19.00 12.11 4.99
N TYR A 561 -19.59 11.38 4.04
CA TYR A 561 -18.86 10.41 3.24
C TYR A 561 -19.01 10.82 1.79
N ILE A 562 -17.91 10.90 1.10
CA ILE A 562 -17.89 11.08 -0.33
C ILE A 562 -17.67 9.72 -0.97
N PHE A 563 -18.21 9.50 -2.16
CA PHE A 563 -18.16 8.18 -2.78
C PHE A 563 -17.41 8.20 -4.11
N LEU A 564 -16.49 7.25 -4.25
CA LEU A 564 -15.83 6.90 -5.50
C LEU A 564 -16.48 5.63 -6.03
N THR A 565 -16.77 5.59 -7.33
CA THR A 565 -17.39 4.41 -7.90
C THR A 565 -16.86 4.14 -9.30
N CYS A 566 -17.06 2.91 -9.74
CA CYS A 566 -16.63 2.46 -11.06
C CYS A 566 -17.27 1.10 -11.31
N GLU A 567 -17.24 0.65 -12.57
CA GLU A 567 -17.99 -0.51 -13.01
C GLU A 567 -16.99 -1.60 -13.36
N LEU A 568 -16.94 -2.67 -12.56
CA LEU A 568 -15.97 -3.73 -12.83
C LEU A 568 -16.43 -4.68 -13.90
N ASP A 569 -17.74 -4.71 -14.15
CA ASP A 569 -18.43 -5.75 -14.92
C ASP A 569 -19.67 -5.12 -15.48
N ASP A 570 -20.32 -5.90 -16.33
CA ASP A 570 -21.64 -5.54 -16.81
C ASP A 570 -22.61 -5.36 -15.63
N LYS A 571 -22.45 -6.19 -14.60
CA LYS A 571 -23.41 -6.24 -13.51
C LYS A 571 -22.81 -6.00 -12.13
N ILE A 572 -21.49 -5.85 -12.00
CA ILE A 572 -20.84 -5.61 -10.70
C ILE A 572 -20.19 -4.22 -10.64
N SER A 573 -20.52 -3.47 -9.58
CA SER A 573 -20.07 -2.11 -9.37
C SER A 573 -19.26 -2.04 -8.08
N LEU A 574 -18.21 -1.23 -8.11
CA LEU A 574 -17.39 -0.98 -6.95
C LEU A 574 -17.66 0.42 -6.48
N ILE A 575 -17.81 0.58 -5.16
CA ILE A 575 -17.96 1.87 -4.51
C ILE A 575 -16.87 2.01 -3.47
N ILE A 576 -16.04 3.04 -3.62
CA ILE A 576 -15.02 3.34 -2.64
C ILE A 576 -15.57 4.44 -1.75
N GLU A 577 -15.61 4.16 -0.45
CA GLU A 577 -16.31 5.00 0.52
C GLU A 577 -15.27 5.79 1.30
N ILE A 578 -15.29 7.11 1.11
CA ILE A 578 -14.22 8.00 1.57
C ILE A 578 -14.80 8.96 2.60
N ASN A 579 -14.11 9.09 3.74
CA ASN A 579 -14.40 10.12 4.73
C ASN A 579 -13.25 11.13 4.67
N LEU A 580 -13.55 12.36 4.23
CA LEU A 580 -12.46 13.29 4.06
C LEU A 580 -11.77 13.59 5.39
N VAL A 581 -12.55 13.79 6.44
CA VAL A 581 -11.95 14.26 7.70
C VAL A 581 -11.22 13.13 8.39
N ALA A 582 -11.81 11.94 8.41
CA ALA A 582 -11.11 10.85 9.06
C ALA A 582 -10.01 10.25 8.17
N LYS A 583 -9.66 10.95 7.09
CA LYS A 583 -8.56 10.58 6.18
C LYS A 583 -8.50 9.08 5.89
N SER A 584 -9.67 8.51 5.54
CA SER A 584 -9.82 7.06 5.45
C SER A 584 -10.88 6.66 4.43
N TYR A 585 -10.67 5.48 3.83
CA TYR A 585 -11.53 4.96 2.79
C TYR A 585 -11.82 3.48 3.01
N SER A 586 -12.98 3.04 2.54
CA SER A 586 -13.41 1.65 2.69
C SER A 586 -14.03 1.13 1.40
N LEU A 587 -13.98 -0.19 1.21
CA LEU A 587 -14.48 -0.87 0.02
C LEU A 587 -15.86 -1.53 0.19
N LEU A 588 -16.58 -1.61 -0.94
CA LEU A 588 -17.95 -2.11 -0.96
C LEU A 588 -18.35 -2.47 -2.39
N LEU A 589 -18.99 -3.63 -2.57
CA LEU A 589 -19.37 -4.16 -3.88
C LEU A 589 -20.88 -4.33 -3.96
N SER A 590 -21.46 -3.94 -5.10
CA SER A 590 -22.90 -3.99 -5.28
C SER A 590 -23.25 -4.64 -6.61
N GLY A 591 -24.18 -5.59 -6.58
CA GLY A 591 -24.56 -6.34 -7.75
C GLY A 591 -25.29 -7.60 -7.37
N ASP A 592 -25.96 -8.19 -8.35
CA ASP A 592 -26.61 -9.49 -8.19
C ASP A 592 -25.82 -10.45 -7.30
N LYS A 593 -26.50 -11.00 -6.29
CA LYS A 593 -25.81 -11.87 -5.32
C LYS A 593 -25.29 -13.13 -5.99
N ASN A 594 -26.14 -13.80 -6.77
CA ASN A 594 -25.71 -15.04 -7.34
C ASN A 594 -24.63 -14.83 -8.38
N TYR A 595 -24.67 -13.71 -9.11
CA TYR A 595 -23.57 -13.41 -10.02
C TYR A 595 -22.26 -13.21 -9.25
N LEU A 596 -22.22 -12.27 -8.31
CA LEU A 596 -20.98 -11.95 -7.64
C LEU A 596 -20.29 -13.19 -7.07
N ILE A 597 -21.07 -14.11 -6.48
CA ILE A 597 -20.47 -15.30 -5.88
C ILE A 597 -19.83 -16.14 -6.96
N SER A 598 -20.51 -16.30 -8.10
CA SER A 598 -19.96 -17.11 -9.19
C SER A 598 -18.65 -16.53 -9.70
N ASN A 599 -18.50 -15.21 -9.67
CA ASN A 599 -17.31 -14.51 -10.13
C ASN A 599 -16.52 -13.87 -9.01
N LEU A 600 -16.69 -14.37 -7.79
CA LEU A 600 -15.99 -13.76 -6.67
C LEU A 600 -14.49 -13.92 -6.81
N SER A 601 -14.05 -15.07 -7.32
CA SER A 601 -12.62 -15.27 -7.53
C SER A 601 -12.08 -14.20 -8.47
N ASN A 602 -12.80 -13.96 -9.57
CA ASN A 602 -12.41 -13.05 -10.63
C ASN A 602 -12.57 -11.56 -10.24
N THR A 603 -13.71 -11.17 -9.63
CA THR A 603 -13.87 -9.75 -9.38
C THR A 603 -13.06 -9.27 -8.18
N ILE A 604 -12.54 -10.19 -7.38
CA ILE A 604 -11.55 -9.83 -6.37
C ILE A 604 -10.22 -9.47 -7.03
N GLU A 605 -9.81 -10.24 -8.05
CA GLU A 605 -8.52 -9.96 -8.67
C GLU A 605 -8.51 -8.61 -9.37
N LYS A 606 -9.68 -8.16 -9.84
CA LYS A 606 -9.80 -6.79 -10.36
C LYS A 606 -9.51 -5.76 -9.28
N ILE A 607 -9.99 -6.01 -8.07
CA ILE A 607 -9.69 -5.09 -6.97
C ILE A 607 -8.20 -5.04 -6.70
N ASN A 608 -7.54 -6.21 -6.66
CA ASN A 608 -6.11 -6.25 -6.40
C ASN A 608 -5.34 -5.54 -7.50
N THR A 609 -5.79 -5.72 -8.75
CA THR A 609 -5.11 -5.07 -9.87
C THR A 609 -5.12 -3.57 -9.68
N LEU A 610 -6.28 -3.01 -9.33
CA LEU A 610 -6.35 -1.62 -8.95
C LEU A 610 -5.35 -1.25 -7.87
N GLY A 611 -4.79 -2.24 -7.17
CA GLY A 611 -3.86 -1.94 -6.10
C GLY A 611 -4.55 -1.45 -4.86
N LEU A 612 -5.83 -1.75 -4.71
CA LEU A 612 -6.51 -1.46 -3.47
C LEU A 612 -6.09 -2.52 -2.46
N ASP A 613 -5.82 -2.10 -1.24
CA ASP A 613 -5.21 -2.99 -0.26
C ASP A 613 -6.21 -3.55 0.73
N SER A 614 -7.41 -2.96 0.80
CA SER A 614 -8.39 -3.25 1.84
C SER A 614 -8.58 -4.75 1.99
N LYS A 615 -8.55 -5.20 3.23
CA LYS A 615 -8.52 -6.63 3.43
C LYS A 615 -9.92 -7.23 3.62
N ASN A 616 -10.94 -6.38 3.80
CA ASN A 616 -12.32 -6.86 3.83
C ASN A 616 -13.20 -5.92 3.02
N ILE A 617 -14.19 -6.51 2.34
CA ILE A 617 -15.09 -5.82 1.44
C ILE A 617 -16.53 -6.07 1.89
N ALA A 618 -17.34 -5.03 1.90
CA ALA A 618 -18.75 -5.14 2.28
C ALA A 618 -19.64 -5.35 1.06
N TYR A 619 -20.74 -6.10 1.22
CA TYR A 619 -21.67 -6.36 0.12
C TYR A 619 -23.01 -5.72 0.40
N ASN A 620 -23.51 -4.91 -0.54
CA ASN A 620 -24.72 -4.10 -0.33
C ASN A 620 -25.40 -3.88 -1.67
N TYR A 621 -26.50 -4.58 -1.91
CA TYR A 621 -27.10 -4.59 -3.24
C TYR A 621 -28.60 -4.60 -3.11
N THR A 622 -29.26 -3.92 -4.04
CA THR A 622 -30.72 -3.85 -4.06
C THR A 622 -31.18 -4.23 -5.46
N ASP A 623 -32.06 -5.21 -5.56
CA ASP A 623 -32.40 -5.70 -6.89
C ASP A 623 -33.56 -4.90 -7.47
N GLU A 624 -33.85 -5.19 -8.74
CA GLU A 624 -34.90 -4.51 -9.47
C GLU A 624 -36.24 -4.66 -8.76
N SER A 625 -36.41 -5.73 -7.98
CA SER A 625 -37.64 -6.02 -7.28
C SER A 625 -37.64 -5.46 -5.85
N ASN A 626 -36.57 -4.75 -5.47
CA ASN A 626 -36.41 -3.98 -4.22
C ASN A 626 -36.15 -4.84 -2.97
N ASN A 627 -35.38 -5.93 -3.12
CA ASN A 627 -34.96 -6.71 -1.96
C ASN A 627 -33.49 -6.48 -1.67
N LYS A 628 -33.18 -6.06 -0.45
CA LYS A 628 -31.83 -5.74 -0.06
C LYS A 628 -31.02 -7.00 0.27
N TYR A 629 -29.77 -7.02 -0.18
CA TYR A 629 -28.80 -8.05 0.16
C TYR A 629 -27.59 -7.41 0.82
N PHE A 630 -27.03 -8.09 1.81
CA PHE A 630 -25.99 -7.55 2.66
C PHE A 630 -24.95 -8.62 2.91
N GLY A 631 -23.72 -8.20 3.16
CA GLY A 631 -22.70 -9.22 3.32
C GLY A 631 -21.36 -8.58 3.53
N ALA A 632 -20.36 -9.45 3.63
CA ALA A 632 -18.98 -9.02 3.82
C ALA A 632 -18.06 -10.12 3.29
N ILE A 633 -16.99 -9.71 2.62
CA ILE A 633 -16.07 -10.60 1.90
C ILE A 633 -14.67 -10.41 2.44
N SER A 634 -14.00 -11.51 2.80
CA SER A 634 -12.56 -11.44 3.08
C SER A 634 -11.84 -11.53 1.74
N LYS A 635 -11.01 -10.54 1.45
CA LYS A 635 -10.22 -10.56 0.22
C LYS A 635 -9.26 -11.73 0.21
N THR A 636 -8.48 -11.86 1.28
CA THR A 636 -7.32 -12.75 1.31
C THR A 636 -7.70 -14.21 1.08
N SER A 637 -8.82 -14.68 1.64
CA SER A 637 -9.22 -16.08 1.55
C SER A 637 -10.56 -16.30 0.86
N GLN A 638 -11.26 -15.23 0.49
CA GLN A 638 -12.49 -15.30 -0.31
C GLN A 638 -13.62 -16.02 0.39
N LYS A 639 -13.63 -15.96 1.71
CA LYS A 639 -14.75 -16.41 2.52
C LYS A 639 -15.76 -15.28 2.66
N SER A 640 -17.03 -15.56 2.36
CA SER A 640 -18.07 -14.53 2.38
C SER A 640 -19.29 -14.95 3.21
N ILE A 641 -19.89 -13.98 3.91
CA ILE A 641 -21.16 -14.15 4.64
C ILE A 641 -22.19 -13.26 3.99
N ILE A 642 -23.33 -13.84 3.64
CA ILE A 642 -24.41 -13.12 2.98
C ILE A 642 -25.66 -13.21 3.83
N HIS A 643 -26.33 -12.07 4.03
CA HIS A 643 -27.58 -12.05 4.77
C HIS A 643 -28.66 -11.32 3.99
N TYR A 644 -29.88 -11.87 4.00
CA TYR A 644 -31.02 -11.24 3.36
C TYR A 644 -32.30 -11.88 3.88
N LYS A 645 -33.45 -11.25 3.54
CA LYS A 645 -34.78 -11.79 3.83
C LYS A 645 -35.48 -12.26 2.55
N LYS A 646 -36.32 -13.29 2.68
CA LYS A 646 -37.14 -13.84 1.58
C LYS A 646 -38.41 -14.46 2.15
N ASP A 647 -39.58 -13.91 1.76
CA ASP A 647 -40.88 -14.32 2.30
C ASP A 647 -40.86 -14.19 3.81
N SER A 648 -40.24 -13.12 4.28
CA SER A 648 -40.08 -12.82 5.70
C SER A 648 -39.21 -13.84 6.43
N LYS A 649 -38.61 -14.80 5.75
CA LYS A 649 -37.65 -15.66 6.43
C LYS A 649 -36.28 -14.96 6.46
N ASN A 650 -35.46 -15.29 7.45
CA ASN A 650 -34.10 -14.76 7.54
C ASN A 650 -33.17 -15.75 6.85
N ILE A 651 -32.41 -15.29 5.87
CA ILE A 651 -31.48 -16.17 5.17
C ILE A 651 -30.03 -15.83 5.56
N LEU A 652 -29.21 -16.87 5.68
CA LEU A 652 -27.77 -16.77 5.92
C LEU A 652 -27.09 -17.76 4.99
N GLU A 653 -26.21 -17.26 4.14
CA GLU A 653 -25.37 -18.09 3.30
C GLU A 653 -23.92 -17.74 3.57
N PHE A 654 -23.13 -18.76 3.88
CA PHE A 654 -21.69 -18.65 4.01
C PHE A 654 -21.11 -19.35 2.80
N TYR A 655 -20.30 -18.62 2.03
CA TYR A 655 -19.66 -19.14 0.82
C TYR A 655 -18.17 -19.21 1.10
N ASN A 656 -17.53 -20.31 0.69
CA ASN A 656 -16.07 -20.35 0.61
C ASN A 656 -15.70 -20.33 -0.88
N ASP A 657 -15.49 -19.13 -1.40
CA ASP A 657 -14.84 -18.97 -2.69
C ASP A 657 -15.69 -19.58 -3.79
N SER A 658 -16.92 -19.06 -3.90
CA SER A 658 -17.95 -19.38 -4.87
C SER A 658 -18.68 -20.71 -4.62
N THR A 659 -18.23 -21.54 -3.68
CA THR A 659 -18.94 -22.76 -3.33
C THR A 659 -19.58 -22.62 -1.95
N LEU A 660 -20.77 -23.18 -1.80
CA LEU A 660 -21.65 -22.87 -0.68
C LEU A 660 -21.31 -23.76 0.51
N GLU A 661 -20.76 -23.17 1.57
CA GLU A 661 -20.34 -23.98 2.70
C GLU A 661 -21.46 -24.22 3.70
N PHE A 662 -22.03 -23.17 4.27
CA PHE A 662 -23.13 -23.28 5.22
C PHE A 662 -24.36 -22.55 4.68
N ASN A 663 -25.54 -23.16 4.76
CA ASN A 663 -26.75 -22.53 4.27
C ASN A 663 -27.89 -22.73 5.26
N SER A 664 -28.32 -21.67 5.92
CA SER A 664 -29.50 -21.74 6.77
C SER A 664 -30.65 -21.00 6.10
N LYS A 665 -31.65 -21.75 5.62
CA LYS A 665 -32.76 -21.17 4.89
C LYS A 665 -33.80 -20.50 5.79
N ASP A 666 -33.72 -20.68 7.12
CA ASP A 666 -34.60 -19.97 8.06
C ASP A 666 -33.88 -19.81 9.40
N PHE A 667 -33.23 -18.66 9.57
CA PHE A 667 -32.43 -18.30 10.73
C PHE A 667 -33.34 -17.65 11.75
N ILE A 668 -33.60 -18.33 12.86
CA ILE A 668 -34.68 -17.89 13.78
C ILE A 668 -34.03 -17.00 14.82
N ALA A 669 -33.75 -15.77 14.43
CA ALA A 669 -33.10 -14.81 15.29
C ALA A 669 -33.64 -13.44 14.98
N GLU A 670 -33.67 -12.61 16.01
CA GLU A 670 -34.00 -11.21 15.89
C GLU A 670 -32.74 -10.41 16.18
N ASP A 671 -32.70 -9.18 15.68
CA ASP A 671 -31.64 -8.25 16.05
C ASP A 671 -30.29 -8.70 15.48
N ILE A 672 -30.29 -9.11 14.20
CA ILE A 672 -29.12 -9.75 13.59
C ILE A 672 -28.05 -8.71 13.28
N ASN A 673 -26.79 -9.07 13.52
CA ASN A 673 -25.66 -8.26 13.08
C ASN A 673 -24.58 -9.18 12.53
N VAL A 674 -23.80 -8.66 11.58
CA VAL A 674 -22.78 -9.43 10.87
C VAL A 674 -21.51 -8.60 10.76
N PHE A 675 -20.37 -9.21 11.07
CA PHE A 675 -19.10 -8.50 10.93
C PHE A 675 -17.98 -9.49 10.68
N MET A 676 -16.83 -8.96 10.30
CA MET A 676 -15.70 -9.76 9.86
C MET A 676 -14.48 -9.24 10.59
N LYS A 677 -13.73 -10.16 11.22
CA LYS A 677 -12.44 -9.84 11.80
C LYS A 677 -11.39 -10.62 11.03
N ASP A 678 -10.51 -9.89 10.34
CA ASP A 678 -9.62 -10.48 9.34
C ASP A 678 -10.50 -11.33 8.41
N ASP A 679 -10.31 -12.64 8.38
CA ASP A 679 -11.15 -13.50 7.56
C ASP A 679 -12.11 -14.35 8.38
N ILE A 680 -12.39 -13.96 9.64
CA ILE A 680 -13.36 -14.64 10.48
C ILE A 680 -14.67 -13.88 10.42
N ASN A 681 -15.77 -14.60 10.29
CA ASN A 681 -17.09 -13.99 10.30
C ASN A 681 -17.73 -14.17 11.68
N THR A 682 -18.51 -13.18 12.07
CA THR A 682 -19.27 -13.28 13.28
C THR A 682 -20.64 -12.73 13.02
N ILE A 683 -21.65 -13.44 13.52
CA ILE A 683 -23.04 -13.05 13.46
C ILE A 683 -23.57 -13.05 14.88
N THR A 684 -24.21 -11.95 15.27
CA THR A 684 -24.79 -11.86 16.60
C THR A 684 -26.27 -11.58 16.46
N GLY A 685 -27.03 -11.97 17.49
CA GLY A 685 -28.46 -11.74 17.52
C GLY A 685 -29.08 -12.22 18.82
N LYS A 686 -30.41 -12.07 18.90
CA LYS A 686 -31.22 -12.56 20.01
C LYS A 686 -31.91 -13.82 19.56
N TYR A 687 -31.91 -14.83 20.44
CA TYR A 687 -32.67 -16.05 20.25
C TYR A 687 -33.61 -16.21 21.43
N TYR A 688 -34.88 -16.48 21.12
CA TYR A 688 -35.93 -16.65 22.13
C TYR A 688 -36.12 -18.14 22.41
N VAL A 689 -35.66 -18.60 23.57
CA VAL A 689 -35.67 -20.04 23.81
C VAL A 689 -37.11 -20.49 23.99
N ASP A 690 -37.45 -21.64 23.39
CA ASP A 690 -38.81 -22.16 23.33
C ASP A 690 -39.77 -21.11 22.79
N ASN A 691 -39.26 -20.29 21.89
CA ASN A 691 -39.96 -19.16 21.27
C ASN A 691 -40.72 -18.32 22.27
N ASN A 692 -40.32 -18.36 23.54
CA ASN A 692 -40.95 -17.55 24.57
C ASN A 692 -40.38 -16.14 24.53
N THR A 693 -41.23 -15.18 24.20
CA THR A 693 -40.81 -13.79 24.12
C THR A 693 -40.21 -13.27 25.42
N ASP A 694 -40.22 -14.08 26.49
CA ASP A 694 -39.66 -13.70 27.77
C ASP A 694 -38.35 -14.40 28.08
N LYS A 695 -37.80 -15.14 27.14
CA LYS A 695 -36.58 -15.95 27.40
C LYS A 695 -35.57 -15.70 26.28
N SER A 696 -34.84 -14.58 26.35
CA SER A 696 -33.96 -14.18 25.26
C SER A 696 -32.54 -14.57 25.63
N ILE A 697 -31.93 -15.40 24.82
CA ILE A 697 -30.50 -15.62 24.94
C ILE A 697 -29.85 -14.81 23.84
N ASP A 698 -28.64 -14.32 24.07
CA ASP A 698 -27.97 -13.50 23.07
C ASP A 698 -26.69 -14.19 22.66
N PHE A 699 -26.46 -14.27 21.35
CA PHE A 699 -25.50 -15.22 20.83
C PHE A 699 -24.47 -14.56 19.94
N SER A 700 -23.30 -15.19 19.89
CA SER A 700 -22.25 -14.78 18.97
C SER A 700 -21.71 -16.05 18.36
N ILE A 701 -21.70 -16.08 17.04
CA ILE A 701 -21.68 -17.29 16.25
C ILE A 701 -20.71 -17.07 15.10
N SER A 702 -19.82 -18.03 14.86
CA SER A 702 -18.99 -18.01 13.66
C SER A 702 -19.26 -19.29 12.88
N LEU A 703 -19.70 -19.14 11.64
CA LEU A 703 -19.96 -20.26 10.75
C LEU A 703 -18.63 -20.84 10.25
N VAL A 704 -18.47 -22.16 10.30
CA VAL A 704 -17.18 -22.72 9.86
C VAL A 704 -17.29 -23.74 8.73
N SER A 705 -18.02 -24.81 8.94
CA SER A 705 -18.18 -25.89 8.00
C SER A 705 -19.66 -26.03 7.69
N LYS A 706 -19.97 -26.92 6.72
CA LYS A 706 -21.38 -27.16 6.36
C LYS A 706 -22.24 -27.47 7.58
N ASN A 707 -21.71 -28.29 8.47
CA ASN A 707 -22.47 -28.81 9.59
C ASN A 707 -21.73 -28.59 10.89
N GLN A 708 -21.27 -27.35 11.10
CA GLN A 708 -20.42 -27.02 12.24
C GLN A 708 -20.45 -25.51 12.43
N VAL A 709 -20.71 -25.06 13.65
CA VAL A 709 -20.92 -23.65 13.97
C VAL A 709 -20.25 -23.38 15.32
N LYS A 710 -19.48 -22.31 15.41
CA LYS A 710 -18.70 -22.01 16.60
C LYS A 710 -19.39 -20.97 17.44
N VAL A 711 -19.51 -21.23 18.73
CA VAL A 711 -20.20 -20.34 19.66
C VAL A 711 -19.13 -19.61 20.46
N ASN A 712 -18.99 -18.31 20.27
CA ASN A 712 -17.97 -17.65 21.06
C ASN A 712 -18.56 -16.72 22.10
N GLY A 713 -19.89 -16.76 22.29
CA GLY A 713 -20.48 -16.09 23.42
C GLY A 713 -21.98 -16.18 23.55
N LEU A 714 -22.48 -16.29 24.79
CA LEU A 714 -23.90 -16.25 25.07
C LEU A 714 -24.16 -15.32 26.24
N TYR A 715 -25.09 -14.37 26.08
CA TYR A 715 -25.55 -13.52 27.18
C TYR A 715 -26.96 -13.92 27.54
N LEU A 716 -27.16 -14.37 28.78
CA LEU A 716 -28.46 -14.84 29.22
C LEU A 716 -29.17 -13.76 30.01
N ASN A 717 -30.42 -13.49 29.63
CA ASN A 717 -31.22 -12.56 30.41
C ASN A 717 -31.60 -13.22 31.73
N GLU A 718 -32.38 -12.50 32.55
CA GLU A 718 -32.65 -12.96 33.91
C GLU A 718 -33.28 -14.34 33.90
N SER A 719 -34.24 -14.57 33.00
CA SER A 719 -34.99 -15.82 33.05
C SER A 719 -34.12 -17.00 32.67
N VAL A 720 -33.31 -16.86 31.62
CA VAL A 720 -32.56 -18.03 31.14
C VAL A 720 -31.43 -18.37 32.08
N TYR A 721 -30.76 -17.35 32.64
CA TYR A 721 -29.64 -17.67 33.52
C TYR A 721 -30.14 -18.46 34.73
N SER A 722 -31.33 -18.10 35.25
CA SER A 722 -31.90 -18.86 36.36
C SER A 722 -32.23 -20.29 35.94
N SER A 723 -32.76 -20.48 34.74
CA SER A 723 -32.87 -21.83 34.22
C SER A 723 -31.49 -22.43 34.02
N TYR A 724 -30.54 -21.61 33.61
CA TYR A 724 -29.21 -22.16 33.36
C TYR A 724 -28.60 -22.64 34.67
N LEU A 725 -28.70 -21.83 35.73
CA LEU A 725 -28.14 -22.23 37.03
C LEU A 725 -28.76 -23.52 37.53
N ASP A 726 -30.07 -23.72 37.28
CA ASP A 726 -30.71 -25.00 37.61
C ASP A 726 -29.99 -26.14 36.91
N PHE A 727 -29.73 -25.94 35.62
CA PHE A 727 -29.06 -26.97 34.86
C PHE A 727 -27.66 -27.24 35.41
N VAL A 728 -26.97 -26.18 35.84
CA VAL A 728 -25.64 -26.33 36.44
C VAL A 728 -25.74 -27.11 37.76
N LYS A 729 -26.71 -26.74 38.60
CA LYS A 729 -26.84 -27.34 39.93
C LYS A 729 -27.23 -28.81 39.84
N ASN A 730 -27.95 -29.22 38.80
CA ASN A 730 -28.19 -30.63 38.56
C ASN A 730 -27.26 -31.20 37.51
N SER A 731 -26.03 -30.69 37.42
CA SER A 731 -25.08 -31.19 36.46
C SER A 731 -24.52 -32.57 36.82
N ASP A 732 -24.77 -33.04 38.05
CA ASP A 732 -24.10 -34.23 38.61
C ASP A 732 -22.59 -34.07 38.60
N GLY A 733 -22.13 -32.86 38.82
CA GLY A 733 -20.72 -32.63 38.79
C GLY A 733 -20.17 -32.46 37.41
N HIS A 734 -21.05 -32.38 36.41
CA HIS A 734 -20.64 -32.13 35.03
C HIS A 734 -20.87 -30.66 34.67
N HIS A 735 -20.12 -29.80 35.34
CA HIS A 735 -20.28 -28.35 35.23
C HIS A 735 -18.95 -27.67 34.96
N ASN A 736 -18.03 -28.37 34.32
CA ASN A 736 -16.69 -27.80 34.23
C ASN A 736 -16.13 -27.76 32.82
N THR A 737 -16.27 -28.83 32.06
CA THR A 737 -15.53 -28.85 30.82
C THR A 737 -16.35 -28.21 29.72
N SER A 738 -15.66 -27.84 28.64
CA SER A 738 -16.32 -27.22 27.52
C SER A 738 -17.48 -28.05 27.04
N ASN A 739 -17.39 -29.37 27.19
CA ASN A 739 -18.43 -30.26 26.68
C ASN A 739 -19.68 -30.21 27.53
N PHE A 740 -19.55 -29.91 28.82
CA PHE A 740 -20.69 -29.45 29.61
C PHE A 740 -21.47 -28.33 28.92
N MET A 741 -20.78 -27.37 28.31
CA MET A 741 -21.51 -26.27 27.69
C MET A 741 -22.33 -26.76 26.53
N ASN A 742 -21.83 -27.75 25.79
CA ASN A 742 -22.60 -28.32 24.69
C ASN A 742 -23.91 -28.91 25.18
N LEU A 743 -23.87 -29.53 26.36
CA LEU A 743 -25.07 -30.15 26.91
C LEU A 743 -26.07 -29.10 27.35
N PHE A 744 -25.61 -27.89 27.68
CA PHE A 744 -26.56 -26.81 27.94
C PHE A 744 -27.25 -26.42 26.66
N LEU A 745 -26.48 -26.19 25.58
CA LEU A 745 -27.07 -25.84 24.30
C LEU A 745 -28.10 -26.85 23.87
N ASP A 746 -27.81 -28.13 24.13
CA ASP A 746 -28.79 -29.17 23.89
C ASP A 746 -30.05 -28.91 24.68
N ASN A 747 -29.90 -28.66 25.98
CA ASN A 747 -31.06 -28.63 26.85
C ASN A 747 -31.97 -27.47 26.47
N ILE A 748 -31.39 -26.39 25.95
CA ILE A 748 -32.15 -25.21 25.57
C ILE A 748 -32.60 -25.29 24.12
N SER A 749 -32.31 -26.40 23.43
CA SER A 749 -32.72 -26.61 22.04
C SER A 749 -32.30 -25.43 21.17
N PHE A 750 -30.99 -25.22 21.13
CA PHE A 750 -30.41 -24.08 20.43
C PHE A 750 -30.28 -24.36 18.96
N TRP A 751 -30.16 -25.64 18.58
CA TRP A 751 -30.09 -25.98 17.16
C TRP A 751 -31.24 -25.33 16.40
N LYS A 752 -32.37 -25.08 17.09
CA LYS A 752 -33.54 -24.50 16.44
C LYS A 752 -33.24 -23.15 15.82
N LEU A 753 -32.22 -22.45 16.33
CA LEU A 753 -31.76 -21.21 15.69
C LEU A 753 -31.53 -21.41 14.21
N PHE A 754 -30.98 -22.56 13.83
CA PHE A 754 -30.64 -22.83 12.44
C PHE A 754 -31.62 -23.75 11.73
N GLY A 755 -32.17 -24.75 12.41
CA GLY A 755 -33.01 -25.75 11.81
C GLY A 755 -32.41 -27.15 11.77
N PHE A 756 -31.10 -27.27 11.76
CA PHE A 756 -30.48 -28.57 11.60
C PHE A 756 -30.26 -29.13 12.99
N GLU A 757 -30.81 -30.30 13.25
CA GLU A 757 -30.81 -30.78 14.63
C GLU A 757 -29.47 -31.37 15.04
N ASN A 758 -28.61 -31.71 14.08
CA ASN A 758 -27.28 -32.24 14.38
C ASN A 758 -26.30 -31.23 13.79
N ILE A 759 -25.99 -30.19 14.55
CA ILE A 759 -24.95 -29.24 14.20
C ILE A 759 -23.85 -29.45 15.21
N ASN A 760 -22.60 -29.43 14.76
CA ASN A 760 -21.51 -29.38 15.71
C ASN A 760 -21.42 -27.94 16.21
N PHE A 761 -21.97 -27.69 17.40
CA PHE A 761 -21.73 -26.42 18.08
C PHE A 761 -20.34 -26.49 18.73
N VAL A 762 -19.46 -25.54 18.40
CA VAL A 762 -18.09 -25.59 18.88
C VAL A 762 -17.92 -24.62 20.04
N ILE A 763 -17.74 -25.17 21.24
CA ILE A 763 -17.39 -24.41 22.43
C ILE A 763 -15.90 -24.57 22.63
N ASP A 764 -15.17 -23.46 22.56
CA ASP A 764 -13.72 -23.47 22.64
C ASP A 764 -13.20 -22.28 23.43
N LYS A 765 -11.93 -22.38 23.86
CA LYS A 765 -11.25 -21.36 24.66
C LYS A 765 -11.58 -19.96 24.17
N TYR A 766 -11.77 -19.05 25.14
CA TYR A 766 -12.29 -17.67 25.01
C TYR A 766 -13.80 -17.58 24.82
N PHE A 767 -14.54 -18.69 24.82
CA PHE A 767 -15.99 -18.66 24.87
C PHE A 767 -16.43 -17.99 26.18
N THR A 768 -17.40 -17.09 26.09
CA THR A 768 -17.96 -16.48 27.29
C THR A 768 -19.43 -16.80 27.38
N LEU A 769 -19.85 -17.22 28.57
CA LEU A 769 -21.23 -17.15 28.99
C LEU A 769 -21.31 -16.11 30.08
N VAL A 770 -22.26 -15.19 29.96
CA VAL A 770 -22.51 -14.16 30.97
C VAL A 770 -24.02 -14.04 31.19
N GLY A 771 -24.49 -14.46 32.37
CA GLY A 771 -25.88 -14.36 32.74
C GLY A 771 -26.13 -13.14 33.62
N LYS A 772 -27.42 -12.81 33.79
CA LYS A 772 -27.86 -11.65 34.55
C LYS A 772 -28.75 -12.09 35.70
N THR A 773 -28.50 -11.58 36.90
CA THR A 773 -29.39 -11.86 38.02
C THR A 773 -30.22 -10.62 38.35
N ASN A 774 -31.10 -10.72 39.35
CA ASN A 774 -31.80 -9.53 39.79
C ASN A 774 -30.93 -8.64 40.66
N LEU A 775 -29.63 -8.94 40.79
CA LEU A 775 -28.73 -8.14 41.61
C LEU A 775 -27.44 -7.75 40.92
N GLY A 776 -27.10 -8.38 39.79
CA GLY A 776 -25.84 -8.13 39.11
C GLY A 776 -25.70 -9.07 37.92
N TYR A 777 -24.52 -9.66 37.72
CA TYR A 777 -24.27 -10.56 36.61
C TYR A 777 -22.98 -11.30 36.89
N VAL A 778 -22.86 -12.52 36.39
CA VAL A 778 -21.62 -13.27 36.50
C VAL A 778 -21.13 -13.52 35.08
N GLU A 779 -19.80 -13.49 34.89
CA GLU A 779 -19.15 -13.76 33.63
C GLU A 779 -18.33 -15.02 33.78
N PHE A 780 -18.56 -16.01 32.90
CA PHE A 780 -17.79 -17.26 32.79
C PHE A 780 -17.01 -17.28 31.50
N ILE A 781 -15.85 -17.95 31.52
CA ILE A 781 -14.99 -18.04 30.34
C ILE A 781 -14.26 -19.38 30.33
N CYS A 782 -13.86 -19.80 29.11
CA CYS A 782 -13.16 -21.06 28.85
C CYS A 782 -11.64 -20.94 28.97
N ASP A 783 -11.02 -21.90 29.67
CA ASP A 783 -9.59 -21.94 29.93
C ASP A 783 -8.84 -22.37 28.69
N ASN A 784 -7.50 -22.29 28.80
CA ASN A 784 -6.62 -23.07 27.95
C ASN A 784 -6.77 -24.56 28.18
N ASN A 785 -7.46 -24.97 29.22
CA ASN A 785 -7.72 -26.37 29.45
C ASN A 785 -9.08 -26.80 28.88
N LYS A 786 -9.78 -25.87 28.21
CA LYS A 786 -11.15 -26.06 27.75
C LYS A 786 -12.07 -26.37 28.93
N ASN A 787 -11.89 -25.59 30.01
CA ASN A 787 -12.67 -25.62 31.26
C ASN A 787 -13.37 -24.28 31.46
N ILE A 788 -14.54 -24.26 32.10
CA ILE A 788 -15.30 -23.01 32.27
C ILE A 788 -15.37 -22.62 33.74
N ASP A 789 -15.02 -21.37 34.06
CA ASP A 789 -15.00 -20.90 35.45
C ASP A 789 -15.39 -19.43 35.52
N ILE A 790 -15.64 -18.94 36.73
CA ILE A 790 -15.95 -17.52 36.88
C ILE A 790 -14.73 -16.71 36.50
N TYR A 791 -14.92 -15.71 35.64
CA TYR A 791 -13.90 -14.73 35.26
C TYR A 791 -14.00 -13.44 36.05
N PHE A 792 -15.19 -12.82 36.04
CA PHE A 792 -15.56 -11.65 36.81
C PHE A 792 -17.03 -11.73 37.13
N GLY A 793 -17.40 -11.26 38.30
CA GLY A 793 -18.80 -11.14 38.66
C GLY A 793 -19.00 -10.04 39.69
N GLU A 794 -20.19 -9.44 39.67
CA GLU A 794 -20.53 -8.38 40.62
C GLU A 794 -22.02 -8.34 40.82
N TRP A 795 -22.45 -8.23 42.10
CA TRP A 795 -23.82 -7.92 42.46
C TRP A 795 -23.88 -6.97 43.64
N LYS A 796 -24.97 -6.23 43.73
CA LYS A 796 -25.13 -5.20 44.76
C LYS A 796 -26.46 -5.41 45.45
N THR A 797 -26.41 -5.52 46.76
CA THR A 797 -27.59 -5.41 47.60
C THR A 797 -27.73 -3.95 47.99
N SER A 798 -28.75 -3.63 48.78
CA SER A 798 -29.02 -2.24 49.10
C SER A 798 -27.82 -1.57 49.77
N SER A 799 -26.96 -2.33 50.41
CA SER A 799 -26.01 -1.80 51.36
C SER A 799 -24.58 -2.26 51.13
N SER A 800 -24.37 -3.24 50.26
CA SER A 800 -23.09 -3.91 50.24
C SER A 800 -22.83 -4.54 48.87
N LYS A 801 -21.61 -4.35 48.37
CA LYS A 801 -21.25 -4.64 46.99
C LYS A 801 -20.32 -5.84 46.99
N SER A 802 -20.76 -6.92 46.35
CA SER A 802 -20.08 -8.20 46.35
C SER A 802 -19.34 -8.35 45.02
N THR A 803 -18.04 -8.63 45.07
CA THR A 803 -17.29 -8.67 43.82
C THR A 803 -16.48 -9.97 43.77
N ILE A 804 -16.24 -10.48 42.56
CA ILE A 804 -15.38 -11.67 42.43
C ILE A 804 -14.56 -11.59 41.14
N PHE A 805 -13.25 -11.76 41.26
CA PHE A 805 -12.33 -11.80 40.14
C PHE A 805 -11.67 -13.17 40.10
N SER A 806 -11.49 -13.74 38.91
CA SER A 806 -10.68 -14.96 38.83
C SER A 806 -9.24 -14.70 39.26
N GLY A 807 -8.77 -13.45 39.16
CA GLY A 807 -7.41 -13.14 39.50
C GLY A 807 -7.12 -12.98 40.97
N ASN A 808 -8.06 -13.21 41.87
CA ASN A 808 -7.73 -13.23 43.29
C ASN A 808 -8.37 -14.44 43.96
N GLY A 809 -8.09 -15.60 43.40
CA GLY A 809 -8.80 -16.77 43.86
C GLY A 809 -10.16 -16.65 43.21
N ARG A 810 -11.11 -17.38 43.70
CA ARG A 810 -12.41 -16.98 43.22
C ARG A 810 -13.21 -16.66 44.44
N ASN A 811 -12.64 -15.80 45.26
CA ASN A 811 -13.30 -15.35 46.47
C ASN A 811 -14.26 -14.21 46.14
N VAL A 812 -15.45 -14.29 46.74
CA VAL A 812 -16.38 -13.19 46.81
C VAL A 812 -15.96 -12.25 47.94
N VAL A 813 -15.79 -10.98 47.62
CA VAL A 813 -15.41 -9.95 48.58
C VAL A 813 -16.60 -9.03 48.76
N VAL A 814 -17.06 -8.90 50.02
CA VAL A 814 -18.24 -8.09 50.38
C VAL A 814 -17.76 -6.79 51.02
N GLU A 815 -18.05 -5.65 50.39
CA GLU A 815 -17.67 -4.31 50.82
C GLU A 815 -18.93 -3.47 50.85
N PRO A 816 -18.93 -2.35 51.56
CA PRO A 816 -20.11 -1.47 51.56
C PRO A 816 -20.14 -0.50 50.39
N ILE A 817 -21.36 -0.15 49.99
CA ILE A 817 -21.61 0.82 48.93
C ILE A 817 -22.39 1.99 49.53
N TYR A 818 -22.05 3.21 49.11
CA TYR A 818 -22.60 4.43 49.71
C TYR A 818 -23.53 5.18 48.77
N ASN A 819 -24.63 5.68 49.34
CA ASN A 819 -25.92 6.05 48.70
C ASN A 819 -26.79 4.79 48.52
N THR A 828 -22.81 1.53 56.61
CA THR A 828 -22.85 1.31 58.05
C THR A 828 -23.10 -0.16 58.43
N SER A 829 -23.63 -0.96 57.50
CA SER A 829 -23.78 -2.40 57.69
C SER A 829 -23.31 -3.15 56.44
N LEU A 830 -23.01 -4.43 56.63
CA LEU A 830 -22.56 -5.33 55.56
C LEU A 830 -23.46 -6.56 55.56
N ASP A 831 -24.36 -6.67 54.59
CA ASP A 831 -25.24 -7.83 54.47
C ASP A 831 -24.61 -8.92 53.60
N PHE A 832 -24.86 -10.17 53.97
CA PHE A 832 -24.43 -11.29 53.15
C PHE A 832 -25.50 -12.36 53.21
N SER A 833 -25.69 -13.05 52.09
CA SER A 833 -26.66 -14.14 51.97
C SER A 833 -26.07 -15.23 51.10
N TYR A 834 -26.44 -16.46 51.39
CA TYR A 834 -26.01 -17.57 50.55
C TYR A 834 -26.75 -17.62 49.21
N GLU A 835 -27.82 -16.81 49.04
CA GLU A 835 -28.69 -16.96 47.86
C GLU A 835 -28.02 -16.55 46.55
N PRO A 836 -27.37 -15.37 46.42
CA PRO A 836 -26.61 -15.07 45.20
C PRO A 836 -25.66 -16.18 44.76
N LEU A 837 -25.29 -17.06 45.69
CA LEU A 837 -24.34 -18.12 45.40
C LEU A 837 -25.02 -19.35 44.82
N TYR A 838 -26.36 -19.31 44.70
CA TYR A 838 -27.07 -20.41 44.08
C TYR A 838 -26.47 -20.73 42.72
N GLY A 839 -26.17 -22.01 42.52
CA GLY A 839 -25.64 -22.50 41.24
C GLY A 839 -24.16 -22.28 41.01
N ILE A 840 -23.72 -21.03 41.13
CA ILE A 840 -22.29 -20.73 41.06
C ILE A 840 -21.54 -21.13 42.31
N ASP A 841 -22.23 -21.68 43.32
CA ASP A 841 -21.52 -22.09 44.53
C ASP A 841 -20.36 -23.02 44.20
N ARG A 842 -20.50 -23.87 43.17
CA ARG A 842 -19.43 -24.81 42.79
C ARG A 842 -18.11 -24.12 42.58
N TYR A 843 -18.14 -22.96 41.98
CA TYR A 843 -16.89 -22.34 41.60
C TYR A 843 -16.33 -21.44 42.66
N ILE A 844 -17.06 -21.16 43.75
CA ILE A 844 -16.64 -20.16 44.72
C ILE A 844 -15.54 -20.72 45.61
N ASN A 845 -14.54 -19.89 45.92
CA ASN A 845 -13.51 -20.27 46.88
C ASN A 845 -13.94 -20.02 48.33
N LYS A 846 -13.99 -18.74 48.72
CA LYS A 846 -14.36 -18.32 50.05
C LYS A 846 -15.12 -17.02 49.92
N VAL A 847 -15.93 -16.72 50.92
CA VAL A 847 -16.60 -15.44 50.98
C VAL A 847 -15.80 -14.61 51.97
N LEU A 848 -15.16 -13.53 51.52
CA LEU A 848 -14.44 -12.67 52.45
C LEU A 848 -15.25 -11.41 52.69
N ILE A 849 -15.76 -11.25 53.93
CA ILE A 849 -16.44 -10.03 54.35
C ILE A 849 -15.43 -9.02 54.90
N ALA A 850 -15.40 -7.84 54.27
CA ALA A 850 -14.35 -6.86 54.49
C ALA A 850 -14.96 -5.57 55.00
N PRO A 851 -14.94 -5.32 56.31
CA PRO A 851 -15.49 -4.07 56.82
C PRO A 851 -14.40 -3.02 56.94
N ASP A 852 -14.82 -1.76 56.83
CA ASP A 852 -13.95 -0.60 56.93
C ASP A 852 -14.07 0.03 58.31
N LEU A 853 -13.54 1.25 58.45
CA LEU A 853 -13.66 1.96 59.72
C LEU A 853 -15.10 2.11 60.16
N TYR A 854 -16.01 2.40 59.24
CA TYR A 854 -17.37 2.87 59.54
C TYR A 854 -18.44 1.77 59.49
N THR A 855 -18.11 0.53 59.82
CA THR A 855 -19.11 -0.55 59.87
C THR A 855 -19.18 -1.12 61.28
N SER A 856 -20.37 -1.02 61.89
CA SER A 856 -20.63 -1.60 63.20
C SER A 856 -21.76 -2.63 63.11
N LEU A 857 -21.88 -3.25 61.95
CA LEU A 857 -22.87 -4.30 61.81
C LEU A 857 -22.46 -5.12 60.59
N ILE A 858 -22.47 -6.44 60.75
CA ILE A 858 -22.29 -7.37 59.66
C ILE A 858 -23.44 -8.37 59.75
N ASN A 859 -24.50 -8.15 58.98
CA ASN A 859 -25.61 -9.08 58.97
C ASN A 859 -25.28 -10.30 58.11
N ILE A 860 -25.41 -11.50 58.68
CA ILE A 860 -25.16 -12.76 57.97
C ILE A 860 -26.46 -13.57 57.96
N ASN A 861 -26.90 -13.98 56.77
CA ASN A 861 -28.21 -14.64 56.62
C ASN A 861 -28.01 -16.12 56.33
N THR A 862 -28.11 -16.91 57.39
CA THR A 862 -27.74 -18.31 57.32
C THR A 862 -28.91 -19.22 56.97
N ASN A 863 -30.14 -18.75 57.12
CA ASN A 863 -31.31 -19.60 56.90
C ASN A 863 -31.70 -19.67 55.42
N TYR A 864 -30.85 -20.32 54.66
CA TYR A 864 -31.07 -20.49 53.22
C TYR A 864 -30.53 -21.87 52.86
N TYR A 865 -31.43 -22.83 52.67
CA TYR A 865 -30.91 -24.19 52.56
C TYR A 865 -31.14 -24.83 51.21
N SER A 866 -30.85 -24.11 50.13
CA SER A 866 -31.12 -24.63 48.80
C SER A 866 -29.88 -24.86 47.98
N ASN A 867 -28.72 -24.44 48.45
CA ASN A 867 -27.49 -24.62 47.69
C ASN A 867 -26.87 -25.95 47.96
N GLU A 868 -25.89 -26.28 47.14
CA GLU A 868 -25.20 -27.54 47.32
C GLU A 868 -23.86 -27.34 48.01
N TYR A 869 -23.22 -26.18 47.87
CA TYR A 869 -21.97 -25.86 48.58
C TYR A 869 -22.17 -24.57 49.38
N TYR A 870 -21.60 -24.51 50.59
CA TYR A 870 -21.71 -23.33 51.44
C TYR A 870 -20.31 -22.83 51.78
N PRO A 871 -19.74 -21.98 50.93
CA PRO A 871 -18.35 -21.56 51.14
C PRO A 871 -18.10 -20.99 52.52
N GLU A 872 -16.90 -21.26 53.05
CA GLU A 872 -16.50 -20.66 54.31
C GLU A 872 -16.60 -19.15 54.22
N ILE A 873 -17.15 -18.54 55.25
CA ILE A 873 -17.20 -17.09 55.35
C ILE A 873 -16.05 -16.62 56.20
N ILE A 874 -15.29 -15.66 55.72
CA ILE A 874 -14.18 -15.09 56.46
C ILE A 874 -14.46 -13.61 56.71
N VAL A 875 -14.62 -13.24 57.98
CA VAL A 875 -14.76 -11.84 58.39
C VAL A 875 -13.35 -11.29 58.57
N LEU A 876 -12.94 -10.43 57.66
CA LEU A 876 -11.57 -9.93 57.60
C LEU A 876 -11.42 -8.83 58.65
N ASN A 877 -10.57 -9.06 59.65
CA ASN A 877 -10.48 -8.07 60.71
C ASN A 877 -9.98 -6.74 60.15
N PRO A 878 -10.73 -5.66 60.33
CA PRO A 878 -10.23 -4.35 59.92
C PRO A 878 -8.92 -4.08 60.63
N ASN A 879 -7.85 -3.93 59.85
CA ASN A 879 -6.52 -3.72 60.44
C ASN A 879 -6.51 -2.49 61.34
N THR A 880 -7.29 -1.47 61.00
CA THR A 880 -7.36 -0.22 61.76
C THR A 880 -8.38 -0.26 62.89
N PHE A 881 -9.03 -1.39 63.13
CA PHE A 881 -10.05 -1.56 64.17
C PHE A 881 -11.25 -0.64 63.96
N HIS A 882 -12.25 -0.74 64.82
CA HIS A 882 -13.42 0.11 64.75
C HIS A 882 -14.03 0.22 66.14
N LYS A 883 -14.78 1.30 66.36
CA LYS A 883 -15.25 1.65 67.70
C LYS A 883 -16.06 0.52 68.31
N LYS A 884 -16.87 -0.15 67.51
CA LYS A 884 -17.42 -1.46 67.85
C LYS A 884 -17.56 -2.22 66.54
N VAL A 885 -17.76 -3.54 66.65
CA VAL A 885 -18.05 -4.39 65.49
C VAL A 885 -19.05 -5.45 65.92
N ASN A 886 -20.18 -5.55 65.24
CA ASN A 886 -21.23 -6.42 65.74
C ASN A 886 -21.74 -7.31 64.63
N ILE A 887 -21.74 -8.59 64.87
CA ILE A 887 -22.24 -9.58 63.92
C ILE A 887 -23.66 -9.92 64.34
N ASN A 888 -24.54 -10.10 63.37
CA ASN A 888 -25.92 -10.45 63.68
C ASN A 888 -26.27 -11.67 62.84
N LEU A 889 -26.38 -12.82 63.49
CA LEU A 889 -26.80 -14.05 62.85
C LEU A 889 -28.27 -14.25 63.16
N ASP A 890 -29.00 -14.80 62.18
CA ASP A 890 -30.43 -15.03 62.28
C ASP A 890 -30.74 -16.49 62.58
N SER A 891 -29.81 -17.21 63.17
CA SER A 891 -30.04 -18.57 63.62
C SER A 891 -29.97 -18.63 65.13
N SER A 892 -30.27 -19.81 65.62
CA SER A 892 -30.39 -19.98 67.05
C SER A 892 -29.05 -20.45 67.60
N SER A 893 -28.73 -19.94 68.77
CA SER A 893 -27.44 -20.19 69.39
C SER A 893 -27.14 -21.66 69.53
N PHE A 894 -28.15 -22.50 69.68
CA PHE A 894 -27.81 -23.90 69.97
C PHE A 894 -27.34 -24.66 68.74
N GLU A 895 -27.48 -24.10 67.56
CA GLU A 895 -27.03 -24.78 66.35
C GLU A 895 -25.53 -24.60 66.10
N TYR A 896 -24.83 -23.86 66.94
CA TYR A 896 -23.46 -23.47 66.68
C TYR A 896 -22.48 -24.17 67.61
N LYS A 897 -21.21 -24.09 67.23
CA LYS A 897 -20.11 -24.74 67.93
C LYS A 897 -18.89 -23.90 67.64
N TRP A 898 -18.21 -23.40 68.66
CA TRP A 898 -17.05 -22.58 68.39
C TRP A 898 -15.79 -23.44 68.31
N SER A 899 -14.74 -22.86 67.73
CA SER A 899 -13.43 -23.47 67.69
C SER A 899 -12.38 -22.38 67.52
N THR A 900 -11.13 -22.75 67.80
CA THR A 900 -9.96 -21.89 67.70
C THR A 900 -9.01 -22.47 66.67
N GLU A 901 -8.56 -21.64 65.75
CA GLU A 901 -7.53 -22.03 64.80
C GLU A 901 -6.53 -20.87 64.82
N GLY A 902 -5.45 -21.05 65.56
CA GLY A 902 -4.48 -19.99 65.69
C GLY A 902 -5.12 -18.82 66.40
N SER A 903 -4.92 -17.63 65.86
CA SER A 903 -5.54 -16.44 66.40
C SER A 903 -6.92 -16.18 65.81
N ASP A 904 -7.55 -17.18 65.19
CA ASP A 904 -8.83 -17.02 64.50
C ASP A 904 -9.94 -17.67 65.32
N PHE A 905 -11.04 -16.93 65.52
CA PHE A 905 -12.27 -17.47 66.09
C PHE A 905 -13.17 -18.05 65.01
N ILE A 906 -13.79 -19.20 65.31
CA ILE A 906 -14.58 -19.96 64.34
C ILE A 906 -15.96 -20.29 64.91
N LEU A 907 -17.00 -20.14 64.10
CA LEU A 907 -18.34 -20.56 64.46
C LEU A 907 -18.80 -21.50 63.39
N VAL A 908 -19.43 -22.61 63.78
CA VAL A 908 -19.86 -23.65 62.84
C VAL A 908 -21.27 -24.09 63.14
N ARG A 909 -22.18 -23.76 62.22
CA ARG A 909 -23.57 -24.15 62.30
C ARG A 909 -23.74 -25.42 61.48
N TYR A 910 -24.13 -26.50 62.13
CA TYR A 910 -24.20 -27.81 61.48
C TYR A 910 -25.66 -28.26 61.48
N LEU A 911 -26.27 -28.29 60.30
CA LEU A 911 -27.67 -28.67 60.12
C LEU A 911 -27.74 -30.13 59.67
N GLU A 912 -28.05 -31.04 60.61
CA GLU A 912 -28.06 -32.47 60.32
C GLU A 912 -29.44 -33.09 60.34
N GLU A 913 -30.44 -32.42 60.93
CA GLU A 913 -31.78 -33.00 61.01
C GLU A 913 -32.47 -33.11 59.67
N SER A 914 -31.98 -32.40 58.65
CA SER A 914 -32.51 -32.55 57.30
C SER A 914 -31.92 -33.83 56.72
N ASN A 915 -32.06 -33.98 55.42
CA ASN A 915 -31.52 -35.13 54.71
C ASN A 915 -30.16 -34.84 54.08
N LYS A 916 -29.98 -33.69 53.43
CA LYS A 916 -28.64 -33.22 53.10
C LYS A 916 -28.02 -32.56 54.32
N LYS A 917 -26.69 -32.63 54.41
CA LYS A 917 -25.96 -32.06 55.54
C LYS A 917 -25.35 -30.72 55.14
N ILE A 918 -25.85 -29.65 55.73
CA ILE A 918 -25.29 -28.33 55.60
C ILE A 918 -24.37 -28.02 56.78
N LEU A 919 -23.24 -27.40 56.46
CA LEU A 919 -22.22 -27.02 57.44
C LEU A 919 -21.72 -25.63 57.08
N GLN A 920 -22.23 -24.63 57.77
CA GLN A 920 -21.82 -23.25 57.55
C GLN A 920 -20.66 -22.89 58.47
N LYS A 921 -19.50 -22.57 57.87
CA LYS A 921 -18.32 -22.14 58.63
C LYS A 921 -18.21 -20.62 58.56
N ILE A 922 -18.02 -19.99 59.71
CA ILE A 922 -17.71 -18.58 59.83
C ILE A 922 -16.43 -18.42 60.65
N ARG A 923 -15.51 -17.59 60.18
CA ARG A 923 -14.26 -17.36 60.88
C ARG A 923 -13.96 -15.88 60.95
N ILE A 924 -13.74 -15.40 62.17
CA ILE A 924 -13.31 -14.04 62.41
C ILE A 924 -11.78 -14.04 62.50
N LYS A 925 -11.13 -13.44 61.49
CA LYS A 925 -9.66 -13.50 61.38
C LYS A 925 -8.99 -12.69 62.46
N GLY A 926 -8.05 -13.33 63.15
CA GLY A 926 -7.11 -12.64 64.03
C GLY A 926 -7.70 -11.91 65.22
N ILE A 927 -8.95 -12.21 65.60
CA ILE A 927 -9.55 -11.43 66.67
C ILE A 927 -9.03 -11.89 68.02
N LEU A 928 -8.26 -12.95 68.06
CA LEU A 928 -7.61 -13.35 69.29
C LEU A 928 -6.28 -12.65 69.47
N SER A 929 -5.77 -11.98 68.43
CA SER A 929 -4.48 -11.30 68.49
C SER A 929 -4.57 -10.00 69.29
N ASN A 930 -5.67 -9.29 69.16
CA ASN A 930 -5.86 -8.02 69.86
C ASN A 930 -6.80 -8.28 71.03
N THR A 931 -6.27 -8.22 72.25
CA THR A 931 -7.13 -8.34 73.42
C THR A 931 -8.14 -7.19 73.52
N GLN A 932 -7.95 -6.08 72.79
CA GLN A 932 -8.98 -5.05 72.84
C GLN A 932 -10.10 -5.36 71.87
N SER A 933 -9.74 -5.63 70.62
CA SER A 933 -10.74 -5.91 69.60
C SER A 933 -11.63 -7.08 70.03
N PHE A 934 -11.03 -8.07 70.71
CA PHE A 934 -11.73 -9.27 71.15
C PHE A 934 -12.92 -8.94 72.06
N ASN A 935 -12.75 -7.97 72.94
CA ASN A 935 -13.87 -7.58 73.80
C ASN A 935 -14.75 -6.52 73.15
N LYS A 936 -14.36 -5.96 72.01
CA LYS A 936 -15.28 -5.15 71.23
C LYS A 936 -16.36 -6.02 70.57
N MET A 937 -15.97 -7.20 70.06
CA MET A 937 -16.92 -8.10 69.41
C MET A 937 -18.15 -8.35 70.27
N SER A 938 -19.32 -8.14 69.67
CA SER A 938 -20.54 -8.78 70.14
C SER A 938 -21.21 -9.46 68.95
N ILE A 939 -21.47 -10.74 69.09
CA ILE A 939 -22.30 -11.50 68.16
C ILE A 939 -23.68 -11.54 68.76
N ASP A 940 -24.74 -11.37 67.98
CA ASP A 940 -26.01 -11.71 68.59
C ASP A 940 -26.80 -12.67 67.69
N PHE A 941 -27.37 -13.70 68.30
CA PHE A 941 -28.04 -14.79 67.61
C PHE A 941 -29.53 -14.51 67.60
N LYS A 942 -30.28 -15.42 66.96
CA LYS A 942 -31.73 -15.23 66.83
C LYS A 942 -32.40 -15.12 68.18
N ASP A 943 -31.99 -15.96 69.14
CA ASP A 943 -32.62 -16.14 70.45
C ASP A 943 -31.88 -15.46 71.59
N ILE A 944 -30.68 -14.99 71.35
CA ILE A 944 -29.82 -14.44 72.40
C ILE A 944 -29.22 -13.21 71.77
N LYS A 945 -29.09 -12.13 72.52
CA LYS A 945 -28.53 -10.92 71.95
C LYS A 945 -27.32 -10.45 72.73
N LYS A 946 -26.51 -9.62 72.08
CA LYS A 946 -25.37 -8.94 72.69
C LYS A 946 -24.41 -9.92 73.38
N LEU A 947 -24.16 -11.06 72.76
CA LEU A 947 -23.20 -12.00 73.35
C LEU A 947 -21.79 -11.62 72.95
N SER A 948 -20.82 -12.09 73.72
CA SER A 948 -19.42 -11.80 73.44
C SER A 948 -18.68 -13.07 73.03
N LEU A 949 -17.49 -12.88 72.44
CA LEU A 949 -16.64 -14.02 72.15
C LEU A 949 -16.32 -14.78 73.42
N GLY A 950 -16.05 -14.06 74.50
CA GLY A 950 -15.76 -14.72 75.75
C GLY A 950 -16.91 -15.61 76.18
N TYR A 951 -18.12 -15.10 76.11
CA TYR A 951 -19.26 -15.89 76.53
C TYR A 951 -19.35 -17.16 75.68
N ILE A 952 -19.24 -17.02 74.37
CA ILE A 952 -19.46 -18.17 73.49
C ILE A 952 -18.42 -19.25 73.75
N MET A 953 -17.18 -18.85 74.01
CA MET A 953 -16.16 -19.82 74.40
C MET A 953 -16.48 -20.45 75.74
N SER A 954 -17.01 -19.67 76.68
CA SER A 954 -17.28 -20.23 78.00
C SER A 954 -18.55 -21.08 78.03
N ASN A 955 -19.54 -20.82 77.17
CA ASN A 955 -20.77 -21.58 77.29
C ASN A 955 -21.16 -22.38 76.06
N PHE A 956 -20.65 -22.08 74.88
CA PHE A 956 -21.09 -22.90 73.77
C PHE A 956 -20.25 -24.17 73.74
N LYS A 957 -20.79 -25.23 73.15
CA LYS A 957 -19.99 -26.44 72.96
C LYS A 957 -18.84 -26.09 72.05
N SER A 958 -17.70 -26.77 72.22
CA SER A 958 -16.57 -26.55 71.31
C SER A 958 -16.38 -27.78 70.44
N PHE A 959 -15.53 -27.62 69.43
CA PHE A 959 -15.16 -28.72 68.55
C PHE A 959 -13.74 -28.46 68.06
N ASN A 960 -13.20 -29.38 67.28
CA ASN A 960 -11.82 -29.24 66.82
C ASN A 960 -11.74 -29.36 65.31
N SER A 961 -11.61 -28.22 64.64
CA SER A 961 -11.51 -28.15 63.18
C SER A 961 -10.12 -28.61 62.78
N GLU A 962 -10.03 -29.78 62.18
CA GLU A 962 -8.74 -30.34 61.80
C GLU A 962 -8.75 -30.59 60.30
N ASN A 963 -9.13 -29.59 59.52
CA ASN A 963 -9.27 -29.74 58.07
C ASN A 963 -7.89 -29.96 57.47
N GLU A 964 -7.54 -31.23 57.27
CA GLU A 964 -6.24 -31.56 56.72
C GLU A 964 -6.15 -31.20 55.26
N LEU A 965 -7.26 -31.33 54.55
CA LEU A 965 -7.35 -31.01 53.15
C LEU A 965 -7.83 -29.59 52.90
N ASP A 966 -7.91 -28.75 53.93
CA ASP A 966 -7.96 -27.30 53.73
C ASP A 966 -6.53 -26.75 53.88
N ARG A 967 -5.66 -27.28 53.01
CA ARG A 967 -4.26 -26.90 52.90
C ARG A 967 -4.16 -25.76 51.90
N ASP A 968 -2.96 -25.46 51.45
CA ASP A 968 -2.76 -24.42 50.45
C ASP A 968 -1.81 -24.96 49.38
N HIS A 969 -2.05 -26.18 48.90
CA HIS A 969 -1.14 -26.82 47.94
C HIS A 969 -1.71 -26.76 46.54
N LEU A 970 -0.84 -26.62 45.55
CA LEU A 970 -1.24 -26.60 44.14
C LEU A 970 -0.81 -27.90 43.49
N GLY A 971 -1.78 -28.68 42.97
CA GLY A 971 -1.55 -29.84 42.12
C GLY A 971 -2.33 -31.06 42.61
N PHE A 972 -1.79 -32.24 42.33
CA PHE A 972 -2.35 -33.50 42.81
C PHE A 972 -1.77 -33.76 44.19
N LYS A 973 -2.56 -33.61 45.24
CA LYS A 973 -2.05 -33.95 46.56
C LYS A 973 -2.72 -35.25 46.99
N ILE A 974 -2.14 -35.86 48.01
CA ILE A 974 -2.53 -37.23 48.35
C ILE A 974 -2.57 -37.33 49.88
N ILE A 975 -3.77 -37.50 50.43
CA ILE A 975 -4.09 -37.28 51.84
C ILE A 975 -4.86 -38.48 52.35
N ASP A 976 -4.36 -39.12 53.41
CA ASP A 976 -5.13 -40.15 54.08
C ASP A 976 -5.55 -41.21 53.05
N ASN A 977 -4.58 -41.65 52.23
CA ASN A 977 -4.85 -42.66 51.19
C ASN A 977 -6.09 -42.32 50.34
N LYS A 978 -6.21 -41.05 49.96
CA LYS A 978 -7.25 -40.58 49.06
C LYS A 978 -6.58 -39.51 48.22
N THR A 979 -7.03 -39.32 46.99
CA THR A 979 -6.38 -38.36 46.09
C THR A 979 -7.26 -37.16 45.78
N TYR A 980 -6.69 -35.97 45.95
CA TYR A 980 -7.36 -34.71 45.68
C TYR A 980 -6.55 -33.97 44.65
N TYR A 981 -7.21 -33.12 43.88
CA TYR A 981 -6.50 -32.22 42.98
C TYR A 981 -6.78 -30.80 43.45
N TYR A 982 -5.76 -29.95 43.46
CA TYR A 982 -5.91 -28.56 43.84
C TYR A 982 -5.71 -27.66 42.62
N ASP A 983 -6.68 -26.81 42.34
CA ASP A 983 -6.67 -26.03 41.10
C ASP A 983 -5.77 -24.79 41.17
N GLU A 984 -5.95 -23.91 40.20
CA GLU A 984 -5.05 -22.78 40.01
C GLU A 984 -5.03 -21.87 41.23
N ASP A 985 -6.20 -21.56 41.77
CA ASP A 985 -6.31 -20.75 42.98
C ASP A 985 -6.18 -21.59 44.24
N SER A 986 -5.61 -22.77 44.13
CA SER A 986 -5.33 -23.59 45.30
C SER A 986 -6.60 -23.88 46.08
N LYS A 987 -7.72 -24.03 45.38
CA LYS A 987 -8.96 -24.57 45.88
C LYS A 987 -8.94 -26.09 45.73
N LEU A 988 -10.00 -26.73 46.14
CA LEU A 988 -10.18 -28.15 45.89
C LEU A 988 -11.14 -28.31 44.71
N VAL A 989 -10.67 -28.92 43.65
CA VAL A 989 -11.47 -29.02 42.43
C VAL A 989 -12.51 -30.11 42.58
N LYS A 990 -13.74 -29.83 42.13
CA LYS A 990 -14.85 -30.76 42.33
C LYS A 990 -15.62 -30.96 41.03
N GLY A 991 -15.81 -32.23 40.64
CA GLY A 991 -16.68 -32.59 39.54
C GLY A 991 -15.95 -33.38 38.46
N LEU A 992 -16.38 -33.18 37.22
CA LEU A 992 -15.73 -33.74 36.04
C LEU A 992 -14.97 -32.60 35.38
N ILE A 993 -13.65 -32.68 35.40
CA ILE A 993 -12.84 -31.57 34.93
C ILE A 993 -11.71 -32.13 34.07
N ASN A 994 -11.17 -31.27 33.20
CA ASN A 994 -9.98 -31.61 32.44
C ASN A 994 -8.77 -31.19 33.26
N ILE A 995 -7.82 -32.11 33.41
CA ILE A 995 -6.50 -31.85 33.97
C ILE A 995 -5.49 -32.39 32.97
N ASN A 996 -4.58 -31.55 32.50
CA ASN A 996 -3.43 -31.97 31.69
C ASN A 996 -3.86 -32.84 30.50
N ASN A 997 -4.77 -32.30 29.70
CA ASN A 997 -5.43 -33.02 28.60
C ASN A 997 -5.72 -34.48 28.99
N SER A 998 -6.52 -34.63 30.04
CA SER A 998 -7.05 -35.91 30.49
C SER A 998 -8.28 -35.63 31.35
N LEU A 999 -9.26 -36.52 31.31
CA LEU A 999 -10.55 -36.28 31.93
C LEU A 999 -10.67 -37.03 33.26
N PHE A 1000 -10.96 -36.30 34.34
CA PHE A 1000 -11.02 -36.89 35.68
C PHE A 1000 -12.33 -36.56 36.37
N TYR A 1001 -12.61 -37.31 37.45
CA TYR A 1001 -13.84 -37.12 38.21
C TYR A 1001 -13.58 -37.15 39.71
N PHE A 1002 -13.96 -36.09 40.40
CA PHE A 1002 -13.80 -35.97 41.84
C PHE A 1002 -15.17 -35.96 42.49
N ASP A 1003 -15.34 -36.75 43.55
CA ASP A 1003 -16.66 -36.95 44.12
C ASP A 1003 -17.29 -35.61 44.48
N PRO A 1004 -18.53 -35.36 44.08
CA PRO A 1004 -19.18 -34.09 44.42
C PRO A 1004 -19.33 -33.80 45.89
N ILE A 1005 -19.34 -34.79 46.80
CA ILE A 1005 -19.46 -34.47 48.22
C ILE A 1005 -18.16 -34.66 48.98
N GLU A 1006 -17.21 -35.46 48.49
CA GLU A 1006 -15.95 -35.69 49.19
C GLU A 1006 -14.71 -35.30 48.41
N PHE A 1007 -14.83 -34.97 47.13
CA PHE A 1007 -13.81 -34.33 46.29
C PHE A 1007 -12.62 -35.22 45.95
N ASN A 1008 -12.64 -36.51 46.30
CA ASN A 1008 -11.49 -37.34 45.97
C ASN A 1008 -11.61 -37.90 44.57
N LEU A 1009 -10.46 -38.29 44.02
CA LEU A 1009 -10.44 -38.97 42.73
C LEU A 1009 -11.27 -40.23 42.78
N VAL A 1010 -12.29 -40.30 41.95
CA VAL A 1010 -13.09 -41.49 41.73
C VAL A 1010 -12.41 -42.35 40.68
N THR A 1011 -12.58 -43.67 40.79
CA THR A 1011 -12.04 -44.60 39.82
C THR A 1011 -13.14 -45.57 39.43
N GLY A 1012 -12.98 -46.19 38.27
CA GLY A 1012 -14.00 -47.15 37.93
C GLY A 1012 -15.33 -46.56 37.46
N TRP A 1013 -16.35 -47.41 37.47
CA TRP A 1013 -17.62 -47.07 36.84
C TRP A 1013 -18.31 -45.94 37.57
N GLN A 1014 -18.64 -44.89 36.82
CA GLN A 1014 -19.37 -43.75 37.33
C GLN A 1014 -20.53 -43.48 36.40
N THR A 1015 -21.69 -43.18 36.95
CA THR A 1015 -22.74 -42.63 36.13
C THR A 1015 -22.81 -41.14 36.37
N ILE A 1016 -22.94 -40.39 35.29
CA ILE A 1016 -22.99 -38.93 35.36
C ILE A 1016 -24.29 -38.53 34.67
N ASN A 1017 -25.36 -38.45 35.42
CA ASN A 1017 -26.62 -37.96 34.88
C ASN A 1017 -26.99 -38.74 33.62
N GLY A 1018 -27.31 -40.01 33.82
CA GLY A 1018 -27.69 -40.88 32.74
C GLY A 1018 -26.53 -41.54 32.05
N LYS A 1019 -25.41 -40.86 31.89
CA LYS A 1019 -24.34 -41.31 31.00
C LYS A 1019 -23.12 -41.85 31.75
N LYS A 1020 -22.72 -43.09 31.41
CA LYS A 1020 -21.74 -43.84 32.16
C LYS A 1020 -20.33 -43.59 31.64
N TYR A 1021 -19.43 -43.13 32.51
CA TYR A 1021 -18.01 -42.99 32.24
C TYR A 1021 -17.25 -44.13 32.92
N TYR A 1022 -15.93 -44.20 32.66
CA TYR A 1022 -15.09 -45.14 33.38
C TYR A 1022 -13.68 -44.58 33.48
N PHE A 1023 -13.13 -44.54 34.69
CA PHE A 1023 -11.85 -43.90 34.96
C PHE A 1023 -10.82 -44.95 35.38
N ASP A 1024 -9.62 -44.84 34.82
CA ASP A 1024 -8.60 -45.86 35.00
C ASP A 1024 -8.33 -46.14 36.47
N ILE A 1025 -8.14 -47.41 36.79
CA ILE A 1025 -8.16 -47.94 38.14
C ILE A 1025 -6.77 -47.73 38.71
N ASN A 1026 -5.96 -46.99 37.96
CA ASN A 1026 -4.58 -46.70 38.33
C ASN A 1026 -4.23 -45.25 38.18
N THR A 1027 -4.94 -44.51 37.33
CA THR A 1027 -4.55 -43.16 37.02
C THR A 1027 -5.68 -42.17 37.13
N GLY A 1028 -6.91 -42.61 37.12
CA GLY A 1028 -8.04 -41.73 37.31
C GLY A 1028 -8.62 -41.19 36.03
N ALA A 1029 -7.87 -41.27 34.93
CA ALA A 1029 -8.31 -40.73 33.66
C ALA A 1029 -9.53 -41.48 33.14
N ALA A 1030 -10.48 -40.72 32.62
CA ALA A 1030 -11.61 -41.35 31.94
C ALA A 1030 -11.08 -42.12 30.74
N LEU A 1031 -11.80 -43.17 30.38
CA LEU A 1031 -11.36 -44.01 29.28
C LEU A 1031 -11.63 -43.37 27.93
N THR A 1032 -10.65 -43.58 27.05
CA THR A 1032 -10.61 -43.08 25.68
C THR A 1032 -10.61 -44.27 24.74
N SER A 1033 -11.48 -44.21 23.73
CA SER A 1033 -11.54 -45.22 22.68
C SER A 1033 -12.09 -46.55 23.18
N TYR A 1034 -11.39 -47.63 22.85
CA TYR A 1034 -11.83 -49.01 23.05
C TYR A 1034 -10.93 -49.66 24.10
N LYS A 1035 -11.54 -50.23 25.15
CA LYS A 1035 -10.77 -50.91 26.20
C LYS A 1035 -11.53 -52.16 26.67
N ILE A 1036 -10.80 -52.97 27.45
CA ILE A 1036 -11.22 -54.27 27.96
C ILE A 1036 -11.53 -54.08 29.44
N ILE A 1037 -12.80 -54.16 29.85
CA ILE A 1037 -13.19 -53.90 31.24
C ILE A 1037 -13.55 -55.26 31.86
N ASN A 1038 -12.56 -55.88 32.52
CA ASN A 1038 -12.71 -57.14 33.25
C ASN A 1038 -13.43 -58.20 32.42
N GLY A 1039 -12.80 -58.54 31.29
CA GLY A 1039 -13.32 -59.57 30.43
C GLY A 1039 -14.34 -59.14 29.38
N LYS A 1040 -14.72 -57.87 29.31
CA LYS A 1040 -15.68 -57.40 28.31
C LYS A 1040 -15.00 -56.55 27.24
N HIS A 1041 -15.83 -56.02 26.34
CA HIS A 1041 -15.40 -55.18 25.25
C HIS A 1041 -16.22 -53.91 25.39
N PHE A 1042 -15.54 -52.76 25.53
CA PHE A 1042 -16.20 -51.49 25.80
C PHE A 1042 -15.65 -50.37 24.92
N TYR A 1043 -16.57 -49.50 24.48
CA TYR A 1043 -16.28 -48.39 23.56
C TYR A 1043 -16.77 -47.07 24.14
N PHE A 1044 -15.82 -46.21 24.50
CA PHE A 1044 -16.06 -44.87 24.99
C PHE A 1044 -15.50 -43.86 24.00
N ASN A 1045 -16.26 -42.80 23.74
CA ASN A 1045 -15.79 -41.83 22.77
C ASN A 1045 -14.66 -40.98 23.32
N ASN A 1046 -14.38 -39.86 22.67
CA ASN A 1046 -13.29 -39.02 23.14
C ASN A 1046 -13.69 -38.18 24.35
N ASP A 1047 -14.99 -38.05 24.61
CA ASP A 1047 -15.51 -37.47 25.85
C ASP A 1047 -15.67 -38.50 26.96
N GLY A 1048 -15.27 -39.75 26.71
CA GLY A 1048 -15.42 -40.81 27.68
C GLY A 1048 -16.82 -41.38 27.85
N VAL A 1049 -17.86 -40.77 27.24
CA VAL A 1049 -19.21 -41.27 27.48
C VAL A 1049 -19.34 -42.67 26.87
N MET A 1050 -20.12 -43.52 27.53
CA MET A 1050 -20.34 -44.85 27.02
C MET A 1050 -21.28 -44.81 25.84
N GLN A 1051 -20.89 -45.48 24.76
CA GLN A 1051 -21.65 -45.46 23.52
C GLN A 1051 -22.43 -46.76 23.35
N LEU A 1052 -23.65 -46.64 22.83
CA LEU A 1052 -24.44 -47.76 22.35
C LEU A 1052 -24.44 -47.76 20.82
N GLY A 1053 -24.28 -48.95 20.25
CA GLY A 1053 -24.23 -49.13 18.81
C GLY A 1053 -22.99 -49.85 18.34
N VAL A 1054 -22.64 -49.64 17.08
CA VAL A 1054 -21.62 -50.40 16.38
C VAL A 1054 -20.39 -49.52 16.20
N PHE A 1055 -19.23 -50.03 16.62
CA PHE A 1055 -18.02 -49.19 16.65
C PHE A 1055 -16.80 -50.07 16.47
N LYS A 1056 -15.70 -49.50 15.97
CA LYS A 1056 -14.59 -50.30 15.46
C LYS A 1056 -13.47 -50.47 16.47
N GLY A 1057 -12.93 -51.70 16.56
CA GLY A 1057 -11.82 -52.01 17.43
C GLY A 1057 -10.81 -52.96 16.81
N PRO A 1058 -9.80 -53.39 17.58
CA PRO A 1058 -8.69 -54.19 17.01
C PRO A 1058 -9.08 -55.62 16.69
N ASP A 1059 -10.35 -55.97 16.86
CA ASP A 1059 -10.88 -57.24 16.40
C ASP A 1059 -11.93 -57.07 15.32
N GLY A 1060 -12.55 -55.91 15.22
CA GLY A 1060 -13.51 -55.63 14.17
C GLY A 1060 -14.54 -54.64 14.67
N PHE A 1061 -15.72 -54.71 14.08
CA PHE A 1061 -16.86 -53.92 14.52
C PHE A 1061 -17.73 -54.77 15.41
N GLU A 1062 -17.90 -54.38 16.66
CA GLU A 1062 -18.80 -55.11 17.54
C GLU A 1062 -20.06 -54.30 17.77
N TYR A 1063 -21.02 -54.90 18.47
CA TYR A 1063 -22.30 -54.27 18.77
C TYR A 1063 -22.31 -54.11 20.29
N PHE A 1064 -21.92 -52.92 20.75
CA PHE A 1064 -21.93 -52.58 22.18
C PHE A 1064 -23.35 -52.16 22.52
N ALA A 1065 -24.12 -53.06 23.13
CA ALA A 1065 -25.58 -53.01 23.06
C ALA A 1065 -26.23 -52.64 24.40
N PRO A 1066 -27.51 -52.27 24.40
CA PRO A 1066 -28.22 -52.00 25.66
C PRO A 1066 -28.29 -53.21 26.57
N ALA A 1067 -28.65 -52.94 27.83
CA ALA A 1067 -28.79 -53.99 28.82
C ALA A 1067 -30.03 -54.84 28.52
N ASN A 1068 -29.90 -56.15 28.79
CA ASN A 1068 -30.95 -57.15 28.53
C ASN A 1068 -31.32 -57.20 27.04
N THR A 1069 -30.33 -57.58 26.22
CA THR A 1069 -30.53 -57.81 24.79
C THR A 1069 -30.19 -59.23 24.37
N GLN A 1070 -29.05 -59.76 24.83
CA GLN A 1070 -28.59 -61.12 24.47
C GLN A 1070 -27.98 -61.74 25.71
N ASN A 1071 -28.76 -62.57 26.40
CA ASN A 1071 -28.35 -63.25 27.63
C ASN A 1071 -28.00 -62.23 28.72
N ASN A 1072 -28.94 -61.30 28.94
CA ASN A 1072 -28.89 -60.32 30.04
C ASN A 1072 -27.51 -59.69 30.19
N ASN A 1073 -27.19 -58.90 29.15
CA ASN A 1073 -25.97 -58.13 29.05
C ASN A 1073 -26.05 -56.87 29.90
N ILE A 1074 -24.93 -56.45 30.38
CA ILE A 1074 -24.80 -55.12 30.98
C ILE A 1074 -24.49 -54.14 29.86
N GLU A 1075 -24.91 -52.88 30.04
CA GLU A 1075 -24.89 -51.91 28.94
C GLU A 1075 -23.50 -51.74 28.33
N GLY A 1076 -23.47 -51.65 26.99
CA GLY A 1076 -22.28 -51.34 26.24
C GLY A 1076 -21.29 -52.48 26.07
N GLN A 1077 -21.55 -53.63 26.67
CA GLN A 1077 -20.69 -54.77 26.46
C GLN A 1077 -20.97 -55.31 25.07
N ALA A 1078 -19.93 -55.57 24.31
CA ALA A 1078 -20.16 -56.25 23.05
C ALA A 1078 -20.82 -57.58 23.35
N ILE A 1079 -21.83 -57.93 22.56
CA ILE A 1079 -22.62 -59.12 22.79
C ILE A 1079 -22.43 -60.08 21.62
N VAL A 1080 -23.18 -61.17 21.63
CA VAL A 1080 -23.16 -62.13 20.53
C VAL A 1080 -24.29 -61.80 19.55
N TYR A 1081 -23.92 -61.73 18.29
CA TYR A 1081 -24.82 -61.47 17.17
C TYR A 1081 -24.10 -62.07 15.99
N GLN A 1082 -24.64 -63.13 15.42
CA GLN A 1082 -23.97 -63.82 14.33
C GLN A 1082 -24.95 -64.15 13.21
N SER A 1083 -24.52 -63.88 11.98
CA SER A 1083 -25.26 -64.19 10.76
C SER A 1083 -26.70 -63.71 10.88
N LYS A 1084 -26.85 -62.45 11.24
CA LYS A 1084 -28.18 -61.86 11.35
C LYS A 1084 -28.08 -60.37 11.07
N PHE A 1085 -29.21 -59.79 10.65
CA PHE A 1085 -29.30 -58.39 10.29
C PHE A 1085 -29.56 -57.54 11.52
N LEU A 1086 -28.97 -56.35 11.54
CA LEU A 1086 -29.17 -55.39 12.62
C LEU A 1086 -29.57 -54.06 12.02
N THR A 1087 -30.67 -53.50 12.50
CA THR A 1087 -31.13 -52.18 12.05
C THR A 1087 -31.29 -51.26 13.28
N LEU A 1088 -30.24 -50.50 13.59
CA LEU A 1088 -30.19 -49.64 14.77
C LEU A 1088 -30.91 -48.31 14.48
N ASN A 1089 -32.23 -48.36 14.61
CA ASN A 1089 -33.10 -47.17 14.55
C ASN A 1089 -32.81 -46.32 13.32
N GLY A 1090 -32.92 -46.97 12.16
CA GLY A 1090 -32.76 -46.31 10.87
C GLY A 1090 -31.48 -46.59 10.10
N LYS A 1091 -30.83 -47.73 10.31
CA LYS A 1091 -29.62 -48.07 9.59
C LYS A 1091 -29.69 -49.54 9.24
N LYS A 1092 -28.63 -50.07 8.61
CA LYS A 1092 -28.58 -51.50 8.29
C LYS A 1092 -27.17 -52.02 8.48
N TYR A 1093 -27.04 -53.11 9.25
CA TYR A 1093 -25.75 -53.75 9.46
C TYR A 1093 -25.91 -55.25 9.28
N TYR A 1094 -24.83 -55.90 8.88
CA TYR A 1094 -24.82 -57.36 8.86
C TYR A 1094 -23.62 -57.84 9.66
N PHE A 1095 -23.87 -58.79 10.56
CA PHE A 1095 -22.89 -59.40 11.44
C PHE A 1095 -22.56 -60.82 11.02
N ASP A 1096 -21.27 -61.11 10.87
CA ASP A 1096 -20.88 -62.42 10.36
C ASP A 1096 -20.95 -63.48 11.45
N ASN A 1097 -20.38 -64.64 11.12
CA ASN A 1097 -20.30 -65.77 12.05
C ASN A 1097 -19.61 -65.38 13.35
N ASN A 1098 -18.54 -64.60 13.26
CA ASN A 1098 -17.67 -64.28 14.38
C ASN A 1098 -18.17 -63.08 15.20
N SER A 1099 -19.44 -62.69 15.06
CA SER A 1099 -20.01 -61.54 15.78
C SER A 1099 -19.08 -60.32 15.70
N LYS A 1100 -18.94 -59.82 14.47
CA LYS A 1100 -18.22 -58.59 14.20
C LYS A 1100 -18.72 -58.08 12.86
N ALA A 1101 -19.31 -56.88 12.84
CA ALA A 1101 -20.06 -56.38 11.68
C ALA A 1101 -19.17 -56.36 10.45
N VAL A 1102 -19.82 -56.52 9.28
CA VAL A 1102 -19.13 -56.82 8.03
C VAL A 1102 -19.06 -55.56 7.18
N THR A 1103 -17.93 -55.39 6.49
CA THR A 1103 -17.67 -54.25 5.62
C THR A 1103 -17.19 -54.72 4.25
N GLY A 1104 -16.94 -53.75 3.38
CA GLY A 1104 -16.55 -54.00 2.02
C GLY A 1104 -17.73 -54.41 1.18
N TRP A 1105 -17.41 -54.94 0.00
CA TRP A 1105 -18.42 -55.63 -0.77
C TRP A 1105 -18.70 -56.97 -0.08
N ARG A 1106 -19.97 -57.38 -0.07
CA ARG A 1106 -20.33 -58.63 0.58
C ARG A 1106 -21.66 -59.11 0.03
N ILE A 1107 -21.73 -60.41 -0.30
CA ILE A 1107 -22.88 -61.03 -0.95
C ILE A 1107 -23.62 -61.86 0.10
N ILE A 1108 -24.85 -61.45 0.42
CA ILE A 1108 -25.64 -61.99 1.54
C ILE A 1108 -26.99 -62.45 0.98
N ASN A 1109 -27.29 -63.75 1.12
CA ASN A 1109 -28.53 -64.34 0.58
C ASN A 1109 -28.60 -64.21 -0.94
N ASN A 1110 -27.45 -64.42 -1.59
CA ASN A 1110 -27.31 -64.23 -3.04
C ASN A 1110 -27.76 -62.83 -3.47
N GLU A 1111 -27.35 -61.82 -2.71
CA GLU A 1111 -27.80 -60.46 -2.97
C GLU A 1111 -26.74 -59.47 -2.53
N LYS A 1112 -26.39 -58.53 -3.41
CA LYS A 1112 -25.23 -57.67 -3.21
C LYS A 1112 -25.54 -56.47 -2.29
N TYR A 1113 -24.59 -56.19 -1.40
CA TYR A 1113 -24.73 -55.14 -0.41
C TYR A 1113 -23.37 -54.47 -0.27
N TYR A 1114 -23.39 -53.15 -0.04
CA TYR A 1114 -22.14 -52.45 0.24
C TYR A 1114 -22.22 -51.82 1.63
N PHE A 1115 -21.32 -52.25 2.53
CA PHE A 1115 -21.24 -51.75 3.89
C PHE A 1115 -19.98 -50.90 4.03
N ASN A 1116 -20.16 -49.65 4.45
CA ASN A 1116 -19.07 -48.69 4.47
C ASN A 1116 -17.93 -49.18 5.36
N PRO A 1117 -16.69 -49.25 4.86
CA PRO A 1117 -15.57 -49.64 5.73
C PRO A 1117 -15.30 -48.68 6.89
N ASN A 1118 -15.83 -47.45 6.84
CA ASN A 1118 -15.60 -46.48 7.91
C ASN A 1118 -16.56 -46.67 9.08
N ASN A 1119 -17.81 -47.08 8.83
CA ASN A 1119 -18.75 -47.22 9.94
C ASN A 1119 -19.72 -48.41 9.81
N ALA A 1120 -19.47 -49.34 8.88
CA ALA A 1120 -20.17 -50.62 8.80
C ALA A 1120 -21.68 -50.48 8.62
N ILE A 1121 -22.12 -49.44 7.89
CA ILE A 1121 -23.54 -49.28 7.56
C ILE A 1121 -23.76 -49.52 6.07
N ALA A 1122 -24.96 -50.00 5.75
CA ALA A 1122 -25.32 -50.29 4.38
C ALA A 1122 -25.60 -49.00 3.63
N ALA A 1123 -25.03 -48.90 2.43
CA ALA A 1123 -25.31 -47.76 1.55
C ALA A 1123 -26.76 -47.78 1.11
N VAL A 1124 -27.35 -46.59 0.99
CA VAL A 1124 -28.70 -46.43 0.45
C VAL A 1124 -28.74 -45.24 -0.49
N GLY A 1125 -29.51 -45.38 -1.58
CA GLY A 1125 -29.55 -44.37 -2.61
C GLY A 1125 -28.27 -44.38 -3.44
N LEU A 1126 -28.22 -43.46 -4.42
CA LEU A 1126 -27.07 -43.35 -5.29
C LEU A 1126 -25.81 -43.13 -4.47
N GLN A 1127 -24.74 -43.85 -4.83
CA GLN A 1127 -23.47 -43.78 -4.12
C GLN A 1127 -22.33 -44.01 -5.09
N VAL A 1128 -21.15 -43.53 -4.72
CA VAL A 1128 -19.96 -43.70 -5.53
C VAL A 1128 -18.91 -44.43 -4.70
N ILE A 1129 -18.71 -45.71 -4.98
CA ILE A 1129 -17.70 -46.51 -4.31
C ILE A 1129 -16.56 -46.67 -5.32
N ASP A 1130 -15.48 -45.90 -5.12
CA ASP A 1130 -14.27 -45.89 -5.97
C ASP A 1130 -14.58 -45.49 -7.41
N ASN A 1131 -14.98 -44.23 -7.57
CA ASN A 1131 -15.24 -43.61 -8.87
C ASN A 1131 -16.21 -44.45 -9.70
N ASN A 1132 -17.15 -45.09 -9.01
CA ASN A 1132 -18.12 -45.98 -9.64
C ASN A 1132 -19.46 -45.73 -8.98
N LYS A 1133 -20.44 -45.27 -9.75
CA LYS A 1133 -21.71 -44.81 -9.20
C LYS A 1133 -22.75 -45.93 -9.27
N TYR A 1134 -23.22 -46.36 -8.13
CA TYR A 1134 -24.25 -47.39 -8.06
C TYR A 1134 -25.49 -46.82 -7.40
N TYR A 1135 -26.60 -47.52 -7.54
CA TYR A 1135 -27.84 -47.16 -6.88
C TYR A 1135 -28.26 -48.35 -6.03
N PHE A 1136 -28.38 -48.14 -4.72
CA PHE A 1136 -28.93 -49.12 -3.80
C PHE A 1136 -30.36 -48.72 -3.45
N ASN A 1137 -31.27 -49.69 -3.49
CA ASN A 1137 -32.69 -49.50 -3.26
C ASN A 1137 -32.95 -48.89 -1.88
N PRO A 1138 -33.63 -47.74 -1.79
CA PRO A 1138 -33.64 -46.99 -0.53
C PRO A 1138 -34.24 -47.76 0.64
N ASP A 1139 -35.09 -48.76 0.38
CA ASP A 1139 -35.73 -49.57 1.41
C ASP A 1139 -34.98 -50.87 1.69
N THR A 1140 -34.63 -51.62 0.65
CA THR A 1140 -34.01 -52.93 0.79
C THR A 1140 -32.48 -52.87 0.88
N ALA A 1141 -31.87 -51.72 0.55
CA ALA A 1141 -30.43 -51.48 0.63
C ALA A 1141 -29.63 -52.43 -0.25
N ILE A 1142 -30.27 -53.05 -1.26
CA ILE A 1142 -29.61 -53.95 -2.19
C ILE A 1142 -29.27 -53.13 -3.43
N ILE A 1143 -28.30 -53.61 -4.22
CA ILE A 1143 -28.06 -53.04 -5.55
C ILE A 1143 -29.32 -53.02 -6.40
N SER A 1144 -29.36 -52.09 -7.34
CA SER A 1144 -30.33 -52.09 -8.41
C SER A 1144 -29.58 -51.95 -9.72
N LYS A 1145 -30.08 -52.64 -10.75
CA LYS A 1145 -29.44 -52.68 -12.05
C LYS A 1145 -30.44 -52.29 -13.12
N GLY A 1146 -29.91 -51.86 -14.26
CA GLY A 1146 -30.76 -51.45 -15.35
C GLY A 1146 -31.25 -50.01 -15.20
N TRP A 1147 -32.35 -49.72 -15.90
CA TRP A 1147 -32.92 -48.38 -15.89
C TRP A 1147 -33.50 -48.05 -14.52
N GLN A 1148 -33.27 -46.83 -14.08
CA GLN A 1148 -33.74 -46.37 -12.78
C GLN A 1148 -33.94 -44.85 -12.84
N THR A 1149 -34.73 -44.34 -11.89
CA THR A 1149 -35.06 -42.91 -11.81
C THR A 1149 -34.94 -42.42 -10.36
N VAL A 1150 -33.92 -41.62 -10.09
CA VAL A 1150 -33.60 -41.13 -8.74
C VAL A 1150 -33.66 -39.61 -8.74
N ASN A 1151 -34.50 -39.06 -7.86
CA ASN A 1151 -34.66 -37.61 -7.78
C ASN A 1151 -34.99 -37.04 -9.15
N GLY A 1152 -35.92 -37.72 -9.83
CA GLY A 1152 -36.40 -37.27 -11.12
C GLY A 1152 -35.38 -37.24 -12.23
N SER A 1153 -34.34 -38.09 -12.16
CA SER A 1153 -33.38 -38.27 -13.25
C SER A 1153 -33.21 -39.75 -13.56
N ARG A 1154 -33.12 -40.07 -14.86
CA ARG A 1154 -32.99 -41.45 -15.32
C ARG A 1154 -31.51 -41.84 -15.42
N TYR A 1155 -31.20 -43.06 -15.00
CA TYR A 1155 -29.84 -43.57 -14.98
C TYR A 1155 -29.84 -44.97 -15.58
N TYR A 1156 -28.68 -45.41 -16.06
CA TYR A 1156 -28.53 -46.81 -16.47
C TYR A 1156 -27.35 -47.44 -15.74
N PHE A 1157 -27.64 -48.52 -15.00
CA PHE A 1157 -26.63 -49.30 -14.29
C PHE A 1157 -26.55 -50.68 -14.92
N ASP A 1158 -25.32 -51.14 -15.14
CA ASP A 1158 -25.03 -52.39 -15.84
C ASP A 1158 -25.80 -53.56 -15.26
N THR A 1159 -26.42 -54.35 -16.13
CA THR A 1159 -27.17 -55.51 -15.63
C THR A 1159 -26.24 -56.54 -14.99
N ASP A 1160 -25.01 -56.65 -15.48
CA ASP A 1160 -24.02 -57.51 -14.82
C ASP A 1160 -23.31 -56.79 -13.67
N THR A 1161 -22.54 -55.75 -13.97
CA THR A 1161 -21.56 -55.18 -13.04
C THR A 1161 -22.06 -53.95 -12.27
N ALA A 1162 -23.29 -53.49 -12.53
CA ALA A 1162 -23.97 -52.42 -11.80
C ALA A 1162 -23.27 -51.07 -11.85
N ILE A 1163 -22.14 -50.95 -12.56
CA ILE A 1163 -21.54 -49.64 -12.79
C ILE A 1163 -22.50 -48.82 -13.65
N ALA A 1164 -22.57 -47.51 -13.38
CA ALA A 1164 -23.50 -46.61 -14.06
C ALA A 1164 -22.88 -46.05 -15.32
N PHE A 1165 -23.61 -46.17 -16.43
CA PHE A 1165 -23.11 -45.79 -17.75
C PHE A 1165 -22.86 -44.29 -17.80
N ASN A 1166 -21.71 -43.89 -18.33
CA ASN A 1166 -21.47 -42.48 -18.66
C ASN A 1166 -20.78 -42.40 -20.03
N GLY A 1167 -21.02 -41.27 -20.73
CA GLY A 1167 -20.61 -41.09 -22.12
C GLY A 1167 -21.57 -41.73 -23.12
N TYR A 1168 -21.15 -41.76 -24.38
CA TYR A 1168 -21.94 -42.46 -25.39
C TYR A 1168 -21.93 -43.96 -25.11
N LYS A 1169 -23.02 -44.63 -25.48
CA LYS A 1169 -23.14 -46.04 -25.12
C LYS A 1169 -24.33 -46.62 -25.85
N THR A 1170 -24.38 -47.95 -25.88
CA THR A 1170 -25.42 -48.70 -26.56
C THR A 1170 -26.01 -49.74 -25.62
N ILE A 1171 -27.33 -49.96 -25.75
CA ILE A 1171 -28.06 -50.83 -24.83
C ILE A 1171 -29.11 -51.61 -25.60
N ASP A 1172 -28.78 -52.86 -25.96
CA ASP A 1172 -29.71 -53.79 -26.60
C ASP A 1172 -30.44 -53.14 -27.79
N GLY A 1173 -29.67 -52.49 -28.67
CA GLY A 1173 -30.23 -51.95 -29.89
C GLY A 1173 -30.81 -50.55 -29.78
N LYS A 1174 -29.99 -49.61 -29.31
CA LYS A 1174 -30.39 -48.21 -29.25
C LYS A 1174 -29.18 -47.39 -28.81
N HIS A 1175 -29.04 -46.21 -29.40
CA HIS A 1175 -27.98 -45.28 -29.04
C HIS A 1175 -28.43 -44.42 -27.85
N PHE A 1176 -27.50 -44.15 -26.92
CA PHE A 1176 -27.80 -43.36 -25.73
C PHE A 1176 -26.60 -42.50 -25.34
N TYR A 1177 -26.89 -41.39 -24.68
CA TYR A 1177 -25.86 -40.45 -24.23
C TYR A 1177 -26.11 -40.11 -22.76
N PHE A 1178 -25.02 -40.00 -21.99
CA PHE A 1178 -25.07 -39.74 -20.56
C PHE A 1178 -23.96 -38.76 -20.22
N ASP A 1179 -24.25 -37.62 -19.58
CA ASP A 1179 -23.12 -36.74 -19.28
C ASP A 1179 -22.46 -37.17 -17.97
N SER A 1180 -21.44 -36.41 -17.58
CA SER A 1180 -20.48 -36.82 -16.56
C SER A 1180 -21.11 -37.35 -15.28
N ASP A 1181 -22.39 -37.05 -15.03
CA ASP A 1181 -23.06 -37.59 -13.85
C ASP A 1181 -23.95 -38.77 -14.19
N CYS A 1182 -23.71 -39.42 -15.34
CA CYS A 1182 -24.45 -40.60 -15.76
C CYS A 1182 -25.95 -40.34 -15.84
N VAL A 1183 -26.34 -39.09 -16.13
CA VAL A 1183 -27.74 -38.78 -16.39
C VAL A 1183 -27.96 -38.83 -17.89
N VAL A 1184 -29.10 -39.41 -18.29
CA VAL A 1184 -29.50 -39.44 -19.70
C VAL A 1184 -29.47 -38.02 -20.27
N LYS A 1185 -28.94 -37.90 -21.48
CA LYS A 1185 -28.94 -36.65 -22.23
C LYS A 1185 -30.15 -36.63 -23.16
N ILE A 1186 -30.57 -35.43 -23.58
CA ILE A 1186 -31.65 -35.29 -24.54
C ILE A 1186 -31.40 -34.08 -25.43
N GLY A 1187 -31.31 -34.28 -26.73
CA GLY A 1187 -31.03 -33.21 -27.68
C GLY A 1187 -30.24 -33.71 -28.88
N VAL A 1188 -29.42 -32.84 -29.45
CA VAL A 1188 -28.64 -33.13 -30.63
C VAL A 1188 -27.18 -33.05 -30.24
N PHE A 1189 -26.48 -34.17 -30.26
CA PHE A 1189 -25.09 -34.23 -29.79
C PHE A 1189 -24.23 -34.98 -30.80
N SER A 1190 -22.98 -34.57 -30.90
CA SER A 1190 -22.06 -35.14 -31.88
C SER A 1190 -21.24 -36.25 -31.23
N THR A 1191 -21.18 -37.39 -31.91
CA THR A 1191 -20.47 -38.56 -31.46
C THR A 1191 -19.56 -39.02 -32.60
N SER A 1192 -18.69 -39.97 -32.31
CA SER A 1192 -17.98 -40.66 -33.39
C SER A 1192 -18.92 -41.42 -34.33
N ASN A 1193 -20.24 -41.33 -34.09
CA ASN A 1193 -21.24 -42.00 -34.91
C ASN A 1193 -22.09 -41.01 -35.68
N GLY A 1194 -22.02 -39.73 -35.35
CA GLY A 1194 -22.66 -38.69 -36.12
C GLY A 1194 -23.29 -37.66 -35.21
N PHE A 1195 -24.18 -36.84 -35.77
CA PHE A 1195 -25.03 -35.93 -35.00
C PHE A 1195 -26.38 -36.60 -34.86
N GLU A 1196 -26.73 -37.05 -33.66
CA GLU A 1196 -27.99 -37.75 -33.50
C GLU A 1196 -28.89 -37.06 -32.48
N TYR A 1197 -30.22 -37.23 -32.72
CA TYR A 1197 -31.32 -36.67 -31.93
C TYR A 1197 -31.73 -37.68 -30.86
N PHE A 1198 -31.13 -37.51 -29.68
CA PHE A 1198 -31.48 -38.26 -28.49
C PHE A 1198 -32.77 -37.67 -27.92
N ALA A 1199 -33.84 -38.43 -27.97
CA ALA A 1199 -35.19 -37.89 -27.96
C ALA A 1199 -35.90 -38.15 -26.63
N PRO A 1200 -36.92 -37.36 -26.33
CA PRO A 1200 -37.76 -37.63 -25.16
C PRO A 1200 -38.60 -38.88 -25.38
N ALA A 1201 -39.15 -39.39 -24.28
CA ALA A 1201 -39.95 -40.61 -24.33
C ALA A 1201 -41.29 -40.34 -24.98
N ASN A 1202 -41.87 -41.39 -25.58
CA ASN A 1202 -43.10 -41.27 -26.37
C ASN A 1202 -43.02 -40.14 -27.40
N THR A 1203 -41.95 -40.14 -28.18
CA THR A 1203 -41.79 -39.23 -29.31
C THR A 1203 -42.00 -39.95 -30.63
N TYR A 1204 -41.28 -41.05 -30.82
CA TYR A 1204 -41.42 -41.93 -31.98
C TYR A 1204 -41.50 -43.37 -31.48
N ASN A 1205 -42.58 -44.06 -31.84
CA ASN A 1205 -42.91 -45.34 -31.22
C ASN A 1205 -43.10 -45.08 -29.72
N ASN A 1206 -42.76 -46.03 -28.85
CA ASN A 1206 -42.79 -45.77 -27.42
C ASN A 1206 -41.37 -45.71 -26.89
N ASN A 1207 -40.50 -45.06 -27.66
CA ASN A 1207 -39.07 -45.01 -27.37
C ASN A 1207 -38.78 -44.59 -25.93
N ILE A 1208 -37.69 -45.15 -25.39
CA ILE A 1208 -37.19 -44.82 -24.06
C ILE A 1208 -36.72 -43.38 -24.03
N GLU A 1209 -36.71 -42.81 -22.83
CA GLU A 1209 -36.19 -41.46 -22.68
C GLU A 1209 -34.69 -41.38 -22.97
N GLY A 1210 -34.30 -40.43 -23.81
CA GLY A 1210 -32.93 -40.29 -24.24
C GLY A 1210 -32.50 -41.14 -25.42
N GLN A 1211 -33.41 -41.96 -25.95
CA GLN A 1211 -33.05 -42.86 -27.03
C GLN A 1211 -32.86 -42.09 -28.33
N ALA A 1212 -31.76 -42.37 -29.03
CA ALA A 1212 -31.65 -41.90 -30.40
C ALA A 1212 -32.75 -42.54 -31.23
N ILE A 1213 -33.63 -41.68 -31.76
CA ILE A 1213 -34.78 -42.14 -32.52
C ILE A 1213 -34.56 -41.80 -33.98
N VAL A 1214 -35.32 -42.48 -34.84
CA VAL A 1214 -35.24 -42.22 -36.26
C VAL A 1214 -36.10 -41.01 -36.55
N TYR A 1215 -35.50 -39.97 -37.09
CA TYR A 1215 -36.20 -38.76 -37.47
C TYR A 1215 -35.73 -38.55 -38.91
N GLN A 1216 -36.54 -39.03 -39.86
CA GLN A 1216 -36.11 -39.13 -41.26
C GLN A 1216 -36.53 -37.90 -42.05
N SER A 1217 -35.54 -37.23 -42.64
CA SER A 1217 -35.78 -36.17 -43.63
C SER A 1217 -36.85 -35.20 -43.12
N LYS A 1218 -36.50 -34.54 -42.02
CA LYS A 1218 -37.40 -33.67 -41.27
C LYS A 1218 -36.58 -32.51 -40.72
N PHE A 1219 -37.29 -31.53 -40.19
CA PHE A 1219 -36.72 -30.38 -39.54
C PHE A 1219 -36.96 -30.54 -38.04
N LEU A 1220 -35.95 -30.18 -37.24
CA LEU A 1220 -36.09 -30.28 -35.79
C LEU A 1220 -35.87 -28.90 -35.18
N THR A 1221 -36.86 -28.45 -34.45
CA THR A 1221 -36.87 -27.20 -33.69
C THR A 1221 -36.86 -27.58 -32.20
N LEU A 1222 -35.69 -27.51 -31.56
CA LEU A 1222 -35.51 -28.00 -30.19
C LEU A 1222 -35.74 -26.93 -29.14
N ASN A 1223 -36.90 -26.29 -29.21
CA ASN A 1223 -37.31 -25.26 -28.26
C ASN A 1223 -36.11 -24.38 -27.95
N GLY A 1224 -35.58 -23.77 -29.01
CA GLY A 1224 -34.19 -23.35 -29.10
C GLY A 1224 -33.66 -23.38 -30.54
N LYS A 1225 -32.63 -24.19 -30.78
CA LYS A 1225 -31.95 -24.24 -32.07
C LYS A 1225 -32.75 -25.04 -33.12
N LYS A 1226 -32.26 -24.99 -34.37
CA LYS A 1226 -32.90 -25.62 -35.53
C LYS A 1226 -31.94 -26.54 -36.27
N TYR A 1227 -32.39 -27.78 -36.58
CA TYR A 1227 -31.61 -28.80 -37.27
C TYR A 1227 -32.43 -29.45 -38.39
N TYR A 1228 -31.74 -29.96 -39.41
CA TYR A 1228 -32.35 -30.78 -40.46
C TYR A 1228 -31.70 -32.15 -40.48
N PHE A 1229 -32.53 -33.19 -40.62
CA PHE A 1229 -32.09 -34.57 -40.57
C PHE A 1229 -32.30 -35.24 -41.92
N ASP A 1230 -31.26 -35.92 -42.42
CA ASP A 1230 -31.31 -36.62 -43.71
C ASP A 1230 -31.96 -37.98 -43.51
N ASN A 1231 -31.80 -38.89 -44.46
CA ASN A 1231 -32.62 -40.09 -44.43
C ASN A 1231 -32.21 -40.99 -43.27
N ASN A 1232 -30.92 -41.04 -42.91
CA ASN A 1232 -30.49 -41.89 -41.79
C ASN A 1232 -30.43 -41.12 -40.47
N SER A 1233 -31.50 -40.38 -40.20
CA SER A 1233 -31.74 -39.67 -38.95
C SER A 1233 -30.44 -39.11 -38.33
N LYS A 1234 -29.76 -38.26 -39.09
CA LYS A 1234 -28.57 -37.59 -38.57
C LYS A 1234 -28.59 -36.14 -39.01
N ALA A 1235 -28.14 -35.25 -38.12
CA ALA A 1235 -28.24 -33.83 -38.38
C ALA A 1235 -27.30 -33.44 -39.51
N VAL A 1236 -27.68 -32.48 -40.27
CA VAL A 1236 -26.89 -32.04 -41.40
C VAL A 1236 -25.97 -30.92 -40.94
N THR A 1237 -24.82 -30.77 -41.60
CA THR A 1237 -23.92 -29.64 -41.34
C THR A 1237 -23.62 -28.88 -42.64
N GLY A 1238 -23.20 -27.61 -42.49
CA GLY A 1238 -22.78 -26.77 -43.60
C GLY A 1238 -23.90 -26.10 -44.39
N LEU A 1239 -23.55 -25.63 -45.59
CA LEU A 1239 -24.48 -24.98 -46.49
C LEU A 1239 -25.36 -26.01 -47.19
N GLN A 1240 -26.68 -25.83 -47.14
CA GLN A 1240 -27.62 -26.86 -47.57
C GLN A 1240 -28.90 -26.23 -48.10
N THR A 1241 -29.33 -26.65 -49.28
CA THR A 1241 -30.59 -26.16 -49.83
C THR A 1241 -31.67 -27.19 -49.54
N ILE A 1242 -32.80 -26.76 -48.98
CA ILE A 1242 -33.88 -27.68 -48.64
C ILE A 1242 -35.21 -26.98 -48.95
N ASP A 1243 -35.89 -27.45 -49.99
CA ASP A 1243 -37.21 -26.92 -50.34
C ASP A 1243 -37.10 -25.45 -50.76
N SER A 1244 -36.13 -25.17 -51.62
CA SER A 1244 -35.85 -23.87 -52.25
C SER A 1244 -35.22 -22.83 -51.33
N LYS A 1245 -35.21 -23.08 -50.02
CA LYS A 1245 -34.59 -22.17 -49.06
C LYS A 1245 -33.20 -22.68 -48.71
N LYS A 1246 -32.23 -21.78 -48.65
CA LYS A 1246 -30.88 -22.17 -48.27
C LYS A 1246 -30.71 -21.99 -46.76
N TYR A 1247 -29.85 -22.81 -46.17
CA TYR A 1247 -29.61 -22.87 -44.74
C TYR A 1247 -28.12 -23.03 -44.51
N TYR A 1248 -27.64 -22.71 -43.32
CA TYR A 1248 -26.24 -23.01 -43.03
C TYR A 1248 -26.11 -23.56 -41.61
N PHE A 1249 -25.94 -24.88 -41.49
CA PHE A 1249 -25.85 -25.56 -40.22
C PHE A 1249 -24.42 -25.54 -39.67
N ASN A 1250 -24.31 -25.34 -38.36
CA ASN A 1250 -23.00 -25.22 -37.73
C ASN A 1250 -22.19 -26.49 -37.89
N THR A 1251 -20.89 -26.33 -38.19
CA THR A 1251 -20.00 -27.49 -38.29
C THR A 1251 -19.95 -28.27 -36.98
N ASN A 1252 -19.79 -27.56 -35.86
CA ASN A 1252 -19.64 -28.22 -34.57
C ASN A 1252 -20.97 -28.47 -33.84
N THR A 1253 -21.95 -27.56 -33.92
CA THR A 1253 -23.20 -27.73 -33.18
C THR A 1253 -24.32 -28.41 -33.97
N ALA A 1254 -24.25 -28.38 -35.31
CA ALA A 1254 -25.25 -28.87 -36.26
C ALA A 1254 -26.49 -27.99 -36.31
N GLU A 1255 -26.41 -26.79 -35.73
CA GLU A 1255 -27.56 -25.93 -35.56
C GLU A 1255 -27.54 -24.81 -36.59
N ALA A 1256 -28.75 -24.40 -37.00
CA ALA A 1256 -28.91 -23.40 -38.05
C ALA A 1256 -28.13 -22.15 -37.71
N ALA A 1257 -27.65 -21.45 -38.74
CA ALA A 1257 -27.00 -20.18 -38.51
C ALA A 1257 -28.04 -19.06 -38.52
N THR A 1258 -27.64 -17.90 -38.03
CA THR A 1258 -28.50 -16.74 -37.95
C THR A 1258 -27.69 -15.48 -38.22
N GLY A 1259 -28.32 -14.52 -38.90
CA GLY A 1259 -27.64 -13.28 -39.14
C GLY A 1259 -26.58 -13.44 -40.21
N TRP A 1260 -25.51 -12.68 -40.07
CA TRP A 1260 -24.50 -12.64 -41.11
C TRP A 1260 -23.54 -13.81 -40.96
N GLN A 1261 -23.38 -14.55 -42.05
CA GLN A 1261 -22.37 -15.57 -42.19
C GLN A 1261 -21.66 -15.31 -43.50
N THR A 1262 -20.38 -15.58 -43.58
CA THR A 1262 -19.70 -15.51 -44.87
C THR A 1262 -19.12 -16.88 -45.16
N ILE A 1263 -19.76 -17.63 -46.06
CA ILE A 1263 -19.37 -19.00 -46.38
C ILE A 1263 -18.46 -18.92 -47.61
N ASP A 1264 -17.14 -18.79 -47.35
CA ASP A 1264 -16.09 -18.69 -48.37
C ASP A 1264 -16.26 -17.47 -49.27
N GLY A 1265 -16.08 -16.31 -48.63
CA GLY A 1265 -16.07 -15.06 -49.34
C GLY A 1265 -17.48 -14.55 -49.53
N LYS A 1266 -18.33 -15.43 -50.06
CA LYS A 1266 -19.75 -15.14 -50.18
C LYS A 1266 -20.36 -14.82 -48.81
N LYS A 1267 -21.14 -13.73 -48.76
CA LYS A 1267 -21.76 -13.22 -47.54
C LYS A 1267 -23.26 -13.46 -47.60
N TYR A 1268 -23.79 -14.17 -46.62
CA TYR A 1268 -25.21 -14.47 -46.56
C TYR A 1268 -25.85 -13.74 -45.38
N TYR A 1269 -27.17 -13.76 -45.34
CA TYR A 1269 -27.91 -13.31 -44.18
C TYR A 1269 -29.05 -14.28 -43.99
N PHE A 1270 -29.18 -14.84 -42.78
CA PHE A 1270 -30.22 -15.83 -42.48
C PHE A 1270 -31.21 -15.24 -41.50
N ASN A 1271 -32.47 -15.22 -41.89
CA ASN A 1271 -33.50 -14.58 -41.11
C ASN A 1271 -33.59 -15.22 -39.72
N THR A 1272 -33.57 -14.38 -38.68
CA THR A 1272 -33.29 -14.87 -37.33
C THR A 1272 -34.41 -15.73 -36.76
N ASN A 1273 -35.61 -15.68 -37.32
CA ASN A 1273 -36.70 -16.49 -36.76
C ASN A 1273 -37.03 -17.73 -37.55
N THR A 1274 -36.62 -17.81 -38.81
CA THR A 1274 -36.88 -18.99 -39.64
C THR A 1274 -35.61 -19.71 -40.10
N ALA A 1275 -34.44 -19.07 -40.00
CA ALA A 1275 -33.10 -19.50 -40.40
C ALA A 1275 -32.93 -19.52 -41.92
N GLU A 1276 -33.99 -19.33 -42.71
CA GLU A 1276 -33.83 -19.31 -44.16
C GLU A 1276 -32.92 -18.16 -44.56
N ALA A 1277 -32.10 -18.39 -45.58
CA ALA A 1277 -31.35 -17.29 -46.15
C ALA A 1277 -32.32 -16.27 -46.75
N ALA A 1278 -32.02 -14.99 -46.54
CA ALA A 1278 -32.83 -13.95 -47.13
C ALA A 1278 -32.68 -13.97 -48.66
N THR A 1279 -33.80 -13.73 -49.35
CA THR A 1279 -33.79 -13.67 -50.80
C THR A 1279 -34.47 -12.38 -51.27
N GLY A 1280 -33.84 -11.70 -52.21
CA GLY A 1280 -34.39 -10.50 -52.80
C GLY A 1280 -33.81 -9.21 -52.22
N TRP A 1281 -34.60 -8.14 -52.36
CA TRP A 1281 -34.29 -6.88 -51.73
C TRP A 1281 -34.51 -7.01 -50.24
N GLN A 1282 -33.61 -6.46 -49.43
CA GLN A 1282 -33.79 -6.57 -48.00
C GLN A 1282 -33.30 -5.33 -47.30
N THR A 1283 -34.03 -4.93 -46.27
CA THR A 1283 -33.63 -3.89 -45.33
C THR A 1283 -33.25 -4.59 -44.02
N ILE A 1284 -31.95 -4.60 -43.70
CA ILE A 1284 -31.52 -5.25 -42.47
C ILE A 1284 -31.08 -4.15 -41.50
N ASP A 1285 -32.03 -3.71 -40.69
CA ASP A 1285 -31.84 -2.78 -39.55
C ASP A 1285 -30.79 -1.71 -39.83
N GLY A 1286 -31.09 -0.90 -40.84
CA GLY A 1286 -30.47 0.39 -41.03
C GLY A 1286 -30.10 0.69 -42.46
N LYS A 1287 -29.70 -0.34 -43.20
CA LYS A 1287 -29.24 -0.17 -44.56
C LYS A 1287 -29.96 -1.18 -45.45
N LYS A 1288 -29.78 -1.02 -46.75
CA LYS A 1288 -30.47 -1.85 -47.73
C LYS A 1288 -29.44 -2.73 -48.42
N TYR A 1289 -29.85 -3.98 -48.67
CA TYR A 1289 -29.03 -4.97 -49.35
C TYR A 1289 -29.86 -5.61 -50.45
N TYR A 1290 -29.17 -6.23 -51.41
CA TYR A 1290 -29.83 -7.09 -52.40
C TYR A 1290 -29.17 -8.47 -52.34
N PHE A 1291 -29.98 -9.50 -52.10
CA PHE A 1291 -29.51 -10.88 -52.14
C PHE A 1291 -30.04 -11.56 -53.39
N ASN A 1292 -29.12 -11.95 -54.27
CA ASN A 1292 -29.40 -12.67 -55.50
C ASN A 1292 -30.48 -13.73 -55.27
N THR A 1293 -31.56 -13.66 -56.07
CA THR A 1293 -32.72 -14.51 -55.81
C THR A 1293 -32.47 -15.99 -56.05
N ASN A 1294 -31.32 -16.38 -56.60
CA ASN A 1294 -30.95 -17.78 -56.82
C ASN A 1294 -29.92 -18.31 -55.83
N THR A 1295 -28.93 -17.50 -55.46
CA THR A 1295 -27.83 -17.95 -54.60
C THR A 1295 -27.82 -17.34 -53.21
N ALA A 1296 -28.74 -16.42 -52.89
CA ALA A 1296 -28.89 -15.85 -51.56
C ALA A 1296 -27.64 -15.09 -51.13
N ILE A 1297 -26.89 -14.61 -52.08
CA ILE A 1297 -25.58 -14.02 -51.84
C ILE A 1297 -25.76 -12.49 -51.83
N ALA A 1298 -25.02 -11.81 -50.96
CA ALA A 1298 -25.10 -10.36 -50.97
C ALA A 1298 -24.44 -9.79 -52.23
N SER A 1299 -24.96 -8.66 -52.69
CA SER A 1299 -24.44 -8.04 -53.92
C SER A 1299 -23.27 -7.12 -53.62
N THR A 1300 -22.26 -7.14 -54.48
CA THR A 1300 -21.09 -6.30 -54.28
C THR A 1300 -20.64 -5.67 -55.60
N GLY A 1301 -20.31 -4.37 -55.54
CA GLY A 1301 -19.86 -3.66 -56.74
C GLY A 1301 -21.01 -3.18 -57.62
N TYR A 1302 -20.64 -2.70 -58.80
CA TYR A 1302 -21.65 -2.33 -59.78
C TYR A 1302 -22.50 -3.55 -60.09
N THR A 1303 -23.83 -3.38 -60.05
CA THR A 1303 -24.74 -4.53 -60.01
C THR A 1303 -26.08 -4.18 -60.63
N ILE A 1304 -26.62 -5.10 -61.45
CA ILE A 1304 -27.85 -4.87 -62.25
C ILE A 1304 -29.00 -5.67 -61.66
N ILE A 1305 -30.12 -5.00 -61.42
CA ILE A 1305 -31.29 -5.64 -60.81
C ILE A 1305 -32.48 -5.43 -61.75
N ASN A 1306 -32.71 -6.42 -62.59
CA ASN A 1306 -33.73 -6.42 -63.65
C ASN A 1306 -33.66 -5.15 -64.51
N GLY A 1307 -32.49 -4.98 -65.14
CA GLY A 1307 -32.26 -3.93 -66.12
C GLY A 1307 -31.89 -2.57 -65.55
N LYS A 1308 -32.25 -2.30 -64.29
CA LYS A 1308 -31.85 -1.09 -63.57
C LYS A 1308 -30.49 -1.31 -62.90
N HIS A 1309 -29.64 -0.27 -62.96
CA HIS A 1309 -28.32 -0.33 -62.35
C HIS A 1309 -28.35 0.21 -60.92
N PHE A 1310 -27.60 -0.45 -60.04
CA PHE A 1310 -27.48 -0.06 -58.64
C PHE A 1310 -26.02 -0.21 -58.25
N TYR A 1311 -25.64 0.40 -57.13
CA TYR A 1311 -24.30 0.18 -56.60
C TYR A 1311 -24.38 -0.31 -55.17
N PHE A 1312 -23.45 -1.22 -54.83
CA PHE A 1312 -23.36 -1.84 -53.52
C PHE A 1312 -21.89 -1.89 -53.10
N ASN A 1313 -21.60 -1.59 -51.84
CA ASN A 1313 -20.21 -1.52 -51.42
C ASN A 1313 -19.77 -2.89 -50.89
N THR A 1314 -18.59 -2.92 -50.25
CA THR A 1314 -17.89 -4.17 -49.99
C THR A 1314 -18.68 -5.09 -49.07
N ASP A 1315 -19.41 -4.51 -48.12
CA ASP A 1315 -20.29 -5.28 -47.24
C ASP A 1315 -21.72 -5.30 -47.77
N GLY A 1316 -21.93 -4.90 -49.01
CA GLY A 1316 -23.21 -5.03 -49.69
C GLY A 1316 -24.20 -3.93 -49.43
N ILE A 1317 -23.78 -2.84 -48.79
CA ILE A 1317 -24.67 -1.75 -48.44
C ILE A 1317 -25.02 -1.00 -49.71
N MET A 1318 -26.30 -0.73 -49.93
CA MET A 1318 -26.64 0.07 -51.10
C MET A 1318 -26.17 1.50 -50.89
N GLN A 1319 -25.40 2.01 -51.84
CA GLN A 1319 -24.86 3.36 -51.77
C GLN A 1319 -25.66 4.32 -52.65
N ILE A 1320 -25.61 5.60 -52.29
CA ILE A 1320 -26.35 6.65 -52.98
C ILE A 1320 -25.36 7.77 -53.24
N GLY A 1321 -24.83 7.82 -54.45
CA GLY A 1321 -23.83 8.81 -54.76
C GLY A 1321 -23.38 8.67 -56.20
N VAL A 1322 -22.10 8.89 -56.43
CA VAL A 1322 -21.51 8.81 -57.77
C VAL A 1322 -20.45 7.73 -57.70
N PHE A 1323 -20.57 6.71 -58.55
CA PHE A 1323 -19.69 5.54 -58.47
C PHE A 1323 -19.33 5.07 -59.87
N LYS A 1324 -18.26 4.27 -59.94
CA LYS A 1324 -17.70 3.80 -61.22
C LYS A 1324 -18.39 2.52 -61.66
N GLY A 1325 -19.14 2.61 -62.75
CA GLY A 1325 -19.58 1.44 -63.46
C GLY A 1325 -18.70 1.19 -64.67
N PRO A 1326 -19.06 0.19 -65.48
CA PRO A 1326 -18.34 -0.04 -66.75
C PRO A 1326 -18.57 1.06 -67.79
N ASN A 1327 -19.53 1.95 -67.57
CA ASN A 1327 -19.78 3.01 -68.53
C ASN A 1327 -19.60 4.39 -67.91
N GLY A 1328 -18.49 4.58 -67.17
CA GLY A 1328 -18.22 5.82 -66.45
C GLY A 1328 -18.92 5.91 -65.09
N PHE A 1329 -18.83 7.10 -64.50
CA PHE A 1329 -19.49 7.34 -63.23
C PHE A 1329 -20.96 7.65 -63.46
N GLU A 1330 -21.82 7.09 -62.62
CA GLU A 1330 -23.26 7.25 -62.74
C GLU A 1330 -23.82 7.71 -61.41
N TYR A 1331 -24.68 8.71 -61.46
CA TYR A 1331 -25.37 9.21 -60.27
C TYR A 1331 -26.38 8.18 -59.80
N PHE A 1332 -25.97 7.31 -58.88
CA PHE A 1332 -26.90 6.46 -58.18
C PHE A 1332 -27.67 7.33 -57.21
N ALA A 1333 -28.75 7.93 -57.69
CA ALA A 1333 -29.46 8.99 -57.03
C ALA A 1333 -30.58 8.45 -56.17
N PRO A 1334 -31.02 9.18 -55.16
CA PRO A 1334 -32.12 8.68 -54.34
C PRO A 1334 -33.42 8.53 -55.10
N ALA A 1335 -34.44 8.11 -54.38
CA ALA A 1335 -35.75 7.96 -54.98
C ALA A 1335 -36.28 9.33 -55.38
N ASN A 1336 -37.12 9.32 -56.42
CA ASN A 1336 -37.87 10.50 -56.81
C ASN A 1336 -36.91 11.66 -57.05
N THR A 1337 -35.93 11.42 -57.90
CA THR A 1337 -35.03 12.49 -58.31
C THR A 1337 -35.15 12.79 -59.79
N ASP A 1338 -35.46 11.79 -60.61
CA ASP A 1338 -35.90 12.03 -61.97
C ASP A 1338 -36.93 10.98 -62.34
N ALA A 1339 -38.20 11.38 -62.41
CA ALA A 1339 -39.31 10.53 -62.84
C ALA A 1339 -39.39 9.27 -61.98
N ASN A 1340 -39.67 9.49 -60.69
CA ASN A 1340 -39.89 8.42 -59.70
C ASN A 1340 -38.86 7.31 -59.81
N ASN A 1341 -37.59 7.71 -59.79
CA ASN A 1341 -36.50 6.74 -59.68
C ASN A 1341 -36.61 6.02 -58.35
N ILE A 1342 -36.29 4.72 -58.35
CA ILE A 1342 -36.26 3.97 -57.10
C ILE A 1342 -35.00 4.33 -56.33
N GLU A 1343 -35.09 4.39 -55.00
CA GLU A 1343 -33.96 4.83 -54.19
C GLU A 1343 -32.75 3.95 -54.44
N GLY A 1344 -31.62 4.59 -54.73
CA GLY A 1344 -30.39 3.90 -55.07
C GLY A 1344 -30.21 3.56 -56.53
N GLN A 1345 -31.25 3.75 -57.35
CA GLN A 1345 -31.18 3.40 -58.75
C GLN A 1345 -30.52 4.54 -59.52
N ALA A 1346 -29.48 4.22 -60.30
CA ALA A 1346 -28.86 5.21 -61.16
C ALA A 1346 -29.92 5.87 -62.03
N ILE A 1347 -29.71 7.13 -62.42
CA ILE A 1347 -30.68 7.85 -63.23
C ILE A 1347 -29.98 8.71 -64.27
N LEU A 1348 -30.81 9.43 -65.03
CA LEU A 1348 -30.35 10.44 -65.97
C LEU A 1348 -30.05 11.74 -65.24
N TYR A 1349 -28.96 12.37 -65.65
CA TYR A 1349 -28.54 13.68 -65.15
C TYR A 1349 -27.75 14.31 -66.28
N GLN A 1350 -28.40 15.12 -67.09
CA GLN A 1350 -27.80 15.60 -68.33
C GLN A 1350 -27.40 17.06 -68.19
N ASN A 1351 -26.11 17.31 -68.43
CA ASN A 1351 -25.52 18.64 -68.48
C ASN A 1351 -25.93 19.46 -67.25
N GLU A 1352 -25.45 18.99 -66.11
CA GLU A 1352 -25.75 19.63 -64.84
C GLU A 1352 -24.65 19.31 -63.84
N PHE A 1353 -24.48 20.22 -62.88
CA PHE A 1353 -23.60 19.96 -61.75
C PHE A 1353 -24.32 19.08 -60.74
N LEU A 1354 -23.53 18.43 -59.89
CA LEU A 1354 -24.06 17.70 -58.75
C LEU A 1354 -23.15 17.94 -57.56
N THR A 1355 -23.69 18.61 -56.54
CA THR A 1355 -22.96 18.90 -55.31
C THR A 1355 -23.61 18.05 -54.23
N LEU A 1356 -22.91 16.99 -53.84
CA LEU A 1356 -23.44 15.93 -52.99
C LEU A 1356 -22.59 15.84 -51.73
N ASN A 1357 -23.07 16.46 -50.65
CA ASN A 1357 -22.41 16.51 -49.35
C ASN A 1357 -20.89 16.76 -49.46
N GLY A 1358 -20.58 17.93 -50.00
CA GLY A 1358 -19.18 18.36 -50.15
C GLY A 1358 -18.53 18.04 -51.48
N LYS A 1359 -18.61 16.78 -51.90
CA LYS A 1359 -18.07 16.38 -53.19
C LYS A 1359 -18.88 17.05 -54.30
N LYS A 1360 -18.19 17.54 -55.33
CA LYS A 1360 -18.86 18.23 -56.44
C LYS A 1360 -18.45 17.61 -57.76
N TYR A 1361 -19.44 17.18 -58.54
CA TYR A 1361 -19.31 16.58 -59.85
C TYR A 1361 -20.03 17.43 -60.89
N TYR A 1362 -19.61 17.27 -62.15
CA TYR A 1362 -20.35 17.72 -63.32
C TYR A 1362 -20.58 16.54 -64.25
N PHE A 1363 -21.82 16.43 -64.74
CA PHE A 1363 -22.30 15.33 -65.58
C PHE A 1363 -22.47 15.83 -67.02
N GLY A 1364 -21.82 15.15 -67.97
CA GLY A 1364 -21.89 15.53 -69.36
C GLY A 1364 -23.18 15.17 -70.10
N SER A 1365 -23.03 14.79 -71.38
CA SER A 1365 -24.19 14.58 -72.25
C SER A 1365 -24.91 13.26 -71.94
N ASP A 1366 -24.15 12.16 -71.91
CA ASP A 1366 -24.62 10.80 -71.65
C ASP A 1366 -25.11 10.60 -70.21
N SER A 1367 -25.19 11.63 -69.39
CA SER A 1367 -25.44 11.49 -67.95
C SER A 1367 -24.52 10.45 -67.32
N LYS A 1368 -23.25 10.48 -67.75
CA LYS A 1368 -22.10 9.89 -67.06
C LYS A 1368 -21.15 11.02 -66.66
N ALA A 1369 -20.56 10.92 -65.46
CA ALA A 1369 -19.79 12.04 -64.90
C ALA A 1369 -18.45 12.21 -65.61
N VAL A 1370 -18.06 13.47 -65.82
CA VAL A 1370 -16.87 13.81 -66.60
C VAL A 1370 -15.65 13.86 -65.70
N THR A 1371 -14.53 13.36 -66.19
CA THR A 1371 -13.28 13.40 -65.45
C THR A 1371 -12.24 14.16 -66.26
N GLY A 1372 -11.21 14.65 -65.57
CA GLY A 1372 -10.15 15.41 -66.20
C GLY A 1372 -10.44 16.90 -66.31
N TRP A 1373 -9.49 17.60 -66.94
CA TRP A 1373 -9.67 19.01 -67.26
C TRP A 1373 -10.88 19.24 -68.15
N ARG A 1374 -11.69 20.24 -67.81
CA ARG A 1374 -12.89 20.58 -68.57
C ARG A 1374 -13.31 22.01 -68.24
N ILE A 1375 -13.71 22.76 -69.26
CA ILE A 1375 -14.15 24.15 -69.12
C ILE A 1375 -15.65 24.20 -69.38
N ILE A 1376 -16.38 24.87 -68.49
CA ILE A 1376 -17.81 25.09 -68.67
C ILE A 1376 -18.18 26.47 -68.15
N ASN A 1377 -18.86 27.25 -68.99
CA ASN A 1377 -19.11 28.67 -68.75
C ASN A 1377 -17.82 29.42 -68.44
N ASN A 1378 -16.79 29.14 -69.24
CA ASN A 1378 -15.52 29.87 -69.20
C ASN A 1378 -14.96 29.88 -67.78
N LYS A 1379 -15.06 28.74 -67.10
CA LYS A 1379 -14.45 28.51 -65.79
C LYS A 1379 -13.84 27.12 -65.84
N LYS A 1380 -12.50 27.02 -65.89
CA LYS A 1380 -11.86 25.70 -65.99
C LYS A 1380 -11.98 24.97 -64.66
N TYR A 1381 -12.18 23.66 -64.73
CA TYR A 1381 -12.29 22.80 -63.57
C TYR A 1381 -11.29 21.67 -63.71
N TYR A 1382 -11.25 20.81 -62.71
CA TYR A 1382 -10.48 19.58 -62.81
C TYR A 1382 -11.11 18.53 -61.91
N PHE A 1383 -11.70 17.51 -62.53
CA PHE A 1383 -12.36 16.42 -61.82
C PHE A 1383 -11.38 15.23 -61.73
N ASN A 1384 -11.12 14.77 -60.52
CA ASN A 1384 -10.16 13.69 -60.30
C ASN A 1384 -10.62 12.44 -61.05
N PRO A 1385 -9.81 11.92 -61.97
CA PRO A 1385 -10.27 10.83 -62.84
C PRO A 1385 -10.37 9.49 -62.13
N ASN A 1386 -10.20 9.50 -60.82
CA ASN A 1386 -10.34 8.29 -60.03
C ASN A 1386 -11.61 8.31 -59.19
N ASN A 1387 -12.27 9.45 -59.07
CA ASN A 1387 -13.53 9.53 -58.34
C ASN A 1387 -14.51 10.55 -58.96
N ALA A 1388 -14.16 11.15 -60.11
CA ALA A 1388 -15.00 12.11 -60.83
C ALA A 1388 -15.21 13.42 -60.08
N ILE A 1389 -14.29 13.77 -59.17
CA ILE A 1389 -14.54 14.75 -58.11
C ILE A 1389 -13.78 16.03 -58.43
N ALA A 1390 -14.46 17.17 -58.32
CA ALA A 1390 -13.80 18.43 -58.61
C ALA A 1390 -12.69 18.68 -57.60
N ALA A 1391 -11.70 19.47 -57.98
CA ALA A 1391 -10.58 19.78 -57.11
C ALA A 1391 -10.79 21.13 -56.42
N ILE A 1392 -10.31 21.23 -55.19
CA ILE A 1392 -10.45 22.43 -54.38
C ILE A 1392 -9.10 22.72 -53.74
N HIS A 1393 -8.82 24.02 -53.56
CA HIS A 1393 -7.60 24.52 -52.93
C HIS A 1393 -6.34 24.15 -53.69
N LEU A 1394 -5.17 24.30 -53.04
CA LEU A 1394 -3.92 23.86 -53.64
C LEU A 1394 -3.96 22.37 -53.98
N CYS A 1395 -3.56 22.01 -55.20
CA CYS A 1395 -3.64 20.65 -55.72
C CYS A 1395 -2.38 20.35 -56.51
N THR A 1396 -1.94 19.09 -56.50
CA THR A 1396 -0.84 18.68 -57.36
C THR A 1396 -1.42 17.72 -58.40
N ILE A 1397 -1.43 18.15 -59.66
CA ILE A 1397 -1.90 17.29 -60.75
C ILE A 1397 -0.81 17.24 -61.82
N ASN A 1398 -0.26 16.04 -62.00
CA ASN A 1398 0.81 15.79 -62.96
C ASN A 1398 1.97 16.76 -62.75
N ASN A 1399 2.57 16.65 -61.56
CA ASN A 1399 3.81 17.34 -61.18
C ASN A 1399 3.72 18.86 -61.21
N ASP A 1400 2.51 19.43 -61.20
CA ASP A 1400 2.40 20.88 -61.18
C ASP A 1400 1.30 21.27 -60.21
N LYS A 1401 1.54 22.32 -59.44
CA LYS A 1401 0.58 22.78 -58.45
C LYS A 1401 -0.32 23.86 -59.05
N TYR A 1402 -1.62 23.71 -58.87
CA TYR A 1402 -2.63 24.64 -59.34
C TYR A 1402 -3.42 25.09 -58.11
N TYR A 1403 -4.21 26.16 -58.22
CA TYR A 1403 -5.01 26.60 -57.07
C TYR A 1403 -6.46 26.74 -57.51
N PHE A 1404 -7.35 25.96 -56.88
CA PHE A 1404 -8.78 26.03 -57.19
C PHE A 1404 -9.54 26.68 -56.04
N SER A 1405 -10.53 27.48 -56.39
CA SER A 1405 -11.33 28.17 -55.41
C SER A 1405 -12.13 27.18 -54.58
N TYR A 1406 -12.88 27.70 -53.62
CA TYR A 1406 -13.74 26.86 -52.79
C TYR A 1406 -14.77 26.09 -53.61
N ASP A 1407 -15.12 26.54 -54.81
CA ASP A 1407 -16.14 25.85 -55.60
C ASP A 1407 -15.54 25.16 -56.84
N GLY A 1408 -14.26 24.82 -56.79
CA GLY A 1408 -13.64 24.01 -57.82
C GLY A 1408 -13.13 24.77 -59.03
N ILE A 1409 -13.27 26.10 -59.03
CA ILE A 1409 -12.96 26.95 -60.18
C ILE A 1409 -11.49 27.32 -60.12
N LEU A 1410 -10.73 26.98 -61.17
CA LEU A 1410 -9.30 27.33 -61.17
C LEU A 1410 -9.11 28.84 -61.11
N GLN A 1411 -8.06 29.25 -60.42
CA GLN A 1411 -7.73 30.66 -60.22
C GLN A 1411 -6.26 30.85 -60.54
N ASN A 1412 -5.83 32.11 -60.59
CA ASN A 1412 -4.46 32.38 -60.99
C ASN A 1412 -3.95 33.65 -60.32
N GLY A 1413 -2.62 33.75 -60.25
CA GLY A 1413 -1.98 34.97 -59.79
C GLY A 1413 -1.27 34.92 -58.46
N TYR A 1414 -1.46 35.97 -57.67
CA TYR A 1414 -0.97 36.08 -56.30
C TYR A 1414 -2.04 35.44 -55.43
N ILE A 1415 -1.70 34.29 -54.84
CA ILE A 1415 -2.58 33.57 -53.92
C ILE A 1415 -1.76 33.26 -52.67
N THR A 1416 -2.34 33.52 -51.50
CA THR A 1416 -1.68 33.27 -50.24
C THR A 1416 -2.10 31.90 -49.69
N ILE A 1417 -1.11 31.07 -49.36
CA ILE A 1417 -1.37 29.75 -48.81
C ILE A 1417 -0.55 29.60 -47.53
N GLU A 1418 -1.25 29.43 -46.40
CA GLU A 1418 -0.62 29.16 -45.11
C GLU A 1418 0.39 30.24 -44.76
N ARG A 1419 -0.04 31.49 -44.92
CA ARG A 1419 0.69 32.70 -44.54
C ARG A 1419 1.94 32.94 -45.40
N ASN A 1420 2.04 32.34 -46.58
CA ASN A 1420 3.09 32.57 -47.56
C ASN A 1420 2.44 33.00 -48.87
N ASN A 1421 3.16 33.75 -49.71
CA ASN A 1421 2.60 34.19 -50.97
C ASN A 1421 3.28 33.49 -52.14
N PHE A 1422 2.48 33.06 -53.13
CA PHE A 1422 2.94 32.29 -54.27
C PHE A 1422 2.40 32.91 -55.55
N TYR A 1423 2.91 32.45 -56.69
CA TYR A 1423 2.38 32.93 -57.97
C TYR A 1423 1.97 31.76 -58.86
N PHE A 1424 0.77 31.88 -59.45
CA PHE A 1424 0.20 30.91 -60.37
C PHE A 1424 0.03 31.63 -61.72
N ASP A 1425 1.04 31.50 -62.58
CA ASP A 1425 1.12 32.21 -63.88
C ASP A 1425 -0.03 31.82 -64.81
N ALA A 1426 -0.89 32.79 -65.13
CA ALA A 1426 -2.00 32.55 -66.04
C ALA A 1426 -1.56 32.23 -67.47
N ASN A 1427 -0.31 32.49 -67.82
CA ASN A 1427 0.26 32.11 -69.11
C ASN A 1427 0.87 30.72 -69.09
N ASN A 1428 0.52 29.90 -68.10
CA ASN A 1428 1.10 28.56 -67.97
C ASN A 1428 0.06 27.56 -67.53
N GLU A 1429 -1.16 27.67 -68.08
CA GLU A 1429 -2.35 26.95 -67.59
C GLU A 1429 -2.56 27.16 -66.08
N SER A 1430 -2.07 28.30 -65.58
CA SER A 1430 -2.13 28.73 -64.19
C SER A 1430 -1.29 27.88 -63.24
N LYS A 1431 -0.30 27.17 -63.78
CA LYS A 1431 0.63 26.44 -62.92
C LYS A 1431 1.35 27.40 -61.98
N MET A 1432 1.49 27.00 -60.72
CA MET A 1432 2.36 27.74 -59.81
C MET A 1432 3.77 27.68 -60.36
N VAL A 1433 4.46 28.82 -60.35
CA VAL A 1433 5.77 28.91 -60.98
C VAL A 1433 6.68 29.76 -60.11
N THR A 1434 7.97 29.67 -60.43
CA THR A 1434 9.00 30.39 -59.73
C THR A 1434 9.62 31.43 -60.66
N GLY A 1435 9.70 32.66 -60.18
CA GLY A 1435 10.14 33.75 -61.02
C GLY A 1435 10.16 35.04 -60.24
N VAL A 1436 10.11 36.15 -60.99
CA VAL A 1436 9.82 37.47 -60.43
C VAL A 1436 8.51 37.91 -61.04
N PHE A 1437 7.58 38.35 -60.19
CA PHE A 1437 6.24 38.70 -60.67
C PHE A 1437 5.71 39.83 -59.80
N LYS A 1438 4.61 40.45 -60.27
CA LYS A 1438 4.01 41.58 -59.57
C LYS A 1438 2.85 41.10 -58.68
N GLY A 1439 3.03 41.22 -57.37
CA GLY A 1439 1.93 41.07 -56.45
C GLY A 1439 1.47 42.42 -55.95
N PRO A 1440 0.26 42.50 -55.38
CA PRO A 1440 -0.31 43.82 -55.06
C PRO A 1440 0.45 44.53 -53.95
N ASN A 1441 1.61 43.99 -53.59
CA ASN A 1441 2.55 44.77 -52.82
C ASN A 1441 3.86 45.06 -53.56
N GLY A 1442 4.16 44.36 -54.64
CA GLY A 1442 5.31 44.73 -55.44
C GLY A 1442 5.69 43.63 -56.41
N PHE A 1443 6.93 43.70 -56.85
CA PHE A 1443 7.55 42.64 -57.63
C PHE A 1443 8.30 41.77 -56.63
N GLU A 1444 7.97 40.49 -56.54
CA GLU A 1444 8.54 39.65 -55.50
C GLU A 1444 9.23 38.43 -56.08
N TYR A 1445 10.37 38.07 -55.49
CA TYR A 1445 11.15 36.94 -55.99
C TYR A 1445 10.54 35.65 -55.45
N PHE A 1446 9.70 35.02 -56.26
CA PHE A 1446 9.14 33.71 -55.95
C PHE A 1446 10.22 32.68 -56.24
N ALA A 1447 11.02 32.44 -55.20
CA ALA A 1447 12.25 31.66 -55.25
C ALA A 1447 11.95 30.17 -55.40
N PRO A 1448 12.94 29.38 -55.81
CA PRO A 1448 12.81 27.93 -55.69
C PRO A 1448 13.21 27.49 -54.29
N ALA A 1449 12.86 26.25 -53.97
CA ALA A 1449 13.01 25.77 -52.60
C ALA A 1449 14.48 25.75 -52.18
N ASN A 1450 14.72 26.04 -50.90
CA ASN A 1450 16.07 26.19 -50.35
C ASN A 1450 16.82 27.32 -51.04
N THR A 1451 16.27 28.52 -50.94
CA THR A 1451 16.97 29.71 -51.38
C THR A 1451 17.23 30.69 -50.25
N HIS A 1452 16.37 30.73 -49.24
CA HIS A 1452 16.64 31.58 -48.09
C HIS A 1452 15.94 30.98 -46.88
N ASN A 1453 16.72 30.33 -46.02
CA ASN A 1453 16.20 29.77 -44.78
C ASN A 1453 15.19 28.64 -45.08
N ASN A 1454 15.62 27.70 -45.94
CA ASN A 1454 14.86 26.49 -46.27
C ASN A 1454 13.42 26.80 -46.69
N ASN A 1455 13.25 27.87 -47.45
CA ASN A 1455 11.94 28.33 -47.88
C ASN A 1455 11.22 27.28 -48.73
N ILE A 1456 9.95 27.56 -49.03
CA ILE A 1456 9.09 26.64 -49.77
C ILE A 1456 9.32 26.87 -51.26
N GLU A 1457 8.84 25.95 -52.09
CA GLU A 1457 8.89 26.14 -53.54
C GLU A 1457 7.89 27.22 -53.97
N GLY A 1458 8.38 28.25 -54.66
CA GLY A 1458 7.51 29.27 -55.18
C GLY A 1458 7.04 30.31 -54.20
N GLN A 1459 7.60 30.32 -52.99
CA GLN A 1459 7.21 31.25 -51.95
C GLN A 1459 7.99 32.55 -52.08
N ALA A 1460 7.30 33.68 -51.93
CA ALA A 1460 7.99 34.97 -51.82
C ALA A 1460 8.99 34.93 -50.67
N ILE A 1461 10.27 35.10 -50.98
CA ILE A 1461 11.31 35.12 -49.96
C ILE A 1461 11.82 36.53 -49.79
N VAL A 1462 12.42 36.79 -48.62
CA VAL A 1462 13.20 38.00 -48.44
C VAL A 1462 14.47 37.91 -49.29
N TYR A 1463 14.75 39.01 -49.99
CA TYR A 1463 15.94 39.19 -50.81
C TYR A 1463 16.18 40.68 -50.82
N GLN A 1464 17.03 41.17 -49.93
CA GLN A 1464 17.13 42.61 -49.74
C GLN A 1464 18.52 43.15 -50.08
N ASN A 1465 18.53 44.29 -50.78
CA ASN A 1465 19.74 45.02 -51.14
C ASN A 1465 20.72 44.15 -51.91
N LYS A 1466 20.20 43.36 -52.86
CA LYS A 1466 21.06 42.51 -53.67
C LYS A 1466 20.49 42.43 -55.08
N PHE A 1467 21.37 42.18 -56.04
CA PHE A 1467 20.93 41.88 -57.39
C PHE A 1467 20.67 40.38 -57.52
N LEU A 1468 20.06 39.98 -58.63
CA LEU A 1468 19.74 38.58 -58.86
C LEU A 1468 19.68 38.35 -60.35
N THR A 1469 20.49 37.41 -60.83
CA THR A 1469 20.50 37.03 -62.24
C THR A 1469 19.79 35.70 -62.38
N LEU A 1470 18.73 35.66 -63.20
CA LEU A 1470 17.81 34.54 -63.25
C LEU A 1470 17.49 34.23 -64.70
N ASN A 1471 17.86 33.03 -65.16
CA ASN A 1471 17.49 32.55 -66.49
C ASN A 1471 17.84 33.59 -67.55
N GLY A 1472 18.99 34.23 -67.39
CA GLY A 1472 19.45 35.22 -68.35
C GLY A 1472 18.78 36.58 -68.26
N LYS A 1473 18.11 36.89 -67.16
CA LYS A 1473 17.65 38.24 -66.91
C LYS A 1473 18.29 38.75 -65.63
N LYS A 1474 18.12 40.03 -65.33
CA LYS A 1474 18.78 40.62 -64.17
C LYS A 1474 17.87 41.66 -63.52
N TYR A 1475 17.57 41.45 -62.25
CA TYR A 1475 16.77 42.32 -61.41
C TYR A 1475 17.61 42.86 -60.27
N TYR A 1476 17.07 43.86 -59.57
CA TYR A 1476 17.66 44.26 -58.30
C TYR A 1476 16.53 44.53 -57.32
N PHE A 1477 16.78 44.22 -56.03
CA PHE A 1477 15.78 44.30 -54.97
C PHE A 1477 16.20 45.24 -53.84
N ASP A 1478 15.24 46.07 -53.39
CA ASP A 1478 15.45 47.13 -52.41
C ASP A 1478 15.42 46.57 -50.99
N ASN A 1479 15.26 47.45 -50.01
CA ASN A 1479 15.21 47.01 -48.61
C ASN A 1479 13.98 46.14 -48.34
N ASP A 1480 12.81 46.54 -48.85
CA ASP A 1480 11.63 45.72 -48.62
C ASP A 1480 11.55 44.58 -49.63
N SER A 1481 12.67 43.90 -49.87
CA SER A 1481 12.73 42.63 -50.60
C SER A 1481 11.82 42.58 -51.81
N LYS A 1482 11.57 43.73 -52.46
CA LYS A 1482 10.71 43.80 -53.62
C LYS A 1482 11.46 44.50 -54.74
N ALA A 1483 11.26 44.03 -55.98
CA ALA A 1483 12.06 44.51 -57.10
C ALA A 1483 11.87 45.99 -57.30
N VAL A 1484 12.72 46.54 -58.15
CA VAL A 1484 12.73 47.95 -58.48
C VAL A 1484 12.55 48.09 -59.98
N THR A 1485 11.91 49.18 -60.37
CA THR A 1485 11.39 49.36 -61.72
C THR A 1485 11.76 50.75 -62.22
N GLY A 1486 12.30 50.82 -63.43
CA GLY A 1486 12.60 52.11 -63.99
C GLY A 1486 14.07 52.50 -64.03
N TRP A 1487 14.36 53.79 -63.88
CA TRP A 1487 15.70 54.28 -64.08
C TRP A 1487 16.40 54.29 -62.73
N GLN A 1488 17.52 53.58 -62.62
CA GLN A 1488 18.13 53.37 -61.31
C GLN A 1488 19.64 53.37 -61.42
N THR A 1489 20.28 54.02 -60.46
CA THR A 1489 21.72 54.01 -60.31
C THR A 1489 22.09 53.30 -58.99
N ILE A 1490 22.77 52.16 -59.10
CA ILE A 1490 23.01 51.26 -57.97
C ILE A 1490 24.52 51.17 -57.77
N ASP A 1491 25.03 51.95 -56.81
CA ASP A 1491 26.43 51.87 -56.37
C ASP A 1491 27.40 52.01 -57.56
N GLY A 1492 27.34 53.20 -58.16
CA GLY A 1492 28.23 53.57 -59.24
C GLY A 1492 27.99 52.89 -60.57
N LYS A 1493 26.73 52.82 -61.01
CA LYS A 1493 26.42 52.38 -62.36
C LYS A 1493 24.93 52.61 -62.59
N LYS A 1494 24.57 53.04 -63.80
CA LYS A 1494 23.18 53.33 -64.14
C LYS A 1494 22.57 52.13 -64.83
N TYR A 1495 21.36 51.77 -64.41
CA TYR A 1495 20.61 50.67 -64.98
C TYR A 1495 19.21 51.14 -65.32
N TYR A 1496 18.55 50.42 -66.22
CA TYR A 1496 17.15 50.66 -66.50
C TYR A 1496 16.37 49.36 -66.45
N PHE A 1497 15.29 49.37 -65.67
CA PHE A 1497 14.49 48.19 -65.37
C PHE A 1497 13.07 48.35 -65.90
N ASN A 1498 12.62 47.35 -66.66
CA ASN A 1498 11.33 47.31 -67.33
C ASN A 1498 10.18 47.70 -66.43
N LEU A 1499 9.54 48.84 -66.75
CA LEU A 1499 8.31 49.22 -66.09
C LEU A 1499 7.33 48.05 -65.97
N ASN A 1500 7.36 47.12 -66.93
CA ASN A 1500 6.42 46.01 -66.98
C ASN A 1500 6.97 44.69 -66.40
N THR A 1501 8.30 44.46 -66.36
CA THR A 1501 8.79 43.18 -65.85
C THR A 1501 9.99 43.29 -64.92
N ALA A 1502 10.38 44.48 -64.50
CA ALA A 1502 11.53 44.74 -63.65
C ALA A 1502 12.82 44.13 -64.19
N GLU A 1503 12.82 43.67 -65.43
CA GLU A 1503 14.02 43.12 -66.05
C GLU A 1503 15.00 44.24 -66.44
N ALA A 1504 16.29 44.00 -66.19
CA ALA A 1504 17.30 44.91 -66.70
C ALA A 1504 17.19 45.00 -68.22
N ALA A 1505 17.36 46.22 -68.73
CA ALA A 1505 17.44 46.43 -70.18
C ALA A 1505 18.84 46.10 -70.68
N THR A 1506 18.90 45.37 -71.77
CA THR A 1506 20.16 44.92 -72.36
C THR A 1506 20.17 45.28 -73.84
N GLY A 1507 21.31 45.81 -74.31
CA GLY A 1507 21.45 46.16 -75.71
C GLY A 1507 20.86 47.52 -76.06
N TRP A 1508 20.79 47.78 -77.37
CA TRP A 1508 20.34 49.07 -77.86
C TRP A 1508 18.87 49.29 -77.55
N GLN A 1509 18.54 50.44 -76.96
CA GLN A 1509 17.19 50.65 -76.45
C GLN A 1509 16.79 52.11 -76.62
N THR A 1510 15.80 52.37 -77.47
CA THR A 1510 15.20 53.69 -77.52
C THR A 1510 14.21 53.80 -76.37
N ILE A 1511 14.55 54.62 -75.37
CA ILE A 1511 13.78 54.74 -74.13
C ILE A 1511 13.26 56.17 -74.03
N ASP A 1512 11.93 56.32 -73.98
CA ASP A 1512 11.26 57.60 -73.73
C ASP A 1512 11.85 58.71 -74.59
N GLY A 1513 12.06 58.40 -75.88
CA GLY A 1513 12.60 59.36 -76.84
C GLY A 1513 14.08 59.29 -77.14
N LYS A 1514 14.94 59.43 -76.13
CA LYS A 1514 16.37 59.29 -76.35
C LYS A 1514 16.73 57.83 -76.62
N LYS A 1515 17.90 57.61 -77.23
CA LYS A 1515 18.40 56.25 -77.49
C LYS A 1515 19.66 56.02 -76.66
N TYR A 1516 19.62 54.97 -75.82
CA TYR A 1516 20.71 54.58 -74.93
C TYR A 1516 21.18 53.18 -75.27
N TYR A 1517 22.28 52.78 -74.64
CA TYR A 1517 22.85 51.43 -74.84
C TYR A 1517 23.34 50.86 -73.53
N PHE A 1518 22.77 49.71 -73.13
CA PHE A 1518 23.10 49.01 -71.91
C PHE A 1518 23.92 47.76 -72.20
N ASN A 1519 24.94 47.54 -71.36
CA ASN A 1519 25.92 46.47 -71.52
C ASN A 1519 25.25 45.11 -71.63
N LEU A 1520 25.78 44.26 -72.51
CA LEU A 1520 25.08 43.00 -72.78
C LEU A 1520 25.19 42.01 -71.62
N ASN A 1521 26.28 42.09 -70.84
CA ASN A 1521 26.49 41.14 -69.75
C ASN A 1521 25.99 41.69 -68.41
N THR A 1522 26.30 42.94 -68.11
CA THR A 1522 26.01 43.49 -66.80
C THR A 1522 24.89 44.52 -66.83
N ALA A 1523 24.33 44.82 -68.00
CA ALA A 1523 23.21 45.74 -68.19
C ALA A 1523 23.49 47.15 -67.71
N GLU A 1524 24.75 47.46 -67.39
CA GLU A 1524 25.10 48.83 -67.03
C GLU A 1524 24.91 49.77 -68.20
N ALA A 1525 24.33 50.93 -67.93
CA ALA A 1525 24.27 51.97 -68.94
C ALA A 1525 25.67 52.37 -69.36
N ALA A 1526 25.92 52.38 -70.68
CA ALA A 1526 27.23 52.74 -71.20
C ALA A 1526 27.41 54.25 -71.19
N THR A 1527 28.55 54.70 -70.61
CA THR A 1527 28.92 56.11 -70.49
C THR A 1527 30.29 56.33 -71.12
N GLY A 1528 30.40 57.37 -71.94
CA GLY A 1528 31.68 57.73 -72.56
C GLY A 1528 31.96 57.02 -73.87
N TRP A 1529 33.26 56.94 -74.19
CA TRP A 1529 33.67 56.26 -75.41
C TRP A 1529 33.53 54.77 -75.22
N GLN A 1530 32.86 54.12 -76.15
CA GLN A 1530 32.77 52.66 -76.11
C GLN A 1530 32.71 52.20 -77.55
N THR A 1531 33.31 51.06 -77.82
CA THR A 1531 33.32 50.49 -79.16
C THR A 1531 32.34 49.32 -79.18
N ILE A 1532 31.18 49.51 -79.80
CA ILE A 1532 30.11 48.49 -79.78
C ILE A 1532 30.33 47.64 -81.02
N ASP A 1533 31.32 46.73 -80.93
CA ASP A 1533 31.60 45.74 -81.96
C ASP A 1533 31.53 46.25 -83.39
N GLY A 1534 32.57 47.01 -83.76
CA GLY A 1534 32.82 47.44 -85.12
C GLY A 1534 32.78 48.95 -85.27
N LYS A 1535 31.99 49.62 -84.42
CA LYS A 1535 31.79 51.05 -84.47
C LYS A 1535 32.14 51.63 -83.12
N LYS A 1536 32.63 52.88 -83.12
CA LYS A 1536 32.92 53.63 -81.90
C LYS A 1536 31.82 54.64 -81.70
N TYR A 1537 31.25 54.67 -80.51
CA TYR A 1537 30.24 55.66 -80.16
C TYR A 1537 30.82 56.45 -78.99
N TYR A 1538 30.24 57.59 -78.68
CA TYR A 1538 30.56 58.26 -77.43
C TYR A 1538 29.24 58.59 -76.78
N PHE A 1539 29.02 58.05 -75.58
CA PHE A 1539 27.82 58.29 -74.77
C PHE A 1539 28.12 59.36 -73.74
N ASN A 1540 27.25 60.37 -73.70
CA ASN A 1540 27.42 61.53 -72.86
C ASN A 1540 27.59 61.10 -71.42
N THR A 1541 28.67 61.55 -70.78
CA THR A 1541 28.84 61.19 -69.37
C THR A 1541 27.71 61.75 -68.51
N ASN A 1542 27.12 62.88 -68.90
CA ASN A 1542 26.03 63.45 -68.11
C ASN A 1542 24.72 62.68 -68.32
N THR A 1543 24.25 62.52 -69.56
CA THR A 1543 22.92 61.97 -69.81
C THR A 1543 22.91 60.56 -70.40
N PHE A 1544 24.07 59.91 -70.57
CA PHE A 1544 24.20 58.56 -71.14
C PHE A 1544 23.53 58.40 -72.51
N ILE A 1545 23.28 59.49 -73.24
CA ILE A 1545 22.69 59.39 -74.56
C ILE A 1545 23.79 59.33 -75.61
N ALA A 1546 23.62 58.42 -76.57
CA ALA A 1546 24.51 58.35 -77.72
C ALA A 1546 24.44 59.66 -78.48
N SER A 1547 25.58 60.33 -78.59
CA SER A 1547 25.70 61.61 -79.24
C SER A 1547 25.87 61.45 -80.75
N THR A 1548 25.44 62.47 -81.48
CA THR A 1548 25.35 62.42 -82.93
C THR A 1548 25.79 63.75 -83.51
N GLY A 1549 26.54 63.72 -84.63
CA GLY A 1549 26.99 64.92 -85.33
C GLY A 1549 28.11 65.68 -84.59
N TYR A 1550 28.25 66.98 -84.91
CA TYR A 1550 29.34 67.78 -84.36
C TYR A 1550 29.24 67.92 -82.86
N THR A 1551 29.99 67.09 -82.14
CA THR A 1551 29.89 67.01 -80.69
C THR A 1551 31.27 67.32 -80.11
N SER A 1552 31.37 68.39 -79.33
CA SER A 1552 32.65 68.76 -78.76
C SER A 1552 32.76 68.07 -77.41
N ILE A 1553 33.89 67.40 -77.19
CA ILE A 1553 34.12 66.68 -75.94
C ILE A 1553 35.59 66.86 -75.53
N ASN A 1554 35.80 67.44 -74.34
CA ASN A 1554 37.13 67.76 -73.84
C ASN A 1554 37.80 68.80 -74.73
N GLY A 1555 37.01 69.79 -75.15
CA GLY A 1555 37.50 70.79 -76.07
C GLY A 1555 37.44 70.27 -77.49
N LYS A 1556 38.13 69.16 -77.77
CA LYS A 1556 38.25 68.63 -79.12
C LYS A 1556 36.88 68.33 -79.74
N HIS A 1557 36.83 68.38 -81.08
CA HIS A 1557 35.59 68.19 -81.84
C HIS A 1557 35.61 66.90 -82.62
N PHE A 1558 34.49 66.18 -82.58
CA PHE A 1558 34.31 64.88 -83.23
C PHE A 1558 33.00 64.90 -83.98
N TYR A 1559 32.86 64.03 -84.97
CA TYR A 1559 31.63 63.99 -85.75
C TYR A 1559 31.14 62.55 -85.89
N PHE A 1560 29.85 62.36 -85.53
CA PHE A 1560 29.17 61.06 -85.43
C PHE A 1560 27.99 60.95 -86.38
N ASN A 1561 27.76 59.72 -86.83
CA ASN A 1561 26.71 59.33 -87.75
C ASN A 1561 25.33 59.69 -87.20
N THR A 1562 24.30 59.48 -88.02
CA THR A 1562 22.94 59.63 -87.51
C THR A 1562 22.68 58.60 -86.42
N ASP A 1563 23.25 57.42 -86.58
CA ASP A 1563 23.11 56.35 -85.61
C ASP A 1563 24.28 56.29 -84.65
N GLY A 1564 24.91 57.44 -84.40
CA GLY A 1564 25.90 57.61 -83.36
C GLY A 1564 27.31 57.11 -83.66
N ILE A 1565 27.57 56.63 -84.87
CA ILE A 1565 28.88 56.08 -85.21
C ILE A 1565 29.86 57.20 -85.55
N MET A 1566 31.07 57.08 -84.99
CA MET A 1566 32.14 58.01 -85.29
C MET A 1566 32.47 57.93 -86.77
N GLN A 1567 32.87 59.06 -87.31
CA GLN A 1567 33.18 59.12 -88.72
C GLN A 1567 34.58 59.66 -88.89
N ILE A 1568 35.21 59.28 -90.00
CA ILE A 1568 36.53 59.76 -90.34
C ILE A 1568 36.53 60.17 -91.81
N GLY A 1569 36.80 61.44 -92.05
CA GLY A 1569 36.62 62.00 -93.36
C GLY A 1569 36.31 63.48 -93.23
N VAL A 1570 35.78 64.05 -94.29
CA VAL A 1570 35.48 65.47 -94.33
C VAL A 1570 34.00 65.62 -94.06
N PHE A 1571 33.65 66.39 -93.01
CA PHE A 1571 32.25 66.58 -92.62
C PHE A 1571 32.02 68.03 -92.19
N LYS A 1572 30.78 68.49 -92.38
CA LYS A 1572 30.39 69.89 -92.14
C LYS A 1572 30.00 70.09 -90.67
N GLY A 1573 30.65 71.05 -90.02
CA GLY A 1573 30.29 71.48 -88.69
C GLY A 1573 29.90 72.93 -88.77
N PRO A 1574 29.72 73.58 -87.61
CA PRO A 1574 29.29 75.00 -87.62
C PRO A 1574 30.23 75.92 -88.34
N ASN A 1575 31.49 75.58 -88.42
CA ASN A 1575 32.46 76.47 -89.02
C ASN A 1575 32.85 76.04 -90.41
N GLY A 1576 32.38 74.89 -90.87
CA GLY A 1576 32.61 74.42 -92.21
C GLY A 1576 33.16 73.02 -92.17
N PHE A 1577 33.54 72.51 -93.34
CA PHE A 1577 34.03 71.13 -93.47
C PHE A 1577 35.39 71.02 -92.80
N GLU A 1578 35.48 70.31 -91.69
CA GLU A 1578 36.75 69.98 -91.07
C GLU A 1578 37.14 68.54 -91.41
N TYR A 1579 38.42 68.24 -91.24
CA TYR A 1579 38.96 66.89 -91.46
C TYR A 1579 39.04 66.13 -90.12
N PHE A 1580 38.13 65.17 -89.94
CA PHE A 1580 38.07 64.31 -88.78
C PHE A 1580 38.94 63.10 -89.07
N ALA A 1581 40.10 63.03 -88.40
CA ALA A 1581 41.23 62.28 -88.94
C ALA A 1581 41.53 60.99 -88.20
N PRO A 1582 42.34 60.10 -88.80
CA PRO A 1582 42.95 59.01 -88.05
C PRO A 1582 43.88 59.53 -86.96
N ALA A 1583 44.20 58.66 -86.02
CA ALA A 1583 45.10 59.06 -84.94
C ALA A 1583 46.49 59.34 -85.49
N ASN A 1584 47.19 60.27 -84.83
CA ASN A 1584 48.54 60.69 -85.22
C ASN A 1584 48.59 61.12 -86.68
N THR A 1585 47.55 61.85 -87.11
CA THR A 1585 47.60 62.50 -88.41
C THR A 1585 48.35 63.82 -88.33
N ASP A 1586 48.13 64.62 -87.28
CA ASP A 1586 48.85 65.88 -87.12
C ASP A 1586 48.71 66.33 -85.68
N ALA A 1587 49.84 66.71 -85.07
CA ALA A 1587 49.89 67.19 -83.68
C ALA A 1587 49.39 66.13 -82.71
N ASN A 1588 49.71 64.87 -83.03
CA ASN A 1588 49.43 63.71 -82.19
C ASN A 1588 47.93 63.60 -81.83
N ASN A 1589 47.07 63.87 -82.81
CA ASN A 1589 45.62 63.90 -82.58
C ASN A 1589 45.08 62.50 -82.33
N ILE A 1590 43.93 62.46 -81.63
CA ILE A 1590 43.29 61.19 -81.30
C ILE A 1590 42.30 60.85 -82.40
N GLU A 1591 41.96 59.57 -82.53
CA GLU A 1591 41.20 59.10 -83.68
C GLU A 1591 39.86 59.80 -83.77
N GLY A 1592 39.65 60.52 -84.89
CA GLY A 1592 38.39 61.18 -85.18
C GLY A 1592 38.33 62.63 -84.78
N GLN A 1593 39.34 63.12 -84.08
CA GLN A 1593 39.47 64.54 -83.79
C GLN A 1593 39.60 65.34 -85.07
N ALA A 1594 38.90 66.46 -85.15
CA ALA A 1594 39.18 67.40 -86.24
C ALA A 1594 40.57 67.97 -86.02
N ILE A 1595 41.35 68.04 -87.09
CA ILE A 1595 42.74 68.47 -86.99
C ILE A 1595 42.95 69.75 -87.80
N LEU A 1596 44.01 70.48 -87.42
CA LEU A 1596 44.57 71.50 -88.30
C LEU A 1596 45.11 70.85 -89.57
N TYR A 1597 44.75 71.42 -90.72
CA TYR A 1597 45.15 70.88 -92.01
C TYR A 1597 45.13 72.07 -92.98
N GLN A 1598 46.29 72.71 -93.16
CA GLN A 1598 46.35 74.01 -93.81
C GLN A 1598 46.93 73.93 -95.21
N ASN A 1599 46.26 74.58 -96.15
CA ASN A 1599 46.74 74.74 -97.52
C ASN A 1599 47.28 73.43 -98.06
N LYS A 1600 46.58 72.34 -97.77
CA LYS A 1600 46.98 70.98 -98.10
C LYS A 1600 45.84 70.30 -98.84
N PHE A 1601 46.19 69.43 -99.77
CA PHE A 1601 45.17 68.54 -100.30
C PHE A 1601 44.96 67.41 -99.31
N LEU A 1602 43.82 66.76 -99.41
CA LEU A 1602 43.55 65.52 -98.68
C LEU A 1602 42.66 64.69 -99.57
N THR A 1603 43.11 63.49 -99.88
CA THR A 1603 42.38 62.66 -100.82
C THR A 1603 42.13 61.29 -100.17
N LEU A 1604 40.92 61.07 -99.66
CA LEU A 1604 40.54 59.82 -99.01
C LEU A 1604 39.22 59.34 -99.60
N ASN A 1605 39.11 58.01 -99.75
CA ASN A 1605 37.91 57.34 -100.29
C ASN A 1605 37.68 57.65 -101.77
N GLY A 1606 38.76 57.82 -102.53
CA GLY A 1606 38.66 58.23 -103.90
C GLY A 1606 38.36 59.70 -104.12
N LYS A 1607 37.77 60.39 -103.12
CA LYS A 1607 37.39 61.80 -103.18
C LYS A 1607 38.59 62.70 -102.87
N LYS A 1608 38.65 63.86 -103.52
CA LYS A 1608 39.73 64.83 -103.36
C LYS A 1608 39.21 66.13 -102.73
N TYR A 1609 39.96 66.67 -101.77
CA TYR A 1609 39.59 67.91 -101.08
C TYR A 1609 40.80 68.82 -100.99
N TYR A 1610 40.54 70.12 -100.81
CA TYR A 1610 41.59 71.06 -100.48
C TYR A 1610 41.18 71.82 -99.22
N PHE A 1611 42.13 72.00 -98.31
CA PHE A 1611 41.88 72.73 -97.08
C PHE A 1611 42.65 74.04 -97.12
N GLY A 1612 42.01 75.13 -96.73
CA GLY A 1612 42.62 76.45 -96.76
C GLY A 1612 43.39 76.81 -95.50
N SER A 1613 43.67 78.11 -95.37
CA SER A 1613 44.37 78.60 -94.19
C SER A 1613 43.61 78.28 -92.91
N ASP A 1614 42.29 78.27 -92.97
CA ASP A 1614 41.51 78.02 -91.76
C ASP A 1614 41.27 76.53 -91.49
N SER A 1615 42.08 75.65 -92.06
CA SER A 1615 41.95 74.20 -91.86
C SER A 1615 40.53 73.73 -92.16
N LYS A 1616 39.88 74.40 -93.08
CA LYS A 1616 38.55 73.98 -93.47
C LYS A 1616 38.51 73.80 -94.99
N ALA A 1617 37.71 72.84 -95.41
CA ALA A 1617 37.64 72.46 -96.81
C ALA A 1617 37.03 73.58 -97.67
N VAL A 1618 37.42 73.59 -98.92
CA VAL A 1618 37.22 74.68 -99.87
C VAL A 1618 36.07 74.33 -100.81
N THR A 1619 35.21 75.29 -101.12
CA THR A 1619 34.20 75.08 -102.14
C THR A 1619 34.30 76.14 -103.22
N GLY A 1620 33.79 75.81 -104.40
CA GLY A 1620 33.69 76.73 -105.52
C GLY A 1620 34.73 76.40 -106.56
N LEU A 1621 34.96 77.36 -107.46
CA LEU A 1621 36.12 77.31 -108.35
C LEU A 1621 37.31 78.01 -107.70
N ARG A 1622 38.46 77.32 -107.67
CA ARG A 1622 39.66 77.78 -107.01
C ARG A 1622 40.89 77.46 -107.85
N THR A 1623 41.96 78.22 -107.61
CA THR A 1623 43.17 78.22 -108.42
C THR A 1623 44.31 77.81 -107.50
N ILE A 1624 44.63 76.53 -107.44
CA ILE A 1624 45.55 75.99 -106.43
C ILE A 1624 46.84 75.57 -107.14
N ASP A 1625 47.91 76.31 -106.89
CA ASP A 1625 49.22 76.04 -107.47
C ASP A 1625 49.15 75.89 -109.00
N GLY A 1626 48.55 76.88 -109.65
CA GLY A 1626 48.48 76.91 -111.10
C GLY A 1626 47.30 76.17 -111.72
N LYS A 1627 46.89 75.06 -111.12
CA LYS A 1627 45.78 74.26 -111.64
C LYS A 1627 44.45 74.74 -111.07
N LYS A 1628 43.40 74.69 -111.90
CA LYS A 1628 42.05 74.95 -111.45
C LYS A 1628 41.29 73.67 -111.09
N TYR A 1629 40.41 73.83 -110.12
CA TYR A 1629 39.55 72.78 -109.61
C TYR A 1629 38.18 73.38 -109.37
N TYR A 1630 37.14 72.56 -109.50
CA TYR A 1630 35.85 72.97 -108.99
C TYR A 1630 35.49 71.99 -107.88
N PHE A 1631 35.15 72.53 -106.71
CA PHE A 1631 34.80 71.77 -105.52
C PHE A 1631 33.31 71.90 -105.29
N ASN A 1632 32.62 70.76 -105.23
CA ASN A 1632 31.17 70.65 -104.97
C ASN A 1632 30.73 71.54 -103.82
N THR A 1633 29.81 72.48 -104.08
CA THR A 1633 29.43 73.33 -102.95
C THR A 1633 28.69 72.57 -101.87
N ASN A 1634 28.22 71.35 -102.16
CA ASN A 1634 27.56 70.53 -101.16
C ASN A 1634 28.53 69.61 -100.42
N THR A 1635 29.47 68.99 -101.12
CA THR A 1635 30.27 67.95 -100.51
C THR A 1635 31.74 68.31 -100.43
N ALA A 1636 32.12 69.46 -100.98
CA ALA A 1636 33.49 69.98 -100.98
C ALA A 1636 34.45 69.05 -101.71
N VAL A 1637 33.94 68.24 -102.62
CA VAL A 1637 34.72 67.25 -103.36
C VAL A 1637 35.07 67.80 -104.74
N ALA A 1638 36.32 67.62 -105.14
CA ALA A 1638 36.73 67.95 -106.49
C ALA A 1638 35.87 67.21 -107.51
N VAL A 1639 35.33 67.95 -108.48
CA VAL A 1639 34.62 67.32 -109.58
C VAL A 1639 35.30 67.64 -110.90
N THR A 1640 36.61 67.77 -110.90
CA THR A 1640 37.34 68.05 -112.16
C THR A 1640 38.52 67.10 -112.31
N ASP B 14 0.03 -14.09 -55.19
CA ASP B 14 -0.05 -14.03 -53.74
C ASP B 14 -0.95 -12.87 -53.29
N ASP B 15 -1.62 -13.06 -52.14
CA ASP B 15 -2.47 -12.02 -51.58
C ASP B 15 -1.65 -10.92 -50.91
N LEU B 16 -0.44 -11.24 -50.45
CA LEU B 16 0.46 -10.21 -49.93
C LEU B 16 0.95 -9.28 -51.03
N ILE B 17 0.91 -9.71 -52.29
CA ILE B 17 1.20 -8.78 -53.39
C ILE B 17 0.12 -7.71 -53.46
N ASP B 18 -1.15 -8.12 -53.37
CA ASP B 18 -2.26 -7.16 -53.40
C ASP B 18 -2.16 -6.17 -52.24
N GLU B 19 -1.86 -6.67 -51.04
CA GLU B 19 -1.59 -5.77 -49.92
C GLU B 19 -0.40 -4.88 -50.21
N PHE B 20 0.64 -5.41 -50.86
CA PHE B 20 1.85 -4.64 -51.13
C PHE B 20 1.55 -3.44 -52.03
N ASN B 21 0.38 -3.45 -52.68
CA ASN B 21 -0.06 -2.30 -53.47
C ASN B 21 -0.81 -1.27 -52.63
N LEU B 22 -1.86 -1.67 -51.88
CA LEU B 22 -2.61 -0.71 -51.06
C LEU B 22 -1.67 0.03 -50.11
N LEU B 23 -0.61 -0.63 -49.64
CA LEU B 23 0.42 0.07 -48.88
C LEU B 23 1.14 1.10 -49.74
N GLU B 24 1.58 0.71 -50.94
CA GLU B 24 2.26 1.67 -51.82
C GLU B 24 1.28 2.73 -52.34
N ASN B 25 0.01 2.35 -52.47
CA ASN B 25 -1.04 3.29 -52.81
C ASN B 25 -1.20 4.36 -51.72
N VAL B 26 -1.29 3.92 -50.47
CA VAL B 26 -1.38 4.86 -49.34
C VAL B 26 -0.12 5.72 -49.24
N SER B 27 1.07 5.12 -49.40
CA SER B 27 2.31 5.91 -49.37
C SER B 27 2.21 7.10 -50.30
N ASP B 28 1.64 6.89 -51.48
CA ASP B 28 1.62 7.95 -52.46
C ASP B 28 0.79 9.12 -51.95
N GLU B 29 -0.41 8.84 -51.43
CA GLU B 29 -1.24 9.94 -51.00
C GLU B 29 -0.81 10.48 -49.64
N LEU B 30 -0.13 9.67 -48.82
CA LEU B 30 0.52 10.23 -47.65
C LEU B 30 1.61 11.20 -48.07
N TYR B 31 2.39 10.86 -49.11
CA TYR B 31 3.45 11.75 -49.56
C TYR B 31 2.88 13.06 -50.08
N GLU B 32 1.79 12.99 -50.87
CA GLU B 32 1.18 14.21 -51.38
C GLU B 32 0.61 15.05 -50.27
N LEU B 33 -0.10 14.42 -49.34
CA LEU B 33 -0.69 15.17 -48.24
C LEU B 33 0.35 15.96 -47.46
N LYS B 34 1.53 15.37 -47.21
CA LYS B 34 2.57 16.15 -46.55
C LYS B 34 3.16 17.20 -47.48
N LYS B 35 3.21 16.92 -48.79
CA LYS B 35 3.84 17.87 -49.72
C LYS B 35 3.06 19.18 -49.79
N LEU B 36 1.72 19.10 -49.80
CA LEU B 36 0.92 20.33 -49.83
C LEU B 36 0.97 21.12 -48.50
N ASN B 37 1.35 20.47 -47.39
CA ASN B 37 1.45 21.13 -46.10
C ASN B 37 2.87 21.30 -45.59
N ASN B 38 3.87 21.03 -46.43
CA ASN B 38 5.25 21.37 -46.12
C ASN B 38 5.72 20.64 -44.87
N LEU B 39 5.33 19.38 -44.75
CA LEU B 39 5.73 18.53 -43.64
C LEU B 39 6.84 17.61 -44.13
N ASP B 40 8.02 17.73 -43.50
CA ASP B 40 9.20 16.96 -43.86
C ASP B 40 9.35 15.72 -42.98
N GLU B 41 10.57 15.15 -42.99
CA GLU B 41 10.87 13.99 -42.18
C GLU B 41 10.47 14.20 -40.74
N LYS B 42 10.61 15.43 -40.23
CA LYS B 42 10.37 15.60 -38.79
C LYS B 42 8.91 15.28 -38.44
N TYR B 43 7.98 15.44 -39.40
CA TYR B 43 6.55 15.29 -39.12
C TYR B 43 6.09 13.89 -39.52
N LEU B 44 5.49 13.18 -38.58
CA LEU B 44 5.06 11.79 -38.71
C LEU B 44 3.55 11.66 -38.52
N ILE B 45 2.86 11.04 -39.49
CA ILE B 45 1.42 10.88 -39.39
C ILE B 45 1.09 10.00 -38.20
N SER B 46 -0.11 10.18 -37.65
CA SER B 46 -0.64 9.32 -36.60
C SER B 46 -1.99 8.76 -37.07
N PHE B 47 -2.01 7.51 -37.57
CA PHE B 47 -3.27 7.02 -38.15
C PHE B 47 -4.38 6.85 -37.11
N GLU B 48 -4.04 6.62 -35.84
CA GLU B 48 -5.08 6.44 -34.83
C GLU B 48 -5.88 7.72 -34.62
N ASP B 49 -5.22 8.88 -34.69
CA ASP B 49 -5.90 10.14 -34.40
C ASP B 49 -6.45 10.78 -35.65
N ILE B 50 -7.21 10.06 -36.47
CA ILE B 50 -7.90 10.69 -37.59
C ILE B 50 -9.36 10.77 -37.21
N SER B 51 -9.95 11.97 -37.32
CA SER B 51 -11.35 12.24 -37.01
C SER B 51 -12.06 12.75 -38.25
N LYS B 52 -13.38 12.88 -38.17
CA LYS B 52 -14.18 13.36 -39.30
C LYS B 52 -15.33 14.23 -38.84
N ASN B 53 -15.42 15.45 -39.37
CA ASN B 53 -16.54 16.34 -39.09
C ASN B 53 -17.11 16.77 -40.43
N ASN B 54 -18.18 16.11 -40.87
CA ASN B 54 -18.96 16.52 -42.03
C ASN B 54 -18.07 16.58 -43.29
N SER B 55 -17.66 15.40 -43.72
CA SER B 55 -17.06 15.22 -45.03
C SER B 55 -15.62 15.67 -45.07
N THR B 56 -15.08 16.23 -43.99
CA THR B 56 -13.67 16.62 -43.92
C THR B 56 -13.00 15.77 -42.86
N TYR B 57 -11.87 15.17 -43.19
CA TYR B 57 -11.11 14.38 -42.24
C TYR B 57 -10.01 15.25 -41.66
N SER B 58 -9.80 15.17 -40.35
CA SER B 58 -8.74 15.93 -39.68
C SER B 58 -7.64 15.00 -39.21
N VAL B 59 -6.46 15.14 -39.82
CA VAL B 59 -5.34 14.22 -39.67
C VAL B 59 -4.23 14.88 -38.88
N ARG B 60 -3.84 14.24 -37.78
CA ARG B 60 -2.86 14.79 -36.86
C ARG B 60 -1.47 14.29 -37.23
N PHE B 61 -0.49 15.19 -37.14
CA PHE B 61 0.91 14.85 -37.40
C PHE B 61 1.71 15.20 -36.16
N ILE B 62 2.69 14.37 -35.82
CA ILE B 62 3.53 14.61 -34.65
C ILE B 62 4.93 14.99 -35.12
N ASN B 63 5.40 16.15 -34.69
CA ASN B 63 6.78 16.54 -34.94
C ASN B 63 7.66 15.63 -34.10
N LYS B 64 8.39 14.72 -34.74
CA LYS B 64 9.18 13.74 -34.00
C LYS B 64 10.26 14.41 -33.19
N SER B 65 10.73 15.58 -33.63
CA SER B 65 11.90 16.22 -33.03
C SER B 65 11.58 16.97 -31.75
N ASN B 66 10.39 17.58 -31.64
CA ASN B 66 9.97 18.30 -30.45
C ASN B 66 8.69 17.79 -29.82
N GLY B 67 8.04 16.78 -30.43
CA GLY B 67 6.85 16.20 -29.83
C GLY B 67 5.62 17.07 -29.86
N GLU B 68 5.59 18.13 -30.67
CA GLU B 68 4.43 18.98 -30.86
C GLU B 68 3.55 18.39 -31.94
N SER B 69 2.28 18.79 -31.93
CA SER B 69 1.35 18.27 -32.93
C SER B 69 0.64 19.38 -33.70
N VAL B 70 0.58 19.18 -35.01
CA VAL B 70 -0.20 19.96 -35.96
C VAL B 70 -1.28 19.05 -36.53
N TYR B 71 -2.48 19.58 -36.80
CA TYR B 71 -3.51 18.81 -37.46
C TYR B 71 -3.81 19.42 -38.82
N VAL B 72 -3.96 18.59 -39.85
CA VAL B 72 -4.18 19.06 -41.20
C VAL B 72 -5.51 18.50 -41.69
N GLU B 73 -6.26 19.30 -42.44
CA GLU B 73 -7.54 18.86 -43.00
C GLU B 73 -7.32 18.36 -44.42
N THR B 74 -7.79 17.16 -44.71
CA THR B 74 -7.90 16.70 -46.09
C THR B 74 -9.23 15.99 -46.24
N GLU B 75 -9.72 15.98 -47.46
CA GLU B 75 -11.01 15.38 -47.72
C GLU B 75 -10.88 13.98 -48.27
N LYS B 76 -9.65 13.49 -48.40
CA LYS B 76 -9.43 12.13 -48.87
C LYS B 76 -9.88 11.15 -47.79
N GLU B 77 -10.61 10.09 -48.18
CA GLU B 77 -11.03 9.10 -47.22
C GLU B 77 -10.01 7.97 -47.05
N ILE B 78 -8.94 7.93 -47.86
CA ILE B 78 -8.01 6.80 -47.80
C ILE B 78 -7.33 6.72 -46.45
N PHE B 79 -7.09 7.85 -45.79
CA PHE B 79 -6.34 7.78 -44.54
C PHE B 79 -7.13 7.09 -43.45
N SER B 80 -8.41 7.43 -43.28
CA SER B 80 -9.19 6.67 -42.32
C SER B 80 -9.24 5.20 -42.70
N LYS B 81 -9.44 4.91 -43.99
CA LYS B 81 -9.66 3.54 -44.45
C LYS B 81 -8.45 2.66 -44.16
N TYR B 82 -7.25 3.21 -44.29
CA TYR B 82 -6.06 2.44 -43.95
C TYR B 82 -5.90 2.29 -42.44
N SER B 83 -6.16 3.36 -41.68
CA SER B 83 -5.98 3.26 -40.23
C SER B 83 -6.93 2.24 -39.65
N GLU B 84 -8.17 2.22 -40.13
CA GLU B 84 -9.08 1.16 -39.73
C GLU B 84 -8.50 -0.19 -40.10
N HIS B 85 -7.90 -0.28 -41.29
CA HIS B 85 -7.35 -1.55 -41.74
C HIS B 85 -6.29 -2.05 -40.78
N ILE B 86 -5.50 -1.16 -40.18
CA ILE B 86 -4.34 -1.63 -39.42
C ILE B 86 -4.43 -1.37 -37.93
N THR B 87 -5.47 -0.71 -37.43
CA THR B 87 -5.61 -0.76 -35.99
C THR B 87 -6.30 -2.05 -35.54
N LYS B 88 -7.07 -2.69 -36.43
CA LYS B 88 -7.56 -4.03 -36.11
C LYS B 88 -6.39 -4.95 -35.82
N GLU B 89 -5.37 -4.92 -36.68
CA GLU B 89 -4.24 -5.85 -36.54
C GLU B 89 -3.41 -5.53 -35.30
N ILE B 90 -3.02 -4.26 -35.12
CA ILE B 90 -2.15 -3.98 -33.99
C ILE B 90 -2.86 -4.40 -32.71
N SER B 91 -4.16 -4.18 -32.63
CA SER B 91 -4.90 -4.62 -31.46
C SER B 91 -4.84 -6.14 -31.30
N THR B 92 -5.14 -6.87 -32.40
CA THR B 92 -5.06 -8.33 -32.36
C THR B 92 -3.70 -8.79 -31.86
N ILE B 93 -2.65 -8.22 -32.43
CA ILE B 93 -1.28 -8.42 -32.00
C ILE B 93 -1.13 -8.07 -30.52
N LYS B 94 -1.68 -6.92 -30.11
CA LYS B 94 -1.52 -6.44 -28.74
C LYS B 94 -2.05 -7.45 -27.73
N ASN B 95 -3.10 -8.19 -28.09
CA ASN B 95 -3.65 -9.18 -27.17
C ASN B 95 -2.83 -10.46 -27.08
N SER B 96 -1.84 -10.65 -27.94
CA SER B 96 -0.91 -11.75 -27.76
C SER B 96 0.26 -11.37 -26.86
N ILE B 97 0.23 -10.18 -26.30
CA ILE B 97 1.29 -9.70 -25.42
C ILE B 97 0.65 -9.37 -24.09
N ILE B 98 1.32 -9.74 -23.00
CA ILE B 98 0.83 -9.32 -21.70
C ILE B 98 1.31 -7.93 -21.36
N THR B 99 2.62 -7.70 -21.44
CA THR B 99 3.21 -6.46 -21.02
C THR B 99 4.66 -6.54 -21.37
N ASP B 100 5.38 -5.45 -21.13
CA ASP B 100 6.82 -5.45 -21.24
C ASP B 100 7.42 -5.34 -19.85
N VAL B 101 8.58 -5.96 -19.69
CA VAL B 101 9.43 -5.76 -18.53
C VAL B 101 10.74 -5.22 -19.08
N ASN B 102 10.99 -3.93 -18.85
CA ASN B 102 12.22 -3.29 -19.31
C ASN B 102 12.48 -3.59 -20.78
N GLY B 103 11.48 -3.31 -21.61
CA GLY B 103 11.61 -3.51 -23.04
C GLY B 103 11.62 -4.94 -23.51
N ASN B 104 11.66 -5.91 -22.61
CA ASN B 104 11.38 -7.29 -22.94
C ASN B 104 9.87 -7.49 -23.03
N LEU B 105 9.35 -7.85 -24.20
CA LEU B 105 7.92 -8.10 -24.31
C LEU B 105 7.64 -9.52 -23.86
N LEU B 106 6.71 -9.72 -22.93
CA LEU B 106 6.32 -11.06 -22.53
C LEU B 106 5.11 -11.51 -23.33
N ASP B 107 5.20 -12.69 -23.97
CA ASP B 107 4.06 -13.22 -24.72
C ASP B 107 2.94 -13.71 -23.80
N ASN B 108 1.71 -13.51 -24.23
CA ASN B 108 0.58 -14.13 -23.55
C ASN B 108 0.20 -15.28 -24.46
N ILE B 109 0.71 -16.46 -24.15
CA ILE B 109 0.59 -17.58 -25.08
C ILE B 109 -0.85 -18.04 -25.12
N GLN B 110 -1.34 -18.25 -26.33
CA GLN B 110 -2.72 -18.62 -26.58
C GLN B 110 -2.78 -20.04 -27.12
N LEU B 111 -3.50 -20.91 -26.43
CA LEU B 111 -3.56 -22.28 -26.91
C LEU B 111 -4.74 -22.51 -27.84
N ASP B 112 -5.65 -21.55 -27.97
CA ASP B 112 -6.79 -21.64 -28.88
C ASP B 112 -6.32 -21.61 -30.33
N HIS B 113 -6.74 -22.61 -31.13
CA HIS B 113 -6.31 -22.59 -32.52
C HIS B 113 -6.77 -21.33 -33.24
N THR B 114 -8.07 -20.99 -33.14
CA THR B 114 -8.51 -19.82 -33.88
C THR B 114 -7.72 -18.58 -33.47
N SER B 115 -7.52 -18.41 -32.16
CA SER B 115 -6.73 -17.28 -31.70
C SER B 115 -5.32 -17.36 -32.25
N GLN B 116 -4.85 -18.59 -32.48
CA GLN B 116 -3.48 -18.76 -32.97
C GLN B 116 -3.35 -18.38 -34.42
N VAL B 117 -4.32 -18.81 -35.24
CA VAL B 117 -4.32 -18.42 -36.65
C VAL B 117 -4.52 -16.92 -36.78
N ASN B 118 -5.25 -16.32 -35.86
CA ASN B 118 -5.55 -14.92 -36.03
C ASN B 118 -4.36 -14.03 -35.70
N THR B 119 -3.58 -14.33 -34.66
CA THR B 119 -2.52 -13.36 -34.39
C THR B 119 -1.36 -13.59 -35.35
N LEU B 120 -1.21 -14.80 -35.89
CA LEU B 120 -0.22 -14.99 -36.93
C LEU B 120 -0.55 -14.14 -38.15
N ASN B 121 -1.81 -14.20 -38.61
CA ASN B 121 -2.19 -13.40 -39.76
C ASN B 121 -1.96 -11.92 -39.53
N ALA B 122 -2.37 -11.40 -38.37
CA ALA B 122 -2.08 -10.02 -38.05
C ALA B 122 -0.57 -9.77 -37.97
N ALA B 123 0.16 -10.65 -37.28
CA ALA B 123 1.59 -10.41 -37.11
C ALA B 123 2.33 -10.47 -38.43
N PHE B 124 1.95 -11.41 -39.30
CA PHE B 124 2.64 -11.53 -40.58
C PHE B 124 2.50 -10.23 -41.39
N PHE B 125 1.28 -9.66 -41.40
CA PHE B 125 0.97 -8.39 -42.07
C PHE B 125 1.76 -7.22 -41.51
N ILE B 126 1.51 -6.86 -40.24
CA ILE B 126 2.14 -5.70 -39.64
C ILE B 126 3.65 -5.83 -39.62
N GLN B 127 4.16 -7.03 -39.36
CA GLN B 127 5.62 -7.17 -39.26
C GLN B 127 6.31 -6.99 -40.60
N SER B 128 5.67 -7.40 -41.69
CA SER B 128 6.26 -7.23 -43.00
C SER B 128 6.07 -5.82 -43.55
N LEU B 129 5.10 -5.06 -43.03
CA LEU B 129 5.00 -3.66 -43.44
C LEU B 129 6.13 -2.84 -42.88
N ILE B 130 6.65 -3.23 -41.71
CA ILE B 130 7.86 -2.59 -41.23
C ILE B 130 9.07 -3.08 -42.04
N ASP B 131 8.96 -4.23 -42.72
CA ASP B 131 10.04 -4.83 -43.49
C ASP B 131 10.05 -4.40 -44.96
N TYR B 132 9.03 -3.67 -45.41
CA TYR B 132 9.08 -2.92 -46.67
C TYR B 132 9.49 -1.48 -46.39
N SER B 133 10.41 -1.33 -45.42
CA SER B 133 11.17 -0.12 -45.17
C SER B 133 12.50 -0.11 -45.89
N SER B 134 13.04 -1.30 -46.19
CA SER B 134 14.35 -1.40 -46.82
C SER B 134 14.43 -0.60 -48.11
N ASN B 135 13.30 -0.46 -48.83
CA ASN B 135 13.28 0.26 -50.09
C ASN B 135 13.74 1.72 -49.94
N LYS B 136 13.51 2.33 -48.77
CA LYS B 136 13.80 3.75 -48.52
C LYS B 136 13.16 4.63 -49.59
N ASP B 137 11.97 4.22 -50.03
CA ASP B 137 11.15 4.91 -51.00
C ASP B 137 10.17 5.85 -50.27
N VAL B 138 9.14 6.32 -50.98
CA VAL B 138 8.05 7.07 -50.34
C VAL B 138 7.47 6.31 -49.16
N LEU B 139 7.53 4.97 -49.19
CA LEU B 139 7.00 4.13 -48.14
C LEU B 139 7.98 3.90 -46.98
N ASN B 140 9.10 4.62 -46.94
CA ASN B 140 9.88 4.57 -45.72
C ASN B 140 9.28 5.51 -44.68
N ASP B 141 8.54 6.53 -45.13
CA ASP B 141 7.80 7.41 -44.25
C ASP B 141 6.64 6.70 -43.58
N LEU B 142 6.01 5.75 -44.26
CA LEU B 142 4.87 5.04 -43.71
C LEU B 142 5.31 3.78 -42.95
N SER B 143 6.44 3.19 -43.33
CA SER B 143 7.01 2.11 -42.54
C SER B 143 7.20 2.52 -41.10
N THR B 144 7.87 3.64 -40.88
CA THR B 144 8.12 4.08 -39.52
C THR B 144 6.88 4.66 -38.87
N SER B 145 5.86 5.01 -39.65
CA SER B 145 4.62 5.42 -38.98
C SER B 145 3.92 4.22 -38.34
N VAL B 146 3.81 3.10 -39.06
CA VAL B 146 3.20 1.93 -38.45
C VAL B 146 4.10 1.37 -37.35
N LYS B 147 5.43 1.40 -37.54
CA LYS B 147 6.36 0.91 -36.54
C LYS B 147 6.21 1.65 -35.20
N VAL B 148 6.11 2.99 -35.24
CA VAL B 148 5.83 3.74 -34.02
C VAL B 148 4.45 3.39 -33.49
N GLN B 149 3.45 3.34 -34.38
CA GLN B 149 2.09 3.03 -33.95
C GLN B 149 2.05 1.76 -33.09
N LEU B 150 2.65 0.68 -33.61
CA LEU B 150 2.76 -0.57 -32.87
C LEU B 150 3.55 -0.39 -31.61
N TYR B 151 4.62 0.38 -31.68
CA TYR B 151 5.48 0.48 -30.53
C TYR B 151 4.80 1.22 -29.39
N ALA B 152 4.10 2.31 -29.71
CA ALA B 152 3.37 3.05 -28.69
C ALA B 152 2.24 2.22 -28.10
N GLN B 153 1.77 1.22 -28.84
CA GLN B 153 0.62 0.43 -28.42
C GLN B 153 1.04 -0.73 -27.52
N LEU B 154 2.20 -1.33 -27.80
CA LEU B 154 2.72 -2.44 -26.99
C LEU B 154 3.47 -1.94 -25.75
N PHE B 155 4.18 -0.81 -25.85
CA PHE B 155 5.02 -0.34 -24.77
C PHE B 155 4.43 0.84 -23.99
N SER B 156 3.36 1.46 -24.48
CA SER B 156 2.74 2.62 -23.84
C SER B 156 1.25 2.57 -24.13
N THR B 157 0.57 3.70 -23.95
CA THR B 157 -0.88 3.77 -23.96
C THR B 157 -1.46 3.76 -25.36
N GLY B 158 -0.62 3.61 -26.37
CA GLY B 158 -1.07 3.89 -27.72
C GLY B 158 -0.70 5.30 -28.13
N LEU B 159 -0.51 5.49 -29.43
CA LEU B 159 -0.10 6.82 -29.84
C LEU B 159 -1.21 7.85 -29.64
N ASN B 160 -2.45 7.43 -29.64
CA ASN B 160 -3.54 8.40 -29.76
C ASN B 160 -3.90 9.04 -28.44
N THR B 161 -3.28 8.58 -27.36
CA THR B 161 -3.59 9.09 -26.05
C THR B 161 -2.49 9.97 -25.50
N ILE B 162 -1.38 10.10 -26.19
CA ILE B 162 -0.18 10.73 -25.64
C ILE B 162 -0.04 12.12 -26.22
N TYR B 163 0.01 13.11 -25.33
CA TYR B 163 0.19 14.49 -25.76
C TYR B 163 1.16 15.24 -24.85
N ASP B 164 1.82 14.54 -23.93
CA ASP B 164 3.03 15.02 -23.24
C ASP B 164 4.15 15.17 -24.25
N SER B 165 4.55 16.41 -24.52
CA SER B 165 5.51 16.65 -25.59
C SER B 165 6.80 15.86 -25.36
N ILE B 166 7.31 15.83 -24.11
CA ILE B 166 8.58 15.15 -23.83
C ILE B 166 8.42 13.63 -23.94
N GLN B 167 7.30 13.10 -23.45
CA GLN B 167 7.06 11.67 -23.55
C GLN B 167 7.04 11.22 -25.01
N LEU B 168 6.48 12.07 -25.89
CA LEU B 168 6.34 11.68 -27.28
C LEU B 168 7.69 11.60 -27.98
N VAL B 169 8.64 12.46 -27.61
CA VAL B 169 9.91 12.43 -28.33
C VAL B 169 10.65 11.16 -27.99
N ASN B 170 10.66 10.78 -26.72
CA ASN B 170 11.39 9.59 -26.31
C ASN B 170 10.71 8.31 -26.82
N LEU B 171 9.38 8.25 -26.80
CA LEU B 171 8.70 7.06 -27.29
C LEU B 171 9.02 6.82 -28.76
N ILE B 172 8.89 7.85 -29.60
CA ILE B 172 9.24 7.71 -31.00
C ILE B 172 10.69 7.30 -31.16
N SER B 173 11.58 7.94 -30.41
CA SER B 173 13.00 7.64 -30.53
C SER B 173 13.29 6.17 -30.28
N ASN B 174 12.80 5.64 -29.14
CA ASN B 174 13.00 4.23 -28.84
C ASN B 174 12.37 3.36 -29.93
N ALA B 175 11.16 3.70 -30.35
CA ALA B 175 10.47 2.92 -31.36
C ALA B 175 11.30 2.79 -32.62
N VAL B 176 12.10 3.81 -32.93
CA VAL B 176 12.77 3.82 -34.22
C VAL B 176 14.04 3.01 -34.17
N ASN B 177 14.67 2.94 -33.00
CA ASN B 177 15.92 2.25 -32.84
C ASN B 177 15.76 0.84 -32.32
N ASP B 178 14.86 0.65 -31.36
CA ASP B 178 14.64 -0.67 -30.83
C ASP B 178 13.96 -1.54 -31.88
N THR B 179 14.22 -2.83 -31.84
CA THR B 179 13.74 -3.73 -32.87
C THR B 179 12.82 -4.77 -32.25
N ILE B 180 11.64 -4.96 -32.82
CA ILE B 180 10.58 -5.75 -32.19
C ILE B 180 10.17 -6.89 -33.11
N ASN B 181 10.12 -8.10 -32.54
CA ASN B 181 9.65 -9.29 -33.22
C ASN B 181 8.26 -9.61 -32.69
N VAL B 182 7.28 -9.56 -33.57
CA VAL B 182 5.90 -9.80 -33.18
C VAL B 182 5.38 -11.12 -33.71
N LEU B 183 6.22 -11.87 -34.44
CA LEU B 183 5.85 -13.19 -34.95
C LEU B 183 5.85 -14.23 -33.83
N PRO B 184 4.89 -15.16 -33.83
CA PRO B 184 4.76 -16.11 -32.72
C PRO B 184 5.97 -17.03 -32.65
N THR B 185 6.38 -17.29 -31.42
CA THR B 185 7.51 -18.13 -31.08
C THR B 185 7.63 -18.06 -29.56
N ILE B 186 8.33 -19.04 -29.02
CA ILE B 186 8.47 -19.21 -27.59
C ILE B 186 9.88 -18.93 -27.15
N THR B 187 10.85 -19.47 -27.89
CA THR B 187 12.25 -19.31 -27.57
C THR B 187 12.91 -18.19 -28.33
N GLU B 188 12.38 -17.80 -29.49
CA GLU B 188 13.09 -16.89 -30.41
C GLU B 188 14.53 -17.35 -30.65
N GLY B 189 14.79 -18.64 -30.48
CA GLY B 189 16.08 -19.19 -30.80
C GLY B 189 17.10 -19.16 -29.69
N ILE B 190 16.83 -18.55 -28.56
CA ILE B 190 17.85 -18.72 -27.51
C ILE B 190 17.72 -20.13 -26.97
N PRO B 191 18.81 -20.82 -26.77
CA PRO B 191 18.80 -22.24 -26.37
C PRO B 191 18.54 -22.45 -24.89
N ILE B 192 17.34 -22.09 -24.41
CA ILE B 192 17.07 -22.09 -22.98
C ILE B 192 15.81 -22.92 -22.71
N VAL B 193 15.55 -23.17 -21.44
CA VAL B 193 14.34 -23.87 -21.07
C VAL B 193 13.28 -22.81 -21.01
N SER B 194 12.14 -23.07 -21.65
CA SER B 194 11.05 -22.10 -21.61
C SER B 194 10.15 -22.40 -20.41
N THR B 195 9.54 -21.36 -19.86
CA THR B 195 8.70 -21.54 -18.66
C THR B 195 7.47 -20.67 -18.87
N ILE B 196 6.29 -21.28 -18.92
CA ILE B 196 5.07 -20.52 -19.18
C ILE B 196 4.18 -20.69 -17.97
N LEU B 197 4.06 -19.64 -17.17
CA LEU B 197 3.27 -19.65 -15.94
C LEU B 197 2.07 -18.74 -16.15
N ASP B 198 0.87 -19.28 -16.01
CA ASP B 198 -0.36 -18.51 -16.17
C ASP B 198 -0.49 -17.94 -17.58
N GLY B 199 0.05 -18.68 -18.56
CA GLY B 199 0.05 -18.20 -19.92
C GLY B 199 1.07 -17.12 -20.21
N ILE B 200 1.93 -16.79 -19.26
CA ILE B 200 2.93 -15.76 -19.48
C ILE B 200 4.25 -16.45 -19.84
N ASN B 201 4.92 -15.95 -20.86
CA ASN B 201 6.21 -16.49 -21.30
C ASN B 201 7.31 -15.72 -20.56
N LEU B 202 7.72 -16.26 -19.41
CA LEU B 202 8.72 -15.66 -18.52
C LEU B 202 10.15 -16.20 -18.67
N GLY B 203 10.33 -17.40 -19.24
CA GLY B 203 11.64 -18.04 -19.14
C GLY B 203 12.77 -17.17 -19.67
N ALA B 204 12.56 -16.54 -20.82
CA ALA B 204 13.62 -15.75 -21.42
C ALA B 204 13.96 -14.56 -20.52
N ALA B 205 12.92 -13.86 -20.05
CA ALA B 205 13.13 -12.68 -19.23
C ALA B 205 13.82 -13.00 -17.90
N ILE B 206 13.44 -14.10 -17.23
CA ILE B 206 14.08 -14.43 -15.95
C ILE B 206 15.55 -14.81 -16.15
N LYS B 207 15.87 -15.47 -17.27
CA LYS B 207 17.26 -15.85 -17.51
C LYS B 207 18.12 -14.61 -17.76
N GLU B 208 17.61 -13.64 -18.51
CA GLU B 208 18.35 -12.39 -18.71
C GLU B 208 18.55 -11.69 -17.37
N LEU B 209 17.54 -11.73 -16.50
CA LEU B 209 17.68 -11.09 -15.20
C LEU B 209 18.75 -11.77 -14.36
N LEU B 210 18.81 -13.11 -14.40
CA LEU B 210 19.78 -13.83 -13.58
C LEU B 210 21.18 -13.75 -14.16
N ASP B 211 21.31 -13.59 -15.47
CA ASP B 211 22.63 -13.38 -16.08
C ASP B 211 23.17 -11.97 -15.81
N GLU B 212 22.39 -10.94 -16.14
CA GLU B 212 22.90 -9.58 -16.25
C GLU B 212 22.51 -8.62 -15.13
N HIS B 213 21.45 -8.90 -14.36
CA HIS B 213 21.17 -8.17 -13.12
C HIS B 213 20.68 -6.74 -13.33
N ASP B 214 20.17 -6.39 -14.51
CA ASP B 214 19.53 -5.09 -14.68
C ASP B 214 18.54 -4.73 -13.60
N PRO B 215 18.88 -3.79 -12.69
CA PRO B 215 17.97 -3.46 -11.58
C PRO B 215 16.58 -3.10 -12.04
N LEU B 216 16.43 -2.58 -13.25
CA LEU B 216 15.12 -2.16 -13.68
C LEU B 216 14.29 -3.33 -14.17
N LEU B 217 14.88 -4.21 -14.97
CA LEU B 217 14.18 -5.45 -15.32
C LEU B 217 13.73 -6.18 -14.08
N LYS B 218 14.60 -6.27 -13.06
CA LYS B 218 14.19 -6.94 -11.84
C LYS B 218 12.99 -6.25 -11.24
N LYS B 219 12.98 -4.91 -11.27
CA LYS B 219 11.89 -4.15 -10.67
C LYS B 219 10.56 -4.52 -11.27
N GLU B 220 10.47 -4.47 -12.59
CA GLU B 220 9.19 -4.60 -13.28
C GLU B 220 8.76 -6.06 -13.37
N LEU B 221 9.68 -7.01 -13.22
CA LEU B 221 9.29 -8.41 -13.19
C LEU B 221 8.57 -8.72 -11.90
N GLU B 222 9.13 -8.27 -10.77
CA GLU B 222 8.46 -8.42 -9.49
C GLU B 222 7.16 -7.64 -9.49
N ALA B 223 7.16 -6.46 -10.12
CA ALA B 223 6.00 -5.58 -10.08
C ALA B 223 4.87 -6.06 -11.00
N LYS B 224 5.17 -6.30 -12.27
CA LYS B 224 4.12 -6.50 -13.27
C LYS B 224 3.61 -7.94 -13.33
N VAL B 225 4.49 -8.94 -13.23
CA VAL B 225 4.05 -10.33 -13.23
C VAL B 225 4.41 -11.06 -11.94
N GLY B 226 4.91 -10.34 -10.95
CA GLY B 226 5.11 -10.89 -9.61
C GLY B 226 6.12 -11.99 -9.50
N VAL B 227 7.22 -11.91 -10.25
CA VAL B 227 8.23 -12.95 -10.18
C VAL B 227 9.41 -12.41 -9.38
N LEU B 228 9.91 -13.24 -8.49
CA LEU B 228 11.10 -12.92 -7.74
C LEU B 228 12.10 -14.02 -8.05
N ALA B 229 13.30 -13.64 -8.46
CA ALA B 229 14.35 -14.61 -8.75
C ALA B 229 15.46 -14.42 -7.73
N ILE B 230 15.85 -15.49 -7.09
CA ILE B 230 16.82 -15.35 -6.01
C ILE B 230 18.23 -15.32 -6.59
N ASN B 231 19.05 -14.40 -6.11
CA ASN B 231 20.39 -14.21 -6.65
C ASN B 231 21.33 -14.96 -5.74
N MET B 232 21.78 -16.12 -6.22
CA MET B 232 22.68 -16.96 -5.45
C MET B 232 24.14 -16.62 -5.68
N SER B 233 24.40 -15.38 -6.09
CA SER B 233 25.75 -14.91 -6.36
C SER B 233 26.54 -14.82 -5.05
N LEU B 234 27.86 -15.13 -5.13
CA LEU B 234 28.74 -14.94 -3.97
C LEU B 234 28.85 -13.47 -3.61
N SER B 235 28.83 -12.59 -4.61
CA SER B 235 28.83 -11.17 -4.38
C SER B 235 27.73 -10.79 -3.40
N ILE B 236 26.52 -11.25 -3.66
CA ILE B 236 25.38 -10.70 -2.95
C ILE B 236 25.25 -11.37 -1.61
N ALA B 237 25.47 -12.69 -1.56
CA ALA B 237 25.53 -13.38 -0.27
C ALA B 237 26.49 -12.67 0.68
N ALA B 238 27.64 -12.26 0.15
CA ALA B 238 28.62 -11.54 0.96
C ALA B 238 28.03 -10.22 1.44
N THR B 239 27.35 -9.51 0.54
CA THR B 239 26.85 -8.19 0.92
C THR B 239 25.82 -8.32 2.03
N VAL B 240 24.92 -9.32 1.92
CA VAL B 240 23.91 -9.56 2.94
C VAL B 240 24.56 -9.85 4.28
N ALA B 241 25.55 -10.73 4.29
CA ALA B 241 26.19 -11.07 5.55
C ALA B 241 26.82 -9.83 6.18
N SER B 242 27.34 -8.94 5.34
CA SER B 242 27.91 -7.69 5.86
C SER B 242 26.86 -6.88 6.60
N ILE B 243 25.67 -6.76 6.01
CA ILE B 243 24.59 -6.01 6.63
C ILE B 243 24.16 -6.70 7.94
N VAL B 244 23.75 -7.97 7.83
CA VAL B 244 23.25 -8.71 9.00
C VAL B 244 24.22 -8.58 10.18
N GLY B 245 25.52 -8.58 9.90
CA GLY B 245 26.49 -8.47 10.97
C GLY B 245 26.49 -7.10 11.62
N ILE B 246 26.38 -6.04 10.81
CA ILE B 246 26.38 -4.68 11.33
C ILE B 246 25.19 -4.48 12.25
N GLY B 247 24.03 -4.98 11.86
CA GLY B 247 22.85 -4.76 12.67
C GLY B 247 22.93 -5.38 14.04
N ALA B 248 23.60 -6.52 14.17
CA ALA B 248 23.71 -7.18 15.47
C ALA B 248 24.88 -6.67 16.29
N GLU B 249 25.63 -5.70 15.74
CA GLU B 249 26.71 -4.95 16.37
C GLU B 249 26.21 -3.65 16.96
N VAL B 250 25.44 -2.92 16.16
CA VAL B 250 25.02 -1.56 16.43
C VAL B 250 23.78 -1.50 17.31
N THR B 251 22.81 -2.39 17.12
CA THR B 251 21.54 -2.24 17.82
C THR B 251 21.61 -2.69 19.27
N ILE B 252 22.73 -3.29 19.70
CA ILE B 252 22.80 -3.91 21.02
C ILE B 252 23.13 -2.91 22.13
N PHE B 253 23.72 -1.75 21.81
CA PHE B 253 24.15 -0.82 22.84
C PHE B 253 22.96 -0.29 23.63
N LEU B 254 23.24 0.14 24.85
CA LEU B 254 22.28 0.90 25.66
C LEU B 254 22.81 2.32 25.82
N LEU B 255 22.34 3.26 25.00
CA LEU B 255 22.92 4.59 24.96
C LEU B 255 21.98 5.62 25.58
N PRO B 256 22.52 6.75 26.06
CA PRO B 256 21.68 7.73 26.72
C PRO B 256 21.24 8.79 25.75
N ILE B 257 20.04 9.35 25.94
CA ILE B 257 19.63 10.45 25.10
C ILE B 257 20.55 11.64 25.36
N ALA B 258 20.59 12.56 24.40
CA ALA B 258 21.53 13.66 24.45
C ALA B 258 21.16 14.62 25.57
N GLY B 259 22.18 15.15 26.23
CA GLY B 259 21.96 16.15 27.24
C GLY B 259 21.81 15.64 28.65
N ILE B 260 21.99 14.34 28.91
CA ILE B 260 21.81 13.89 30.29
C ILE B 260 23.10 14.05 31.08
N SER B 261 24.23 14.30 30.43
CA SER B 261 25.45 14.71 31.12
C SER B 261 25.64 16.21 31.11
N ALA B 262 25.51 16.83 29.93
CA ALA B 262 25.65 18.28 29.80
C ALA B 262 24.48 19.02 30.41
N GLY B 263 23.26 18.53 30.22
CA GLY B 263 22.12 19.22 30.76
C GLY B 263 21.10 19.48 29.69
N ILE B 264 19.82 19.42 30.02
CA ILE B 264 18.75 19.64 29.06
C ILE B 264 18.09 20.97 29.37
N PRO B 265 17.93 21.86 28.39
CA PRO B 265 17.35 23.17 28.67
C PRO B 265 15.93 23.09 29.23
N SER B 266 15.58 24.10 30.03
CA SER B 266 14.23 24.31 30.53
C SER B 266 13.62 25.49 29.79
N LEU B 267 12.36 25.38 29.40
CA LEU B 267 11.66 26.50 28.80
C LEU B 267 11.02 27.30 29.93
N VAL B 268 11.48 28.53 30.17
CA VAL B 268 10.80 29.39 31.15
C VAL B 268 10.71 30.81 30.59
N ASN B 269 9.49 31.38 30.68
CA ASN B 269 9.18 32.70 30.13
C ASN B 269 9.51 32.76 28.64
N ASN B 270 9.42 31.62 27.98
CA ASN B 270 9.57 31.46 26.53
C ASN B 270 11.02 31.48 26.04
N GLU B 271 12.01 31.42 26.91
CA GLU B 271 13.39 31.26 26.48
C GLU B 271 14.01 30.08 27.21
N LEU B 272 15.00 29.46 26.59
CA LEU B 272 15.58 28.23 27.12
C LEU B 272 16.69 28.52 28.13
N ILE B 273 16.58 27.94 29.32
CA ILE B 273 17.62 28.05 30.36
C ILE B 273 18.33 26.70 30.48
N LEU B 274 19.62 26.69 30.15
CA LEU B 274 20.40 25.46 30.30
C LEU B 274 20.67 25.15 31.77
N HIS B 275 21.07 26.15 32.57
CA HIS B 275 21.31 25.97 34.00
C HIS B 275 20.98 27.26 34.75
N ASP B 276 20.49 27.11 35.98
CA ASP B 276 19.94 28.24 36.74
C ASP B 276 20.51 28.38 38.14
N LYS B 277 21.40 27.49 38.55
CA LYS B 277 22.22 27.64 39.75
C LYS B 277 23.64 28.04 39.35
N ALA B 278 24.33 28.73 40.24
CA ALA B 278 25.70 29.07 39.90
C ALA B 278 26.59 27.84 39.94
N THR B 279 26.39 26.96 40.90
CA THR B 279 27.18 25.74 40.88
C THR B 279 26.84 24.91 39.65
N SER B 280 25.57 24.91 39.25
CA SER B 280 25.17 24.22 38.02
C SER B 280 25.96 24.77 36.82
N VAL B 281 26.04 26.10 36.71
CA VAL B 281 26.77 26.69 35.60
C VAL B 281 28.25 26.36 35.71
N VAL B 282 28.79 26.39 36.92
CA VAL B 282 30.20 26.01 37.09
C VAL B 282 30.41 24.58 36.65
N ASN B 283 29.44 23.71 36.94
CA ASN B 283 29.62 22.32 36.57
C ASN B 283 29.48 22.09 35.08
N TYR B 284 28.63 22.86 34.42
CA TYR B 284 28.58 22.73 32.97
C TYR B 284 29.96 22.95 32.39
N PHE B 285 30.71 23.92 32.94
CA PHE B 285 32.05 24.19 32.43
C PHE B 285 33.03 23.09 32.82
N ASN B 286 32.91 22.58 34.05
CA ASN B 286 33.74 21.44 34.45
C ASN B 286 33.54 20.27 33.50
N HIS B 287 32.34 20.10 32.98
CA HIS B 287 32.03 19.05 32.02
C HIS B 287 32.74 19.29 30.68
N LEU B 288 32.52 20.46 30.08
CA LEU B 288 33.20 20.83 28.85
C LEU B 288 34.71 20.69 29.00
N SER B 289 35.23 21.00 30.18
CA SER B 289 36.66 20.89 30.39
C SER B 289 37.17 19.48 30.11
N GLU B 290 36.31 18.47 30.22
CA GLU B 290 36.75 17.10 30.01
C GLU B 290 37.30 16.89 28.61
N SER B 291 36.92 17.74 27.65
CA SER B 291 37.50 17.65 26.33
C SER B 291 39.01 17.88 26.40
N LYS B 292 39.48 18.61 27.41
CA LYS B 292 40.92 18.71 27.60
C LYS B 292 41.48 17.38 28.09
N LYS B 293 40.76 16.68 28.97
CA LYS B 293 41.30 15.45 29.56
C LYS B 293 41.22 14.27 28.59
N TYR B 294 40.04 14.00 28.02
CA TYR B 294 39.85 12.82 27.18
C TYR B 294 39.72 13.15 25.69
N GLY B 295 39.78 14.42 25.31
CA GLY B 295 39.71 14.74 23.90
C GLY B 295 38.31 15.12 23.47
N PRO B 296 38.10 15.31 22.17
CA PRO B 296 36.73 15.53 21.69
C PRO B 296 35.80 14.36 21.96
N LEU B 297 36.31 13.13 21.98
CA LEU B 297 35.50 11.93 22.06
C LEU B 297 36.17 10.92 22.97
N LYS B 298 35.38 10.08 23.61
CA LYS B 298 35.88 9.04 24.49
C LYS B 298 35.16 7.73 24.14
N THR B 299 35.84 6.61 24.30
CA THR B 299 35.25 5.36 23.84
C THR B 299 34.58 4.66 25.02
N GLU B 300 33.45 4.00 24.75
CA GLU B 300 32.70 3.24 25.74
C GLU B 300 32.63 1.78 25.31
N ASP B 301 32.79 0.86 26.27
CA ASP B 301 32.72 -0.59 26.02
C ASP B 301 33.80 -1.07 25.05
N ASP B 302 34.92 -0.34 24.94
CA ASP B 302 35.96 -0.60 23.94
C ASP B 302 35.41 -0.74 22.53
N LYS B 303 34.19 -0.27 22.27
CA LYS B 303 33.56 -0.55 20.99
C LYS B 303 33.00 0.66 20.27
N ILE B 304 32.85 1.81 20.93
CA ILE B 304 32.10 2.93 20.33
C ILE B 304 32.72 4.25 20.75
N LEU B 305 32.88 5.15 19.79
CA LEU B 305 33.41 6.49 20.03
C LEU B 305 32.25 7.47 20.21
N VAL B 306 32.29 8.26 21.28
CA VAL B 306 31.20 9.14 21.64
C VAL B 306 31.73 10.54 21.96
N PRO B 307 31.26 11.59 21.30
CA PRO B 307 31.80 12.91 21.62
C PRO B 307 31.29 13.32 22.98
N ILE B 308 32.08 14.13 23.66
CA ILE B 308 31.59 14.78 24.88
C ILE B 308 30.22 15.38 24.61
N ASP B 309 29.29 15.12 25.52
CA ASP B 309 27.94 15.66 25.34
C ASP B 309 27.96 17.17 25.17
N ASP B 310 27.19 17.64 24.20
CA ASP B 310 26.94 19.04 23.91
C ASP B 310 28.19 19.74 23.41
N LEU B 311 29.26 19.00 23.17
CA LEU B 311 30.45 19.60 22.58
C LEU B 311 30.19 19.81 21.09
N VAL B 312 30.43 21.04 20.61
CA VAL B 312 30.05 21.40 19.24
C VAL B 312 31.10 20.97 18.22
N ILE B 313 30.94 19.77 17.68
CA ILE B 313 31.74 19.28 16.57
C ILE B 313 31.01 19.61 15.27
N SER B 314 31.71 20.24 14.34
CA SER B 314 31.16 20.76 13.10
C SER B 314 31.70 20.09 11.83
N GLU B 315 32.82 19.36 11.91
CA GLU B 315 33.36 18.52 10.84
C GLU B 315 34.03 17.31 11.47
N ILE B 316 33.80 16.15 10.89
CA ILE B 316 34.60 14.97 11.20
C ILE B 316 35.28 14.54 9.90
N ASP B 317 36.59 14.43 9.91
CA ASP B 317 37.37 14.11 8.69
C ASP B 317 38.17 12.84 8.94
N PHE B 318 37.79 11.76 8.25
CA PHE B 318 38.36 10.45 8.57
C PHE B 318 39.67 10.15 7.83
N ASN B 319 39.90 10.75 6.67
CA ASN B 319 41.16 10.54 5.96
C ASN B 319 42.21 11.56 6.39
N ASN B 320 41.98 12.22 7.49
CA ASN B 320 42.92 13.17 8.08
C ASN B 320 43.14 12.90 9.55
N ASN B 321 42.22 12.14 10.21
CA ASN B 321 42.18 11.96 11.65
C ASN B 321 41.99 13.28 12.40
N SER B 322 40.97 14.04 12.00
CA SER B 322 40.85 15.44 12.38
C SER B 322 39.39 15.79 12.63
N ILE B 323 39.20 17.05 13.07
CA ILE B 323 37.92 17.58 13.51
C ILE B 323 37.94 19.10 13.42
N LYS B 324 36.78 19.69 13.14
CA LYS B 324 36.53 21.11 13.23
C LYS B 324 35.51 21.32 14.35
N LEU B 325 35.68 22.40 15.13
CA LEU B 325 34.82 22.67 16.27
C LEU B 325 33.81 23.75 15.91
N GLY B 326 32.62 23.66 16.51
CA GLY B 326 31.59 24.65 16.29
C GLY B 326 31.95 25.91 17.03
N THR B 327 31.02 26.86 17.03
CA THR B 327 31.23 28.08 17.81
C THR B 327 30.42 27.95 19.10
N CYS B 328 31.08 28.07 20.24
CA CYS B 328 30.41 27.94 21.53
C CYS B 328 30.90 29.12 22.36
N ASN B 329 30.18 30.24 22.26
CA ASN B 329 30.59 31.49 22.87
C ASN B 329 29.69 31.88 24.03
N ILE B 330 30.21 32.81 24.82
CA ILE B 330 29.50 33.45 25.92
C ILE B 330 29.66 34.97 25.75
N LEU B 331 28.73 35.71 26.36
CA LEU B 331 28.63 37.15 26.11
C LEU B 331 29.75 37.91 26.80
N ALA B 332 30.22 38.98 26.16
CA ALA B 332 31.29 39.80 26.75
C ALA B 332 30.75 40.76 27.81
N MET B 333 31.59 41.03 28.80
CA MET B 333 31.35 42.10 29.74
C MET B 333 32.03 43.37 29.23
N GLU B 334 31.65 44.52 29.80
CA GLU B 334 32.25 45.80 29.43
C GLU B 334 32.16 46.76 30.61
N GLY B 335 33.20 47.56 30.79
CA GLY B 335 33.16 48.57 31.83
C GLY B 335 33.64 48.11 33.19
N GLY B 336 33.11 48.74 34.24
CA GLY B 336 33.57 48.54 35.59
C GLY B 336 34.69 49.49 35.98
N SER B 337 34.98 49.52 37.28
CA SER B 337 35.94 50.46 37.84
C SER B 337 36.66 49.82 39.00
N GLY B 338 37.96 50.01 39.06
CA GLY B 338 38.70 49.58 40.24
C GLY B 338 38.92 48.10 40.36
N HIS B 339 39.26 47.43 39.27
CA HIS B 339 39.53 46.01 39.34
C HIS B 339 40.73 45.72 40.22
N THR B 340 40.57 44.73 41.09
CA THR B 340 41.65 44.20 41.89
C THR B 340 41.53 42.69 41.82
N VAL B 341 42.55 41.99 42.25
CA VAL B 341 42.44 40.57 42.47
C VAL B 341 43.20 40.25 43.75
N THR B 342 42.61 39.37 44.56
CA THR B 342 43.25 38.96 45.82
C THR B 342 42.73 37.57 46.16
N GLY B 343 43.65 36.63 46.32
CA GLY B 343 43.25 35.24 46.46
C GLY B 343 42.40 34.77 45.30
N ASN B 344 42.81 35.12 44.07
CA ASN B 344 42.14 34.74 42.83
C ASN B 344 40.65 35.07 42.84
N ILE B 345 40.20 35.96 43.71
CA ILE B 345 38.82 36.42 43.68
C ILE B 345 38.82 37.88 43.23
N ASP B 346 38.16 38.14 42.11
CA ASP B 346 38.15 39.49 41.57
C ASP B 346 37.32 40.41 42.46
N HIS B 347 37.71 41.70 42.48
CA HIS B 347 37.06 42.76 43.23
C HIS B 347 36.90 44.00 42.35
N PHE B 348 35.78 44.71 42.51
CA PHE B 348 35.50 45.88 41.69
C PHE B 348 34.96 47.00 42.56
N PHE B 349 35.24 48.23 42.16
CA PHE B 349 34.49 49.33 42.74
C PHE B 349 33.11 49.40 42.07
N SER B 350 33.10 49.51 40.74
CA SER B 350 31.89 49.45 39.93
C SER B 350 31.79 48.06 39.32
N SER B 351 30.59 47.45 39.36
CA SER B 351 30.44 46.11 38.76
C SER B 351 30.45 46.21 37.24
N PRO B 352 31.22 45.38 36.55
CA PRO B 352 31.16 45.38 35.09
C PRO B 352 29.82 44.82 34.64
N SER B 353 29.42 45.19 33.43
CA SER B 353 28.10 44.86 32.93
C SER B 353 28.23 44.00 31.68
N ILE B 354 27.35 43.01 31.52
CA ILE B 354 27.46 42.12 30.38
C ILE B 354 26.59 42.66 29.24
N SER B 355 27.09 42.55 28.01
CA SER B 355 26.47 43.23 26.88
C SER B 355 26.42 42.35 25.65
N SER B 356 25.35 42.50 24.87
CA SER B 356 25.19 41.82 23.61
C SER B 356 25.43 42.74 22.41
N HIS B 357 25.85 43.97 22.66
CA HIS B 357 26.27 44.88 21.61
C HIS B 357 27.77 44.86 21.36
N ILE B 358 28.46 43.86 21.91
CA ILE B 358 29.90 43.81 21.81
C ILE B 358 30.33 42.34 21.74
N PRO B 359 31.34 42.04 20.92
CA PRO B 359 31.55 40.65 20.47
C PRO B 359 31.63 39.65 21.61
N SER B 360 30.95 38.50 21.43
CA SER B 360 30.99 37.44 22.44
C SER B 360 32.29 36.66 22.33
N LEU B 361 32.65 36.00 23.42
CA LEU B 361 33.96 35.40 23.62
C LEU B 361 33.91 33.89 23.36
N SER B 362 34.95 33.34 22.73
CA SER B 362 34.96 31.90 22.50
C SER B 362 35.32 31.15 23.77
N ILE B 363 34.41 30.29 24.22
CA ILE B 363 34.71 29.42 25.35
C ILE B 363 35.79 28.39 24.96
N TYR B 364 35.73 27.86 23.72
CA TYR B 364 36.60 26.74 23.34
C TYR B 364 38.04 27.19 23.21
N SER B 365 38.26 28.41 22.70
CA SER B 365 39.59 28.99 22.62
C SER B 365 40.28 29.07 23.98
N ALA B 366 39.57 28.84 25.07
CA ALA B 366 40.19 28.74 26.39
C ALA B 366 40.53 27.32 26.75
N ILE B 367 39.74 26.36 26.26
CA ILE B 367 39.99 24.96 26.63
C ILE B 367 41.23 24.46 25.91
N GLY B 368 41.31 24.67 24.61
CA GLY B 368 42.39 24.09 23.85
C GLY B 368 42.20 22.62 23.54
N ILE B 369 41.13 22.32 22.80
CA ILE B 369 40.83 20.94 22.46
C ILE B 369 41.86 20.47 21.46
N GLU B 370 42.50 19.34 21.71
CA GLU B 370 43.37 18.80 20.67
C GLU B 370 42.48 18.16 19.62
N THR B 371 42.38 18.77 18.45
CA THR B 371 41.43 18.33 17.44
C THR B 371 42.11 17.67 16.25
N GLU B 372 43.37 17.29 16.38
CA GLU B 372 44.15 16.82 15.25
C GLU B 372 44.86 15.55 15.63
N ASN B 373 45.11 14.70 14.63
CA ASN B 373 45.73 13.41 14.81
C ASN B 373 45.00 12.62 15.89
N LEU B 374 43.74 12.32 15.61
CA LEU B 374 42.87 11.61 16.53
C LEU B 374 42.92 10.11 16.25
N ASP B 375 42.31 9.33 17.15
CA ASP B 375 42.37 7.86 17.08
C ASP B 375 41.05 7.27 16.60
N PHE B 376 40.85 7.24 15.29
CA PHE B 376 39.60 6.71 14.73
C PHE B 376 39.69 5.22 14.42
N SER B 377 40.17 4.46 15.40
CA SER B 377 40.35 3.03 15.21
C SER B 377 39.03 2.29 15.27
N LYS B 378 38.10 2.75 16.11
CA LYS B 378 36.84 2.05 16.28
C LYS B 378 35.88 2.44 15.16
N LYS B 379 35.12 1.44 14.69
CA LYS B 379 34.24 1.64 13.54
C LYS B 379 32.99 2.44 13.91
N ILE B 380 32.44 2.13 15.08
CA ILE B 380 31.16 2.66 15.55
C ILE B 380 31.38 4.00 16.23
N MET B 381 30.64 5.02 15.82
CA MET B 381 30.79 6.35 16.39
C MET B 381 29.43 7.01 16.57
N MET B 382 29.20 7.61 17.74
CA MET B 382 28.01 8.41 17.96
C MET B 382 28.20 9.80 17.34
N LEU B 383 27.24 10.25 16.53
CA LEU B 383 27.41 11.55 15.90
C LEU B 383 27.36 12.67 16.95
N PRO B 384 27.88 13.85 16.64
CA PRO B 384 27.73 14.98 17.56
C PRO B 384 26.27 15.30 17.74
N ASN B 385 25.96 16.03 18.84
CA ASN B 385 24.56 16.35 19.12
C ASN B 385 24.37 17.80 19.58
N ALA B 386 25.23 18.69 19.12
CA ALA B 386 25.36 20.04 19.67
C ALA B 386 25.43 21.05 18.55
N PRO B 387 24.48 21.97 18.44
CA PRO B 387 24.64 23.08 17.53
C PRO B 387 25.44 24.20 18.19
N SER B 388 26.02 25.04 17.35
CA SER B 388 26.64 26.26 17.85
C SER B 388 25.60 27.13 18.55
N ARG B 389 26.13 28.00 19.40
CA ARG B 389 25.42 28.63 20.50
C ARG B 389 26.22 29.84 20.94
N VAL B 390 25.51 30.91 21.25
CA VAL B 390 26.08 31.98 22.04
C VAL B 390 25.37 31.93 23.38
N PHE B 391 26.13 31.91 24.45
CA PHE B 391 25.54 31.84 25.78
C PHE B 391 25.34 33.25 26.30
N TRP B 392 24.09 33.64 26.48
CA TRP B 392 23.78 34.82 27.26
C TRP B 392 23.77 34.43 28.74
N TRP B 393 24.24 35.33 29.60
CA TRP B 393 24.21 34.95 30.99
C TRP B 393 23.62 36.03 31.87
N GLU B 394 23.77 35.85 33.18
CA GLU B 394 23.13 36.68 34.20
C GLU B 394 23.89 36.50 35.50
N THR B 395 23.94 37.58 36.28
CA THR B 395 24.58 37.54 37.59
C THR B 395 23.56 37.68 38.71
N GLY B 396 24.01 37.30 39.89
CA GLY B 396 23.16 37.35 41.06
C GLY B 396 24.04 37.36 42.28
N ALA B 397 23.45 37.73 43.41
CA ALA B 397 24.15 37.68 44.67
C ALA B 397 24.14 36.24 45.16
N VAL B 398 25.30 35.61 45.21
CA VAL B 398 25.39 34.27 45.78
C VAL B 398 26.55 34.10 46.77
N PRO B 399 26.24 33.88 48.03
CA PRO B 399 27.26 33.66 49.05
C PRO B 399 27.87 32.26 49.00
N GLY B 400 29.00 32.12 49.68
CA GLY B 400 29.64 30.85 49.79
C GLY B 400 30.70 30.56 48.75
N LEU B 401 30.60 31.15 47.57
CA LEU B 401 31.31 30.59 46.42
C LEU B 401 32.81 30.87 46.36
N ARG B 402 33.38 31.70 47.26
CA ARG B 402 34.79 32.04 47.10
C ARG B 402 35.70 30.83 47.28
N SER B 403 35.20 29.78 47.94
CA SER B 403 35.95 28.56 48.15
C SER B 403 35.93 27.62 46.95
N LEU B 404 35.02 27.83 45.99
CA LEU B 404 34.80 26.81 44.97
C LEU B 404 36.01 26.67 44.06
N GLU B 405 36.58 25.47 44.01
CA GLU B 405 37.72 25.27 43.13
C GLU B 405 37.52 23.93 42.43
N ASN B 406 37.15 24.02 41.16
CA ASN B 406 36.76 22.93 40.30
C ASN B 406 37.65 22.96 39.08
N ASP B 407 37.53 21.93 38.26
CA ASP B 407 38.03 22.06 36.90
C ASP B 407 37.15 22.99 36.07
N GLY B 408 35.95 23.32 36.58
CA GLY B 408 35.07 24.25 35.92
C GLY B 408 35.43 25.67 36.30
N THR B 409 35.69 25.90 37.59
CA THR B 409 36.12 27.23 37.99
C THR B 409 37.47 27.55 37.38
N ARG B 410 38.31 26.53 37.17
CA ARG B 410 39.59 26.74 36.52
C ARG B 410 39.45 27.17 35.06
N LEU B 411 38.64 26.43 34.28
CA LEU B 411 38.37 26.85 32.90
C LEU B 411 37.67 28.20 32.86
N LEU B 412 36.77 28.44 33.82
CA LEU B 412 36.09 29.73 33.86
C LEU B 412 37.09 30.85 34.08
N ASP B 413 38.07 30.60 34.95
CA ASP B 413 39.17 31.55 35.14
C ASP B 413 39.91 31.75 33.83
N SER B 414 40.18 30.66 33.10
CA SER B 414 40.88 30.76 31.82
C SER B 414 40.12 31.65 30.85
N ILE B 415 38.79 31.65 30.92
CA ILE B 415 38.02 32.54 30.06
C ILE B 415 38.24 33.98 30.49
N ARG B 416 38.35 34.22 31.80
CA ARG B 416 38.59 35.55 32.35
C ARG B 416 40.00 36.07 32.00
N ASP B 417 41.02 35.25 32.25
CA ASP B 417 42.40 35.66 32.00
C ASP B 417 42.69 35.84 30.51
N LEU B 418 42.08 35.02 29.65
CA LEU B 418 42.38 35.14 28.23
C LEU B 418 41.71 36.35 27.61
N TYR B 419 40.55 36.75 28.12
CA TYR B 419 39.84 37.85 27.47
C TYR B 419 39.75 39.03 28.43
N PRO B 420 40.88 39.46 28.99
CA PRO B 420 40.85 40.21 30.25
C PRO B 420 39.99 41.46 30.19
N GLY B 421 39.24 41.67 31.27
CA GLY B 421 38.32 42.78 31.39
C GLY B 421 37.00 42.57 30.68
N LYS B 422 36.82 41.44 30.01
CA LYS B 422 35.58 41.13 29.32
C LYS B 422 34.82 39.98 29.94
N PHE B 423 35.39 39.31 30.94
CA PHE B 423 34.71 38.15 31.51
C PHE B 423 35.17 37.92 32.95
N TYR B 424 34.21 37.99 33.87
CA TYR B 424 34.39 37.88 35.32
C TYR B 424 33.20 37.10 35.87
N TRP B 425 33.42 35.85 36.31
CA TRP B 425 32.29 35.00 36.65
C TRP B 425 32.03 34.90 38.15
N ARG B 426 32.98 35.29 38.99
CA ARG B 426 32.81 35.36 40.43
C ARG B 426 33.56 36.57 40.94
N PHE B 427 32.84 37.62 41.31
CA PHE B 427 33.47 38.85 41.73
C PHE B 427 32.76 39.49 42.92
N TYR B 428 33.51 40.32 43.66
CA TYR B 428 32.99 41.10 44.78
C TYR B 428 32.91 42.56 44.36
N ALA B 429 31.69 43.13 44.31
CA ALA B 429 31.62 44.58 44.19
C ALA B 429 31.36 45.22 45.53
N PHE B 430 30.13 45.12 46.02
CA PHE B 430 29.88 45.43 47.40
C PHE B 430 29.29 44.24 48.09
N PHE B 431 28.53 43.45 47.35
CA PHE B 431 28.15 42.10 47.71
C PHE B 431 28.89 41.12 46.82
N ASP B 432 28.81 39.85 47.20
CA ASP B 432 29.38 38.79 46.40
C ASP B 432 28.43 38.47 45.24
N TYR B 433 28.92 38.58 43.99
CA TYR B 433 28.14 38.30 42.79
C TYR B 433 28.74 37.14 42.04
N ALA B 434 27.92 36.40 41.28
CA ALA B 434 28.46 35.32 40.47
C ALA B 434 27.55 34.98 39.31
N ILE B 435 28.01 34.05 38.48
CA ILE B 435 27.27 33.60 37.31
C ILE B 435 26.16 32.67 37.79
N THR B 436 24.91 33.01 37.49
CA THR B 436 23.77 32.28 38.03
C THR B 436 22.97 31.52 37.00
N THR B 437 22.88 32.06 35.81
CA THR B 437 22.01 31.54 34.78
C THR B 437 22.77 31.40 33.48
N LEU B 438 22.50 30.32 32.74
CA LEU B 438 23.15 30.08 31.46
C LEU B 438 22.02 29.86 30.46
N LYS B 439 21.84 30.76 29.52
CA LYS B 439 20.75 30.62 28.54
C LYS B 439 21.26 30.73 27.13
N PRO B 440 21.21 29.66 26.34
CA PRO B 440 21.78 29.69 24.99
C PRO B 440 20.79 30.00 23.88
N VAL B 441 21.26 30.80 22.91
CA VAL B 441 20.61 30.91 21.60
C VAL B 441 21.37 29.99 20.64
N TYR B 442 20.67 29.03 20.07
CA TYR B 442 21.31 28.10 19.18
C TYR B 442 21.21 28.58 17.74
N GLU B 443 22.19 28.18 16.93
CA GLU B 443 22.22 28.54 15.52
C GLU B 443 22.14 27.27 14.69
N ASP B 444 21.58 27.39 13.48
CA ASP B 444 21.69 26.32 12.50
C ASP B 444 23.13 25.83 12.44
N THR B 445 23.30 24.52 12.42
CA THR B 445 24.65 23.97 12.40
C THR B 445 24.66 22.73 11.52
N ASN B 446 25.53 22.75 10.52
CA ASN B 446 25.67 21.66 9.57
C ASN B 446 26.96 20.92 9.86
N ILE B 447 26.87 19.61 10.06
CA ILE B 447 28.02 18.77 10.39
C ILE B 447 28.40 17.99 9.15
N LYS B 448 29.59 18.23 8.59
CA LYS B 448 30.06 17.48 7.43
C LYS B 448 30.85 16.28 7.90
N ILE B 449 30.60 15.11 7.34
CA ILE B 449 31.35 13.92 7.70
C ILE B 449 32.07 13.45 6.46
N LYS B 450 33.36 13.75 6.38
CA LYS B 450 34.16 13.40 5.23
C LYS B 450 34.66 11.98 5.42
N LEU B 451 34.09 11.04 4.68
CA LEU B 451 34.38 9.63 4.84
C LEU B 451 35.59 9.18 4.01
N ASP B 452 36.29 8.18 4.51
CA ASP B 452 37.40 7.55 3.83
C ASP B 452 36.89 6.26 3.18
N LYS B 453 37.80 5.45 2.65
CA LYS B 453 37.47 4.16 2.07
C LYS B 453 37.56 3.03 3.10
N ASP B 454 37.30 3.33 4.36
CA ASP B 454 37.22 2.30 5.39
C ASP B 454 35.76 1.87 5.54
N THR B 455 35.40 1.14 6.59
CA THR B 455 33.99 0.98 6.94
C THR B 455 33.72 1.69 8.27
N ARG B 456 32.63 2.45 8.33
CA ARG B 456 32.34 3.30 9.46
C ARG B 456 30.87 3.13 9.82
N ASN B 457 30.60 2.86 11.10
CA ASN B 457 29.24 2.66 11.60
C ASN B 457 28.82 3.84 12.45
N PHE B 458 27.82 4.59 12.00
CA PHE B 458 27.42 5.78 12.72
C PHE B 458 26.07 5.56 13.40
N ILE B 459 25.92 6.10 14.62
CA ILE B 459 24.68 6.06 15.38
C ILE B 459 24.15 7.49 15.53
N MET B 460 22.86 7.66 15.35
CA MET B 460 22.38 9.02 15.35
C MET B 460 21.79 9.35 16.71
N PRO B 461 22.06 10.53 17.28
CA PRO B 461 21.65 10.79 18.67
C PRO B 461 20.17 11.04 18.79
N THR B 462 19.58 10.50 19.85
CA THR B 462 18.20 10.85 20.13
C THR B 462 18.19 12.20 20.89
N ILE B 463 17.77 13.26 20.21
CA ILE B 463 17.77 14.61 20.77
C ILE B 463 16.34 15.01 21.14
N THR B 464 16.12 15.39 22.41
CA THR B 464 14.77 15.61 22.93
C THR B 464 14.20 16.98 22.59
N THR B 465 14.81 18.05 23.13
CA THR B 465 14.21 19.38 22.96
C THR B 465 14.24 19.77 21.49
N ASN B 466 13.04 20.04 20.94
CA ASN B 466 12.91 20.21 19.50
C ASN B 466 13.75 21.39 19.01
N GLU B 467 13.78 22.48 19.78
CA GLU B 467 14.53 23.68 19.41
C GLU B 467 15.99 23.36 19.09
N ILE B 468 16.62 22.45 19.84
CA ILE B 468 17.99 22.03 19.54
C ILE B 468 18.03 21.17 18.28
N ARG B 469 17.12 20.21 18.17
CA ARG B 469 17.24 19.22 17.10
C ARG B 469 17.06 19.85 15.73
N ASN B 470 16.21 20.84 15.61
CA ASN B 470 15.97 21.45 14.31
C ASN B 470 17.15 22.27 13.82
N LYS B 471 18.14 22.53 14.66
CA LYS B 471 19.33 23.21 14.18
C LYS B 471 20.28 22.23 13.53
N LEU B 472 20.39 21.02 14.06
CA LEU B 472 21.35 20.05 13.56
C LEU B 472 21.02 19.54 12.16
N SER B 473 22.06 19.19 11.43
CA SER B 473 21.93 18.46 10.18
C SER B 473 23.25 17.77 9.90
N TYR B 474 23.21 16.83 8.98
CA TYR B 474 24.37 16.02 8.67
C TYR B 474 24.55 15.97 7.16
N SER B 475 25.81 15.99 6.74
CA SER B 475 26.22 15.97 5.34
C SER B 475 27.38 15.00 5.21
N PHE B 476 27.13 13.85 4.59
CA PHE B 476 28.18 12.83 4.44
C PHE B 476 28.82 12.93 3.04
N ASP B 477 30.15 12.74 3.00
CA ASP B 477 30.96 12.62 1.79
C ASP B 477 31.33 11.16 1.60
N GLY B 478 30.65 10.48 0.68
CA GLY B 478 30.96 9.08 0.44
C GLY B 478 32.32 8.90 -0.20
N ALA B 479 32.93 7.73 0.03
CA ALA B 479 34.25 7.50 -0.54
C ALA B 479 34.48 6.06 -0.99
N GLY B 480 33.43 5.26 -1.20
CA GLY B 480 33.62 3.90 -1.68
C GLY B 480 33.78 2.82 -0.63
N GLY B 481 33.50 3.10 0.65
CA GLY B 481 33.50 2.10 1.69
C GLY B 481 32.09 1.64 2.05
N THR B 482 31.99 0.93 3.16
CA THR B 482 30.69 0.55 3.70
C THR B 482 30.33 1.49 4.84
N TYR B 483 29.13 2.07 4.81
CA TYR B 483 28.70 3.04 5.82
C TYR B 483 27.31 2.70 6.35
N SER B 484 27.18 2.60 7.67
CA SER B 484 25.90 2.33 8.30
C SER B 484 25.49 3.54 9.17
N LEU B 485 24.18 3.64 9.43
CA LEU B 485 23.66 4.77 10.20
C LEU B 485 22.41 4.33 10.97
N LEU B 486 22.50 4.30 12.30
CA LEU B 486 21.39 3.85 13.14
C LEU B 486 20.45 5.02 13.34
N LEU B 487 19.40 5.07 12.53
CA LEU B 487 18.49 6.20 12.61
C LEU B 487 17.91 6.31 14.01
N SER B 488 17.81 7.54 14.48
CA SER B 488 17.26 7.86 15.78
C SER B 488 15.76 8.01 15.73
N SER B 489 15.14 7.77 16.88
CA SER B 489 13.70 7.89 17.03
C SER B 489 13.21 9.24 16.52
N TYR B 490 13.86 10.34 16.96
CA TYR B 490 13.51 11.71 16.59
C TYR B 490 14.49 12.22 15.54
N PRO B 491 14.02 12.53 14.34
CA PRO B 491 14.92 12.61 13.19
C PRO B 491 15.75 13.89 13.15
N ILE B 492 16.94 13.77 12.58
CA ILE B 492 17.80 14.90 12.29
C ILE B 492 18.05 14.94 10.79
N SER B 493 18.06 16.14 10.22
CA SER B 493 18.15 16.26 8.76
C SER B 493 19.46 15.66 8.29
N THR B 494 19.40 14.87 7.22
CA THR B 494 20.60 14.18 6.78
C THR B 494 20.68 14.23 5.27
N ASN B 495 21.92 14.38 4.77
CA ASN B 495 22.22 14.30 3.35
C ASN B 495 23.46 13.45 3.11
N ILE B 496 23.31 12.36 2.39
CA ILE B 496 24.44 11.54 1.98
C ILE B 496 24.81 11.92 0.55
N ASN B 497 26.04 12.40 0.37
CA ASN B 497 26.64 12.60 -0.95
C ASN B 497 27.30 11.29 -1.38
N LEU B 498 26.84 10.71 -2.49
CA LEU B 498 27.19 9.35 -2.88
C LEU B 498 28.46 9.26 -3.73
N SER B 499 29.39 8.39 -3.31
CA SER B 499 30.53 7.96 -4.10
C SER B 499 30.07 6.95 -5.13
N LYS B 500 30.97 6.60 -6.07
CA LYS B 500 30.57 5.68 -7.12
C LYS B 500 30.21 4.32 -6.55
N ASP B 501 31.18 3.59 -6.04
CA ASP B 501 30.90 2.23 -5.59
C ASP B 501 30.84 2.16 -4.05
N ASP B 502 29.86 2.83 -3.46
CA ASP B 502 29.80 2.72 -2.01
C ASP B 502 28.48 2.14 -1.52
N LEU B 503 28.59 1.46 -0.40
CA LEU B 503 27.57 0.61 0.18
C LEU B 503 26.97 1.25 1.42
N TRP B 504 25.74 1.72 1.32
CA TRP B 504 25.07 2.42 2.41
C TRP B 504 24.01 1.53 3.08
N ILE B 505 24.17 1.28 4.37
CA ILE B 505 23.19 0.54 5.17
C ILE B 505 22.53 1.50 6.14
N PHE B 506 21.20 1.40 6.27
CA PHE B 506 20.44 2.16 7.25
C PHE B 506 19.80 1.22 8.27
N ASN B 507 20.20 1.37 9.52
CA ASN B 507 19.63 0.60 10.61
C ASN B 507 18.36 1.28 11.07
N ILE B 508 17.21 0.72 10.71
CA ILE B 508 15.94 1.38 10.97
C ILE B 508 15.30 0.86 12.25
N ASP B 509 16.08 0.27 13.14
CA ASP B 509 15.49 -0.39 14.29
C ASP B 509 14.75 0.59 15.19
N ASN B 510 15.43 1.67 15.60
CA ASN B 510 14.82 2.69 16.44
C ASN B 510 13.70 3.43 15.73
N GLU B 511 13.69 3.44 14.40
CA GLU B 511 12.65 4.14 13.67
C GLU B 511 11.40 3.31 13.53
N VAL B 512 11.54 1.99 13.56
CA VAL B 512 10.48 1.06 13.20
C VAL B 512 9.92 0.36 14.44
N ARG B 513 10.31 0.79 15.64
CA ARG B 513 9.85 0.20 16.88
C ARG B 513 9.41 1.30 17.83
N GLU B 514 8.78 0.87 18.92
CA GLU B 514 8.32 1.78 19.96
C GLU B 514 9.49 2.03 20.89
N ILE B 515 9.99 3.25 20.89
CA ILE B 515 11.08 3.65 21.76
C ILE B 515 10.55 3.98 23.14
N SER B 516 11.31 3.64 24.16
CA SER B 516 11.05 4.14 25.49
C SER B 516 12.34 4.67 26.09
N ILE B 517 12.22 5.74 26.88
CA ILE B 517 13.37 6.25 27.62
C ILE B 517 13.20 5.94 29.12
N GLU B 518 13.69 4.77 29.51
CA GLU B 518 13.74 4.37 30.91
C GLU B 518 14.98 5.01 31.51
N ASN B 519 14.80 5.80 32.57
CA ASN B 519 15.82 6.78 32.99
C ASN B 519 16.03 7.70 31.79
N GLY B 520 17.26 7.92 31.34
CA GLY B 520 17.51 8.68 30.14
C GLY B 520 18.20 7.81 29.11
N THR B 521 18.08 6.51 29.27
CA THR B 521 18.68 5.57 28.33
C THR B 521 17.63 5.07 27.35
N ILE B 522 18.10 4.65 26.17
CA ILE B 522 17.20 4.33 25.06
C ILE B 522 17.01 2.82 24.97
N LYS B 523 15.77 2.38 25.20
CA LYS B 523 15.35 0.99 25.14
C LYS B 523 14.26 0.87 24.07
N LYS B 524 14.36 -0.17 23.20
CA LYS B 524 13.41 -0.33 22.10
C LYS B 524 12.46 -1.49 22.39
N GLY B 525 11.22 -1.35 21.95
CA GLY B 525 10.18 -2.32 22.30
C GLY B 525 9.54 -3.06 21.15
N LYS B 526 8.23 -2.93 20.99
CA LYS B 526 7.49 -3.73 20.03
C LYS B 526 7.50 -3.07 18.66
N LEU B 527 7.31 -3.88 17.62
CA LEU B 527 7.20 -3.36 16.26
C LEU B 527 6.00 -2.44 16.15
N ILE B 528 6.17 -1.30 15.46
CA ILE B 528 5.15 -0.24 15.40
C ILE B 528 4.35 -0.38 14.10
N LYS B 529 3.02 -0.46 14.22
CA LYS B 529 2.19 -1.00 13.14
C LYS B 529 2.07 -0.04 11.96
N ASP B 530 2.17 -0.60 10.75
CA ASP B 530 2.02 0.13 9.49
C ASP B 530 3.09 1.20 9.29
N VAL B 531 4.22 1.08 9.98
CA VAL B 531 5.21 2.14 9.94
C VAL B 531 5.89 2.21 8.57
N LEU B 532 6.00 1.08 7.87
CA LEU B 532 6.58 1.04 6.53
C LEU B 532 5.51 0.92 5.45
N SER B 533 4.23 1.09 5.82
CA SER B 533 3.16 1.09 4.84
C SER B 533 3.40 2.13 3.75
N LYS B 534 4.04 3.24 4.07
CA LYS B 534 4.48 4.20 3.06
C LYS B 534 5.99 4.36 3.13
N ILE B 535 6.68 3.94 2.06
CA ILE B 535 8.10 4.18 1.86
C ILE B 535 8.22 5.01 0.58
N ASP B 536 8.50 6.29 0.71
CA ASP B 536 8.68 7.13 -0.45
C ASP B 536 10.12 7.00 -0.99
N ILE B 537 10.28 6.51 -2.22
CA ILE B 537 11.59 6.29 -2.81
C ILE B 537 11.76 7.21 -4.02
N ASN B 538 12.91 7.87 -4.13
CA ASN B 538 13.20 8.81 -5.21
C ASN B 538 14.69 8.92 -5.45
N LYS B 539 15.05 9.39 -6.64
CA LYS B 539 16.44 9.45 -7.08
C LYS B 539 17.33 10.08 -6.02
N ASN B 540 16.78 11.01 -5.25
CA ASN B 540 17.54 11.79 -4.28
C ASN B 540 16.82 11.95 -2.95
N LYS B 541 15.90 11.03 -2.59
CA LYS B 541 15.18 11.18 -1.32
C LYS B 541 14.51 9.88 -0.95
N LEU B 542 14.88 9.32 0.20
CA LEU B 542 14.18 8.20 0.82
C LEU B 542 13.36 8.72 1.98
N ILE B 543 12.23 8.06 2.26
CA ILE B 543 11.40 8.49 3.38
C ILE B 543 10.88 7.28 4.16
N ILE B 544 11.49 7.00 5.29
CA ILE B 544 11.14 5.83 6.08
C ILE B 544 10.38 6.32 7.29
N GLY B 545 9.05 6.36 7.22
CA GLY B 545 8.35 6.91 8.36
C GLY B 545 8.66 8.38 8.52
N ASN B 546 9.27 8.80 9.63
CA ASN B 546 9.51 10.22 9.88
C ASN B 546 10.85 10.70 9.37
N GLN B 547 11.84 9.81 9.28
CA GLN B 547 13.15 10.24 8.83
C GLN B 547 13.10 10.46 7.32
N THR B 548 13.72 11.54 6.87
CA THR B 548 13.79 11.88 5.45
C THR B 548 15.26 12.08 5.08
N ILE B 549 15.84 11.11 4.39
CA ILE B 549 17.25 11.12 4.02
C ILE B 549 17.39 11.65 2.61
N ASP B 550 18.28 12.64 2.43
CA ASP B 550 18.45 13.35 1.17
C ASP B 550 19.75 12.89 0.51
N PHE B 551 19.68 12.55 -0.78
CA PHE B 551 20.84 12.05 -1.51
C PHE B 551 21.28 13.05 -2.57
N SER B 552 22.57 13.32 -2.61
CA SER B 552 23.20 14.15 -3.61
C SER B 552 24.45 13.41 -4.05
N GLY B 553 25.08 13.88 -5.12
CA GLY B 553 26.24 13.17 -5.60
C GLY B 553 25.90 12.27 -6.77
N ASP B 554 26.58 11.13 -6.88
CA ASP B 554 26.41 10.26 -8.04
C ASP B 554 25.05 9.58 -7.97
N ILE B 555 23.98 10.37 -8.18
CA ILE B 555 22.62 9.93 -7.94
C ILE B 555 21.94 9.39 -9.18
N ASP B 556 22.61 9.38 -10.32
CA ASP B 556 21.98 8.76 -11.47
C ASP B 556 22.51 7.36 -11.71
N ASN B 557 23.41 6.87 -10.86
CA ASN B 557 23.95 5.52 -10.97
C ASN B 557 22.84 4.47 -10.81
N LYS B 558 22.42 3.87 -11.92
CA LYS B 558 21.31 2.91 -11.88
C LYS B 558 21.70 1.57 -11.26
N ASP B 559 22.98 1.19 -11.28
CA ASP B 559 23.36 -0.09 -10.70
C ASP B 559 23.47 -0.08 -9.18
N ARG B 560 23.32 1.08 -8.53
CA ARG B 560 23.53 1.19 -7.10
C ARG B 560 22.32 0.75 -6.31
N TYR B 561 22.51 -0.23 -5.45
CA TYR B 561 21.52 -0.55 -4.44
C TYR B 561 21.96 0.01 -3.10
N ILE B 562 21.06 -0.11 -2.13
CA ILE B 562 21.14 0.59 -0.85
C ILE B 562 20.16 -0.13 0.08
N PHE B 563 20.56 -0.36 1.32
CA PHE B 563 19.74 -1.22 2.16
C PHE B 563 19.29 -0.55 3.46
N LEU B 564 18.07 -0.88 3.85
CA LEU B 564 17.60 -0.74 5.22
C LEU B 564 17.65 -2.11 5.87
N THR B 565 18.02 -2.18 7.14
CA THR B 565 17.88 -3.44 7.86
C THR B 565 17.24 -3.21 9.23
N CYS B 566 16.87 -4.31 9.88
CA CYS B 566 16.51 -4.31 11.30
C CYS B 566 16.41 -5.76 11.76
N GLU B 567 16.23 -5.94 13.07
CA GLU B 567 16.32 -7.25 13.71
C GLU B 567 14.93 -7.68 14.21
N LEU B 568 14.25 -8.55 13.44
CA LEU B 568 12.93 -9.03 13.83
C LEU B 568 12.99 -9.93 15.07
N ASP B 569 13.99 -10.78 15.12
CA ASP B 569 14.16 -11.78 16.15
C ASP B 569 15.55 -11.62 16.71
N ASP B 570 15.85 -12.43 17.71
CA ASP B 570 17.23 -12.63 18.10
C ASP B 570 18.07 -13.23 16.97
N LYS B 571 17.45 -13.87 15.99
CA LYS B 571 18.23 -14.56 14.98
C LYS B 571 17.83 -14.26 13.54
N ILE B 572 16.77 -13.51 13.31
CA ILE B 572 16.33 -13.23 11.95
C ILE B 572 16.49 -11.75 11.67
N SER B 573 17.31 -11.41 10.69
CA SER B 573 17.44 -10.03 10.24
C SER B 573 16.66 -9.84 8.94
N LEU B 574 15.93 -8.73 8.88
CA LEU B 574 15.19 -8.29 7.71
C LEU B 574 16.00 -7.25 6.96
N ILE B 575 16.14 -7.44 5.65
CA ILE B 575 16.84 -6.49 4.81
C ILE B 575 15.90 -6.00 3.75
N ILE B 576 15.72 -4.68 3.66
CA ILE B 576 14.99 -4.05 2.58
C ILE B 576 16.02 -3.50 1.62
N GLU B 577 16.04 -4.07 0.41
CA GLU B 577 16.94 -3.66 -0.66
C GLU B 577 16.23 -2.64 -1.55
N ILE B 578 16.84 -1.46 -1.70
CA ILE B 578 16.21 -0.30 -2.33
C ILE B 578 17.10 0.16 -3.47
N ASN B 579 16.52 0.41 -4.63
CA ASN B 579 17.22 1.04 -5.74
C ASN B 579 16.65 2.43 -5.93
N LEU B 580 17.44 3.46 -5.61
CA LEU B 580 16.92 4.81 -5.67
C LEU B 580 16.52 5.20 -7.08
N VAL B 581 17.31 4.82 -8.08
CA VAL B 581 17.06 5.32 -9.43
C VAL B 581 15.82 4.70 -10.00
N ALA B 582 15.65 3.39 -9.75
CA ALA B 582 14.46 2.66 -10.18
C ALA B 582 13.22 2.92 -9.33
N LYS B 583 13.38 3.59 -8.18
CA LYS B 583 12.28 3.94 -7.28
C LYS B 583 11.56 2.71 -6.74
N SER B 584 12.29 1.60 -6.53
CA SER B 584 11.72 0.30 -6.20
C SER B 584 12.35 -0.27 -4.92
N TYR B 585 11.72 -1.30 -4.36
CA TYR B 585 12.28 -2.01 -3.20
C TYR B 585 11.97 -3.50 -3.25
N SER B 586 12.77 -4.26 -2.50
CA SER B 586 12.65 -5.70 -2.47
C SER B 586 12.96 -6.23 -1.06
N LEU B 587 12.25 -7.28 -0.66
CA LEU B 587 12.38 -7.84 0.68
C LEU B 587 13.31 -9.04 0.67
N LEU B 588 14.07 -9.18 1.75
CA LEU B 588 15.04 -10.24 1.91
C LEU B 588 15.26 -10.48 3.39
N LEU B 589 15.28 -11.76 3.80
CA LEU B 589 15.40 -12.19 5.20
C LEU B 589 16.67 -13.01 5.35
N SER B 590 17.35 -12.90 6.51
CA SER B 590 18.61 -13.59 6.74
C SER B 590 18.67 -14.09 8.16
N GLY B 591 19.28 -15.25 8.33
CA GLY B 591 19.30 -15.94 9.61
C GLY B 591 19.32 -17.44 9.39
N ASP B 592 19.52 -18.17 10.50
CA ASP B 592 19.55 -19.63 10.48
C ASP B 592 18.33 -20.24 9.80
N LYS B 593 18.57 -21.21 8.92
CA LYS B 593 17.51 -21.74 8.08
C LYS B 593 16.48 -22.47 8.90
N ASN B 594 16.90 -23.53 9.61
CA ASN B 594 15.90 -24.30 10.34
C ASN B 594 15.21 -23.48 11.40
N TYR B 595 15.84 -22.40 11.89
CA TYR B 595 15.12 -21.48 12.78
C TYR B 595 14.08 -20.68 12.00
N LEU B 596 14.46 -20.13 10.85
CA LEU B 596 13.51 -19.36 10.05
C LEU B 596 12.30 -20.20 9.69
N ILE B 597 12.54 -21.46 9.33
CA ILE B 597 11.49 -22.28 8.77
C ILE B 597 10.57 -22.81 9.87
N SER B 598 11.06 -22.87 11.12
CA SER B 598 10.27 -23.39 12.23
C SER B 598 9.26 -22.39 12.74
N ASN B 599 9.56 -21.11 12.65
CA ASN B 599 8.59 -20.08 12.96
C ASN B 599 8.53 -19.08 11.81
N LEU B 600 8.39 -19.63 10.61
CA LEU B 600 8.10 -18.81 9.44
C LEU B 600 6.79 -18.04 9.63
N SER B 601 5.77 -18.71 10.17
CA SER B 601 4.47 -18.07 10.25
C SER B 601 4.54 -16.85 11.18
N ASN B 602 5.15 -17.03 12.35
CA ASN B 602 5.29 -15.92 13.28
C ASN B 602 6.12 -14.78 12.66
N THR B 603 7.18 -15.12 11.92
CA THR B 603 8.00 -14.04 11.37
C THR B 603 7.35 -13.35 10.17
N ILE B 604 6.43 -13.97 9.45
CA ILE B 604 5.72 -13.20 8.43
C ILE B 604 4.73 -12.25 9.07
N GLU B 605 4.12 -12.65 10.20
CA GLU B 605 3.19 -11.79 10.90
C GLU B 605 3.87 -10.50 11.38
N LYS B 606 5.20 -10.54 11.56
CA LYS B 606 5.97 -9.32 11.82
C LYS B 606 6.00 -8.42 10.58
N ILE B 607 6.32 -9.00 9.41
CA ILE B 607 6.46 -8.20 8.19
C ILE B 607 5.14 -7.51 7.86
N ASN B 608 4.02 -8.19 8.09
CA ASN B 608 2.72 -7.62 7.84
C ASN B 608 2.44 -6.45 8.77
N THR B 609 2.48 -6.70 10.08
CA THR B 609 2.36 -5.64 11.07
C THR B 609 3.17 -4.45 10.61
N LEU B 610 4.35 -4.73 10.09
CA LEU B 610 5.28 -3.68 9.73
C LEU B 610 4.73 -2.83 8.59
N GLY B 611 3.82 -3.38 7.78
CA GLY B 611 3.21 -2.69 6.66
C GLY B 611 3.75 -3.08 5.29
N LEU B 612 4.83 -3.87 5.23
CA LEU B 612 5.47 -4.17 3.96
C LEU B 612 4.56 -5.04 3.13
N ASP B 613 4.48 -4.74 1.83
CA ASP B 613 3.47 -5.42 1.04
C ASP B 613 4.01 -6.40 0.03
N SER B 614 5.30 -6.32 -0.33
CA SER B 614 5.87 -7.19 -1.35
C SER B 614 5.32 -8.61 -1.23
N LYS B 615 4.92 -9.19 -2.37
CA LYS B 615 4.23 -10.48 -2.30
C LYS B 615 5.19 -11.65 -2.14
N ASN B 616 6.50 -11.42 -2.30
CA ASN B 616 7.52 -12.45 -2.23
C ASN B 616 8.76 -11.92 -1.52
N ILE B 617 9.44 -12.81 -0.80
CA ILE B 617 10.55 -12.46 0.08
C ILE B 617 11.73 -13.37 -0.25
N ALA B 618 12.89 -12.77 -0.47
CA ALA B 618 14.07 -13.58 -0.74
C ALA B 618 14.69 -14.12 0.55
N TYR B 619 15.50 -15.18 0.43
CA TYR B 619 16.15 -15.79 1.59
C TYR B 619 17.61 -16.04 1.28
N ASN B 620 18.48 -15.42 2.06
CA ASN B 620 19.92 -15.45 1.87
C ASN B 620 20.58 -15.50 3.24
N TYR B 621 21.54 -16.41 3.46
CA TYR B 621 22.16 -16.55 4.78
C TYR B 621 23.50 -17.25 4.67
N THR B 622 24.55 -16.62 5.22
CA THR B 622 25.88 -17.24 5.34
C THR B 622 26.18 -17.49 6.82
N ASP B 623 26.28 -18.76 7.20
CA ASP B 623 26.33 -19.17 8.60
C ASP B 623 27.75 -19.05 9.16
N GLU B 624 27.97 -19.63 10.35
CA GLU B 624 29.21 -19.41 11.10
C GLU B 624 30.40 -19.99 10.35
N SER B 625 30.15 -21.11 9.63
CA SER B 625 31.14 -21.91 8.91
C SER B 625 31.26 -21.53 7.43
N ASN B 626 30.54 -20.50 6.99
CA ASN B 626 30.56 -20.00 5.62
C ASN B 626 29.82 -20.94 4.66
N ASN B 627 28.75 -21.56 5.14
CA ASN B 627 27.80 -22.29 4.29
C ASN B 627 26.69 -21.34 3.85
N LYS B 628 26.53 -21.16 2.53
CA LYS B 628 25.47 -20.29 2.02
C LYS B 628 24.12 -21.01 1.92
N TYR B 629 23.05 -20.26 2.16
CA TYR B 629 21.69 -20.77 2.12
C TYR B 629 20.85 -19.81 1.30
N PHE B 630 20.08 -20.33 0.35
CA PHE B 630 19.25 -19.49 -0.50
C PHE B 630 17.82 -20.01 -0.52
N GLY B 631 16.89 -19.10 -0.81
CA GLY B 631 15.50 -19.51 -0.93
C GLY B 631 14.63 -18.36 -1.38
N ALA B 632 13.37 -18.70 -1.66
CA ALA B 632 12.31 -17.71 -1.85
C ALA B 632 11.06 -18.20 -1.13
N ILE B 633 10.30 -17.23 -0.62
CA ILE B 633 9.14 -17.44 0.23
C ILE B 633 7.97 -16.64 -0.34
N SER B 634 6.80 -17.24 -0.44
CA SER B 634 5.59 -16.47 -0.76
C SER B 634 4.94 -16.02 0.54
N LYS B 635 4.62 -14.73 0.63
CA LYS B 635 4.09 -14.20 1.88
C LYS B 635 2.74 -14.81 2.21
N THR B 636 1.82 -14.84 1.26
CA THR B 636 0.45 -15.11 1.64
C THR B 636 0.09 -16.59 1.69
N SER B 637 0.80 -17.48 0.96
CA SER B 637 0.59 -18.92 1.10
C SER B 637 1.62 -19.60 1.99
N GLN B 638 2.67 -18.88 2.37
CA GLN B 638 3.71 -19.39 3.25
C GLN B 638 4.36 -20.64 2.67
N LYS B 639 4.44 -20.67 1.34
CA LYS B 639 5.16 -21.71 0.62
C LYS B 639 6.58 -21.22 0.37
N SER B 640 7.56 -22.00 0.78
CA SER B 640 8.95 -21.58 0.63
C SER B 640 9.79 -22.72 0.07
N ILE B 641 10.74 -22.38 -0.78
CA ILE B 641 11.68 -23.33 -1.36
C ILE B 641 13.09 -22.94 -0.96
N ILE B 642 13.87 -23.91 -0.53
CA ILE B 642 15.21 -23.67 -0.04
C ILE B 642 16.19 -24.44 -0.91
N HIS B 643 17.34 -23.84 -1.22
CA HIS B 643 18.40 -24.57 -1.90
C HIS B 643 19.74 -24.22 -1.26
N TYR B 644 20.55 -25.25 -0.96
CA TYR B 644 21.90 -25.06 -0.47
C TYR B 644 22.72 -26.28 -0.82
N LYS B 645 24.05 -26.07 -0.92
CA LYS B 645 25.02 -27.13 -1.20
C LYS B 645 25.56 -27.63 0.14
N LYS B 646 25.33 -28.91 0.44
CA LYS B 646 25.73 -29.52 1.72
C LYS B 646 26.60 -30.74 1.44
N ASP B 647 27.92 -30.52 1.50
CA ASP B 647 28.90 -31.60 1.39
C ASP B 647 28.90 -32.18 -0.03
N SER B 648 29.00 -31.30 -1.01
CA SER B 648 29.10 -31.67 -2.42
C SER B 648 27.85 -32.43 -2.89
N LYS B 649 26.69 -32.00 -2.40
CA LYS B 649 25.40 -32.58 -2.81
C LYS B 649 24.35 -31.48 -2.76
N ASN B 650 23.70 -31.18 -3.88
CA ASN B 650 22.72 -30.10 -3.85
C ASN B 650 21.48 -30.56 -3.08
N ILE B 651 21.16 -29.86 -2.02
CA ILE B 651 19.94 -30.08 -1.26
C ILE B 651 18.83 -29.19 -1.81
N LEU B 652 17.59 -29.66 -1.67
CA LEU B 652 16.45 -28.92 -2.18
C LEU B 652 15.28 -29.30 -1.31
N GLU B 653 14.70 -28.35 -0.57
CA GLU B 653 13.57 -28.62 0.32
C GLU B 653 12.48 -27.61 0.06
N PHE B 654 11.24 -28.08 0.05
CA PHE B 654 10.07 -27.26 -0.31
C PHE B 654 9.07 -27.35 0.84
N TYR B 655 8.75 -26.22 1.45
CA TYR B 655 7.98 -26.17 2.67
C TYR B 655 6.64 -25.50 2.45
N ASN B 656 5.65 -25.90 3.22
CA ASN B 656 4.37 -25.22 3.25
C ASN B 656 4.05 -24.95 4.70
N ASP B 657 3.84 -23.67 5.04
CA ASP B 657 3.95 -23.19 6.43
C ASP B 657 5.31 -23.69 6.91
N SER B 658 5.37 -24.44 8.02
CA SER B 658 6.61 -24.92 8.59
C SER B 658 6.83 -26.42 8.34
N THR B 659 6.05 -27.02 7.44
CA THR B 659 6.07 -28.45 7.16
C THR B 659 6.84 -28.73 5.88
N LEU B 660 7.74 -29.69 5.93
CA LEU B 660 8.48 -30.07 4.73
C LEU B 660 7.58 -30.87 3.79
N GLU B 661 7.47 -30.42 2.54
CA GLU B 661 6.58 -31.04 1.54
C GLU B 661 7.33 -31.90 0.51
N PHE B 662 8.41 -31.38 -0.06
CA PHE B 662 9.27 -32.10 -1.00
C PHE B 662 10.74 -31.99 -0.58
N ASN B 663 11.46 -33.09 -0.74
CA ASN B 663 12.83 -33.20 -0.27
C ASN B 663 13.70 -33.78 -1.37
N SER B 664 14.96 -33.38 -1.41
CA SER B 664 15.93 -34.05 -2.30
C SER B 664 17.31 -33.88 -1.70
N LYS B 665 17.90 -34.98 -1.25
CA LYS B 665 19.19 -34.89 -0.58
C LYS B 665 20.35 -34.93 -1.57
N ASP B 666 20.08 -35.25 -2.84
CA ASP B 666 21.06 -35.18 -3.94
C ASP B 666 20.31 -34.81 -5.23
N PHE B 667 20.25 -33.52 -5.49
CA PHE B 667 19.65 -32.96 -6.70
C PHE B 667 20.78 -32.82 -7.71
N ILE B 668 20.83 -33.71 -8.70
CA ILE B 668 21.97 -33.75 -9.63
C ILE B 668 21.59 -32.90 -10.82
N ALA B 669 21.79 -31.60 -10.69
CA ALA B 669 21.67 -30.74 -11.84
C ALA B 669 22.82 -29.75 -11.81
N GLU B 670 22.89 -28.94 -12.87
CA GLU B 670 23.86 -27.87 -13.00
C GLU B 670 23.11 -26.59 -13.37
N ASP B 671 23.78 -25.46 -13.19
CA ASP B 671 23.21 -24.13 -13.45
C ASP B 671 21.82 -24.01 -12.85
N ILE B 672 21.71 -24.31 -11.54
CA ILE B 672 20.41 -24.23 -10.88
C ILE B 672 19.97 -22.79 -10.81
N ASN B 673 18.71 -22.54 -11.14
CA ASN B 673 18.05 -21.28 -10.87
C ASN B 673 16.81 -21.56 -10.03
N VAL B 674 16.50 -20.63 -9.15
CA VAL B 674 15.32 -20.71 -8.30
C VAL B 674 14.59 -19.39 -8.41
N PHE B 675 13.38 -19.41 -8.96
CA PHE B 675 12.55 -18.22 -8.92
C PHE B 675 11.15 -18.62 -8.50
N MET B 676 10.41 -17.64 -8.02
CA MET B 676 9.02 -17.85 -7.68
C MET B 676 8.17 -16.80 -8.40
N LYS B 677 7.07 -17.25 -8.98
CA LYS B 677 6.06 -16.35 -9.54
C LYS B 677 4.83 -16.53 -8.68
N ASP B 678 4.68 -15.68 -7.67
CA ASP B 678 3.36 -15.47 -7.09
C ASP B 678 2.89 -16.66 -6.25
N ASP B 679 3.79 -17.34 -5.54
CA ASP B 679 3.60 -18.64 -4.82
C ASP B 679 3.74 -19.92 -5.65
N ILE B 680 3.96 -19.83 -6.96
CA ILE B 680 4.44 -20.94 -7.77
C ILE B 680 5.96 -20.91 -7.75
N ASN B 681 6.58 -22.03 -7.40
CA ASN B 681 8.02 -22.10 -7.39
C ASN B 681 8.54 -22.82 -8.64
N THR B 682 9.70 -22.39 -9.13
CA THR B 682 10.25 -22.91 -10.38
C THR B 682 11.76 -23.03 -10.30
N ILE B 683 12.28 -24.22 -10.55
CA ILE B 683 13.71 -24.49 -10.58
C ILE B 683 14.07 -24.82 -12.01
N THR B 684 15.12 -24.19 -12.52
CA THR B 684 15.67 -24.57 -13.81
C THR B 684 17.00 -25.26 -13.57
N GLY B 685 17.50 -25.94 -14.60
CA GLY B 685 18.78 -26.60 -14.49
C GLY B 685 19.10 -27.41 -15.72
N LYS B 686 20.35 -27.88 -15.75
CA LYS B 686 20.89 -28.75 -16.79
C LYS B 686 21.13 -30.13 -16.19
N TYR B 687 20.47 -31.15 -16.76
CA TYR B 687 20.57 -32.55 -16.32
C TYR B 687 21.18 -33.42 -17.42
N TYR B 688 22.07 -34.33 -17.04
CA TYR B 688 22.78 -35.16 -18.01
C TYR B 688 22.18 -36.56 -18.06
N VAL B 689 21.67 -36.93 -19.25
CA VAL B 689 20.99 -38.20 -19.44
C VAL B 689 21.98 -39.35 -19.37
N ASP B 690 21.61 -40.41 -18.64
CA ASP B 690 22.52 -41.52 -18.38
C ASP B 690 23.84 -41.03 -17.79
N ASN B 691 23.82 -39.81 -17.27
CA ASN B 691 24.99 -39.19 -16.69
C ASN B 691 26.15 -39.13 -17.68
N ASN B 692 25.84 -39.01 -18.97
CA ASN B 692 26.80 -38.70 -20.04
C ASN B 692 26.77 -37.20 -20.33
N THR B 693 27.91 -36.54 -20.14
CA THR B 693 27.97 -35.08 -20.28
C THR B 693 27.57 -34.60 -21.67
N ASP B 694 27.64 -35.47 -22.68
CA ASP B 694 27.21 -35.07 -24.01
C ASP B 694 25.69 -34.92 -24.11
N LYS B 695 24.96 -35.58 -23.21
CA LYS B 695 23.51 -35.73 -23.29
C LYS B 695 22.80 -34.81 -22.28
N SER B 696 22.79 -33.52 -22.59
CA SER B 696 22.30 -32.50 -21.68
C SER B 696 20.87 -32.10 -22.04
N ILE B 697 19.97 -32.24 -21.08
CA ILE B 697 18.58 -31.80 -21.19
C ILE B 697 18.30 -30.80 -20.07
N ASP B 698 18.00 -29.56 -20.47
CA ASP B 698 17.66 -28.49 -19.56
C ASP B 698 16.17 -28.55 -19.18
N PHE B 699 15.87 -28.36 -17.89
CA PHE B 699 14.54 -28.65 -17.35
C PHE B 699 13.99 -27.45 -16.58
N SER B 700 12.69 -27.21 -16.69
CA SER B 700 11.99 -26.27 -15.82
C SER B 700 10.86 -26.97 -15.09
N ILE B 701 10.84 -26.83 -13.77
CA ILE B 701 10.15 -27.72 -12.86
C ILE B 701 9.49 -26.95 -11.72
N SER B 702 8.36 -27.46 -11.26
CA SER B 702 7.68 -26.86 -10.14
C SER B 702 7.38 -27.95 -9.12
N LEU B 703 7.78 -27.70 -7.87
CA LEU B 703 7.64 -28.67 -6.79
C LEU B 703 6.27 -28.53 -6.14
N VAL B 704 5.56 -29.65 -6.01
CA VAL B 704 4.16 -29.56 -5.62
C VAL B 704 3.85 -30.31 -4.34
N SER B 705 4.01 -31.62 -4.35
CA SER B 705 3.63 -32.40 -3.19
C SER B 705 4.75 -33.39 -2.91
N LYS B 706 4.53 -34.31 -1.96
CA LYS B 706 5.62 -35.22 -1.59
C LYS B 706 6.16 -35.94 -2.83
N ASN B 707 5.28 -36.45 -3.68
CA ASN B 707 5.78 -37.21 -4.83
C ASN B 707 5.35 -36.63 -6.18
N GLN B 708 5.06 -35.33 -6.24
CA GLN B 708 4.59 -34.68 -7.47
C GLN B 708 5.47 -33.50 -7.83
N VAL B 709 6.28 -33.69 -8.82
CA VAL B 709 6.95 -32.62 -9.55
C VAL B 709 6.11 -32.32 -10.79
N LYS B 710 6.13 -31.07 -11.23
CA LYS B 710 5.54 -30.65 -12.49
C LYS B 710 6.67 -30.19 -13.41
N VAL B 711 6.78 -30.82 -14.59
CA VAL B 711 7.67 -30.27 -15.61
C VAL B 711 6.84 -29.27 -16.37
N ASN B 712 7.41 -28.13 -16.66
CA ASN B 712 6.72 -27.24 -17.56
C ASN B 712 7.60 -26.85 -18.73
N GLY B 713 8.84 -27.36 -18.78
CA GLY B 713 9.69 -27.16 -19.93
C GLY B 713 10.94 -28.01 -20.00
N LEU B 714 11.30 -28.44 -21.22
CA LEU B 714 12.54 -29.15 -21.51
C LEU B 714 13.16 -28.55 -22.76
N TYR B 715 14.44 -28.19 -22.69
CA TYR B 715 15.22 -27.86 -23.88
C TYR B 715 16.25 -28.97 -24.10
N LEU B 716 16.20 -29.64 -25.25
CA LEU B 716 17.09 -30.77 -25.51
C LEU B 716 18.24 -30.35 -26.42
N ASN B 717 19.44 -30.80 -26.10
CA ASN B 717 20.53 -30.56 -27.03
C ASN B 717 20.42 -31.55 -28.19
N GLU B 718 21.34 -31.45 -29.16
CA GLU B 718 21.27 -32.29 -30.35
C GLU B 718 21.21 -33.75 -29.98
N SER B 719 22.10 -34.18 -29.07
CA SER B 719 22.21 -35.60 -28.76
C SER B 719 20.89 -36.14 -28.21
N VAL B 720 20.26 -35.39 -27.29
CA VAL B 720 19.04 -35.88 -26.67
C VAL B 720 17.85 -35.75 -27.61
N TYR B 721 17.79 -34.65 -28.37
CA TYR B 721 16.68 -34.47 -29.29
C TYR B 721 16.68 -35.58 -30.34
N SER B 722 17.84 -35.90 -30.90
CA SER B 722 17.91 -37.03 -31.84
C SER B 722 17.39 -38.30 -31.18
N SER B 723 17.85 -38.58 -29.96
CA SER B 723 17.29 -39.70 -29.20
C SER B 723 15.79 -39.56 -29.03
N TYR B 724 15.31 -38.33 -28.76
CA TYR B 724 13.88 -38.09 -28.62
C TYR B 724 13.15 -38.31 -29.93
N LEU B 725 13.72 -37.87 -31.05
CA LEU B 725 13.07 -38.10 -32.34
C LEU B 725 12.95 -39.60 -32.61
N ASP B 726 14.04 -40.35 -32.40
CA ASP B 726 14.01 -41.81 -32.44
C ASP B 726 12.88 -42.39 -31.61
N PHE B 727 12.68 -41.85 -30.41
CA PHE B 727 11.60 -42.30 -29.55
C PHE B 727 10.24 -42.11 -30.21
N VAL B 728 10.01 -40.96 -30.87
CA VAL B 728 8.62 -40.75 -31.29
C VAL B 728 8.35 -41.55 -32.55
N LYS B 729 9.38 -41.81 -33.36
CA LYS B 729 9.19 -42.65 -34.54
C LYS B 729 8.86 -44.08 -34.16
N ASN B 730 9.16 -44.49 -32.92
CA ASN B 730 9.00 -45.86 -32.49
C ASN B 730 7.86 -46.02 -31.48
N SER B 731 6.83 -45.20 -31.61
CA SER B 731 5.81 -45.11 -30.59
C SER B 731 4.48 -45.73 -31.00
N ASP B 732 4.38 -46.33 -32.18
CA ASP B 732 3.09 -46.83 -32.69
C ASP B 732 2.01 -45.77 -32.64
N GLY B 733 2.38 -44.51 -32.81
CA GLY B 733 1.40 -43.45 -32.75
C GLY B 733 1.06 -42.99 -31.35
N HIS B 734 1.79 -43.44 -30.33
CA HIS B 734 1.67 -42.82 -29.00
C HIS B 734 2.65 -41.65 -28.93
N HIS B 735 2.31 -40.60 -29.66
CA HIS B 735 3.21 -39.49 -29.86
C HIS B 735 2.49 -38.15 -29.80
N ASN B 736 1.24 -38.10 -29.33
CA ASN B 736 0.62 -36.79 -29.18
C ASN B 736 -0.20 -36.58 -27.91
N THR B 737 -0.59 -37.60 -27.15
CA THR B 737 -1.18 -37.34 -25.85
C THR B 737 -0.12 -36.89 -24.83
N SER B 738 -0.56 -36.11 -23.83
CA SER B 738 0.39 -35.61 -22.82
C SER B 738 1.09 -36.75 -22.09
N ASN B 739 0.48 -37.95 -22.06
CA ASN B 739 1.09 -39.06 -21.35
C ASN B 739 2.30 -39.60 -22.10
N PHE B 740 2.25 -39.58 -23.43
CA PHE B 740 3.43 -39.78 -24.26
C PHE B 740 4.68 -39.13 -23.66
N MET B 741 4.55 -37.89 -23.19
CA MET B 741 5.68 -37.20 -22.58
C MET B 741 6.18 -37.93 -21.34
N ASN B 742 5.25 -38.38 -20.50
CA ASN B 742 5.64 -39.14 -19.31
C ASN B 742 6.42 -40.38 -19.69
N LEU B 743 6.05 -41.00 -20.81
CA LEU B 743 6.76 -42.16 -21.34
C LEU B 743 8.18 -41.79 -21.78
N PHE B 744 8.36 -40.57 -22.31
CA PHE B 744 9.71 -40.11 -22.63
C PHE B 744 10.48 -39.82 -21.35
N LEU B 745 9.83 -39.19 -20.36
CA LEU B 745 10.51 -38.96 -19.10
C LEU B 745 10.97 -40.27 -18.46
N ASP B 746 10.15 -41.33 -18.59
CA ASP B 746 10.57 -42.64 -18.13
C ASP B 746 11.80 -43.11 -18.89
N ASN B 747 11.81 -42.92 -20.20
CA ASN B 747 12.89 -43.48 -21.01
C ASN B 747 14.24 -42.88 -20.66
N ILE B 748 14.27 -41.55 -20.51
CA ILE B 748 15.51 -40.83 -20.22
C ILE B 748 15.89 -40.96 -18.76
N SER B 749 15.11 -41.74 -17.98
CA SER B 749 15.31 -41.88 -16.55
C SER B 749 15.39 -40.52 -15.88
N PHE B 750 14.43 -39.65 -16.18
CA PHE B 750 14.49 -38.31 -15.62
C PHE B 750 14.33 -38.36 -14.13
N TRP B 751 13.67 -39.41 -13.60
CA TRP B 751 13.48 -39.55 -12.15
C TRP B 751 14.80 -39.52 -11.39
N LYS B 752 15.89 -39.91 -12.03
CA LYS B 752 17.18 -39.93 -11.36
C LYS B 752 17.70 -38.54 -11.03
N LEU B 753 17.15 -37.47 -11.62
CA LEU B 753 17.57 -36.12 -11.26
C LEU B 753 17.29 -35.82 -9.79
N PHE B 754 16.08 -36.12 -9.32
CA PHE B 754 15.78 -36.33 -7.91
C PHE B 754 16.25 -37.72 -7.51
N GLY B 755 16.22 -38.04 -6.22
CA GLY B 755 16.69 -39.38 -5.83
C GLY B 755 15.71 -40.52 -6.04
N PHE B 756 14.44 -40.23 -6.27
CA PHE B 756 13.38 -41.20 -6.09
C PHE B 756 12.88 -41.66 -7.43
N GLU B 757 12.77 -42.97 -7.61
CA GLU B 757 11.94 -43.50 -8.68
C GLU B 757 10.45 -43.29 -8.41
N ASN B 758 10.12 -42.87 -7.19
CA ASN B 758 8.74 -42.86 -6.72
C ASN B 758 7.89 -41.86 -7.52
N ILE B 759 8.38 -40.62 -7.67
CA ILE B 759 7.59 -39.45 -8.09
C ILE B 759 6.84 -39.66 -9.38
N ASN B 760 5.67 -39.02 -9.48
CA ASN B 760 5.03 -38.83 -10.77
C ASN B 760 5.30 -37.42 -11.26
N PHE B 761 5.65 -37.32 -12.53
CA PHE B 761 5.77 -36.02 -13.16
C PHE B 761 4.43 -35.63 -13.78
N VAL B 762 4.22 -34.33 -13.90
CA VAL B 762 2.97 -33.75 -14.37
C VAL B 762 3.21 -33.02 -15.67
N ILE B 763 2.50 -33.45 -16.71
CA ILE B 763 2.46 -32.72 -17.97
C ILE B 763 1.04 -32.20 -18.16
N ASP B 764 0.89 -30.89 -18.29
CA ASP B 764 -0.44 -30.28 -18.44
C ASP B 764 -0.36 -29.20 -19.51
N LYS B 765 -1.39 -28.36 -19.60
CA LYS B 765 -1.36 -27.20 -20.48
C LYS B 765 0.00 -26.51 -20.40
N TYR B 766 0.48 -25.95 -21.51
CA TYR B 766 1.59 -25.01 -21.57
C TYR B 766 2.95 -25.63 -21.27
N PHE B 767 3.03 -26.92 -21.01
CA PHE B 767 4.32 -27.59 -21.12
C PHE B 767 4.92 -27.32 -22.49
N THR B 768 6.23 -27.13 -22.54
CA THR B 768 6.92 -26.99 -23.82
C THR B 768 8.17 -27.84 -23.83
N LEU B 769 8.35 -28.57 -24.92
CA LEU B 769 9.62 -29.21 -25.22
C LEU B 769 10.17 -28.58 -26.50
N VAL B 770 11.40 -28.10 -26.47
CA VAL B 770 12.02 -27.59 -27.70
C VAL B 770 13.35 -28.31 -27.87
N GLY B 771 13.67 -28.65 -29.10
CA GLY B 771 14.82 -29.47 -29.40
C GLY B 771 15.61 -28.86 -30.53
N LYS B 772 16.91 -29.14 -30.53
CA LYS B 772 17.85 -28.48 -31.42
C LYS B 772 18.34 -29.43 -32.51
N THR B 773 17.97 -29.15 -33.75
CA THR B 773 18.48 -29.93 -34.85
C THR B 773 19.79 -29.31 -35.30
N ASN B 774 20.50 -30.01 -36.19
CA ASN B 774 21.82 -29.58 -36.65
C ASN B 774 21.76 -28.34 -37.52
N LEU B 775 20.56 -27.94 -37.95
CA LEU B 775 20.42 -26.71 -38.69
C LEU B 775 19.14 -25.96 -38.31
N GLY B 776 18.73 -26.06 -37.06
CA GLY B 776 17.54 -25.36 -36.62
C GLY B 776 17.06 -25.83 -35.27
N TYR B 777 15.77 -25.60 -35.03
CA TYR B 777 15.13 -26.00 -33.79
C TYR B 777 13.62 -26.06 -33.99
N VAL B 778 12.96 -26.91 -33.18
CA VAL B 778 11.50 -27.09 -33.20
C VAL B 778 10.96 -26.93 -31.79
N GLU B 779 9.80 -26.27 -31.67
CA GLU B 779 9.14 -26.04 -30.39
C GLU B 779 7.81 -26.77 -30.33
N PHE B 780 7.59 -27.54 -29.27
CA PHE B 780 6.33 -28.24 -29.04
C PHE B 780 5.67 -27.71 -27.79
N ILE B 781 4.34 -27.68 -27.81
CA ILE B 781 3.56 -27.15 -26.70
C ILE B 781 2.39 -28.09 -26.48
N CYS B 782 2.01 -28.25 -25.21
CA CYS B 782 0.83 -29.03 -24.85
C CYS B 782 -0.45 -28.21 -25.00
N ASP B 783 -1.47 -28.82 -25.63
CA ASP B 783 -2.80 -28.28 -25.92
C ASP B 783 -3.62 -27.94 -24.67
N ASN B 784 -4.75 -27.30 -24.94
CA ASN B 784 -5.88 -27.32 -24.03
C ASN B 784 -6.53 -28.70 -23.95
N ASN B 785 -6.23 -29.58 -24.89
CA ASN B 785 -6.71 -30.96 -24.87
C ASN B 785 -5.69 -31.92 -24.26
N LYS B 786 -4.56 -31.39 -23.79
CA LYS B 786 -3.42 -32.20 -23.38
C LYS B 786 -2.85 -32.97 -24.57
N ASN B 787 -2.79 -32.31 -25.73
CA ASN B 787 -2.20 -32.90 -26.93
C ASN B 787 -0.96 -32.09 -27.30
N ILE B 788 0.14 -32.78 -27.55
CA ILE B 788 1.39 -32.13 -27.89
C ILE B 788 1.56 -32.10 -29.41
N ASP B 789 1.83 -30.93 -29.97
CA ASP B 789 2.08 -30.78 -31.40
C ASP B 789 2.99 -29.56 -31.60
N ILE B 790 3.49 -29.42 -32.84
CA ILE B 790 4.41 -28.34 -33.18
C ILE B 790 3.75 -27.00 -32.90
N TYR B 791 4.49 -26.10 -32.25
CA TYR B 791 4.02 -24.73 -32.08
C TYR B 791 4.75 -23.79 -33.01
N PHE B 792 6.07 -23.72 -32.91
CA PHE B 792 6.90 -23.00 -33.87
C PHE B 792 8.13 -23.83 -34.18
N GLY B 793 8.61 -23.71 -35.43
CA GLY B 793 9.82 -24.37 -35.87
C GLY B 793 10.51 -23.66 -37.02
N GLU B 794 11.83 -23.66 -36.98
CA GLU B 794 12.63 -23.00 -37.99
C GLU B 794 13.98 -23.69 -38.14
N TRP B 795 14.41 -23.85 -39.39
CA TRP B 795 15.70 -24.44 -39.71
C TRP B 795 16.16 -23.92 -41.07
N LYS B 796 17.38 -23.45 -41.13
CA LYS B 796 17.91 -22.79 -42.31
C LYS B 796 18.90 -23.72 -43.01
N THR B 797 19.12 -23.44 -44.29
CA THR B 797 20.10 -24.18 -45.06
C THR B 797 21.03 -23.17 -45.73
N SER B 798 21.94 -23.67 -46.56
CA SER B 798 22.89 -22.81 -47.24
C SER B 798 22.16 -21.64 -47.92
N SER B 799 21.09 -21.93 -48.67
CA SER B 799 20.39 -20.89 -49.42
C SER B 799 18.90 -20.75 -49.09
N SER B 800 18.35 -21.45 -48.10
CA SER B 800 16.89 -21.35 -47.95
C SER B 800 16.43 -21.70 -46.52
N LYS B 801 15.25 -21.17 -46.16
CA LYS B 801 14.79 -21.11 -44.78
C LYS B 801 13.40 -21.73 -44.66
N SER B 802 13.33 -22.90 -44.04
CA SER B 802 12.06 -23.53 -43.73
C SER B 802 11.55 -23.02 -42.39
N THR B 803 10.25 -22.67 -42.34
CA THR B 803 9.59 -22.25 -41.11
C THR B 803 8.20 -22.88 -41.02
N ILE B 804 7.76 -23.13 -39.79
CA ILE B 804 6.46 -23.75 -39.54
C ILE B 804 5.82 -23.12 -38.31
N PHE B 805 4.52 -22.88 -38.38
CA PHE B 805 3.76 -22.30 -37.28
C PHE B 805 2.55 -23.15 -36.97
N SER B 806 2.04 -23.01 -35.76
CA SER B 806 0.70 -23.51 -35.49
C SER B 806 -0.33 -22.71 -36.26
N GLY B 807 -0.18 -21.40 -36.26
CA GLY B 807 -1.23 -20.55 -36.78
C GLY B 807 -1.41 -20.64 -38.28
N ASN B 808 -0.42 -21.19 -39.01
CA ASN B 808 -0.55 -21.33 -40.46
C ASN B 808 -0.79 -22.76 -40.89
N GLY B 809 -1.27 -23.59 -39.97
CA GLY B 809 -1.80 -24.90 -40.30
C GLY B 809 -0.84 -26.04 -40.12
N ARG B 810 0.29 -25.82 -39.46
CA ARG B 810 1.39 -26.76 -39.32
C ARG B 810 2.02 -27.11 -40.66
N ASN B 811 2.00 -26.16 -41.58
CA ASN B 811 2.66 -26.29 -42.86
C ASN B 811 4.09 -25.74 -42.79
N VAL B 812 5.01 -26.44 -43.47
CA VAL B 812 6.41 -26.02 -43.57
C VAL B 812 6.52 -25.14 -44.79
N VAL B 813 7.09 -23.94 -44.64
CA VAL B 813 7.22 -22.99 -45.73
C VAL B 813 8.69 -22.76 -46.03
N VAL B 814 9.14 -23.24 -47.20
CA VAL B 814 10.53 -23.11 -47.62
C VAL B 814 10.67 -21.83 -48.45
N GLU B 815 11.53 -20.93 -48.00
CA GLU B 815 11.64 -19.61 -48.56
C GLU B 815 13.09 -19.38 -48.93
N PRO B 816 13.38 -18.64 -50.01
CA PRO B 816 14.74 -18.17 -50.20
C PRO B 816 15.06 -17.22 -49.07
N ILE B 817 16.27 -17.34 -48.50
CA ILE B 817 16.60 -16.44 -47.40
C ILE B 817 16.92 -15.07 -47.99
N TYR B 818 16.00 -14.12 -47.74
CA TYR B 818 16.07 -12.81 -48.37
C TYR B 818 17.27 -12.02 -47.86
N ASN B 819 17.42 -11.97 -46.53
CA ASN B 819 18.58 -11.36 -45.87
C ASN B 819 18.74 -11.92 -44.44
N SER B 827 21.49 -18.07 -53.75
CA SER B 827 20.32 -17.21 -53.51
C SER B 827 19.21 -17.53 -54.51
N THR B 828 19.59 -17.52 -55.79
CA THR B 828 18.69 -17.90 -56.87
C THR B 828 18.23 -19.35 -56.75
N SER B 829 18.89 -20.17 -55.94
CA SER B 829 18.46 -21.53 -55.70
C SER B 829 17.61 -21.62 -54.43
N LEU B 830 17.08 -22.82 -54.21
CA LEU B 830 16.14 -23.17 -53.15
C LEU B 830 16.28 -24.66 -52.99
N ASP B 831 16.35 -25.14 -51.75
CA ASP B 831 16.56 -26.56 -51.59
C ASP B 831 15.58 -27.14 -50.58
N PHE B 832 15.35 -28.44 -50.72
CA PHE B 832 14.47 -29.18 -49.82
C PHE B 832 14.92 -30.63 -49.80
N SER B 833 15.41 -31.11 -48.66
CA SER B 833 15.40 -32.54 -48.42
C SER B 833 14.19 -32.92 -47.59
N TYR B 834 13.87 -34.21 -47.60
CA TYR B 834 12.93 -34.79 -46.66
C TYR B 834 13.60 -35.08 -45.31
N GLU B 835 14.88 -34.67 -45.13
CA GLU B 835 15.72 -35.14 -44.05
C GLU B 835 15.47 -34.44 -42.72
N PRO B 836 15.25 -33.12 -42.68
CA PRO B 836 14.84 -32.51 -41.40
C PRO B 836 13.45 -32.94 -40.95
N LEU B 837 12.60 -33.42 -41.85
CA LEU B 837 11.27 -33.89 -41.47
C LEU B 837 11.30 -35.17 -40.64
N TYR B 838 12.46 -35.77 -40.44
CA TYR B 838 12.57 -37.00 -39.65
C TYR B 838 12.02 -36.81 -38.25
N GLY B 839 11.35 -37.85 -37.77
CA GLY B 839 10.72 -37.81 -36.46
C GLY B 839 9.48 -36.99 -36.42
N ILE B 840 9.53 -35.73 -36.89
CA ILE B 840 8.37 -34.87 -36.86
C ILE B 840 7.49 -35.04 -38.10
N ASP B 841 7.85 -35.95 -39.00
CA ASP B 841 7.01 -36.24 -40.17
C ASP B 841 5.52 -36.34 -39.79
N ARG B 842 5.23 -37.00 -38.68
CA ARG B 842 3.86 -37.19 -38.24
C ARG B 842 3.13 -35.87 -38.02
N TYR B 843 3.81 -34.87 -37.49
CA TYR B 843 3.13 -33.64 -37.10
C TYR B 843 2.83 -32.73 -38.27
N ILE B 844 3.47 -32.95 -39.41
CA ILE B 844 3.46 -32.05 -40.54
C ILE B 844 2.20 -32.25 -41.36
N ASN B 845 1.70 -31.15 -41.95
CA ASN B 845 0.62 -31.20 -42.93
C ASN B 845 1.19 -31.29 -44.35
N LYS B 846 1.71 -30.16 -44.84
CA LYS B 846 2.19 -30.03 -46.22
C LYS B 846 3.49 -29.25 -46.21
N VAL B 847 4.17 -29.29 -47.35
CA VAL B 847 5.42 -28.57 -47.52
C VAL B 847 5.14 -27.56 -48.62
N LEU B 848 5.25 -26.27 -48.31
CA LEU B 848 5.06 -25.27 -49.35
C LEU B 848 6.40 -24.66 -49.70
N ILE B 849 6.83 -24.87 -50.95
CA ILE B 849 8.00 -24.23 -51.55
C ILE B 849 7.54 -22.95 -52.23
N ALA B 850 8.24 -21.84 -51.98
CA ALA B 850 7.72 -20.50 -52.31
C ALA B 850 8.73 -19.65 -53.08
N PRO B 851 8.94 -19.93 -54.36
CA PRO B 851 9.87 -19.12 -55.16
C PRO B 851 9.44 -17.67 -55.25
N ASP B 852 10.43 -16.76 -55.21
CA ASP B 852 10.20 -15.36 -55.52
C ASP B 852 10.66 -15.08 -56.94
N LEU B 853 10.50 -13.81 -57.34
CA LEU B 853 10.85 -13.40 -58.69
C LEU B 853 12.25 -13.85 -59.07
N TYR B 854 13.14 -13.95 -58.10
CA TYR B 854 14.56 -14.10 -58.40
C TYR B 854 15.05 -15.54 -58.38
N THR B 855 14.24 -16.49 -57.91
CA THR B 855 14.70 -17.88 -57.88
C THR B 855 14.36 -18.55 -59.20
N SER B 856 15.30 -19.36 -59.67
CA SER B 856 15.20 -20.02 -60.95
C SER B 856 15.55 -21.50 -60.82
N LEU B 857 15.75 -21.97 -59.59
CA LEU B 857 16.25 -23.33 -59.37
C LEU B 857 15.73 -23.87 -58.05
N ILE B 858 14.84 -24.84 -58.10
CA ILE B 858 14.27 -25.47 -56.93
C ILE B 858 14.84 -26.89 -56.86
N ASN B 859 15.80 -27.11 -55.97
CA ASN B 859 16.35 -28.45 -55.75
C ASN B 859 15.46 -29.24 -54.82
N ILE B 860 15.07 -30.44 -55.21
CA ILE B 860 14.24 -31.30 -54.37
C ILE B 860 14.92 -32.67 -54.33
N ASN B 861 15.69 -32.92 -53.28
CA ASN B 861 16.39 -34.19 -53.12
C ASN B 861 15.47 -35.22 -52.52
N THR B 862 15.36 -36.37 -53.16
CA THR B 862 14.28 -37.30 -52.85
C THR B 862 14.78 -38.69 -52.49
N ASN B 863 16.00 -38.82 -51.97
CA ASN B 863 16.53 -40.15 -51.71
C ASN B 863 16.81 -40.36 -50.23
N TYR B 864 15.91 -39.88 -49.40
CA TYR B 864 15.93 -40.09 -47.97
C TYR B 864 14.80 -41.06 -47.64
N TYR B 865 15.11 -42.32 -47.33
CA TYR B 865 14.07 -43.34 -47.15
C TYR B 865 13.86 -43.76 -45.70
N SER B 866 14.31 -42.94 -44.75
CA SER B 866 14.29 -43.35 -43.35
C SER B 866 13.17 -42.69 -42.56
N ASN B 867 12.20 -42.12 -43.24
CA ASN B 867 11.06 -41.47 -42.60
C ASN B 867 9.85 -42.36 -42.69
N GLU B 868 8.90 -42.10 -41.80
CA GLU B 868 7.69 -42.88 -41.78
C GLU B 868 6.57 -42.24 -42.57
N TYR B 869 6.49 -40.92 -42.59
CA TYR B 869 5.53 -40.20 -43.42
C TYR B 869 6.30 -39.25 -44.32
N TYR B 870 5.89 -39.17 -45.60
CA TYR B 870 6.45 -38.21 -46.57
C TYR B 870 5.36 -37.25 -47.01
N PRO B 871 5.32 -36.04 -46.45
CA PRO B 871 4.28 -35.07 -46.82
C PRO B 871 4.38 -34.52 -48.23
N GLU B 872 3.22 -34.08 -48.71
CA GLU B 872 3.10 -33.56 -50.07
C GLU B 872 3.84 -32.23 -50.21
N ILE B 873 4.54 -32.07 -51.33
CA ILE B 873 5.35 -30.88 -51.62
C ILE B 873 4.56 -30.04 -52.61
N ILE B 874 4.11 -28.86 -52.21
CA ILE B 874 3.34 -27.99 -53.10
C ILE B 874 4.22 -26.81 -53.46
N VAL B 875 4.65 -26.73 -54.72
CA VAL B 875 5.46 -25.61 -55.19
C VAL B 875 4.52 -24.50 -55.58
N LEU B 876 4.63 -23.38 -54.90
CA LEU B 876 3.70 -22.29 -55.11
C LEU B 876 4.14 -21.46 -56.30
N ASN B 877 3.26 -21.26 -57.25
CA ASN B 877 3.60 -20.47 -58.41
C ASN B 877 2.97 -19.11 -58.22
N PRO B 878 3.74 -18.07 -57.95
CA PRO B 878 3.16 -16.74 -57.85
C PRO B 878 2.75 -16.24 -59.23
N ASN B 879 2.17 -15.05 -59.29
CA ASN B 879 1.91 -14.44 -60.59
C ASN B 879 2.97 -13.38 -60.91
N THR B 880 4.20 -13.87 -61.06
CA THR B 880 5.27 -13.20 -61.78
C THR B 880 5.32 -13.71 -63.21
N PHE B 881 5.35 -15.04 -63.36
CA PHE B 881 5.22 -15.72 -64.66
C PHE B 881 6.36 -15.40 -65.62
N HIS B 882 7.56 -15.14 -65.09
CA HIS B 882 8.61 -14.60 -65.95
C HIS B 882 9.95 -15.32 -65.85
N LYS B 883 10.26 -15.93 -64.70
CA LYS B 883 11.55 -16.59 -64.55
C LYS B 883 11.44 -17.99 -65.14
N LYS B 884 12.33 -18.31 -66.07
CA LYS B 884 12.48 -19.68 -66.53
C LYS B 884 13.02 -20.49 -65.34
N VAL B 885 12.13 -21.28 -64.70
CA VAL B 885 12.43 -22.02 -63.46
C VAL B 885 12.52 -23.53 -63.71
N ASN B 886 13.42 -24.16 -62.96
CA ASN B 886 13.77 -25.58 -63.10
C ASN B 886 13.63 -26.30 -61.75
N ILE B 887 12.90 -27.42 -61.74
CA ILE B 887 12.84 -28.28 -60.56
C ILE B 887 13.82 -29.42 -60.77
N ASN B 888 14.80 -29.51 -59.86
CA ASN B 888 15.93 -30.42 -60.00
C ASN B 888 15.70 -31.64 -59.12
N LEU B 889 15.23 -32.74 -59.72
CA LEU B 889 15.04 -33.97 -58.98
C LEU B 889 16.22 -34.92 -59.18
N ASP B 890 16.68 -35.54 -58.10
CA ASP B 890 17.82 -36.45 -58.16
C ASP B 890 17.41 -37.91 -58.20
N SER B 891 16.19 -38.18 -58.60
CA SER B 891 15.71 -39.53 -58.83
C SER B 891 15.41 -39.69 -60.32
N SER B 892 14.97 -40.88 -60.71
CA SER B 892 14.98 -41.27 -62.11
C SER B 892 13.59 -41.17 -62.72
N SER B 893 13.53 -40.71 -63.97
CA SER B 893 12.26 -40.50 -64.66
C SER B 893 11.40 -41.75 -64.70
N PHE B 894 12.03 -42.93 -64.60
CA PHE B 894 11.31 -44.20 -64.57
C PHE B 894 10.33 -44.25 -63.43
N GLU B 895 10.67 -43.64 -62.30
CA GLU B 895 9.93 -43.81 -61.07
C GLU B 895 8.73 -42.87 -60.94
N TYR B 896 8.57 -41.91 -61.85
CA TYR B 896 7.49 -40.92 -61.78
C TYR B 896 6.31 -41.24 -62.69
N LYS B 897 5.22 -40.52 -62.43
CA LYS B 897 3.98 -40.57 -63.19
C LYS B 897 3.36 -39.19 -63.02
N TRP B 898 2.62 -38.72 -64.01
CA TRP B 898 2.07 -37.38 -63.90
C TRP B 898 0.55 -37.41 -63.72
N SER B 899 0.02 -36.28 -63.24
CA SER B 899 -1.42 -36.15 -63.13
C SER B 899 -1.81 -34.67 -63.17
N THR B 900 -3.03 -34.45 -63.63
CA THR B 900 -3.68 -33.15 -63.62
C THR B 900 -4.80 -33.20 -62.61
N GLU B 901 -4.93 -32.12 -61.86
CA GLU B 901 -6.09 -31.88 -61.01
C GLU B 901 -6.39 -30.37 -61.09
N GLY B 902 -7.20 -30.00 -62.08
CA GLY B 902 -7.51 -28.59 -62.30
C GLY B 902 -6.38 -27.89 -63.03
N SER B 903 -5.86 -26.80 -62.47
CA SER B 903 -4.66 -26.15 -62.97
C SER B 903 -3.39 -26.69 -62.34
N ASP B 904 -3.49 -27.74 -61.54
CA ASP B 904 -2.35 -28.28 -60.82
C ASP B 904 -1.67 -29.33 -61.68
N PHE B 905 -0.35 -29.23 -61.84
CA PHE B 905 0.44 -30.31 -62.41
C PHE B 905 1.02 -31.10 -61.24
N ILE B 906 0.83 -32.40 -61.26
CA ILE B 906 1.22 -33.24 -60.13
C ILE B 906 2.21 -34.29 -60.61
N LEU B 907 3.12 -34.69 -59.72
CA LEU B 907 4.15 -35.68 -60.01
C LEU B 907 4.18 -36.65 -58.87
N VAL B 908 4.19 -37.95 -59.16
CA VAL B 908 4.23 -38.96 -58.10
C VAL B 908 5.30 -40.00 -58.41
N ARG B 909 6.22 -40.20 -57.46
CA ARG B 909 7.27 -41.19 -57.51
C ARG B 909 6.95 -42.26 -56.48
N TYR B 910 6.40 -43.40 -56.93
CA TYR B 910 6.18 -44.54 -56.04
C TYR B 910 7.47 -45.31 -55.91
N LEU B 911 7.70 -45.89 -54.74
CA LEU B 911 9.08 -46.22 -54.41
C LEU B 911 9.11 -47.53 -53.64
N GLU B 912 10.08 -48.38 -53.99
CA GLU B 912 10.30 -49.65 -53.31
C GLU B 912 11.81 -49.76 -53.04
N GLU B 913 12.23 -49.29 -51.87
CA GLU B 913 13.61 -49.43 -51.42
C GLU B 913 13.62 -50.36 -50.20
N SER B 914 14.58 -51.30 -50.21
CA SER B 914 14.64 -52.42 -49.28
C SER B 914 13.28 -53.13 -49.26
N ASN B 915 12.62 -53.15 -48.10
CA ASN B 915 11.27 -53.68 -48.02
C ASN B 915 10.23 -52.56 -47.86
N LYS B 916 10.64 -51.30 -48.02
CA LYS B 916 9.83 -50.14 -47.69
C LYS B 916 9.01 -49.65 -48.88
N LYS B 917 7.87 -49.01 -48.58
CA LYS B 917 6.89 -48.52 -49.55
C LYS B 917 6.63 -47.02 -49.38
N ILE B 918 7.43 -46.19 -50.07
CA ILE B 918 7.43 -44.72 -49.95
C ILE B 918 6.71 -44.10 -51.13
N LEU B 919 5.84 -43.12 -50.88
CA LEU B 919 5.12 -42.45 -51.98
C LEU B 919 5.20 -40.93 -51.83
N GLN B 920 5.95 -40.26 -52.70
CA GLN B 920 6.28 -38.86 -52.56
C GLN B 920 5.63 -38.05 -53.67
N LYS B 921 4.70 -37.18 -53.29
CA LYS B 921 3.95 -36.36 -54.22
C LYS B 921 4.56 -34.97 -54.30
N ILE B 922 4.49 -34.38 -55.49
CA ILE B 922 4.93 -33.01 -55.75
C ILE B 922 3.90 -32.38 -56.67
N ARG B 923 3.22 -31.35 -56.18
CA ARG B 923 2.25 -30.61 -56.97
C ARG B 923 2.77 -29.21 -57.30
N ILE B 924 2.57 -28.80 -58.55
CA ILE B 924 2.95 -27.47 -59.01
C ILE B 924 1.66 -26.65 -59.11
N LYS B 925 1.39 -25.83 -58.09
CA LYS B 925 0.08 -25.20 -58.00
C LYS B 925 -0.18 -24.27 -59.17
N GLY B 926 -1.32 -24.48 -59.82
CA GLY B 926 -1.89 -23.58 -60.81
C GLY B 926 -1.03 -23.28 -62.03
N ILE B 927 -0.06 -24.14 -62.36
CA ILE B 927 0.83 -23.79 -63.46
C ILE B 927 0.08 -23.80 -64.78
N LEU B 928 -0.92 -24.67 -64.91
CA LEU B 928 -1.68 -24.80 -66.14
C LEU B 928 -2.56 -23.60 -66.42
N SER B 929 -2.79 -22.72 -65.44
CA SER B 929 -3.72 -21.62 -65.67
C SER B 929 -3.12 -20.57 -66.59
N ASN B 930 -1.84 -20.25 -66.43
CA ASN B 930 -1.22 -19.20 -67.22
C ASN B 930 -0.22 -19.82 -68.20
N THR B 931 -0.44 -19.54 -69.49
CA THR B 931 0.29 -20.26 -70.53
C THR B 931 1.77 -19.93 -70.49
N GLN B 932 2.11 -18.66 -70.25
CA GLN B 932 3.52 -18.26 -70.26
C GLN B 932 4.32 -19.05 -69.22
N SER B 933 3.83 -19.11 -67.98
CA SER B 933 4.55 -19.80 -66.91
C SER B 933 4.73 -21.27 -67.25
N PHE B 934 3.74 -21.86 -67.91
CA PHE B 934 3.77 -23.29 -68.18
C PHE B 934 4.95 -23.66 -69.06
N ASN B 935 5.10 -22.98 -70.20
CA ASN B 935 6.22 -23.33 -71.05
C ASN B 935 7.53 -22.77 -70.53
N LYS B 936 7.46 -21.82 -69.60
CA LYS B 936 8.65 -21.31 -68.94
C LYS B 936 9.11 -22.18 -67.77
N MET B 937 8.65 -23.44 -67.68
CA MET B 937 8.90 -24.32 -66.54
C MET B 937 9.61 -25.58 -67.01
N SER B 938 10.56 -26.07 -66.23
CA SER B 938 11.33 -27.23 -66.65
C SER B 938 11.68 -28.13 -65.45
N ILE B 939 12.02 -29.39 -65.74
CA ILE B 939 12.23 -30.36 -64.67
C ILE B 939 13.39 -31.30 -65.02
N ASP B 940 14.58 -31.08 -64.46
CA ASP B 940 15.62 -32.09 -64.55
C ASP B 940 15.27 -33.31 -63.71
N PHE B 941 15.68 -34.47 -64.20
CA PHE B 941 15.64 -35.75 -63.49
C PHE B 941 17.08 -36.19 -63.28
N LYS B 942 17.28 -37.39 -62.72
CA LYS B 942 18.65 -37.89 -62.60
C LYS B 942 19.24 -38.19 -63.97
N ASP B 943 18.38 -38.52 -64.95
CA ASP B 943 18.80 -39.15 -66.19
C ASP B 943 18.19 -38.53 -67.43
N ILE B 944 17.38 -37.49 -67.28
CA ILE B 944 16.89 -36.73 -68.43
C ILE B 944 16.76 -35.32 -67.91
N LYS B 945 17.45 -34.37 -68.52
CA LYS B 945 17.47 -33.01 -68.02
C LYS B 945 16.63 -32.09 -68.92
N LYS B 946 16.52 -30.83 -68.50
CA LYS B 946 15.80 -29.76 -69.18
C LYS B 946 14.49 -30.20 -69.85
N LEU B 947 13.75 -31.10 -69.21
CA LEU B 947 12.44 -31.55 -69.69
C LEU B 947 11.35 -30.50 -69.44
N SER B 948 10.31 -30.49 -70.28
CA SER B 948 9.19 -29.56 -70.15
C SER B 948 7.97 -30.28 -69.58
N LEU B 949 7.03 -29.48 -69.04
CA LEU B 949 5.78 -30.08 -68.56
C LEU B 949 5.00 -30.68 -69.71
N GLY B 950 5.04 -30.02 -70.86
CA GLY B 950 4.44 -30.59 -72.05
C GLY B 950 5.05 -31.93 -72.42
N TYR B 951 6.37 -32.04 -72.34
CA TYR B 951 7.03 -33.30 -72.65
C TYR B 951 6.55 -34.40 -71.70
N ILE B 952 6.47 -34.11 -70.40
CA ILE B 952 6.18 -35.18 -69.46
C ILE B 952 4.77 -35.72 -69.66
N MET B 953 3.80 -34.84 -69.89
CA MET B 953 2.43 -35.32 -70.09
C MET B 953 2.33 -36.13 -71.38
N SER B 954 3.21 -35.86 -72.35
CA SER B 954 3.16 -36.52 -73.65
C SER B 954 3.66 -37.97 -73.60
N ASN B 955 4.75 -38.27 -72.88
CA ASN B 955 5.24 -39.64 -72.88
C ASN B 955 5.83 -40.09 -71.55
N PHE B 956 5.30 -39.60 -70.43
CA PHE B 956 5.42 -40.25 -69.12
C PHE B 956 4.12 -40.97 -68.82
N LYS B 957 4.18 -41.96 -67.93
CA LYS B 957 2.96 -42.69 -67.64
C LYS B 957 2.02 -41.78 -66.86
N SER B 958 0.72 -42.10 -66.89
CA SER B 958 -0.28 -41.27 -66.23
C SER B 958 -0.72 -41.93 -64.92
N PHE B 959 -1.52 -41.21 -64.14
CA PHE B 959 -2.20 -41.81 -62.99
C PHE B 959 -3.18 -40.79 -62.41
N ASN B 960 -4.05 -41.27 -61.51
CA ASN B 960 -5.10 -40.44 -60.92
C ASN B 960 -4.80 -40.19 -59.44
N SER B 961 -4.34 -38.96 -59.13
CA SER B 961 -3.92 -38.56 -57.79
C SER B 961 -5.09 -38.27 -56.84
N GLU B 962 -6.28 -37.99 -57.39
CA GLU B 962 -7.38 -37.45 -56.60
C GLU B 962 -7.72 -38.36 -55.43
N ASN B 963 -8.22 -37.74 -54.35
CA ASN B 963 -8.61 -38.49 -53.16
C ASN B 963 -9.57 -37.68 -52.31
N GLU B 964 -10.66 -38.33 -51.87
CA GLU B 964 -11.65 -37.69 -51.00
C GLU B 964 -11.11 -37.47 -49.59
N LEU B 965 -10.14 -38.28 -49.15
CA LEU B 965 -9.57 -38.06 -47.83
C LEU B 965 -8.74 -36.80 -47.79
N ASP B 966 -8.26 -36.33 -48.94
CA ASP B 966 -7.50 -35.10 -49.03
C ASP B 966 -8.37 -33.86 -48.91
N ARG B 967 -9.69 -33.98 -48.86
CA ARG B 967 -10.46 -32.76 -48.75
C ARG B 967 -10.26 -32.15 -47.35
N ASP B 968 -10.69 -30.89 -47.23
CA ASP B 968 -10.57 -30.13 -45.98
C ASP B 968 -11.91 -30.23 -45.25
N HIS B 969 -12.02 -31.23 -44.38
CA HIS B 969 -13.15 -31.39 -43.47
C HIS B 969 -12.71 -31.05 -42.05
N LEU B 970 -13.65 -31.11 -41.10
CA LEU B 970 -13.36 -30.76 -39.72
C LEU B 970 -14.08 -31.74 -38.80
N GLY B 971 -13.35 -32.38 -37.90
CA GLY B 971 -14.00 -33.27 -36.97
C GLY B 971 -14.05 -34.73 -37.40
N PHE B 972 -15.12 -35.43 -37.01
CA PHE B 972 -15.29 -36.86 -37.31
C PHE B 972 -15.98 -36.99 -38.66
N LYS B 973 -15.28 -37.45 -39.68
CA LYS B 973 -15.87 -37.78 -40.97
C LYS B 973 -15.81 -39.29 -41.16
N ILE B 974 -16.89 -39.84 -41.72
CA ILE B 974 -17.13 -41.29 -41.74
C ILE B 974 -17.42 -41.69 -43.18
N ILE B 975 -16.37 -42.09 -43.91
CA ILE B 975 -16.43 -42.38 -45.34
C ILE B 975 -16.27 -43.87 -45.54
N ASP B 976 -17.14 -44.47 -46.34
CA ASP B 976 -16.93 -45.83 -46.84
C ASP B 976 -16.92 -46.83 -45.69
N ASN B 977 -17.73 -46.56 -44.64
CA ASN B 977 -17.73 -47.34 -43.40
C ASN B 977 -16.34 -47.41 -42.75
N LYS B 978 -15.72 -46.26 -42.58
CA LYS B 978 -14.44 -46.07 -41.89
C LYS B 978 -14.52 -44.66 -41.35
N THR B 979 -14.31 -44.43 -40.04
CA THR B 979 -14.44 -43.05 -39.54
C THR B 979 -13.05 -42.44 -39.32
N TYR B 980 -12.94 -41.15 -39.61
CA TYR B 980 -11.69 -40.41 -39.52
C TYR B 980 -11.88 -39.15 -38.67
N TYR B 981 -10.78 -38.55 -38.23
CA TYR B 981 -10.88 -37.33 -37.45
C TYR B 981 -9.97 -36.25 -38.02
N TYR B 982 -10.46 -35.01 -38.04
CA TYR B 982 -9.77 -33.92 -38.70
C TYR B 982 -9.27 -32.91 -37.68
N ASP B 983 -7.98 -32.59 -37.77
CA ASP B 983 -7.21 -31.64 -36.97
C ASP B 983 -7.93 -30.31 -36.86
N GLU B 984 -7.53 -29.52 -35.88
CA GLU B 984 -7.72 -28.07 -35.89
C GLU B 984 -7.35 -27.58 -37.29
N ASP B 985 -6.25 -28.15 -37.82
CA ASP B 985 -5.71 -27.85 -39.15
C ASP B 985 -6.51 -28.47 -40.28
N SER B 986 -7.58 -29.20 -39.99
CA SER B 986 -8.39 -29.83 -41.04
C SER B 986 -7.62 -30.93 -41.76
N LYS B 987 -6.74 -31.63 -41.04
CA LYS B 987 -5.97 -32.72 -41.61
C LYS B 987 -6.15 -33.97 -40.75
N LEU B 988 -6.18 -35.12 -41.42
CA LEU B 988 -6.25 -36.42 -40.76
C LEU B 988 -5.29 -36.54 -39.58
N VAL B 989 -5.84 -36.88 -38.44
CA VAL B 989 -5.04 -37.10 -37.24
C VAL B 989 -4.64 -38.57 -37.16
N LYS B 990 -3.43 -38.86 -36.70
CA LYS B 990 -2.94 -40.23 -36.65
C LYS B 990 -2.40 -40.58 -35.26
N GLY B 991 -2.55 -41.84 -34.89
CA GLY B 991 -2.03 -42.31 -33.62
C GLY B 991 -3.06 -42.33 -32.50
N LEU B 992 -2.54 -42.27 -31.28
CA LEU B 992 -3.33 -42.38 -30.06
C LEU B 992 -3.51 -40.98 -29.50
N ILE B 993 -4.69 -40.40 -29.71
CA ILE B 993 -4.90 -38.99 -29.43
C ILE B 993 -6.14 -38.78 -28.55
N ASN B 994 -6.15 -37.64 -27.84
CA ASN B 994 -7.31 -37.20 -27.05
C ASN B 994 -8.31 -36.47 -27.92
N ILE B 995 -9.60 -36.77 -27.74
CA ILE B 995 -10.68 -35.97 -28.30
C ILE B 995 -11.82 -35.89 -27.28
N ASN B 996 -12.27 -34.68 -26.98
CA ASN B 996 -13.41 -34.42 -26.08
C ASN B 996 -13.41 -35.33 -24.87
N ASN B 997 -12.34 -35.23 -24.08
CA ASN B 997 -12.20 -36.03 -22.87
C ASN B 997 -12.55 -37.49 -23.17
N SER B 998 -11.71 -38.09 -24.01
CA SER B 998 -11.84 -39.46 -24.50
C SER B 998 -10.57 -39.76 -25.27
N LEU B 999 -10.23 -41.03 -25.34
CA LEU B 999 -8.98 -41.44 -25.95
C LEU B 999 -9.28 -42.30 -27.17
N PHE B 1000 -8.66 -41.99 -28.29
CA PHE B 1000 -8.91 -42.72 -29.51
C PHE B 1000 -7.60 -43.12 -30.16
N TYR B 1001 -7.68 -44.14 -31.02
CA TYR B 1001 -6.53 -44.66 -31.75
C TYR B 1001 -6.85 -44.70 -33.23
N PHE B 1002 -6.04 -44.01 -34.03
CA PHE B 1002 -6.19 -43.99 -35.47
C PHE B 1002 -5.00 -44.72 -36.08
N ASP B 1003 -5.28 -45.71 -36.91
CA ASP B 1003 -4.22 -46.61 -37.37
C ASP B 1003 -3.11 -45.80 -38.05
N PRO B 1004 -1.85 -46.06 -37.73
CA PRO B 1004 -0.77 -45.16 -38.17
C PRO B 1004 -0.43 -45.28 -39.63
N ILE B 1005 -1.20 -46.00 -40.44
CA ILE B 1005 -0.95 -45.96 -41.87
C ILE B 1005 -2.22 -45.60 -42.65
N GLU B 1006 -3.37 -46.18 -42.31
CA GLU B 1006 -4.61 -45.81 -43.00
C GLU B 1006 -5.35 -44.64 -42.36
N PHE B 1007 -5.08 -44.36 -41.08
CA PHE B 1007 -5.59 -43.23 -40.30
C PHE B 1007 -7.05 -43.35 -39.93
N ASN B 1008 -7.67 -44.50 -40.16
CA ASN B 1008 -9.05 -44.70 -39.74
C ASN B 1008 -9.08 -45.08 -38.26
N LEU B 1009 -10.22 -44.77 -37.63
CA LEU B 1009 -10.43 -45.11 -36.23
C LEU B 1009 -10.39 -46.62 -36.04
N VAL B 1010 -9.88 -47.05 -34.89
CA VAL B 1010 -9.70 -48.47 -34.55
C VAL B 1010 -10.52 -48.81 -33.32
N THR B 1011 -11.25 -49.92 -33.38
CA THR B 1011 -11.97 -50.42 -32.23
C THR B 1011 -11.35 -51.74 -31.78
N GLY B 1012 -11.64 -52.10 -30.56
CA GLY B 1012 -11.21 -53.38 -30.06
C GLY B 1012 -9.88 -53.33 -29.32
N TRP B 1013 -9.33 -54.53 -29.13
CA TRP B 1013 -8.03 -54.65 -28.51
C TRP B 1013 -6.96 -54.11 -29.45
N GLN B 1014 -5.87 -53.62 -28.85
CA GLN B 1014 -4.78 -52.99 -29.59
C GLN B 1014 -3.59 -52.93 -28.65
N THR B 1015 -2.41 -53.25 -29.17
CA THR B 1015 -1.18 -53.22 -28.38
C THR B 1015 -0.28 -52.12 -28.90
N ILE B 1016 0.14 -51.25 -27.98
CA ILE B 1016 0.96 -50.10 -28.32
C ILE B 1016 2.24 -50.22 -27.50
N ASN B 1017 3.32 -50.63 -28.16
CA ASN B 1017 4.64 -50.84 -27.55
C ASN B 1017 4.54 -51.61 -26.25
N GLY B 1018 3.69 -52.63 -26.23
CA GLY B 1018 3.64 -53.54 -25.13
C GLY B 1018 2.61 -53.22 -24.06
N LYS B 1019 2.11 -51.99 -24.01
CA LYS B 1019 0.98 -51.70 -23.15
C LYS B 1019 -0.28 -51.96 -23.97
N LYS B 1020 -1.31 -52.53 -23.34
CA LYS B 1020 -2.49 -52.99 -24.08
C LYS B 1020 -3.66 -52.04 -23.80
N TYR B 1021 -4.34 -51.59 -24.86
CA TYR B 1021 -5.53 -50.76 -24.78
C TYR B 1021 -6.70 -51.53 -25.34
N TYR B 1022 -7.91 -51.08 -25.01
CA TYR B 1022 -9.13 -51.61 -25.63
C TYR B 1022 -10.07 -50.46 -25.92
N PHE B 1023 -10.47 -50.32 -27.19
CA PHE B 1023 -11.32 -49.23 -27.64
C PHE B 1023 -12.74 -49.72 -27.90
N ASP B 1024 -13.73 -49.02 -27.30
CA ASP B 1024 -15.13 -49.41 -27.42
C ASP B 1024 -15.51 -49.68 -28.85
N ILE B 1025 -15.99 -50.90 -29.09
CA ILE B 1025 -16.33 -51.37 -30.42
C ILE B 1025 -17.48 -50.60 -31.04
N ASN B 1026 -18.16 -49.76 -30.28
CA ASN B 1026 -19.26 -48.94 -30.75
C ASN B 1026 -18.90 -47.47 -30.85
N THR B 1027 -18.14 -46.93 -29.89
CA THR B 1027 -17.80 -45.52 -29.88
C THR B 1027 -16.35 -45.23 -30.24
N GLY B 1028 -15.48 -46.25 -30.22
CA GLY B 1028 -14.08 -46.13 -30.58
C GLY B 1028 -13.19 -45.63 -29.47
N ALA B 1029 -13.75 -45.34 -28.31
CA ALA B 1029 -13.04 -44.68 -27.23
C ALA B 1029 -12.35 -45.69 -26.32
N ALA B 1030 -11.19 -45.29 -25.80
CA ALA B 1030 -10.45 -46.16 -24.91
C ALA B 1030 -11.29 -46.47 -23.68
N LEU B 1031 -11.14 -47.69 -23.21
CA LEU B 1031 -11.80 -48.14 -21.99
C LEU B 1031 -10.97 -47.68 -20.81
N THR B 1032 -11.65 -47.20 -19.78
CA THR B 1032 -11.01 -46.84 -18.53
C THR B 1032 -11.88 -47.41 -17.40
N SER B 1033 -11.38 -47.35 -16.18
CA SER B 1033 -11.98 -48.15 -15.11
C SER B 1033 -12.05 -49.64 -15.45
N TYR B 1034 -12.92 -50.33 -14.74
CA TYR B 1034 -13.06 -51.77 -14.80
C TYR B 1034 -14.02 -52.09 -15.93
N LYS B 1035 -13.81 -53.22 -16.59
CA LYS B 1035 -14.74 -53.64 -17.63
C LYS B 1035 -14.63 -55.15 -17.76
N ILE B 1036 -15.73 -55.81 -18.12
CA ILE B 1036 -15.69 -57.25 -18.37
C ILE B 1036 -15.93 -57.43 -19.85
N ILE B 1037 -15.06 -58.17 -20.51
CA ILE B 1037 -15.03 -58.25 -21.97
C ILE B 1037 -15.07 -59.71 -22.36
N ASN B 1038 -16.15 -60.11 -23.03
CA ASN B 1038 -16.35 -61.52 -23.35
C ASN B 1038 -16.14 -62.38 -22.09
N GLY B 1039 -16.59 -61.85 -20.95
CA GLY B 1039 -16.64 -62.58 -19.70
C GLY B 1039 -15.40 -62.52 -18.82
N LYS B 1040 -14.24 -62.13 -19.34
CA LYS B 1040 -13.05 -62.00 -18.52
C LYS B 1040 -13.01 -60.59 -17.95
N HIS B 1041 -12.47 -60.45 -16.74
CA HIS B 1041 -12.39 -59.14 -16.09
C HIS B 1041 -11.02 -58.50 -16.36
N PHE B 1042 -11.04 -57.23 -16.73
CA PHE B 1042 -9.82 -56.50 -16.96
C PHE B 1042 -9.85 -55.18 -16.24
N TYR B 1043 -8.68 -54.71 -15.84
CA TYR B 1043 -8.59 -53.42 -15.18
C TYR B 1043 -7.69 -52.53 -16.01
N PHE B 1044 -8.29 -51.50 -16.60
CA PHE B 1044 -7.58 -50.44 -17.32
C PHE B 1044 -7.52 -49.20 -16.43
N ASN B 1045 -6.40 -48.51 -16.45
CA ASN B 1045 -6.30 -47.32 -15.61
C ASN B 1045 -6.98 -46.16 -16.33
N ASN B 1046 -6.79 -44.94 -15.82
CA ASN B 1046 -7.50 -43.77 -16.34
C ASN B 1046 -6.87 -43.26 -17.60
N ASP B 1047 -5.65 -43.70 -17.90
CA ASP B 1047 -5.03 -43.49 -19.20
C ASP B 1047 -5.42 -44.56 -20.22
N GLY B 1048 -6.25 -45.52 -19.82
CA GLY B 1048 -6.72 -46.51 -20.76
C GLY B 1048 -5.80 -47.71 -20.93
N VAL B 1049 -4.73 -47.80 -20.15
CA VAL B 1049 -3.74 -48.87 -20.26
C VAL B 1049 -4.06 -49.99 -19.27
N MET B 1050 -4.14 -51.23 -19.79
CA MET B 1050 -4.39 -52.43 -19.00
C MET B 1050 -3.35 -52.63 -17.91
N GLN B 1051 -3.84 -52.82 -16.69
CA GLN B 1051 -3.01 -52.98 -15.51
C GLN B 1051 -2.82 -54.44 -15.16
N LEU B 1052 -1.64 -54.75 -14.68
CA LEU B 1052 -1.37 -56.06 -14.13
C LEU B 1052 -1.14 -55.90 -12.65
N GLY B 1053 -2.03 -56.48 -11.84
CA GLY B 1053 -1.82 -56.43 -10.41
C GLY B 1053 -3.07 -56.77 -9.62
N VAL B 1054 -3.22 -56.12 -8.47
CA VAL B 1054 -4.29 -56.40 -7.54
C VAL B 1054 -5.05 -55.09 -7.38
N PHE B 1055 -6.22 -54.99 -8.01
CA PHE B 1055 -7.01 -53.78 -8.06
C PHE B 1055 -8.44 -54.03 -7.60
N LYS B 1056 -9.15 -52.97 -7.24
CA LYS B 1056 -10.47 -53.13 -6.66
C LYS B 1056 -11.54 -52.86 -7.72
N GLY B 1057 -12.52 -53.75 -7.78
CA GLY B 1057 -13.67 -53.62 -8.66
C GLY B 1057 -14.99 -53.85 -7.96
N PRO B 1058 -16.08 -53.85 -8.74
CA PRO B 1058 -17.44 -53.99 -8.17
C PRO B 1058 -17.71 -55.33 -7.49
N ASP B 1059 -16.74 -56.25 -7.55
CA ASP B 1059 -16.80 -57.51 -6.83
C ASP B 1059 -15.69 -57.61 -5.81
N GLY B 1060 -14.84 -56.58 -5.69
CA GLY B 1060 -13.75 -56.57 -4.72
C GLY B 1060 -12.37 -56.34 -5.31
N PHE B 1061 -11.33 -56.84 -4.63
CA PHE B 1061 -9.92 -56.72 -5.01
C PHE B 1061 -9.47 -57.97 -5.79
N GLU B 1062 -9.62 -57.97 -7.11
CA GLU B 1062 -9.24 -59.15 -7.88
C GLU B 1062 -7.81 -59.06 -8.38
N TYR B 1063 -7.19 -60.23 -8.65
CA TYR B 1063 -5.81 -60.29 -9.15
C TYR B 1063 -5.81 -60.37 -10.68
N PHE B 1064 -5.34 -59.29 -11.32
CA PHE B 1064 -5.25 -59.19 -12.78
C PHE B 1064 -3.87 -59.64 -13.19
N ALA B 1065 -3.71 -60.93 -13.44
CA ALA B 1065 -2.38 -61.51 -13.51
C ALA B 1065 -1.85 -61.60 -14.95
N PRO B 1066 -0.52 -61.76 -15.10
CA PRO B 1066 0.03 -62.02 -16.42
C PRO B 1066 -0.39 -63.37 -16.96
N ALA B 1067 -0.24 -63.51 -18.28
CA ALA B 1067 -0.69 -64.70 -18.97
C ALA B 1067 0.04 -65.93 -18.45
N ASN B 1068 -0.68 -67.04 -18.37
CA ASN B 1068 -0.23 -68.34 -17.87
C ASN B 1068 0.06 -68.40 -16.37
N THR B 1069 -0.30 -67.39 -15.58
CA THR B 1069 -0.17 -67.59 -14.14
C THR B 1069 -1.18 -68.60 -13.62
N GLN B 1070 -2.37 -68.69 -14.20
CA GLN B 1070 -3.36 -69.66 -13.73
C GLN B 1070 -4.20 -70.18 -14.88
N ASN B 1071 -4.20 -71.49 -15.08
CA ASN B 1071 -5.04 -72.15 -16.08
C ASN B 1071 -4.98 -71.42 -17.42
N ASN B 1072 -3.75 -71.28 -17.92
CA ASN B 1072 -3.49 -70.61 -19.20
C ASN B 1072 -4.37 -69.39 -19.41
N ASN B 1073 -4.66 -68.68 -18.32
CA ASN B 1073 -5.38 -67.41 -18.39
C ASN B 1073 -4.66 -66.44 -19.30
N ILE B 1074 -5.42 -65.69 -20.06
CA ILE B 1074 -4.83 -64.69 -20.94
C ILE B 1074 -4.31 -63.54 -20.10
N GLU B 1075 -3.37 -62.79 -20.68
CA GLU B 1075 -2.72 -61.69 -19.97
C GLU B 1075 -3.72 -60.62 -19.56
N GLY B 1076 -3.74 -60.30 -18.26
CA GLY B 1076 -4.46 -59.16 -17.76
C GLY B 1076 -5.82 -59.43 -17.20
N GLN B 1077 -6.38 -60.61 -17.49
CA GLN B 1077 -7.66 -60.97 -16.93
C GLN B 1077 -7.55 -61.27 -15.45
N ALA B 1078 -8.66 -61.10 -14.74
CA ALA B 1078 -8.71 -61.57 -13.37
C ALA B 1078 -8.68 -63.09 -13.33
N ILE B 1079 -7.90 -63.65 -12.39
CA ILE B 1079 -7.67 -65.08 -12.31
C ILE B 1079 -8.24 -65.64 -11.03
N VAL B 1080 -8.63 -66.91 -11.10
CA VAL B 1080 -8.95 -67.68 -9.90
C VAL B 1080 -7.70 -67.85 -9.07
N TYR B 1081 -7.81 -67.52 -7.80
CA TYR B 1081 -6.68 -67.60 -6.91
C TYR B 1081 -7.27 -67.72 -5.51
N GLN B 1082 -7.31 -68.95 -4.98
CA GLN B 1082 -8.18 -69.30 -3.86
C GLN B 1082 -7.42 -69.59 -2.58
N SER B 1083 -7.81 -68.91 -1.51
CA SER B 1083 -7.37 -69.17 -0.14
C SER B 1083 -5.88 -69.49 -0.07
N LYS B 1084 -5.08 -68.55 -0.57
CA LYS B 1084 -3.65 -68.61 -0.37
C LYS B 1084 -3.07 -67.19 -0.42
N PHE B 1085 -1.83 -67.09 0.04
CA PHE B 1085 -1.07 -65.86 -0.02
C PHE B 1085 -0.64 -65.55 -1.45
N LEU B 1086 -0.40 -64.27 -1.70
CA LEU B 1086 0.26 -63.81 -2.91
C LEU B 1086 1.21 -62.71 -2.48
N THR B 1087 2.51 -62.95 -2.67
CA THR B 1087 3.54 -61.93 -2.52
C THR B 1087 3.97 -61.50 -3.91
N LEU B 1088 4.05 -60.20 -4.13
CA LEU B 1088 4.14 -59.64 -5.47
C LEU B 1088 5.04 -58.41 -5.39
N ASN B 1089 6.24 -58.48 -5.98
CA ASN B 1089 7.25 -57.43 -5.83
C ASN B 1089 7.23 -56.85 -4.41
N GLY B 1090 7.30 -57.75 -3.43
CA GLY B 1090 7.43 -57.36 -2.03
C GLY B 1090 6.14 -57.22 -1.24
N LYS B 1091 5.06 -56.79 -1.89
CA LYS B 1091 3.80 -56.58 -1.20
C LYS B 1091 3.05 -57.91 -0.98
N LYS B 1092 2.49 -58.09 0.23
CA LYS B 1092 1.92 -59.37 0.67
C LYS B 1092 0.40 -59.30 0.69
N TYR B 1093 -0.27 -60.08 -0.17
CA TYR B 1093 -1.73 -60.16 -0.15
C TYR B 1093 -2.18 -61.53 0.36
N TYR B 1094 -3.46 -61.60 0.75
CA TYR B 1094 -4.09 -62.89 1.03
C TYR B 1094 -5.45 -62.96 0.35
N PHE B 1095 -5.60 -63.89 -0.59
CA PHE B 1095 -6.85 -64.02 -1.32
C PHE B 1095 -7.74 -65.07 -0.66
N ASP B 1096 -9.04 -64.77 -0.55
CA ASP B 1096 -9.98 -65.57 0.20
C ASP B 1096 -10.47 -66.73 -0.65
N ASN B 1097 -11.54 -67.40 -0.21
CA ASN B 1097 -12.11 -68.49 -0.99
C ASN B 1097 -12.82 -67.98 -2.24
N ASN B 1098 -12.99 -66.67 -2.41
CA ASN B 1098 -13.67 -66.17 -3.59
C ASN B 1098 -12.67 -65.51 -4.56
N SER B 1099 -11.39 -65.85 -4.45
CA SER B 1099 -10.33 -65.31 -5.31
C SER B 1099 -10.33 -63.79 -5.30
N LYS B 1100 -10.53 -63.24 -4.10
CA LYS B 1100 -10.56 -61.81 -3.83
C LYS B 1100 -9.62 -61.51 -2.66
N ALA B 1101 -8.72 -60.53 -2.84
CA ALA B 1101 -7.86 -60.13 -1.74
C ALA B 1101 -8.70 -59.68 -0.54
N VAL B 1102 -8.27 -60.04 0.67
CA VAL B 1102 -8.98 -59.67 1.89
C VAL B 1102 -8.47 -58.32 2.40
N THR B 1103 -9.36 -57.53 3.01
CA THR B 1103 -8.97 -56.30 3.72
C THR B 1103 -9.43 -56.37 5.17
N GLY B 1104 -8.73 -55.62 6.02
CA GLY B 1104 -9.03 -55.59 7.43
C GLY B 1104 -8.01 -56.35 8.25
N TRP B 1105 -8.43 -56.74 9.46
CA TRP B 1105 -7.68 -57.71 10.25
C TRP B 1105 -8.11 -59.10 9.81
N ARG B 1106 -7.16 -60.01 9.68
CA ARG B 1106 -7.53 -61.40 9.54
C ARG B 1106 -6.56 -62.27 10.32
N ILE B 1107 -7.10 -63.34 10.90
CA ILE B 1107 -6.32 -64.42 11.47
C ILE B 1107 -6.27 -65.51 10.41
N ILE B 1108 -5.08 -65.91 9.98
CA ILE B 1108 -5.07 -66.87 8.88
C ILE B 1108 -4.64 -68.26 9.34
N ASN B 1109 -3.37 -68.43 9.67
CA ASN B 1109 -2.93 -69.72 10.17
C ASN B 1109 -2.58 -69.59 11.65
N ASN B 1110 -3.59 -69.28 12.44
CA ASN B 1110 -3.39 -68.90 13.84
C ASN B 1110 -2.35 -67.79 13.93
N GLU B 1111 -2.56 -66.73 13.16
CA GLU B 1111 -1.63 -65.61 13.20
C GLU B 1111 -2.34 -64.39 12.63
N LYS B 1112 -2.08 -63.21 13.22
CA LYS B 1112 -2.86 -62.00 12.91
C LYS B 1112 -2.16 -61.10 11.89
N TYR B 1113 -2.91 -60.67 10.89
CA TYR B 1113 -2.41 -59.81 9.83
C TYR B 1113 -3.35 -58.61 9.72
N TYR B 1114 -2.84 -57.48 9.24
CA TYR B 1114 -3.72 -56.35 8.91
C TYR B 1114 -3.49 -55.93 7.46
N PHE B 1115 -4.55 -55.99 6.66
CA PHE B 1115 -4.51 -55.67 5.24
C PHE B 1115 -5.19 -54.33 5.02
N ASN B 1116 -4.41 -53.33 4.67
CA ASN B 1116 -4.87 -51.98 4.42
C ASN B 1116 -6.03 -51.93 3.43
N PRO B 1117 -7.18 -51.36 3.80
CA PRO B 1117 -8.34 -51.38 2.88
C PRO B 1117 -8.15 -50.58 1.62
N ASN B 1118 -7.10 -49.77 1.51
CA ASN B 1118 -6.89 -48.95 0.32
C ASN B 1118 -6.34 -49.76 -0.85
N ASN B 1119 -5.43 -50.68 -0.58
CA ASN B 1119 -4.61 -51.30 -1.61
C ASN B 1119 -4.44 -52.80 -1.45
N ALA B 1120 -5.02 -53.39 -0.40
CA ALA B 1120 -5.03 -54.81 0.02
C ALA B 1120 -3.72 -55.27 0.67
N ILE B 1121 -2.70 -54.44 0.78
CA ILE B 1121 -1.38 -54.91 1.21
C ILE B 1121 -1.34 -55.08 2.73
N ALA B 1122 -0.81 -56.23 3.17
CA ALA B 1122 -0.57 -56.47 4.59
C ALA B 1122 0.38 -55.42 5.14
N ALA B 1123 0.14 -55.07 6.40
CA ALA B 1123 0.88 -54.02 7.06
C ALA B 1123 2.27 -54.52 7.45
N VAL B 1124 3.19 -53.57 7.58
CA VAL B 1124 4.53 -53.81 8.10
C VAL B 1124 4.95 -52.65 9.00
N GLY B 1125 5.60 -52.98 10.11
CA GLY B 1125 6.27 -51.98 10.93
C GLY B 1125 5.33 -51.25 11.88
N LEU B 1126 5.77 -50.06 12.29
CA LEU B 1126 4.90 -49.19 13.05
C LEU B 1126 3.69 -48.82 12.22
N GLN B 1127 2.52 -48.93 12.83
CA GLN B 1127 1.28 -48.57 12.15
C GLN B 1127 0.27 -48.14 13.20
N VAL B 1128 -0.49 -47.10 12.89
CA VAL B 1128 -1.63 -46.68 13.70
C VAL B 1128 -2.89 -47.02 12.94
N ILE B 1129 -3.75 -47.83 13.53
CA ILE B 1129 -5.01 -48.23 12.91
C ILE B 1129 -6.12 -47.87 13.89
N ASP B 1130 -6.85 -46.80 13.58
CA ASP B 1130 -7.96 -46.33 14.42
C ASP B 1130 -7.43 -45.90 15.79
N ASN B 1131 -6.50 -44.94 15.78
CA ASN B 1131 -5.95 -44.28 16.97
C ASN B 1131 -5.14 -45.17 17.90
N ASN B 1132 -4.74 -46.37 17.48
CA ASN B 1132 -3.99 -47.28 18.33
C ASN B 1132 -2.77 -47.79 17.58
N LYS B 1133 -1.61 -47.76 18.21
CA LYS B 1133 -0.36 -48.05 17.53
C LYS B 1133 0.10 -49.49 17.80
N TYR B 1134 0.29 -50.26 16.71
CA TYR B 1134 0.77 -51.64 16.72
C TYR B 1134 2.14 -51.78 16.07
N TYR B 1135 2.68 -52.99 16.16
CA TYR B 1135 3.91 -53.35 15.46
C TYR B 1135 3.67 -54.63 14.67
N PHE B 1136 3.86 -54.53 13.34
CA PHE B 1136 3.74 -55.65 12.42
C PHE B 1136 5.13 -56.12 12.03
N ASN B 1137 5.46 -57.37 12.36
CA ASN B 1137 6.77 -57.92 12.05
C ASN B 1137 7.15 -57.64 10.61
N PRO B 1138 8.14 -56.77 10.40
CA PRO B 1138 8.47 -56.35 9.02
C PRO B 1138 8.86 -57.47 8.06
N ASP B 1139 9.04 -58.71 8.53
CA ASP B 1139 9.38 -59.82 7.63
C ASP B 1139 8.20 -60.71 7.33
N THR B 1140 7.32 -60.92 8.33
CA THR B 1140 6.18 -61.81 8.23
C THR B 1140 4.85 -61.09 8.22
N ALA B 1141 4.83 -59.80 8.54
CA ALA B 1141 3.64 -58.97 8.47
C ALA B 1141 2.57 -59.41 9.47
N ILE B 1142 2.99 -60.21 10.49
CA ILE B 1142 2.12 -60.65 11.56
C ILE B 1142 2.25 -59.65 12.70
N ILE B 1143 1.16 -59.39 13.41
CA ILE B 1143 1.25 -58.61 14.64
C ILE B 1143 2.31 -59.20 15.54
N SER B 1144 3.09 -58.34 16.18
CA SER B 1144 3.97 -58.76 17.25
C SER B 1144 3.54 -58.07 18.53
N LYS B 1145 3.56 -58.80 19.64
CA LYS B 1145 3.16 -58.26 20.93
C LYS B 1145 4.36 -58.25 21.87
N GLY B 1146 4.09 -57.99 23.14
CA GLY B 1146 5.17 -58.00 24.09
C GLY B 1146 6.11 -56.82 23.89
N TRP B 1147 7.25 -56.93 24.56
CA TRP B 1147 8.23 -55.85 24.49
C TRP B 1147 8.84 -55.90 23.09
N GLN B 1148 9.12 -54.73 22.50
CA GLN B 1148 9.65 -54.64 21.14
C GLN B 1148 10.55 -53.42 20.98
N THR B 1149 11.72 -53.60 20.37
CA THR B 1149 12.65 -52.50 20.11
C THR B 1149 12.60 -52.19 18.62
N VAL B 1150 12.23 -50.96 18.28
CA VAL B 1150 12.07 -50.56 16.89
C VAL B 1150 12.91 -49.32 16.63
N ASN B 1151 13.94 -49.47 15.77
CA ASN B 1151 14.77 -48.35 15.33
C ASN B 1151 15.45 -47.68 16.50
N GLY B 1152 15.84 -48.48 17.50
CA GLY B 1152 16.53 -48.00 18.69
C GLY B 1152 15.62 -47.59 19.84
N SER B 1153 14.39 -47.19 19.54
CA SER B 1153 13.34 -46.92 20.53
C SER B 1153 12.70 -48.23 21.00
N ARG B 1154 12.02 -48.15 22.14
CA ARG B 1154 11.53 -49.34 22.82
C ARG B 1154 10.09 -49.13 23.22
N TYR B 1155 9.19 -49.91 22.64
CA TYR B 1155 7.77 -49.89 22.96
C TYR B 1155 7.41 -51.17 23.71
N TYR B 1156 6.18 -51.26 24.20
CA TYR B 1156 5.68 -52.51 24.75
C TYR B 1156 4.23 -52.67 24.31
N PHE B 1157 3.99 -53.62 23.43
CA PHE B 1157 2.66 -53.83 22.89
C PHE B 1157 1.93 -54.87 23.73
N ASP B 1158 0.67 -54.58 24.01
CA ASP B 1158 -0.10 -55.41 24.93
C ASP B 1158 -0.06 -56.87 24.51
N THR B 1159 0.24 -57.74 25.46
CA THR B 1159 0.20 -59.18 25.19
C THR B 1159 -1.19 -59.70 24.84
N ASP B 1160 -2.24 -58.92 25.09
CA ASP B 1160 -3.57 -59.33 24.69
C ASP B 1160 -3.99 -58.60 23.41
N THR B 1161 -4.08 -57.29 23.47
CA THR B 1161 -4.66 -56.47 22.43
C THR B 1161 -3.63 -55.86 21.47
N ALA B 1162 -2.33 -56.06 21.74
CA ALA B 1162 -1.21 -55.71 20.86
C ALA B 1162 -1.00 -54.20 20.72
N ILE B 1163 -1.90 -53.40 21.29
CA ILE B 1163 -1.74 -51.95 21.26
C ILE B 1163 -0.60 -51.51 22.16
N ALA B 1164 0.27 -50.65 21.63
CA ALA B 1164 1.30 -50.00 22.40
C ALA B 1164 0.76 -49.42 23.69
N PHE B 1165 1.57 -49.51 24.72
CA PHE B 1165 1.34 -48.84 25.98
C PHE B 1165 1.68 -47.37 25.83
N ASN B 1166 0.94 -46.51 26.51
CA ASN B 1166 1.45 -45.16 26.74
C ASN B 1166 0.96 -44.64 28.08
N GLY B 1167 1.80 -43.84 28.71
CA GLY B 1167 1.55 -43.33 30.03
C GLY B 1167 2.33 -44.08 31.09
N TYR B 1168 2.06 -43.71 32.33
CA TYR B 1168 2.47 -44.54 33.45
C TYR B 1168 1.75 -45.88 33.35
N LYS B 1169 2.50 -46.96 33.56
CA LYS B 1169 2.00 -48.30 33.34
C LYS B 1169 2.74 -49.26 34.26
N THR B 1170 2.06 -50.34 34.63
CA THR B 1170 2.61 -51.42 35.42
C THR B 1170 2.58 -52.73 34.63
N ILE B 1171 3.71 -53.45 34.61
CA ILE B 1171 3.92 -54.61 33.75
C ILE B 1171 4.48 -55.72 34.64
N ASP B 1172 3.60 -56.58 35.16
CA ASP B 1172 4.00 -57.64 36.07
C ASP B 1172 4.72 -57.05 37.29
N GLY B 1173 4.07 -56.08 37.93
CA GLY B 1173 4.52 -55.61 39.22
C GLY B 1173 5.69 -54.64 39.22
N LYS B 1174 6.23 -54.26 38.05
CA LYS B 1174 7.24 -53.23 37.95
C LYS B 1174 6.59 -51.96 37.40
N HIS B 1175 7.30 -50.83 37.51
CA HIS B 1175 6.73 -49.53 37.13
C HIS B 1175 7.43 -48.95 35.89
N PHE B 1176 6.63 -48.44 34.96
CA PHE B 1176 7.16 -47.90 33.73
C PHE B 1176 6.40 -46.63 33.34
N TYR B 1177 7.11 -45.76 32.61
CA TYR B 1177 6.52 -44.57 32.02
C TYR B 1177 6.82 -44.58 30.52
N PHE B 1178 5.78 -44.53 29.70
CA PHE B 1178 5.92 -44.38 28.25
C PHE B 1178 5.43 -42.99 27.86
N ASP B 1179 6.19 -42.30 27.02
CA ASP B 1179 5.82 -40.93 26.65
C ASP B 1179 4.61 -40.95 25.69
N SER B 1180 4.30 -39.78 25.12
CA SER B 1180 3.12 -39.65 24.26
C SER B 1180 3.22 -40.50 23.00
N ASP B 1181 4.43 -40.85 22.58
CA ASP B 1181 4.65 -41.60 21.36
C ASP B 1181 4.66 -43.11 21.62
N CYS B 1182 4.31 -43.54 22.84
CA CYS B 1182 4.20 -44.94 23.27
C CYS B 1182 5.55 -45.60 23.47
N VAL B 1183 6.61 -44.79 23.53
CA VAL B 1183 7.99 -45.24 23.59
C VAL B 1183 8.55 -44.97 24.97
N VAL B 1184 9.19 -45.98 25.57
CA VAL B 1184 9.57 -45.94 26.97
C VAL B 1184 10.36 -44.67 27.26
N LYS B 1185 10.12 -44.13 28.45
CA LYS B 1185 10.74 -42.90 28.95
C LYS B 1185 11.74 -43.26 30.04
N ILE B 1186 12.91 -42.62 30.02
CA ILE B 1186 13.93 -42.83 31.04
C ILE B 1186 14.32 -41.50 31.69
N GLY B 1187 14.31 -41.47 33.03
CA GLY B 1187 14.64 -40.27 33.79
C GLY B 1187 14.03 -40.31 35.19
N VAL B 1188 13.71 -39.13 35.70
CA VAL B 1188 13.00 -38.99 36.97
C VAL B 1188 11.70 -38.24 36.70
N PHE B 1189 10.56 -38.87 37.01
CA PHE B 1189 9.28 -38.25 36.70
C PHE B 1189 8.27 -38.52 37.79
N SER B 1190 7.29 -37.62 37.86
CA SER B 1190 6.28 -37.66 38.92
C SER B 1190 5.24 -38.74 38.64
N THR B 1191 4.85 -39.44 39.71
CA THR B 1191 3.98 -40.60 39.60
C THR B 1191 3.02 -40.61 40.77
N SER B 1192 2.01 -41.47 40.63
CA SER B 1192 1.20 -41.92 41.76
C SER B 1192 2.10 -42.13 42.97
N ASN B 1193 3.10 -43.01 42.83
CA ASN B 1193 3.93 -43.46 43.95
C ASN B 1193 4.79 -42.33 44.51
N GLY B 1194 5.32 -41.45 43.65
CA GLY B 1194 6.21 -40.39 44.05
C GLY B 1194 6.99 -39.83 42.86
N PHE B 1195 8.28 -39.58 43.04
CA PHE B 1195 9.19 -39.20 41.95
C PHE B 1195 10.10 -40.39 41.77
N GLU B 1196 9.69 -41.38 40.96
CA GLU B 1196 10.50 -42.58 40.81
C GLU B 1196 11.52 -42.44 39.69
N TYR B 1197 12.65 -43.11 39.89
CA TYR B 1197 13.79 -43.10 38.95
C TYR B 1197 13.60 -44.27 37.97
N PHE B 1198 13.09 -44.00 36.77
CA PHE B 1198 12.97 -45.04 35.77
C PHE B 1198 14.31 -45.20 35.06
N ALA B 1199 15.00 -46.32 35.32
CA ALA B 1199 16.45 -46.45 35.09
C ALA B 1199 16.77 -47.05 33.73
N PRO B 1200 18.02 -46.90 33.29
CA PRO B 1200 18.51 -47.71 32.19
C PRO B 1200 18.68 -49.16 32.60
N ALA B 1201 18.67 -50.03 31.60
CA ALA B 1201 18.77 -51.45 31.86
C ALA B 1201 20.10 -51.79 32.52
N ASN B 1202 20.02 -52.61 33.56
CA ASN B 1202 21.18 -53.14 34.28
C ASN B 1202 21.94 -52.03 35.01
N THR B 1203 21.18 -51.21 35.77
CA THR B 1203 21.81 -50.36 36.78
C THR B 1203 21.53 -50.81 38.21
N TYR B 1204 20.49 -51.61 38.47
CA TYR B 1204 20.42 -52.27 39.77
C TYR B 1204 19.60 -53.55 39.68
N ASN B 1205 20.26 -54.71 39.90
CA ASN B 1205 19.64 -56.04 40.00
C ASN B 1205 19.03 -56.50 38.66
N ASN B 1206 19.80 -56.34 37.58
CA ASN B 1206 19.34 -56.68 36.23
C ASN B 1206 17.98 -56.06 35.91
N ASN B 1207 17.79 -54.80 36.28
CA ASN B 1207 16.55 -54.10 35.96
C ASN B 1207 16.43 -53.84 34.47
N ILE B 1208 15.18 -53.76 34.00
CA ILE B 1208 14.90 -53.66 32.57
C ILE B 1208 14.93 -52.19 32.16
N GLU B 1209 15.03 -51.97 30.84
CA GLU B 1209 14.92 -50.63 30.27
C GLU B 1209 13.70 -49.87 30.80
N GLY B 1210 13.95 -48.74 31.46
CA GLY B 1210 12.85 -47.89 31.90
C GLY B 1210 12.11 -48.34 33.13
N GLN B 1211 12.60 -49.38 33.82
CA GLN B 1211 12.01 -49.84 35.06
C GLN B 1211 12.31 -48.88 36.21
N ALA B 1212 11.35 -48.74 37.12
CA ALA B 1212 11.61 -48.04 38.37
C ALA B 1212 12.40 -48.97 39.30
N ILE B 1213 13.54 -48.49 39.80
CA ILE B 1213 14.42 -49.29 40.63
C ILE B 1213 14.36 -48.77 42.07
N VAL B 1214 14.96 -49.51 42.96
CA VAL B 1214 15.18 -49.03 44.31
C VAL B 1214 16.47 -48.22 44.31
N TYR B 1215 16.44 -47.07 44.96
CA TYR B 1215 17.60 -46.21 45.02
C TYR B 1215 17.75 -45.61 46.40
N GLN B 1216 17.73 -46.47 47.43
CA GLN B 1216 17.65 -46.05 48.83
C GLN B 1216 18.68 -44.98 49.23
N SER B 1217 18.16 -43.89 49.81
CA SER B 1217 18.90 -42.91 50.62
C SER B 1217 20.26 -42.57 50.03
N LYS B 1218 20.26 -41.98 48.83
CA LYS B 1218 21.51 -41.70 48.13
C LYS B 1218 21.28 -40.60 47.10
N PHE B 1219 22.40 -40.00 46.64
CA PHE B 1219 22.34 -38.97 45.61
C PHE B 1219 22.35 -39.57 44.21
N LEU B 1220 22.21 -38.70 43.21
CA LEU B 1220 22.13 -39.13 41.80
C LEU B 1220 22.35 -37.93 40.90
N THR B 1221 23.32 -38.02 39.99
CA THR B 1221 23.49 -36.98 38.97
C THR B 1221 23.31 -37.57 37.57
N LEU B 1222 22.12 -37.38 37.00
CA LEU B 1222 21.78 -37.93 35.69
C LEU B 1222 22.08 -36.87 34.64
N ASN B 1223 23.34 -36.86 34.17
CA ASN B 1223 23.83 -36.04 33.07
C ASN B 1223 23.29 -34.62 33.16
N GLY B 1224 23.69 -33.94 34.25
CA GLY B 1224 23.32 -32.56 34.49
C GLY B 1224 21.99 -32.41 35.19
N LYS B 1225 21.82 -33.11 36.31
CA LYS B 1225 20.65 -32.95 37.15
C LYS B 1225 20.98 -33.63 38.47
N LYS B 1226 20.71 -32.97 39.58
CA LYS B 1226 21.03 -33.53 40.88
C LYS B 1226 19.74 -33.77 41.65
N TYR B 1227 19.54 -35.02 42.06
CA TYR B 1227 18.42 -35.41 42.88
C TYR B 1227 18.95 -36.10 44.12
N TYR B 1228 18.17 -36.08 45.18
CA TYR B 1228 18.47 -36.94 46.33
C TYR B 1228 17.25 -37.82 46.56
N PHE B 1229 17.48 -39.13 46.53
CA PHE B 1229 16.44 -40.11 46.76
C PHE B 1229 16.50 -40.54 48.22
N ASP B 1230 15.35 -40.50 48.90
CA ASP B 1230 15.28 -40.82 50.31
C ASP B 1230 15.47 -42.32 50.50
N ASN B 1231 15.23 -42.80 51.73
CA ASN B 1231 15.24 -44.24 51.98
C ASN B 1231 14.15 -44.98 51.21
N ASN B 1232 13.15 -44.27 50.68
CA ASN B 1232 12.06 -44.93 49.97
C ASN B 1232 12.22 -44.85 48.44
N SER B 1233 13.44 -44.55 47.98
CA SER B 1233 13.76 -44.57 46.56
C SER B 1233 12.84 -43.67 45.77
N LYS B 1234 12.62 -42.47 46.29
CA LYS B 1234 11.71 -41.48 45.71
C LYS B 1234 12.22 -40.10 46.07
N ALA B 1235 12.73 -39.38 45.07
CA ALA B 1235 13.52 -38.17 45.28
C ALA B 1235 12.70 -37.06 45.91
N VAL B 1236 13.31 -36.38 46.88
CA VAL B 1236 12.61 -35.32 47.62
C VAL B 1236 12.49 -34.06 46.78
N THR B 1237 11.58 -33.21 47.22
CA THR B 1237 11.30 -31.90 46.67
C THR B 1237 11.73 -30.84 47.68
N GLY B 1238 11.70 -29.57 47.25
CA GLY B 1238 11.83 -28.42 48.15
C GLY B 1238 13.21 -28.30 48.79
N LEU B 1239 13.32 -27.33 49.72
CA LEU B 1239 14.55 -27.15 50.49
C LEU B 1239 14.68 -28.23 51.55
N GLN B 1240 15.85 -28.81 51.65
CA GLN B 1240 16.05 -29.97 52.49
C GLN B 1240 17.47 -29.91 53.03
N THR B 1241 17.66 -30.33 54.27
CA THR B 1241 19.00 -30.49 54.80
C THR B 1241 19.39 -31.96 54.73
N ILE B 1242 20.57 -32.24 54.20
CA ILE B 1242 21.04 -33.62 54.00
C ILE B 1242 22.46 -33.70 54.52
N ASP B 1243 22.64 -34.38 55.65
CA ASP B 1243 23.87 -34.44 56.45
C ASP B 1243 24.59 -33.08 56.46
N SER B 1244 23.83 -32.08 56.95
CA SER B 1244 24.30 -30.72 57.21
C SER B 1244 24.81 -30.02 55.94
N LYS B 1245 23.97 -30.04 54.91
CA LYS B 1245 24.14 -29.26 53.68
C LYS B 1245 22.74 -28.91 53.21
N LYS B 1246 22.49 -27.65 52.85
CA LYS B 1246 21.15 -27.27 52.44
C LYS B 1246 21.05 -27.25 50.92
N TYR B 1247 20.09 -28.02 50.38
CA TYR B 1247 19.77 -28.08 48.95
C TYR B 1247 18.34 -27.63 48.75
N TYR B 1248 18.06 -27.07 47.58
CA TYR B 1248 16.69 -26.80 47.17
C TYR B 1248 16.43 -27.59 45.89
N PHE B 1249 15.51 -28.55 45.98
CA PHE B 1249 15.13 -29.41 44.86
C PHE B 1249 13.79 -28.94 44.28
N ASN B 1250 13.76 -28.74 42.95
CA ASN B 1250 12.66 -28.08 42.29
C ASN B 1250 11.34 -28.71 42.68
N THR B 1251 10.40 -27.88 43.07
CA THR B 1251 9.07 -28.38 43.38
C THR B 1251 8.36 -29.03 42.19
N ASN B 1252 8.94 -29.00 40.99
CA ASN B 1252 8.31 -29.56 39.78
C ASN B 1252 9.09 -30.70 39.15
N THR B 1253 10.42 -30.61 39.10
CA THR B 1253 11.22 -31.61 38.45
C THR B 1253 12.17 -32.34 39.39
N ALA B 1254 12.18 -32.01 40.68
CA ALA B 1254 12.99 -32.66 41.72
C ALA B 1254 14.49 -32.44 41.52
N GLU B 1255 14.88 -31.55 40.62
CA GLU B 1255 16.28 -31.28 40.29
C GLU B 1255 16.82 -30.17 41.18
N ALA B 1256 18.05 -30.36 41.66
CA ALA B 1256 18.67 -29.35 42.51
C ALA B 1256 18.69 -28.01 41.78
N ALA B 1257 18.51 -26.93 42.54
CA ALA B 1257 18.52 -25.57 42.00
C ALA B 1257 19.94 -25.05 41.94
N THR B 1258 20.22 -24.19 40.97
CA THR B 1258 21.56 -23.62 40.80
C THR B 1258 21.52 -22.10 40.77
N GLY B 1259 22.39 -21.49 41.56
CA GLY B 1259 22.61 -20.07 41.47
C GLY B 1259 21.87 -19.34 42.56
N TRP B 1260 21.25 -18.22 42.20
CA TRP B 1260 20.54 -17.41 43.16
C TRP B 1260 19.10 -17.88 43.23
N GLN B 1261 18.56 -17.90 44.45
CA GLN B 1261 17.22 -18.42 44.71
C GLN B 1261 16.64 -17.73 45.94
N THR B 1262 15.36 -17.41 45.89
CA THR B 1262 14.72 -16.71 47.00
C THR B 1262 13.50 -17.53 47.39
N ILE B 1263 13.62 -18.34 48.43
CA ILE B 1263 12.51 -19.21 48.81
C ILE B 1263 12.00 -18.80 50.19
N ASP B 1264 10.68 -18.64 50.29
CA ASP B 1264 10.01 -18.13 51.50
C ASP B 1264 10.55 -16.74 51.88
N GLY B 1265 10.81 -15.91 50.87
CA GLY B 1265 11.22 -14.55 51.05
C GLY B 1265 12.71 -14.37 51.29
N LYS B 1266 13.37 -15.39 51.85
CA LYS B 1266 14.79 -15.37 52.13
C LYS B 1266 15.59 -15.81 50.89
N LYS B 1267 16.83 -15.34 50.82
CA LYS B 1267 17.65 -15.45 49.62
C LYS B 1267 18.84 -16.36 49.89
N TYR B 1268 18.86 -17.52 49.24
CA TYR B 1268 19.98 -18.45 49.33
C TYR B 1268 20.81 -18.43 48.06
N TYR B 1269 21.98 -19.07 48.12
CA TYR B 1269 22.82 -19.26 46.94
C TYR B 1269 23.37 -20.68 47.01
N PHE B 1270 22.99 -21.51 46.03
CA PHE B 1270 23.40 -22.89 45.96
C PHE B 1270 24.50 -23.03 44.91
N ASN B 1271 25.51 -23.83 45.26
CA ASN B 1271 26.78 -23.88 44.53
C ASN B 1271 26.58 -24.43 43.12
N THR B 1272 26.95 -23.64 42.11
CA THR B 1272 26.87 -24.08 40.72
C THR B 1272 27.84 -25.20 40.38
N ASN B 1273 28.66 -25.65 41.34
CA ASN B 1273 29.45 -26.87 41.19
C ASN B 1273 28.79 -28.09 41.82
N THR B 1274 28.05 -27.90 42.92
CA THR B 1274 27.55 -29.01 43.72
C THR B 1274 26.14 -28.81 44.28
N ALA B 1275 25.44 -27.75 43.89
CA ALA B 1275 24.10 -27.40 44.40
C ALA B 1275 24.07 -27.19 45.90
N GLU B 1276 25.23 -27.08 46.54
CA GLU B 1276 25.30 -26.91 47.98
C GLU B 1276 25.05 -25.45 48.32
N ALA B 1277 24.16 -25.19 49.28
CA ALA B 1277 23.95 -23.82 49.73
C ALA B 1277 25.24 -23.30 50.34
N ALA B 1278 25.60 -22.08 49.99
CA ALA B 1278 26.79 -21.46 50.52
C ALA B 1278 26.51 -20.92 51.91
N THR B 1279 27.50 -21.04 52.79
CA THR B 1279 27.48 -20.49 54.12
C THR B 1279 28.76 -19.70 54.35
N GLY B 1280 28.68 -18.74 55.26
CA GLY B 1280 29.80 -17.88 55.59
C GLY B 1280 29.98 -16.75 54.59
N TRP B 1281 31.12 -16.07 54.73
CA TRP B 1281 31.48 -15.01 53.80
C TRP B 1281 31.73 -15.59 52.42
N GLN B 1282 31.28 -14.87 51.41
CA GLN B 1282 31.39 -15.33 50.03
C GLN B 1282 31.53 -14.10 49.15
N THR B 1283 32.27 -14.24 48.06
CA THR B 1283 32.49 -13.12 47.13
C THR B 1283 31.99 -13.53 45.75
N ILE B 1284 30.69 -13.39 45.54
CA ILE B 1284 30.00 -13.93 44.38
C ILE B 1284 29.80 -12.79 43.39
N ASP B 1285 30.55 -12.86 42.28
CA ASP B 1285 30.48 -11.86 41.21
C ASP B 1285 31.08 -10.52 41.63
N GLY B 1286 32.23 -10.57 42.32
CA GLY B 1286 32.91 -9.38 42.81
C GLY B 1286 32.17 -8.58 43.86
N LYS B 1287 31.05 -9.09 44.37
CA LYS B 1287 30.25 -8.47 45.43
C LYS B 1287 30.28 -9.37 46.64
N LYS B 1288 30.45 -8.80 47.84
CA LYS B 1288 30.61 -9.57 49.06
C LYS B 1288 29.26 -9.80 49.76
N TYR B 1289 28.99 -11.05 50.14
CA TYR B 1289 27.79 -11.45 50.87
C TYR B 1289 28.20 -12.18 52.15
N TYR B 1290 27.28 -12.28 53.09
CA TYR B 1290 27.50 -13.11 54.26
C TYR B 1290 26.27 -13.96 54.51
N PHE B 1291 26.40 -15.27 54.26
CA PHE B 1291 25.35 -16.25 54.46
C PHE B 1291 25.47 -16.79 55.87
N ASN B 1292 24.45 -16.59 56.69
CA ASN B 1292 24.47 -17.09 58.05
C ASN B 1292 24.69 -18.58 58.05
N THR B 1293 25.55 -19.06 58.95
CA THR B 1293 25.97 -20.45 58.85
C THR B 1293 24.88 -21.42 59.29
N ASN B 1294 23.98 -20.98 60.16
CA ASN B 1294 22.92 -21.85 60.63
C ASN B 1294 21.90 -22.10 59.51
N THR B 1295 21.29 -21.04 59.00
CA THR B 1295 20.16 -21.15 58.09
C THR B 1295 20.53 -20.99 56.63
N ALA B 1296 21.81 -20.79 56.32
CA ALA B 1296 22.33 -20.54 54.98
C ALA B 1296 21.64 -19.34 54.30
N ILE B 1297 20.85 -18.60 55.06
CA ILE B 1297 20.16 -17.45 54.50
C ILE B 1297 21.11 -16.27 54.44
N ALA B 1298 21.38 -15.79 53.23
CA ALA B 1298 22.15 -14.57 53.07
C ALA B 1298 21.49 -13.45 53.84
N SER B 1299 22.30 -12.66 54.52
CA SER B 1299 21.83 -11.66 55.46
C SER B 1299 21.78 -10.29 54.80
N THR B 1300 20.83 -9.48 55.27
CA THR B 1300 20.61 -8.13 54.78
C THR B 1300 20.36 -7.19 55.95
N GLY B 1301 20.68 -5.91 55.72
CA GLY B 1301 20.54 -4.86 56.72
C GLY B 1301 21.67 -4.85 57.74
N TYR B 1302 21.39 -4.19 58.86
CA TYR B 1302 22.36 -4.08 59.96
C TYR B 1302 22.55 -5.45 60.58
N THR B 1303 23.77 -5.96 60.48
CA THR B 1303 24.11 -7.33 60.80
C THR B 1303 25.34 -7.36 61.68
N ILE B 1304 25.25 -8.06 62.78
CA ILE B 1304 26.42 -8.26 63.62
C ILE B 1304 27.06 -9.61 63.29
N ILE B 1305 28.38 -9.62 63.20
CA ILE B 1305 29.14 -10.82 62.81
C ILE B 1305 30.42 -10.86 63.64
N ASN B 1306 30.49 -11.79 64.59
CA ASN B 1306 31.68 -12.00 65.43
C ASN B 1306 32.07 -10.72 66.16
N GLY B 1307 31.07 -9.97 66.61
CA GLY B 1307 31.32 -8.72 67.30
C GLY B 1307 31.19 -7.50 66.41
N LYS B 1308 31.69 -7.59 65.19
CA LYS B 1308 31.73 -6.42 64.32
C LYS B 1308 30.35 -6.09 63.79
N HIS B 1309 30.12 -4.81 63.49
CA HIS B 1309 28.90 -4.36 62.84
C HIS B 1309 29.10 -4.28 61.32
N PHE B 1310 28.20 -4.92 60.56
CA PHE B 1310 28.22 -4.83 59.10
C PHE B 1310 26.88 -4.33 58.58
N TYR B 1311 26.87 -3.77 57.36
CA TYR B 1311 25.61 -3.38 56.73
C TYR B 1311 25.52 -3.90 55.29
N PHE B 1312 24.40 -4.58 54.99
CA PHE B 1312 24.11 -5.14 53.67
C PHE B 1312 22.80 -4.57 53.13
N ASN B 1313 22.76 -4.39 51.81
CA ASN B 1313 21.56 -3.87 51.17
C ASN B 1313 20.56 -5.00 50.94
N THR B 1314 19.45 -4.66 50.28
CA THR B 1314 18.32 -5.60 50.22
C THR B 1314 18.65 -6.86 49.46
N ASP B 1315 19.69 -6.87 48.61
CA ASP B 1315 20.10 -8.09 47.94
C ASP B 1315 21.30 -8.74 48.64
N GLY B 1316 21.69 -8.24 49.80
CA GLY B 1316 22.75 -8.87 50.56
C GLY B 1316 24.16 -8.47 50.19
N ILE B 1317 24.34 -7.46 49.34
CA ILE B 1317 25.67 -6.94 49.02
C ILE B 1317 26.12 -6.09 50.20
N MET B 1318 27.28 -6.42 50.77
CA MET B 1318 27.86 -5.59 51.82
C MET B 1318 28.10 -4.18 51.31
N GLN B 1319 27.82 -3.21 52.17
CA GLN B 1319 27.98 -1.83 51.76
C GLN B 1319 29.22 -1.24 52.41
N ILE B 1320 29.66 -0.12 51.85
CA ILE B 1320 30.63 0.76 52.49
C ILE B 1320 30.05 2.15 52.51
N GLY B 1321 29.99 2.77 53.67
CA GLY B 1321 29.37 4.10 53.70
C GLY B 1321 28.66 4.36 55.03
N VAL B 1322 27.59 5.17 54.96
CA VAL B 1322 26.96 5.72 56.14
C VAL B 1322 25.54 5.19 56.22
N PHE B 1323 25.26 4.34 57.21
CA PHE B 1323 23.97 3.66 57.32
C PHE B 1323 23.48 3.64 58.75
N LYS B 1324 22.14 3.66 58.92
CA LYS B 1324 21.51 3.79 60.24
C LYS B 1324 21.38 2.42 60.92
N GLY B 1325 21.94 2.32 62.11
CA GLY B 1325 21.78 1.17 62.96
C GLY B 1325 20.84 1.47 64.10
N PRO B 1326 20.68 0.52 65.03
CA PRO B 1326 20.05 0.84 66.30
C PRO B 1326 20.57 2.13 66.93
N ASN B 1327 21.89 2.27 67.11
CA ASN B 1327 22.45 3.43 67.80
C ASN B 1327 22.50 4.69 66.95
N GLY B 1328 22.18 4.60 65.66
CA GLY B 1328 22.32 5.71 64.74
C GLY B 1328 23.30 5.39 63.62
N PHE B 1329 23.53 6.40 62.77
CA PHE B 1329 24.33 6.19 61.56
C PHE B 1329 25.77 5.84 61.89
N GLU B 1330 26.25 4.72 61.38
CA GLU B 1330 27.63 4.37 61.62
C GLU B 1330 28.42 4.43 60.33
N TYR B 1331 29.74 4.54 60.45
CA TYR B 1331 30.61 4.48 59.28
C TYR B 1331 31.04 3.04 59.06
N PHE B 1332 30.67 2.48 57.92
CA PHE B 1332 31.11 1.16 57.51
C PHE B 1332 32.22 1.36 56.49
N ALA B 1333 33.45 1.07 56.89
CA ALA B 1333 34.60 1.65 56.19
C ALA B 1333 35.41 0.60 55.46
N PRO B 1334 36.20 1.01 54.47
CA PRO B 1334 37.13 0.08 53.84
C PRO B 1334 38.22 -0.33 54.81
N ALA B 1335 38.87 -1.45 54.49
CA ALA B 1335 39.93 -1.98 55.35
C ALA B 1335 41.05 -0.96 55.52
N ASN B 1336 41.67 -1.01 56.71
CA ASN B 1336 42.81 -0.15 57.06
C ASN B 1336 42.44 1.33 57.07
N THR B 1337 41.19 1.62 57.40
CA THR B 1337 40.77 2.99 57.67
C THR B 1337 40.99 3.37 59.13
N ASP B 1338 40.82 2.43 60.07
CA ASP B 1338 41.15 2.65 61.47
C ASP B 1338 41.53 1.35 62.16
N ALA B 1339 42.77 1.31 62.64
CA ALA B 1339 43.26 0.21 63.44
C ALA B 1339 43.13 -1.12 62.68
N ASN B 1340 43.55 -1.10 61.42
CA ASN B 1340 43.51 -2.30 60.57
C ASN B 1340 42.15 -3.00 60.64
N ASN B 1341 41.08 -2.22 60.56
CA ASN B 1341 39.72 -2.75 60.52
C ASN B 1341 39.50 -3.63 59.30
N ILE B 1342 38.59 -4.60 59.43
CA ILE B 1342 38.23 -5.45 58.30
C ILE B 1342 37.32 -4.67 57.38
N GLU B 1343 37.33 -5.05 56.11
CA GLU B 1343 36.52 -4.37 55.11
C GLU B 1343 35.04 -4.46 55.44
N GLY B 1344 34.38 -3.32 55.47
CA GLY B 1344 32.94 -3.24 55.63
C GLY B 1344 32.42 -3.10 57.05
N GLN B 1345 33.29 -3.23 58.06
CA GLN B 1345 32.87 -3.16 59.44
C GLN B 1345 32.71 -1.72 59.90
N ALA B 1346 31.93 -1.55 60.97
CA ALA B 1346 31.77 -0.24 61.55
C ALA B 1346 33.04 0.12 62.31
N ILE B 1347 33.46 1.37 62.19
CA ILE B 1347 34.73 1.80 62.73
C ILE B 1347 34.55 2.99 63.64
N LEU B 1348 35.51 3.17 64.52
CA LEU B 1348 35.56 4.37 65.33
C LEU B 1348 35.93 5.54 64.45
N TYR B 1349 35.15 6.62 64.55
CA TYR B 1349 35.40 7.79 63.70
C TYR B 1349 34.79 8.99 64.40
N GLN B 1350 35.60 9.78 65.12
CA GLN B 1350 35.08 10.79 66.02
C GLN B 1350 35.53 12.20 65.65
N ASN B 1351 34.56 13.12 65.66
CA ASN B 1351 34.77 14.56 65.59
C ASN B 1351 35.50 14.96 64.31
N GLU B 1352 35.07 14.34 63.21
CA GLU B 1352 35.61 14.60 61.89
C GLU B 1352 34.47 14.79 60.91
N PHE B 1353 34.78 15.45 59.79
CA PHE B 1353 33.92 15.29 58.63
C PHE B 1353 34.23 13.96 57.93
N LEU B 1354 33.28 13.52 57.11
CA LEU B 1354 33.49 12.41 56.18
C LEU B 1354 32.64 12.69 54.95
N THR B 1355 33.26 12.65 53.77
CA THR B 1355 32.59 13.01 52.51
C THR B 1355 32.68 11.85 51.53
N LEU B 1356 31.55 11.43 50.96
CA LEU B 1356 31.54 10.27 50.07
C LEU B 1356 30.83 10.60 48.77
N ASN B 1357 31.60 10.58 47.67
CA ASN B 1357 31.21 11.03 46.33
C ASN B 1357 30.26 12.24 46.40
N GLY B 1358 30.67 13.23 47.18
CA GLY B 1358 29.97 14.48 47.32
C GLY B 1358 29.03 14.59 48.51
N LYS B 1359 28.54 13.46 49.04
CA LYS B 1359 27.71 13.51 50.24
C LYS B 1359 28.59 13.77 51.47
N LYS B 1360 28.24 14.79 52.26
CA LYS B 1360 29.05 15.22 53.40
C LYS B 1360 28.34 14.94 54.71
N TYR B 1361 28.97 14.13 55.56
CA TYR B 1361 28.49 13.78 56.89
C TYR B 1361 29.42 14.40 57.92
N TYR B 1362 28.96 14.48 59.18
CA TYR B 1362 29.87 14.82 60.27
C TYR B 1362 29.64 13.90 61.47
N PHE B 1363 30.72 13.40 62.05
CA PHE B 1363 30.68 12.41 63.11
C PHE B 1363 31.17 13.04 64.41
N GLY B 1364 30.27 13.13 65.39
CA GLY B 1364 30.62 13.65 66.70
C GLY B 1364 31.33 12.62 67.56
N SER B 1365 31.34 12.90 68.87
CA SER B 1365 32.27 12.23 69.76
C SER B 1365 31.94 10.76 69.97
N ASP B 1366 30.73 10.34 69.63
CA ASP B 1366 30.25 8.97 69.81
C ASP B 1366 30.40 8.09 68.55
N SER B 1367 31.19 8.52 67.56
CA SER B 1367 31.35 7.83 66.29
C SER B 1367 30.01 7.59 65.55
N LYS B 1368 29.00 8.41 65.82
CA LYS B 1368 27.75 8.39 65.11
C LYS B 1368 27.59 9.72 64.37
N ALA B 1369 27.17 9.67 63.11
CA ALA B 1369 26.90 10.89 62.36
C ALA B 1369 25.87 11.72 63.09
N VAL B 1370 26.11 13.04 63.19
CA VAL B 1370 25.16 13.93 63.86
C VAL B 1370 24.02 14.25 62.90
N THR B 1371 22.88 14.63 63.46
CA THR B 1371 21.79 15.14 62.65
C THR B 1371 21.37 16.50 63.19
N GLY B 1372 20.57 17.20 62.39
CA GLY B 1372 20.08 18.50 62.80
C GLY B 1372 21.09 19.61 62.63
N TRP B 1373 20.82 20.73 63.28
CA TRP B 1373 21.74 21.85 63.22
C TRP B 1373 22.99 21.52 64.03
N ARG B 1374 24.10 22.10 63.61
CA ARG B 1374 25.38 21.84 64.26
C ARG B 1374 26.33 22.90 63.73
N ILE B 1375 26.82 23.74 64.61
CA ILE B 1375 27.98 24.58 64.31
C ILE B 1375 29.22 23.71 64.35
N ILE B 1376 30.03 23.78 63.30
CA ILE B 1376 31.33 23.11 63.28
C ILE B 1376 32.36 24.14 62.83
N ASN B 1377 33.36 24.37 63.67
CA ASN B 1377 34.39 25.41 63.51
C ASN B 1377 33.78 26.68 62.94
N ASN B 1378 32.75 27.16 63.63
CA ASN B 1378 32.19 28.48 63.46
C ASN B 1378 31.28 28.58 62.25
N LYS B 1379 30.83 27.45 61.71
CA LYS B 1379 29.99 27.45 60.52
C LYS B 1379 28.80 26.53 60.78
N LYS B 1380 27.58 27.00 60.45
CA LYS B 1380 26.38 26.25 60.79
C LYS B 1380 26.06 25.30 59.63
N TYR B 1381 25.80 24.03 59.97
CA TYR B 1381 25.37 23.03 59.00
C TYR B 1381 24.06 22.40 59.49
N TYR B 1382 23.34 21.77 58.58
CA TYR B 1382 22.16 20.98 58.91
C TYR B 1382 22.28 19.63 58.20
N PHE B 1383 22.36 18.55 58.96
CA PHE B 1383 22.36 17.21 58.40
C PHE B 1383 20.96 16.61 58.50
N ASN B 1384 20.42 16.18 57.35
CA ASN B 1384 19.09 15.57 57.28
C ASN B 1384 18.98 14.38 58.22
N PRO B 1385 18.01 14.39 59.14
CA PRO B 1385 17.81 13.24 60.02
C PRO B 1385 17.25 12.02 59.32
N ASN B 1386 17.20 12.02 57.98
CA ASN B 1386 16.82 10.83 57.26
C ASN B 1386 17.96 10.15 56.52
N ASN B 1387 19.04 10.87 56.21
CA ASN B 1387 20.21 10.26 55.58
C ASN B 1387 21.53 10.74 56.17
N ALA B 1388 21.52 11.74 57.05
CA ALA B 1388 22.66 12.30 57.74
C ALA B 1388 23.54 13.15 56.84
N ILE B 1389 23.21 13.33 55.57
CA ILE B 1389 24.01 14.19 54.70
C ILE B 1389 23.74 15.64 55.01
N ALA B 1390 24.74 16.49 54.77
CA ALA B 1390 24.62 17.93 54.95
C ALA B 1390 23.75 18.55 53.86
N ALA B 1391 22.86 19.46 54.26
CA ALA B 1391 21.91 20.09 53.34
C ALA B 1391 22.62 21.13 52.49
N ILE B 1392 22.21 21.21 51.22
CA ILE B 1392 22.82 22.13 50.27
C ILE B 1392 21.74 22.88 49.47
N HIS B 1393 21.99 24.17 49.24
CA HIS B 1393 21.18 25.13 48.49
C HIS B 1393 19.88 25.45 49.23
N LEU B 1394 18.78 25.78 48.53
CA LEU B 1394 17.51 26.03 49.21
C LEU B 1394 16.94 24.75 49.80
N CYS B 1395 16.41 24.87 51.02
CA CYS B 1395 15.92 23.73 51.76
C CYS B 1395 14.78 24.17 52.67
N THR B 1396 13.77 23.32 52.78
CA THR B 1396 12.68 23.53 53.72
C THR B 1396 13.01 22.69 54.94
N ILE B 1397 13.06 23.33 56.11
CA ILE B 1397 13.35 22.63 57.36
C ILE B 1397 12.34 23.16 58.38
N ASN B 1398 11.27 22.39 58.63
CA ASN B 1398 10.24 22.75 59.61
C ASN B 1398 9.45 23.98 59.16
N ASN B 1399 8.90 23.91 57.94
CA ASN B 1399 8.05 24.96 57.38
C ASN B 1399 8.79 26.31 57.27
N ASP B 1400 10.12 26.28 57.20
CA ASP B 1400 10.92 27.46 56.92
C ASP B 1400 11.99 27.10 55.90
N LYS B 1401 12.33 28.06 55.05
CA LYS B 1401 13.34 27.83 54.02
C LYS B 1401 14.66 28.48 54.44
N TYR B 1402 15.76 27.74 54.26
CA TYR B 1402 17.11 28.21 54.56
C TYR B 1402 18.00 27.95 53.36
N TYR B 1403 18.98 28.82 53.16
CA TYR B 1403 19.90 28.68 52.03
C TYR B 1403 21.30 28.27 52.49
N PHE B 1404 21.85 27.25 51.84
CA PHE B 1404 23.16 26.69 52.14
C PHE B 1404 24.08 26.78 50.91
N SER B 1405 25.36 27.09 51.14
CA SER B 1405 26.35 27.04 50.08
C SER B 1405 26.63 25.60 49.69
N TYR B 1406 27.34 25.43 48.57
CA TYR B 1406 27.62 24.09 48.06
C TYR B 1406 28.32 23.19 49.08
N ASP B 1407 29.14 23.76 49.97
CA ASP B 1407 29.80 22.92 50.97
C ASP B 1407 28.93 22.79 52.22
N GLY B 1408 27.71 23.31 52.17
CA GLY B 1408 26.71 23.02 53.18
C GLY B 1408 26.61 24.03 54.29
N ILE B 1409 27.17 25.21 54.09
CA ILE B 1409 27.36 26.18 55.16
C ILE B 1409 26.18 27.13 55.16
N LEU B 1410 25.50 27.21 56.30
CA LEU B 1410 24.29 28.01 56.39
C LEU B 1410 24.66 29.45 56.09
N GLN B 1411 23.90 30.07 55.20
CA GLN B 1411 24.21 31.42 54.75
C GLN B 1411 23.04 32.34 55.04
N ASN B 1412 23.32 33.64 55.06
CA ASN B 1412 22.22 34.55 55.37
C ASN B 1412 22.41 35.88 54.66
N GLY B 1413 21.38 36.72 54.76
CA GLY B 1413 21.39 38.03 54.15
C GLY B 1413 20.55 38.08 52.89
N TYR B 1414 21.13 38.62 51.81
CA TYR B 1414 20.46 38.92 50.56
C TYR B 1414 21.01 37.98 49.50
N ILE B 1415 20.15 37.14 48.95
CA ILE B 1415 20.56 36.03 48.11
C ILE B 1415 19.65 35.95 46.89
N THR B 1416 20.24 35.71 45.72
CA THR B 1416 19.54 35.64 44.45
C THR B 1416 19.27 34.18 44.08
N ILE B 1417 18.01 33.73 44.21
CA ILE B 1417 17.61 32.36 43.86
C ILE B 1417 16.67 32.41 42.66
N GLU B 1418 17.05 31.71 41.59
CA GLU B 1418 16.27 31.63 40.35
C GLU B 1418 15.85 33.01 39.85
N ARG B 1419 16.84 33.91 39.77
CA ARG B 1419 16.72 35.27 39.24
C ARG B 1419 15.74 36.16 40.04
N ASN B 1420 15.37 35.81 41.27
CA ASN B 1420 14.63 36.73 42.13
C ASN B 1420 15.33 36.85 43.48
N ASN B 1421 15.09 37.94 44.21
CA ASN B 1421 15.87 38.23 45.42
C ASN B 1421 15.10 38.10 46.73
N PHE B 1422 15.78 37.52 47.71
CA PHE B 1422 15.21 37.10 48.96
C PHE B 1422 16.04 37.65 50.11
N TYR B 1423 15.44 37.74 51.30
CA TYR B 1423 16.18 38.13 52.48
C TYR B 1423 16.15 37.00 53.49
N PHE B 1424 17.33 36.56 53.94
CA PHE B 1424 17.49 35.47 54.92
C PHE B 1424 18.01 36.09 56.22
N ASP B 1425 17.08 36.23 57.19
CA ASP B 1425 17.21 37.11 58.36
C ASP B 1425 18.30 36.66 59.31
N ALA B 1426 19.39 37.42 59.37
CA ALA B 1426 20.53 37.06 60.21
C ALA B 1426 20.10 36.77 61.65
N ASN B 1427 19.29 37.65 62.24
CA ASN B 1427 18.95 37.51 63.65
C ASN B 1427 18.00 36.36 63.88
N ASN B 1428 17.08 36.13 62.95
CA ASN B 1428 16.03 35.12 63.10
C ASN B 1428 16.43 33.75 62.49
N GLU B 1429 17.65 33.32 62.85
CA GLU B 1429 18.28 32.03 62.51
C GLU B 1429 18.57 31.84 61.03
N SER B 1430 18.47 32.89 60.23
CA SER B 1430 18.85 32.90 58.82
C SER B 1430 17.80 32.21 57.94
N LYS B 1431 16.55 32.15 58.38
CA LYS B 1431 15.47 31.74 57.49
C LYS B 1431 14.99 32.90 56.63
N MET B 1432 14.55 32.57 55.42
CA MET B 1432 13.99 33.61 54.59
C MET B 1432 12.71 34.12 55.24
N VAL B 1433 12.46 35.42 55.04
CA VAL B 1433 11.44 36.14 55.79
C VAL B 1433 10.84 37.17 54.86
N THR B 1434 9.68 37.69 55.24
CA THR B 1434 9.04 38.76 54.50
C THR B 1434 9.05 40.02 55.36
N GLY B 1435 8.88 41.17 54.70
CA GLY B 1435 8.92 42.48 55.31
C GLY B 1435 9.90 43.34 54.58
N VAL B 1436 10.24 44.50 55.15
CA VAL B 1436 11.21 45.38 54.51
C VAL B 1436 12.54 45.12 55.21
N PHE B 1437 13.64 45.17 54.46
CA PHE B 1437 14.95 44.77 54.94
C PHE B 1437 15.99 45.49 54.10
N LYS B 1438 17.11 45.89 54.71
CA LYS B 1438 18.12 46.66 53.98
C LYS B 1438 19.05 45.69 53.28
N GLY B 1439 18.90 45.58 51.97
CA GLY B 1439 19.80 44.82 51.13
C GLY B 1439 20.70 45.79 50.42
N PRO B 1440 21.52 45.29 49.51
CA PRO B 1440 22.63 46.10 48.96
C PRO B 1440 22.19 47.32 48.15
N ASN B 1441 20.96 47.36 47.65
CA ASN B 1441 20.45 48.59 47.04
C ASN B 1441 19.45 49.27 47.94
N GLY B 1442 19.35 48.84 49.20
CA GLY B 1442 18.55 49.51 50.21
C GLY B 1442 17.37 48.69 50.69
N PHE B 1443 16.46 49.38 51.40
CA PHE B 1443 15.26 48.77 51.96
C PHE B 1443 14.34 48.33 50.84
N GLU B 1444 14.11 47.02 50.72
CA GLU B 1444 13.21 46.46 49.72
C GLU B 1444 12.04 45.74 50.37
N TYR B 1445 10.91 45.73 49.69
CA TYR B 1445 9.77 44.98 50.17
C TYR B 1445 9.96 43.53 49.75
N PHE B 1446 10.23 42.65 50.71
CA PHE B 1446 10.27 41.21 50.47
C PHE B 1446 8.88 40.66 50.72
N ALA B 1447 7.99 40.92 49.75
CA ALA B 1447 6.55 40.80 49.97
C ALA B 1447 6.10 39.34 50.10
N PRO B 1448 4.94 39.09 50.73
CA PRO B 1448 4.43 37.73 50.77
C PRO B 1448 4.02 37.29 49.39
N ALA B 1449 3.67 36.01 49.31
CA ALA B 1449 3.31 35.41 48.04
C ALA B 1449 2.11 36.11 47.41
N ASN B 1450 2.12 36.18 46.08
CA ASN B 1450 1.05 36.71 45.25
C ASN B 1450 0.59 38.10 45.72
N THR B 1451 1.53 38.90 46.21
CA THR B 1451 1.20 40.29 46.47
C THR B 1451 1.10 41.09 45.18
N HIS B 1452 2.19 41.20 44.42
CA HIS B 1452 2.12 42.04 43.23
C HIS B 1452 1.89 41.35 41.89
N ASN B 1453 2.93 40.74 41.35
CA ASN B 1453 2.78 40.12 40.03
C ASN B 1453 2.65 38.62 40.15
N ASN B 1454 1.72 38.22 41.02
CA ASN B 1454 1.60 36.85 41.45
C ASN B 1454 3.00 36.33 41.85
N ASN B 1455 3.72 37.15 42.62
CA ASN B 1455 5.12 36.95 42.97
C ASN B 1455 5.32 35.81 43.96
N ILE B 1456 6.57 35.37 44.07
CA ILE B 1456 6.93 34.28 44.96
C ILE B 1456 6.97 34.81 46.39
N GLU B 1457 6.56 33.96 47.34
CA GLU B 1457 6.71 34.27 48.75
C GLU B 1457 8.15 34.61 49.13
N GLY B 1458 8.36 35.83 49.63
CA GLY B 1458 9.67 36.31 50.02
C GLY B 1458 10.39 37.10 48.95
N GLN B 1459 9.91 37.05 47.72
CA GLN B 1459 10.56 37.76 46.64
C GLN B 1459 10.54 39.26 46.90
N ALA B 1460 11.66 39.94 46.65
CA ALA B 1460 11.60 41.40 46.59
C ALA B 1460 10.81 41.81 45.35
N ILE B 1461 9.89 42.75 45.52
CA ILE B 1461 8.95 43.08 44.45
C ILE B 1461 8.99 44.55 44.03
N VAL B 1462 8.14 44.88 43.08
CA VAL B 1462 8.03 46.24 42.58
C VAL B 1462 6.91 46.94 43.36
N TYR B 1463 7.24 48.06 43.96
CA TYR B 1463 6.30 48.77 44.82
C TYR B 1463 6.69 50.24 44.69
N GLN B 1464 6.01 50.97 43.81
CA GLN B 1464 6.47 52.31 43.45
C GLN B 1464 5.50 53.40 43.90
N ASN B 1465 6.05 54.38 44.62
CA ASN B 1465 5.36 55.61 45.01
C ASN B 1465 4.04 55.32 45.70
N LYS B 1466 4.09 54.44 46.70
CA LYS B 1466 2.93 54.16 47.53
C LYS B 1466 3.35 53.81 48.96
N PHE B 1467 2.37 53.77 49.85
CA PHE B 1467 2.61 53.38 51.23
C PHE B 1467 2.45 51.87 51.39
N LEU B 1468 3.04 51.34 52.45
CA LEU B 1468 2.90 49.96 52.86
C LEU B 1468 2.68 49.94 54.37
N THR B 1469 1.77 49.08 54.84
CA THR B 1469 1.55 48.88 56.27
C THR B 1469 1.54 47.39 56.59
N LEU B 1470 2.16 47.03 57.74
CA LEU B 1470 2.62 45.68 58.04
C LEU B 1470 2.93 45.56 59.54
N ASN B 1471 2.42 44.52 60.22
CA ASN B 1471 2.47 44.40 61.70
C ASN B 1471 2.22 45.78 62.31
N GLY B 1472 1.34 46.57 61.68
CA GLY B 1472 1.13 47.94 62.11
C GLY B 1472 2.29 48.88 61.90
N LYS B 1473 3.27 48.51 61.12
CA LYS B 1473 4.38 49.40 60.82
C LYS B 1473 4.07 50.04 59.47
N LYS B 1474 4.52 51.28 59.28
CA LYS B 1474 4.18 52.01 58.07
C LYS B 1474 5.47 52.49 57.41
N TYR B 1475 5.55 52.27 56.09
CA TYR B 1475 6.68 52.60 55.22
C TYR B 1475 6.16 53.35 54.02
N TYR B 1476 7.04 54.08 53.34
CA TYR B 1476 6.71 54.64 52.03
C TYR B 1476 7.81 54.32 51.02
N PHE B 1477 7.40 53.83 49.86
CA PHE B 1477 8.32 53.34 48.84
C PHE B 1477 8.37 54.30 47.65
N ASP B 1478 9.59 54.72 47.29
CA ASP B 1478 9.83 55.69 46.23
C ASP B 1478 9.74 55.02 44.86
N ASN B 1479 10.32 55.71 43.85
CA ASN B 1479 10.25 55.22 42.46
C ASN B 1479 11.05 53.94 42.27
N ASP B 1480 12.28 53.87 42.80
CA ASP B 1480 13.11 52.69 42.62
C ASP B 1480 12.56 51.56 43.48
N SER B 1481 11.33 51.72 43.94
CA SER B 1481 10.63 50.71 44.70
C SER B 1481 11.49 50.29 45.89
N LYS B 1482 12.07 51.29 46.53
CA LYS B 1482 12.82 51.16 47.76
C LYS B 1482 12.27 52.13 48.80
N ALA B 1483 12.40 51.77 50.07
CA ALA B 1483 11.78 52.59 51.11
C ALA B 1483 12.63 53.82 51.36
N VAL B 1484 11.96 54.90 51.79
CA VAL B 1484 12.63 56.16 52.07
C VAL B 1484 12.90 56.26 53.58
N THR B 1485 13.85 57.12 53.93
CA THR B 1485 14.24 57.30 55.32
C THR B 1485 14.51 58.78 55.59
N GLY B 1486 14.01 59.27 56.74
CA GLY B 1486 14.24 60.64 57.15
C GLY B 1486 12.99 61.50 57.13
N TRP B 1487 13.14 62.81 56.97
CA TRP B 1487 11.99 63.68 56.90
C TRP B 1487 11.41 63.64 55.50
N GLN B 1488 10.09 63.48 55.39
CA GLN B 1488 9.46 63.35 54.10
C GLN B 1488 8.15 64.13 54.08
N THR B 1489 7.86 64.69 52.92
CA THR B 1489 6.62 65.39 52.68
C THR B 1489 5.96 64.69 51.49
N ILE B 1490 4.94 63.89 51.75
CA ILE B 1490 4.27 63.12 50.73
C ILE B 1490 2.83 63.59 50.72
N ASP B 1491 2.41 64.21 49.62
CA ASP B 1491 1.07 64.78 49.47
C ASP B 1491 0.82 65.89 50.49
N GLY B 1492 1.86 66.67 50.77
CA GLY B 1492 1.75 67.74 51.73
C GLY B 1492 1.56 67.31 53.17
N LYS B 1493 2.05 66.13 53.54
CA LYS B 1493 2.03 65.66 54.92
C LYS B 1493 3.46 65.35 55.36
N LYS B 1494 3.77 65.67 56.61
CA LYS B 1494 5.11 65.46 57.15
C LYS B 1494 5.14 64.10 57.82
N TYR B 1495 6.19 63.34 57.54
CA TYR B 1495 6.45 62.06 58.17
C TYR B 1495 7.89 62.05 58.62
N TYR B 1496 8.23 61.09 59.45
CA TYR B 1496 9.63 60.82 59.73
C TYR B 1496 9.80 59.32 59.76
N PHE B 1497 10.65 58.82 58.90
CA PHE B 1497 10.89 57.39 58.77
C PHE B 1497 12.21 57.07 59.42
N ASN B 1498 12.20 56.07 60.31
CA ASN B 1498 13.37 55.78 61.11
C ASN B 1498 14.56 55.50 60.21
N LEU B 1499 15.70 56.05 60.59
CA LEU B 1499 16.88 55.93 59.75
C LEU B 1499 17.37 54.50 59.66
N ASN B 1500 17.09 53.66 60.66
CA ASN B 1500 17.59 52.28 60.63
C ASN B 1500 16.52 51.25 60.30
N THR B 1501 15.25 51.58 60.42
CA THR B 1501 14.20 50.59 60.20
C THR B 1501 13.29 50.94 59.04
N ALA B 1502 13.27 52.21 58.63
CA ALA B 1502 12.49 52.80 57.56
C ALA B 1502 11.02 52.92 57.92
N GLU B 1503 10.66 52.62 59.17
CA GLU B 1503 9.29 52.71 59.65
C GLU B 1503 8.96 54.13 60.10
N ALA B 1504 7.81 54.65 59.68
CA ALA B 1504 7.46 56.01 60.02
C ALA B 1504 7.32 56.15 61.52
N ALA B 1505 7.88 57.25 62.06
CA ALA B 1505 7.79 57.53 63.49
C ALA B 1505 6.34 57.73 63.89
N THR B 1506 6.02 57.33 65.11
CA THR B 1506 4.63 57.26 65.49
C THR B 1506 4.50 57.69 66.95
N GLY B 1507 3.49 58.53 67.23
CA GLY B 1507 3.30 59.10 68.54
C GLY B 1507 4.32 60.19 68.90
N TRP B 1508 4.35 60.51 70.20
CA TRP B 1508 5.27 61.53 70.69
C TRP B 1508 6.71 61.15 70.32
N GLN B 1509 7.42 62.09 69.73
CA GLN B 1509 8.79 61.83 69.33
C GLN B 1509 9.52 63.16 69.29
N THR B 1510 10.78 63.15 69.71
CA THR B 1510 11.56 64.37 69.89
C THR B 1510 12.89 64.19 69.16
N ILE B 1511 12.91 64.51 67.88
CA ILE B 1511 14.05 64.19 67.04
C ILE B 1511 14.86 65.45 66.77
N ASP B 1512 16.17 65.35 66.99
CA ASP B 1512 17.08 66.49 66.97
C ASP B 1512 16.53 67.67 67.76
N GLY B 1513 16.27 67.38 69.04
CA GLY B 1513 15.75 68.36 69.96
C GLY B 1513 14.52 69.07 69.46
N LYS B 1514 13.44 68.32 69.22
CA LYS B 1514 12.17 68.98 68.86
C LYS B 1514 11.06 67.96 69.06
N LYS B 1515 10.22 68.18 70.06
CA LYS B 1515 9.12 67.28 70.33
C LYS B 1515 8.00 67.57 69.32
N TYR B 1516 7.74 66.60 68.43
CA TYR B 1516 6.55 66.53 67.58
C TYR B 1516 5.67 65.37 68.03
N TYR B 1517 4.47 65.31 67.46
CA TYR B 1517 3.55 64.18 67.63
C TYR B 1517 3.03 63.77 66.27
N PHE B 1518 3.22 62.49 65.95
CA PHE B 1518 2.73 61.89 64.72
C PHE B 1518 1.52 60.99 65.05
N ASN B 1519 0.41 61.22 64.35
CA ASN B 1519 -0.83 60.45 64.54
C ASN B 1519 -0.56 58.96 64.55
N LEU B 1520 -1.02 58.27 65.60
CA LEU B 1520 -0.69 56.85 65.78
C LEU B 1520 -1.08 55.98 64.58
N ASN B 1521 -2.15 56.34 63.86
CA ASN B 1521 -2.67 55.50 62.79
C ASN B 1521 -2.13 55.88 61.41
N THR B 1522 -1.72 57.13 61.21
CA THR B 1522 -1.29 57.62 59.91
C THR B 1522 0.13 58.12 59.90
N ALA B 1523 0.81 58.14 61.04
CA ALA B 1523 2.17 58.64 61.16
C ALA B 1523 2.33 60.09 60.68
N GLU B 1524 1.20 60.77 60.48
CA GLU B 1524 1.24 62.17 60.05
C GLU B 1524 1.67 63.10 61.18
N ALA B 1525 2.55 64.04 60.84
CA ALA B 1525 2.94 65.07 61.79
C ALA B 1525 1.77 65.97 62.10
N ALA B 1526 1.45 66.10 63.39
CA ALA B 1526 0.32 66.93 63.82
C ALA B 1526 0.55 68.39 63.47
N THR B 1527 -0.38 68.94 62.66
CA THR B 1527 -0.44 70.36 62.36
C THR B 1527 -1.77 70.91 62.83
N GLY B 1528 -1.84 72.23 62.88
CA GLY B 1528 -3.03 72.82 63.46
C GLY B 1528 -3.11 72.44 64.91
N TRP B 1529 -4.29 72.05 65.35
CA TRP B 1529 -4.36 71.58 66.71
C TRP B 1529 -5.38 70.48 66.89
N GLN B 1530 -4.94 69.45 67.60
CA GLN B 1530 -5.69 68.23 67.86
C GLN B 1530 -5.74 67.97 69.37
N THR B 1531 -6.47 66.92 69.74
CA THR B 1531 -6.73 66.54 71.12
C THR B 1531 -6.02 65.22 71.38
N ILE B 1532 -4.85 65.27 72.01
CA ILE B 1532 -3.99 64.08 72.14
C ILE B 1532 -4.40 63.37 73.42
N ASP B 1533 -5.33 62.43 73.28
CA ASP B 1533 -5.76 61.50 74.33
C ASP B 1533 -6.05 62.26 75.64
N GLY B 1534 -7.13 63.04 75.55
CA GLY B 1534 -7.56 63.96 76.58
C GLY B 1534 -7.07 65.38 76.37
N LYS B 1535 -5.77 65.58 76.56
CA LYS B 1535 -5.18 66.93 76.55
C LYS B 1535 -5.24 67.58 75.17
N LYS B 1536 -5.55 68.87 75.16
CA LYS B 1536 -5.72 69.66 73.95
C LYS B 1536 -4.42 70.42 73.68
N TYR B 1537 -3.84 70.24 72.50
CA TYR B 1537 -2.60 70.92 72.14
C TYR B 1537 -2.84 71.83 70.96
N TYR B 1538 -1.86 72.68 70.63
CA TYR B 1538 -1.82 73.38 69.35
C TYR B 1538 -0.43 73.22 68.78
N PHE B 1539 -0.34 72.65 67.59
CA PHE B 1539 0.95 72.46 66.94
C PHE B 1539 1.14 73.55 65.89
N ASN B 1540 2.19 74.36 66.08
CA ASN B 1540 2.49 75.47 65.17
C ASN B 1540 2.60 74.97 63.74
N THR B 1541 1.91 75.67 62.83
CA THR B 1541 1.68 75.19 61.47
C THR B 1541 2.85 75.42 60.51
N ASN B 1542 4.08 75.62 60.99
CA ASN B 1542 5.22 75.75 60.09
C ASN B 1542 6.39 74.89 60.56
N THR B 1543 6.45 74.65 61.87
CA THR B 1543 7.53 73.90 62.51
C THR B 1543 7.04 72.67 63.26
N PHE B 1544 5.72 72.44 63.29
CA PHE B 1544 5.10 71.21 63.77
C PHE B 1544 5.53 70.88 65.20
N ILE B 1545 5.86 71.91 65.99
CA ILE B 1545 6.21 71.75 67.40
C ILE B 1545 5.04 72.17 68.25
N ALA B 1546 4.95 71.61 69.45
CA ALA B 1546 3.90 71.98 70.38
C ALA B 1546 3.96 73.46 70.71
N SER B 1547 2.82 74.14 70.59
CA SER B 1547 2.77 75.55 70.96
C SER B 1547 2.84 75.65 72.47
N THR B 1548 3.85 76.33 72.97
CA THR B 1548 4.14 76.33 74.39
C THR B 1548 4.03 77.75 74.92
N GLY B 1549 3.52 77.88 76.15
CA GLY B 1549 3.35 79.16 76.81
C GLY B 1549 2.19 79.98 76.24
N TYR B 1550 2.14 81.24 76.71
CA TYR B 1550 1.18 82.19 76.16
C TYR B 1550 1.53 82.40 74.69
N THR B 1551 0.56 82.12 73.83
CA THR B 1551 0.73 82.17 72.38
C THR B 1551 -0.60 82.53 71.74
N SER B 1552 -0.54 83.12 70.55
CA SER B 1552 -1.74 83.71 69.94
C SER B 1552 -1.97 83.13 68.57
N ILE B 1553 -3.04 82.35 68.41
CA ILE B 1553 -3.32 81.72 67.13
C ILE B 1553 -4.27 82.66 66.38
N ASN B 1554 -3.76 83.26 65.30
CA ASN B 1554 -4.48 84.20 64.45
C ASN B 1554 -5.24 85.21 65.30
N GLY B 1555 -4.48 85.99 66.09
CA GLY B 1555 -5.06 87.12 66.79
C GLY B 1555 -5.53 86.89 68.22
N LYS B 1556 -6.43 85.92 68.43
CA LYS B 1556 -6.91 85.59 69.77
C LYS B 1556 -5.81 84.91 70.60
N HIS B 1557 -6.00 84.93 71.92
CA HIS B 1557 -4.91 84.57 72.84
C HIS B 1557 -5.26 83.34 73.67
N PHE B 1558 -4.28 82.46 73.81
CA PHE B 1558 -4.43 81.20 74.50
C PHE B 1558 -3.24 80.96 75.43
N TYR B 1559 -3.48 80.23 76.51
CA TYR B 1559 -2.40 79.83 77.40
C TYR B 1559 -2.20 78.32 77.33
N PHE B 1560 -0.97 77.91 77.05
CA PHE B 1560 -0.55 76.52 77.05
C PHE B 1560 0.59 76.45 78.06
N ASN B 1561 0.63 75.37 78.84
CA ASN B 1561 1.68 75.26 79.85
C ASN B 1561 3.02 74.96 79.18
N THR B 1562 4.02 74.68 79.97
CA THR B 1562 5.32 74.35 79.39
C THR B 1562 5.34 73.00 78.70
N ASP B 1563 4.16 72.36 78.63
CA ASP B 1563 3.97 71.03 78.06
C ASP B 1563 3.11 71.00 76.80
N GLY B 1564 2.56 72.14 76.36
CA GLY B 1564 1.74 72.21 75.16
C GLY B 1564 0.25 72.08 75.36
N ILE B 1565 -0.21 71.95 76.60
CA ILE B 1565 -1.61 71.62 76.90
C ILE B 1565 -2.40 72.89 77.18
N MET B 1566 -3.56 72.99 76.55
CA MET B 1566 -4.40 74.15 76.76
C MET B 1566 -4.87 74.21 78.20
N GLN B 1567 -4.82 75.42 78.75
CA GLN B 1567 -5.25 75.68 80.10
C GLN B 1567 -6.47 76.58 80.06
N ILE B 1568 -7.34 76.39 81.03
CA ILE B 1568 -8.54 77.19 81.20
C ILE B 1568 -8.45 77.78 82.59
N GLY B 1569 -8.70 79.08 82.71
CA GLY B 1569 -8.52 79.72 84.00
C GLY B 1569 -7.68 80.96 83.84
N VAL B 1570 -7.20 81.49 84.95
CA VAL B 1570 -6.53 82.79 84.95
C VAL B 1570 -5.02 82.54 85.02
N PHE B 1571 -4.30 83.05 84.03
CA PHE B 1571 -2.89 82.71 83.86
C PHE B 1571 -2.13 83.93 83.42
N LYS B 1572 -0.90 84.08 83.91
CA LYS B 1572 -0.16 85.30 83.65
C LYS B 1572 0.36 85.25 82.22
N GLY B 1573 -0.24 86.06 81.35
CA GLY B 1573 0.35 86.36 80.07
C GLY B 1573 1.39 87.45 80.26
N PRO B 1574 1.87 88.04 79.17
CA PRO B 1574 2.83 89.15 79.29
C PRO B 1574 2.16 90.47 79.56
N ASN B 1575 0.82 90.53 79.45
CA ASN B 1575 0.03 91.69 79.83
C ASN B 1575 -0.71 91.45 81.14
N GLY B 1576 -0.32 90.43 81.89
CA GLY B 1576 -0.95 90.12 83.15
C GLY B 1576 -1.94 88.97 83.04
N PHE B 1577 -2.49 88.62 84.20
CA PHE B 1577 -3.39 87.48 84.27
C PHE B 1577 -4.68 87.75 83.51
N GLU B 1578 -4.85 87.11 82.35
CA GLU B 1578 -6.14 87.14 81.69
C GLU B 1578 -6.95 85.90 82.10
N TYR B 1579 -8.24 85.91 81.75
CA TYR B 1579 -9.14 84.78 81.99
C TYR B 1579 -9.33 84.02 80.68
N PHE B 1580 -8.67 82.85 80.58
CA PHE B 1580 -8.75 81.96 79.43
C PHE B 1580 -9.95 81.04 79.62
N ALA B 1581 -11.09 81.44 79.08
CA ALA B 1581 -12.39 80.94 79.50
C ALA B 1581 -12.89 79.81 78.62
N PRO B 1582 -13.88 79.04 79.11
CA PRO B 1582 -14.51 78.02 78.26
C PRO B 1582 -15.17 78.63 77.04
N ALA B 1583 -15.46 77.77 76.09
CA ALA B 1583 -16.09 78.20 74.85
C ALA B 1583 -17.43 78.89 75.14
N ASN B 1584 -17.70 79.95 74.38
CA ASN B 1584 -18.88 80.82 74.51
C ASN B 1584 -19.29 81.04 75.98
N THR B 1585 -18.30 81.53 76.74
CA THR B 1585 -18.51 82.06 78.09
C THR B 1585 -18.91 83.54 78.07
N ASP B 1586 -18.26 84.34 77.23
CA ASP B 1586 -18.65 85.73 77.03
C ASP B 1586 -18.50 86.09 75.57
N ALA B 1587 -19.60 86.55 74.96
CA ALA B 1587 -19.63 87.03 73.59
C ALA B 1587 -19.10 85.96 72.63
N ASN B 1588 -19.56 84.73 72.86
CA ASN B 1588 -19.26 83.58 72.02
C ASN B 1588 -17.75 83.52 71.72
N ASN B 1589 -16.98 83.36 72.78
CA ASN B 1589 -15.56 83.10 72.64
C ASN B 1589 -15.37 81.64 72.28
N ILE B 1590 -14.15 81.29 71.91
CA ILE B 1590 -13.79 79.91 71.59
C ILE B 1590 -12.99 79.34 72.76
N GLU B 1591 -13.24 78.07 73.08
CA GLU B 1591 -12.63 77.39 74.23
C GLU B 1591 -11.15 77.75 74.34
N GLY B 1592 -10.74 78.15 75.54
CA GLY B 1592 -9.34 78.41 75.80
C GLY B 1592 -8.88 79.84 75.59
N GLN B 1593 -9.74 80.71 75.05
CA GLN B 1593 -9.32 82.02 74.60
C GLN B 1593 -9.58 83.08 75.66
N ALA B 1594 -8.74 84.13 75.63
CA ALA B 1594 -8.81 85.21 76.61
C ALA B 1594 -10.02 86.08 76.33
N ILE B 1595 -11.07 85.92 77.14
CA ILE B 1595 -12.25 86.76 76.95
C ILE B 1595 -12.05 88.06 77.71
N LEU B 1596 -12.88 89.06 77.40
CA LEU B 1596 -12.82 90.29 78.17
C LEU B 1596 -13.65 90.17 79.43
N TYR B 1597 -13.18 90.84 80.47
CA TYR B 1597 -13.75 90.70 81.80
C TYR B 1597 -13.30 91.94 82.54
N GLN B 1598 -14.25 92.82 82.87
CA GLN B 1598 -13.90 94.10 83.47
C GLN B 1598 -14.80 94.37 84.68
N ASN B 1599 -14.16 94.75 85.79
CA ASN B 1599 -14.83 95.30 86.97
C ASN B 1599 -15.89 94.33 87.48
N LYS B 1600 -15.50 93.07 87.58
CA LYS B 1600 -16.36 92.03 88.13
C LYS B 1600 -15.46 91.09 88.92
N PHE B 1601 -16.07 90.38 89.85
CA PHE B 1601 -15.35 89.32 90.51
C PHE B 1601 -15.48 88.04 89.66
N LEU B 1602 -14.57 87.10 89.85
CA LEU B 1602 -14.65 85.82 89.17
C LEU B 1602 -14.26 84.76 90.17
N THR B 1603 -15.02 83.67 90.20
CA THR B 1603 -14.77 82.62 91.17
C THR B 1603 -14.79 81.25 90.48
N LEU B 1604 -13.61 80.61 90.39
CA LEU B 1604 -13.38 79.38 89.63
C LEU B 1604 -13.04 78.28 90.62
N ASN B 1605 -14.04 77.49 90.98
CA ASN B 1605 -13.92 76.48 92.05
C ASN B 1605 -13.24 77.06 93.29
N GLY B 1606 -13.88 78.09 93.86
CA GLY B 1606 -13.49 78.62 95.15
C GLY B 1606 -12.31 79.55 95.12
N LYS B 1607 -11.56 79.59 94.02
CA LYS B 1607 -10.51 80.57 93.83
C LYS B 1607 -11.19 81.82 93.31
N LYS B 1608 -11.05 82.96 94.01
CA LYS B 1608 -11.72 84.17 93.53
C LYS B 1608 -10.71 85.22 93.09
N TYR B 1609 -11.08 85.94 92.02
CA TYR B 1609 -10.26 86.97 91.43
C TYR B 1609 -11.12 88.22 91.29
N TYR B 1610 -10.47 89.37 91.14
CA TYR B 1610 -11.15 90.57 90.71
C TYR B 1610 -10.47 91.05 89.45
N PHE B 1611 -11.26 91.37 88.44
CA PHE B 1611 -10.72 91.84 87.17
C PHE B 1611 -10.98 93.33 87.04
N GLY B 1612 -9.93 94.08 86.65
CA GLY B 1612 -9.93 95.53 86.63
C GLY B 1612 -10.58 96.13 85.41
N SER B 1613 -10.15 97.36 85.08
CA SER B 1613 -10.66 98.02 83.86
C SER B 1613 -10.33 97.19 82.62
N ASP B 1614 -9.06 96.80 82.48
CA ASP B 1614 -8.60 95.94 81.38
C ASP B 1614 -9.08 94.49 81.56
N SER B 1615 -8.57 93.59 80.72
CA SER B 1615 -9.00 92.22 80.93
C SER B 1615 -8.33 91.61 82.15
N LYS B 1616 -7.32 92.25 82.72
CA LYS B 1616 -6.39 91.59 83.63
C LYS B 1616 -6.86 91.58 85.07
N ALA B 1617 -6.60 90.46 85.75
CA ALA B 1617 -6.86 90.27 87.17
C ALA B 1617 -5.80 90.99 88.00
N VAL B 1618 -6.21 91.47 89.19
CA VAL B 1618 -5.32 92.27 90.04
C VAL B 1618 -4.55 91.34 90.97
N THR B 1619 -3.43 91.86 91.45
CA THR B 1619 -2.49 91.10 92.26
C THR B 1619 -1.98 91.99 93.38
N GLY B 1620 -1.92 91.47 94.59
CA GLY B 1620 -1.39 92.21 95.72
C GLY B 1620 -2.46 92.76 96.64
N LEU B 1621 -2.07 93.77 97.42
CA LEU B 1621 -2.98 94.32 98.43
C LEU B 1621 -3.88 95.35 97.81
N ARG B 1622 -5.03 94.90 97.36
CA ARG B 1622 -6.01 95.80 96.80
C ARG B 1622 -7.20 95.90 97.75
N THR B 1623 -7.83 97.05 97.74
CA THR B 1623 -9.08 97.26 98.43
C THR B 1623 -10.16 97.53 97.39
N ILE B 1624 -11.21 96.70 97.40
CA ILE B 1624 -12.23 96.77 96.35
C ILE B 1624 -13.52 97.31 96.93
N ASP B 1625 -13.67 98.64 96.88
CA ASP B 1625 -14.90 99.37 97.16
C ASP B 1625 -15.61 98.77 98.36
N GLY B 1626 -14.95 98.83 99.51
CA GLY B 1626 -15.37 98.07 100.67
C GLY B 1626 -14.21 97.36 101.33
N LYS B 1627 -14.23 96.02 101.31
CA LYS B 1627 -13.23 95.23 102.01
C LYS B 1627 -11.88 95.32 101.28
N LYS B 1628 -10.82 95.02 102.02
CA LYS B 1628 -9.52 94.81 101.42
C LYS B 1628 -9.36 93.32 101.14
N TYR B 1629 -8.49 93.01 100.19
CA TYR B 1629 -8.08 91.63 99.93
C TYR B 1629 -6.60 91.64 99.61
N TYR B 1630 -5.95 90.50 99.82
CA TYR B 1630 -4.62 90.29 99.26
C TYR B 1630 -4.73 89.17 98.26
N PHE B 1631 -4.39 89.47 97.01
CA PHE B 1631 -4.39 88.50 95.92
C PHE B 1631 -2.93 88.10 95.72
N ASN B 1632 -2.63 86.80 95.73
CA ASN B 1632 -1.20 86.49 95.86
C ASN B 1632 -0.51 86.67 94.51
N THR B 1633 0.79 86.97 94.60
CA THR B 1633 1.56 87.38 93.44
C THR B 1633 1.57 86.30 92.38
N ASN B 1634 1.68 85.03 92.83
CA ASN B 1634 1.87 83.91 91.92
C ASN B 1634 0.63 83.66 91.06
N THR B 1635 -0.50 83.40 91.69
CA THR B 1635 -1.68 82.86 91.03
C THR B 1635 -2.83 83.84 90.87
N ALA B 1636 -2.70 85.08 91.36
CA ALA B 1636 -3.72 86.13 91.32
C ALA B 1636 -4.94 85.84 92.20
N VAL B 1637 -4.95 84.72 92.99
CA VAL B 1637 -6.15 84.31 93.72
C VAL B 1637 -6.18 84.95 95.10
N ALA B 1638 -7.37 85.41 95.51
CA ALA B 1638 -7.52 85.92 96.87
C ALA B 1638 -7.09 84.85 97.86
N VAL B 1639 -6.44 85.30 98.92
CA VAL B 1639 -6.03 84.40 99.97
C VAL B 1639 -6.48 85.07 101.27
N THR B 1640 -7.46 85.96 101.15
CA THR B 1640 -7.97 86.83 102.22
C THR B 1640 -6.91 87.74 102.76
#